data_8VAA
#
_entry.id   8VAA
#
_cell.length_a   1.00
_cell.length_b   1.00
_cell.length_c   1.00
_cell.angle_alpha   90.00
_cell.angle_beta   90.00
_cell.angle_gamma   90.00
#
_symmetry.space_group_name_H-M   'P 1'
#
loop_
_entity.id
_entity.type
_entity.pdbx_description
1 polymer 'Actin, alpha skeletal muscle'
2 polymer 'F-actin-binding Coiled-Coil domain of LFAT1'
3 non-polymer "ADENOSINE-5'-DIPHOSPHATE"
4 non-polymer 'MAGNESIUM ION'
#
loop_
_entity_poly.entity_id
_entity_poly.type
_entity_poly.pdbx_seq_one_letter_code
_entity_poly.pdbx_strand_id
1 'polypeptide(L)'
;TTALVCDNGSGLVKAGFAGDDAPRAVFPSIVGRPRHQGVMVGMGQKDSYVGDEAQSKRGILTLKYPIEHGIITNWDDMEK
IWHHTFYNELRVAPEEHPTLLTEAPLNPKANREKMTQIMFETFNVPAMYVAIQAVLSLYASGRTTGIVLDSGDGVTHNVP
IYEGYALPHAIMRLDLAGRDLTDYLMKILTERGYSFVTTAEREIVRDIKEKLCYVALDFENEMATAASSSSLEKSYELPD
GQVITIGNERFRCPETLFQPSFIGMESAGIHETTYNSIMKCDIDIRKDLYANNVMSGGTTMYPGIADRMQKEITALAPST
MKIKIIAPPERKYSVWIGGSILASLSTFQQMWITKQEYDEAGPSIVHRKC
;
A,B,C,D,E,F,G,H,I,J
2 'polypeptide(L)' DLKGQLAKLELHLNKTNGQITATERTINYLNKLKNPDPKTKTQLIELTEKLIKLKQEFETTINSQHEIS K,L,M,N,O,P,Q,R,S,T
#
loop_
_chem_comp.id
_chem_comp.type
_chem_comp.name
_chem_comp.formula
ADP non-polymer ADENOSINE-5'-DIPHOSPHATE 'C10 H15 N5 O10 P2'
MG non-polymer 'MAGNESIUM ION' 'Mg 2'
#
# COMPACT_ATOMS: atom_id res chain seq x y z
N THR A 1 27.68 -123.00 -28.27
CA THR A 1 28.04 -123.90 -27.18
C THR A 1 26.95 -123.90 -26.11
N THR A 2 26.94 -124.96 -25.30
CA THR A 2 26.00 -125.09 -24.19
C THR A 2 26.76 -124.97 -22.87
N ALA A 3 26.19 -124.21 -21.94
CA ALA A 3 26.81 -123.95 -20.64
C ALA A 3 26.19 -124.87 -19.60
N LEU A 4 27.03 -125.66 -18.93
CA LEU A 4 26.54 -126.51 -17.87
C LEU A 4 25.98 -125.67 -16.73
N VAL A 5 24.91 -126.17 -16.10
CA VAL A 5 24.34 -125.55 -14.92
C VAL A 5 24.26 -126.64 -13.85
N CYS A 6 25.31 -126.75 -13.04
CA CYS A 6 25.32 -127.67 -11.92
C CYS A 6 24.79 -126.97 -10.68
N ASP A 7 24.12 -127.73 -9.83
CA ASP A 7 23.63 -127.23 -8.55
C ASP A 7 24.12 -128.16 -7.45
N ASN A 8 25.34 -127.93 -6.99
CA ASN A 8 25.84 -128.62 -5.82
C ASN A 8 24.95 -128.31 -4.63
N GLY A 9 24.21 -129.30 -4.15
CA GLY A 9 23.31 -129.12 -3.03
C GLY A 9 23.89 -129.67 -1.74
N SER A 10 23.03 -129.67 -0.71
CA SER A 10 23.43 -130.22 0.57
C SER A 10 23.10 -131.70 0.72
N GLY A 11 22.15 -132.19 -0.07
CA GLY A 11 21.78 -133.60 -0.01
C GLY A 11 21.60 -134.25 -1.37
N LEU A 12 21.73 -133.47 -2.44
CA LEU A 12 21.55 -134.00 -3.78
C LEU A 12 22.35 -133.16 -4.77
N VAL A 13 22.74 -133.80 -5.88
CA VAL A 13 23.49 -133.14 -6.94
C VAL A 13 22.67 -133.26 -8.23
N LYS A 14 22.41 -132.11 -8.85
CA LYS A 14 21.66 -132.02 -10.09
C LYS A 14 22.51 -131.28 -11.12
N ALA A 15 22.85 -131.96 -12.21
CA ALA A 15 23.72 -131.39 -13.23
C ALA A 15 23.04 -131.53 -14.59
N GLY A 16 23.11 -130.48 -15.39
CA GLY A 16 22.49 -130.50 -16.69
C GLY A 16 23.02 -129.40 -17.57
N PHE A 17 22.42 -129.29 -18.75
CA PHE A 17 22.79 -128.30 -19.75
C PHE A 17 21.77 -127.18 -19.76
N ALA A 18 22.16 -126.05 -20.34
CA ALA A 18 21.25 -124.93 -20.48
C ALA A 18 20.18 -125.24 -21.52
N GLY A 19 19.10 -124.45 -21.48
CA GLY A 19 18.03 -124.62 -22.44
C GLY A 19 17.34 -125.97 -22.34
N ASP A 20 17.16 -126.48 -21.12
CA ASP A 20 16.44 -127.72 -20.88
C ASP A 20 15.39 -127.49 -19.80
N ASP A 21 14.55 -128.50 -19.60
CA ASP A 21 13.46 -128.43 -18.63
C ASP A 21 13.71 -129.29 -17.41
N ALA A 22 14.83 -130.01 -17.36
CA ALA A 22 15.14 -130.87 -16.23
C ALA A 22 16.63 -131.13 -16.22
N PRO A 23 17.21 -131.46 -15.05
CA PRO A 23 18.63 -131.79 -15.01
C PRO A 23 18.93 -133.06 -15.79
N ARG A 24 20.08 -133.08 -16.47
CA ARG A 24 20.46 -134.25 -17.25
C ARG A 24 20.69 -135.45 -16.33
N ALA A 25 21.36 -135.23 -15.20
CA ALA A 25 21.61 -136.26 -14.21
C ALA A 25 21.34 -135.73 -12.82
N VAL A 26 20.81 -136.61 -11.96
CA VAL A 26 20.54 -136.29 -10.56
C VAL A 26 20.95 -137.49 -9.73
N PHE A 27 21.75 -137.25 -8.70
CA PHE A 27 22.26 -138.34 -7.88
C PHE A 27 22.67 -137.81 -6.52
N PRO A 28 22.66 -138.65 -5.47
CA PRO A 28 23.03 -138.17 -4.13
C PRO A 28 24.50 -137.78 -4.06
N SER A 29 24.78 -136.84 -3.17
CA SER A 29 26.15 -136.36 -2.95
C SER A 29 26.70 -137.03 -1.70
N ILE A 30 27.11 -138.29 -1.86
CA ILE A 30 27.70 -139.07 -0.78
C ILE A 30 28.95 -139.76 -1.29
N VAL A 31 29.82 -140.14 -0.35
CA VAL A 31 31.02 -140.91 -0.64
C VAL A 31 31.06 -142.08 0.33
N GLY A 32 31.10 -143.30 -0.19
CA GLY A 32 31.12 -144.49 0.63
C GLY A 32 32.51 -145.13 0.59
N ARG A 33 32.99 -145.51 1.77
CA ARG A 33 34.27 -146.18 1.88
C ARG A 33 34.07 -147.59 2.42
N PRO A 34 34.81 -148.57 1.91
CA PRO A 34 34.62 -149.95 2.39
C PRO A 34 35.02 -150.09 3.85
N ARG A 35 34.39 -151.05 4.52
CA ARG A 35 34.57 -151.26 5.94
C ARG A 35 35.23 -152.58 6.29
N HIS A 36 35.07 -153.61 5.47
CA HIS A 36 35.51 -154.96 5.80
C HIS A 36 36.77 -155.31 5.02
N GLN A 37 37.22 -156.57 5.19
CA GLN A 37 38.54 -156.98 4.71
C GLN A 37 38.57 -157.07 3.20
N GLY A 38 37.79 -158.00 2.63
CA GLY A 38 37.92 -158.34 1.22
C GLY A 38 38.76 -159.59 1.05
N VAL A 39 38.13 -160.70 0.67
CA VAL A 39 38.78 -162.00 0.73
C VAL A 39 38.99 -162.58 -0.66
N MET A 40 38.13 -162.23 -1.61
CA MET A 40 38.23 -162.79 -2.94
C MET A 40 39.35 -162.12 -3.73
N VAL A 41 39.89 -162.85 -4.69
CA VAL A 41 41.02 -162.41 -5.51
C VAL A 41 40.54 -162.16 -6.93
N GLY A 42 41.00 -161.05 -7.51
CA GLY A 42 40.60 -160.65 -8.84
C GLY A 42 39.57 -159.53 -8.87
N MET A 43 38.95 -159.23 -7.73
CA MET A 43 37.96 -158.16 -7.69
C MET A 43 38.59 -156.81 -8.03
N GLY A 44 39.83 -156.59 -7.62
CA GLY A 44 40.48 -155.28 -7.84
C GLY A 44 40.00 -154.31 -6.79
N GLN A 45 40.88 -153.91 -5.87
CA GLN A 45 40.47 -153.07 -4.71
C GLN A 45 40.16 -151.61 -5.06
N LYS A 46 38.89 -151.20 -5.05
CA LYS A 46 38.55 -149.77 -5.21
C LYS A 46 38.62 -149.20 -3.80
N ASP A 47 38.97 -147.93 -3.64
CA ASP A 47 39.19 -147.32 -2.31
C ASP A 47 37.94 -146.61 -1.85
N SER A 48 37.18 -145.98 -2.74
CA SER A 48 35.93 -145.36 -2.31
C SER A 48 34.97 -145.28 -3.49
N TYR A 49 33.73 -145.70 -3.26
CA TYR A 49 32.66 -145.53 -4.24
C TYR A 49 32.01 -144.16 -4.06
N VAL A 50 31.49 -143.61 -5.15
CA VAL A 50 30.95 -142.27 -5.17
C VAL A 50 29.67 -142.25 -6.00
N GLY A 51 28.66 -141.54 -5.50
CA GLY A 51 27.45 -141.32 -6.28
C GLY A 51 26.38 -142.35 -5.97
N ASP A 52 25.81 -142.93 -7.01
CA ASP A 52 24.69 -143.85 -6.87
C ASP A 52 25.14 -145.29 -6.60
N GLU A 53 26.31 -145.69 -7.09
CA GLU A 53 26.80 -147.03 -6.82
C GLU A 53 27.02 -147.23 -5.33
N ALA A 54 27.49 -146.21 -4.63
CA ALA A 54 27.62 -146.29 -3.18
C ALA A 54 26.26 -146.51 -2.53
N GLN A 55 25.24 -145.78 -2.99
CA GLN A 55 23.89 -146.01 -2.48
C GLN A 55 23.41 -147.41 -2.77
N SER A 56 23.87 -148.01 -3.87
CA SER A 56 23.44 -149.37 -4.21
C SER A 56 24.05 -150.40 -3.26
N LYS A 57 25.30 -150.19 -2.85
CA LYS A 57 26.05 -151.14 -2.03
C LYS A 57 26.25 -150.62 -0.61
N ARG A 58 25.22 -149.99 -0.06
CA ARG A 58 25.32 -149.38 1.27
C ARG A 58 25.54 -150.41 2.37
N GLY A 59 25.35 -151.70 2.09
CA GLY A 59 25.47 -152.69 3.15
C GLY A 59 26.83 -152.70 3.81
N ILE A 60 27.90 -152.59 3.02
CA ILE A 60 29.26 -152.78 3.52
C ILE A 60 30.10 -151.51 3.32
N LEU A 61 29.46 -150.35 3.38
CA LEU A 61 30.16 -149.08 3.22
C LEU A 61 29.81 -148.16 4.37
N THR A 62 30.70 -147.20 4.63
CA THR A 62 30.51 -146.16 5.64
C THR A 62 30.28 -144.84 4.90
N LEU A 63 29.01 -144.55 4.61
CA LEU A 63 28.65 -143.40 3.80
C LEU A 63 28.94 -142.10 4.56
N LYS A 64 29.52 -141.13 3.87
CA LYS A 64 29.82 -139.82 4.43
C LYS A 64 29.30 -138.74 3.49
N TYR A 65 28.92 -137.60 4.08
CA TYR A 65 28.41 -136.47 3.33
C TYR A 65 29.46 -135.37 3.28
N PRO A 66 30.00 -135.02 2.10
CA PRO A 66 31.02 -133.98 2.07
C PRO A 66 30.50 -132.61 2.46
N ILE A 67 29.22 -132.32 2.23
CA ILE A 67 28.63 -131.03 2.54
C ILE A 67 27.74 -131.18 3.77
N GLU A 68 27.60 -130.09 4.52
CA GLU A 68 26.73 -130.07 5.68
C GLU A 68 26.36 -128.63 5.99
N HIS A 69 25.07 -128.37 6.20
CA HIS A 69 24.56 -127.04 6.49
C HIS A 69 25.06 -126.03 5.46
N GLY A 70 25.07 -126.44 4.20
CA GLY A 70 25.53 -125.56 3.13
C GLY A 70 27.04 -125.44 3.02
N ILE A 71 27.72 -125.24 4.15
CA ILE A 71 29.17 -125.19 4.14
C ILE A 71 29.74 -126.52 3.66
N ILE A 72 30.91 -126.46 3.05
CA ILE A 72 31.62 -127.64 2.58
C ILE A 72 32.70 -128.00 3.59
N THR A 73 32.66 -129.22 4.11
CA THR A 73 33.57 -129.64 5.17
C THR A 73 34.79 -130.38 4.62
N ASN A 74 34.57 -131.41 3.80
CA ASN A 74 35.65 -132.20 3.21
C ASN A 74 35.79 -131.79 1.75
N TRP A 75 37.02 -131.48 1.34
CA TRP A 75 37.29 -130.97 0.01
C TRP A 75 37.70 -132.04 -0.98
N ASP A 76 38.45 -133.06 -0.54
CA ASP A 76 38.80 -134.15 -1.44
C ASP A 76 37.55 -134.88 -1.92
N ASP A 77 36.63 -135.15 -1.01
CA ASP A 77 35.39 -135.82 -1.40
C ASP A 77 34.57 -134.97 -2.36
N MET A 78 34.52 -133.66 -2.12
CA MET A 78 33.77 -132.78 -3.00
C MET A 78 34.40 -132.75 -4.40
N GLU A 79 35.73 -132.72 -4.47
CA GLU A 79 36.40 -132.78 -5.75
C GLU A 79 36.10 -134.09 -6.46
N LYS A 80 36.06 -135.19 -5.72
CA LYS A 80 35.70 -136.48 -6.31
C LYS A 80 34.28 -136.44 -6.87
N ILE A 81 33.35 -135.83 -6.12
CA ILE A 81 31.97 -135.71 -6.60
C ILE A 81 31.93 -134.91 -7.89
N TRP A 82 32.66 -133.79 -7.93
CA TRP A 82 32.64 -132.96 -9.13
C TRP A 82 33.22 -133.70 -10.32
N HIS A 83 34.33 -134.41 -10.11
CA HIS A 83 34.93 -135.18 -11.20
C HIS A 83 33.97 -136.24 -11.71
N HIS A 84 33.31 -136.95 -10.80
CA HIS A 84 32.33 -137.95 -11.21
C HIS A 84 31.19 -137.33 -12.00
N THR A 85 30.71 -136.17 -11.54
CA THR A 85 29.61 -135.50 -12.25
C THR A 85 30.03 -135.10 -13.66
N PHE A 86 31.23 -134.55 -13.82
CA PHE A 86 31.63 -134.03 -15.12
C PHE A 86 31.97 -135.15 -16.10
N TYR A 87 32.70 -136.18 -15.65
CA TYR A 87 33.18 -137.20 -16.57
C TYR A 87 32.23 -138.40 -16.67
N ASN A 88 31.98 -139.08 -15.55
CA ASN A 88 31.24 -140.33 -15.61
C ASN A 88 29.75 -140.09 -15.86
N GLU A 89 29.16 -139.09 -15.23
CA GLU A 89 27.72 -138.89 -15.29
C GLU A 89 27.30 -138.09 -16.54
N LEU A 90 27.81 -136.87 -16.67
CA LEU A 90 27.42 -136.04 -17.82
C LEU A 90 28.11 -136.50 -19.09
N ARG A 91 29.33 -137.02 -18.99
CA ARG A 91 30.10 -137.50 -20.15
C ARG A 91 30.37 -136.35 -21.13
N VAL A 92 30.91 -135.26 -20.59
CA VAL A 92 31.32 -134.11 -21.39
C VAL A 92 32.57 -133.52 -20.77
N ALA A 93 33.60 -133.28 -21.58
CA ALA A 93 34.81 -132.67 -21.07
C ALA A 93 34.50 -131.27 -20.56
N PRO A 94 35.08 -130.86 -19.42
CA PRO A 94 34.73 -129.55 -18.86
C PRO A 94 35.45 -128.38 -19.49
N GLU A 95 36.47 -128.62 -20.30
CA GLU A 95 37.26 -127.51 -20.84
C GLU A 95 36.45 -126.64 -21.79
N GLU A 96 35.60 -127.25 -22.63
CA GLU A 96 34.93 -126.48 -23.67
C GLU A 96 33.92 -125.50 -23.10
N HIS A 97 33.13 -125.93 -22.10
CA HIS A 97 31.97 -125.14 -21.70
C HIS A 97 32.22 -124.37 -20.40
N PRO A 98 31.54 -123.23 -20.21
CA PRO A 98 31.60 -122.56 -18.92
C PRO A 98 30.79 -123.29 -17.86
N THR A 99 30.62 -122.71 -16.68
CA THR A 99 29.90 -123.36 -15.60
C THR A 99 29.18 -122.33 -14.75
N LEU A 100 28.03 -122.73 -14.21
CA LEU A 100 27.25 -121.91 -13.29
C LEU A 100 26.94 -122.71 -12.05
N LEU A 101 27.28 -122.16 -10.89
CA LEU A 101 27.08 -122.82 -9.61
C LEU A 101 26.16 -121.98 -8.74
N THR A 102 25.65 -122.59 -7.67
CA THR A 102 24.72 -121.93 -6.76
C THR A 102 25.20 -122.11 -5.34
N GLU A 103 25.16 -121.04 -4.56
CA GLU A 103 25.61 -121.04 -3.17
C GLU A 103 24.61 -120.27 -2.31
N ALA A 104 24.26 -120.84 -1.17
CA ALA A 104 23.26 -120.23 -0.30
C ALA A 104 23.77 -118.92 0.28
N PRO A 105 22.87 -118.00 0.64
CA PRO A 105 23.31 -116.70 1.15
C PRO A 105 23.90 -116.80 2.55
N LEU A 106 24.69 -115.79 2.90
CA LEU A 106 25.31 -115.65 4.21
C LEU A 106 26.32 -116.74 4.53
N ASN A 107 26.84 -117.42 3.51
CA ASN A 107 27.86 -118.43 3.71
C ASN A 107 29.24 -117.77 3.88
N PRO A 108 30.21 -118.51 4.44
CA PRO A 108 31.54 -117.94 4.60
C PRO A 108 32.19 -117.57 3.28
N LYS A 109 33.02 -116.52 3.33
CA LYS A 109 33.70 -116.05 2.12
C LYS A 109 34.63 -117.12 1.56
N ALA A 110 35.44 -117.72 2.42
CA ALA A 110 36.47 -118.66 1.98
C ALA A 110 35.93 -119.73 1.04
N ASN A 111 34.71 -120.22 1.32
CA ASN A 111 34.08 -121.21 0.47
C ASN A 111 34.12 -120.79 -0.99
N ARG A 112 33.66 -119.57 -1.27
CA ARG A 112 33.60 -119.07 -2.65
C ARG A 112 34.97 -119.11 -3.30
N GLU A 113 35.98 -118.55 -2.64
CA GLU A 113 37.34 -118.54 -3.20
C GLU A 113 37.83 -119.94 -3.47
N LYS A 114 37.68 -120.84 -2.51
CA LYS A 114 38.19 -122.20 -2.69
C LYS A 114 37.49 -122.90 -3.85
N MET A 115 36.17 -122.74 -3.94
CA MET A 115 35.43 -123.29 -5.07
C MET A 115 35.96 -122.75 -6.38
N THR A 116 36.19 -121.43 -6.45
CA THR A 116 36.74 -120.83 -7.65
C THR A 116 38.07 -121.47 -8.03
N GLN A 117 38.98 -121.56 -7.06
CA GLN A 117 40.30 -122.11 -7.33
C GLN A 117 40.19 -123.55 -7.82
N ILE A 118 39.36 -124.36 -7.17
CA ILE A 118 39.20 -125.75 -7.57
C ILE A 118 38.55 -125.86 -8.94
N MET A 119 37.78 -124.85 -9.36
CA MET A 119 37.14 -124.87 -10.66
C MET A 119 37.97 -124.21 -11.76
N PHE A 120 39.09 -123.58 -11.41
CA PHE A 120 40.00 -123.00 -12.40
C PHE A 120 41.32 -123.75 -12.52
N GLU A 121 42.03 -123.94 -11.42
CA GLU A 121 43.35 -124.56 -11.50
C GLU A 121 43.27 -126.02 -11.90
N THR A 122 42.31 -126.76 -11.34
CA THR A 122 42.28 -128.21 -11.53
C THR A 122 41.45 -128.62 -12.75
N PHE A 123 40.25 -128.07 -12.90
CA PHE A 123 39.36 -128.49 -13.98
C PHE A 123 39.52 -127.65 -15.23
N ASN A 124 39.92 -126.38 -15.09
CA ASN A 124 40.31 -125.55 -16.23
C ASN A 124 39.11 -125.19 -17.10
N VAL A 125 38.00 -124.82 -16.49
CA VAL A 125 36.83 -124.33 -17.23
C VAL A 125 37.16 -122.95 -17.78
N PRO A 126 36.63 -122.56 -18.94
CA PRO A 126 36.98 -121.25 -19.49
C PRO A 126 36.30 -120.08 -18.79
N ALA A 127 35.23 -120.33 -18.05
CA ALA A 127 34.52 -119.25 -17.36
C ALA A 127 33.55 -119.87 -16.38
N MET A 128 33.40 -119.24 -15.21
CA MET A 128 32.53 -119.74 -14.16
C MET A 128 31.77 -118.57 -13.55
N TYR A 129 30.55 -118.84 -13.10
CA TYR A 129 29.78 -117.85 -12.34
C TYR A 129 29.10 -118.57 -11.19
N VAL A 130 28.78 -117.83 -10.14
CA VAL A 130 28.08 -118.36 -8.97
C VAL A 130 26.94 -117.42 -8.61
N ALA A 131 25.81 -118.01 -8.22
CA ALA A 131 24.60 -117.24 -7.95
C ALA A 131 23.96 -117.70 -6.64
N ILE A 132 23.17 -116.80 -6.06
CA ILE A 132 22.45 -117.08 -4.82
C ILE A 132 21.26 -117.98 -5.14
N GLN A 133 21.06 -119.01 -4.32
CA GLN A 133 20.04 -120.00 -4.61
C GLN A 133 18.65 -119.40 -4.66
N ALA A 134 18.33 -118.50 -3.72
CA ALA A 134 16.97 -117.97 -3.65
C ALA A 134 16.63 -117.16 -4.90
N VAL A 135 17.58 -116.36 -5.39
CA VAL A 135 17.28 -115.47 -6.51
C VAL A 135 16.86 -116.26 -7.74
N LEU A 136 17.55 -117.36 -8.03
CA LEU A 136 17.23 -118.14 -9.22
C LEU A 136 15.81 -118.67 -9.19
N SER A 137 15.21 -118.81 -8.01
CA SER A 137 13.84 -119.32 -7.94
C SER A 137 12.86 -118.38 -8.62
N LEU A 138 13.11 -117.07 -8.57
CA LEU A 138 12.14 -116.12 -9.10
C LEU A 138 12.08 -116.16 -10.62
N TYR A 139 13.18 -116.49 -11.29
CA TYR A 139 13.12 -116.69 -12.74
C TYR A 139 12.19 -117.84 -13.08
N ALA A 140 12.31 -118.96 -12.36
CA ALA A 140 11.43 -120.09 -12.61
C ALA A 140 9.98 -119.74 -12.30
N SER A 141 9.75 -119.00 -11.21
CA SER A 141 8.39 -118.63 -10.85
C SER A 141 7.73 -117.78 -11.92
N GLY A 142 8.47 -116.81 -12.46
CA GLY A 142 7.98 -115.96 -13.51
C GLY A 142 7.59 -114.55 -13.09
N ARG A 143 7.96 -114.13 -11.89
CA ARG A 143 7.65 -112.80 -11.39
C ARG A 143 8.96 -112.07 -11.03
N THR A 144 8.80 -110.82 -10.60
CA THR A 144 9.92 -110.02 -10.13
C THR A 144 9.78 -109.55 -8.69
N THR A 145 8.55 -109.40 -8.20
CA THR A 145 8.28 -108.96 -6.84
C THR A 145 7.82 -110.16 -6.02
N GLY A 146 8.50 -110.45 -4.93
CA GLY A 146 8.14 -111.61 -4.14
C GLY A 146 9.07 -111.77 -2.96
N ILE A 147 8.81 -112.84 -2.20
CA ILE A 147 9.63 -113.22 -1.05
C ILE A 147 9.81 -114.72 -1.11
N VAL A 148 10.90 -115.19 -1.74
CA VAL A 148 11.13 -116.62 -1.84
C VAL A 148 11.43 -117.21 -0.47
N LEU A 149 11.16 -118.50 -0.33
CA LEU A 149 11.33 -119.22 0.93
C LEU A 149 12.04 -120.54 0.66
N ASP A 150 13.10 -120.51 -0.13
CA ASP A 150 13.82 -121.72 -0.47
C ASP A 150 14.14 -122.52 0.79
N SER A 151 13.79 -123.82 0.76
CA SER A 151 14.01 -124.71 1.89
C SER A 151 14.59 -126.02 1.34
N GLY A 152 15.91 -126.07 1.24
CA GLY A 152 16.59 -127.28 0.83
C GLY A 152 16.93 -128.14 2.03
N ASP A 153 17.62 -129.24 1.74
CA ASP A 153 18.26 -130.00 2.80
C ASP A 153 19.39 -129.18 3.40
N GLY A 154 19.63 -129.38 4.70
CA GLY A 154 20.69 -128.66 5.38
C GLY A 154 20.23 -127.36 6.01
N VAL A 155 19.76 -126.40 5.21
CA VAL A 155 19.42 -125.07 5.70
C VAL A 155 18.21 -124.54 4.93
N THR A 156 17.63 -123.45 5.45
CA THR A 156 16.50 -122.78 4.82
C THR A 156 16.69 -121.27 4.97
N HIS A 157 16.39 -120.53 3.91
CA HIS A 157 16.61 -119.09 3.90
C HIS A 157 15.49 -118.37 3.17
N ASN A 158 15.32 -117.10 3.53
CA ASN A 158 14.30 -116.23 2.96
C ASN A 158 14.97 -114.97 2.41
N VAL A 159 14.63 -114.61 1.18
CA VAL A 159 15.24 -113.47 0.50
C VAL A 159 14.15 -112.66 -0.18
N PRO A 160 13.74 -111.51 0.37
CA PRO A 160 12.68 -110.73 -0.27
C PRO A 160 13.23 -109.78 -1.33
N ILE A 161 12.57 -109.75 -2.49
CA ILE A 161 12.95 -108.91 -3.61
C ILE A 161 11.74 -108.12 -4.06
N TYR A 162 11.99 -106.91 -4.54
CA TYR A 162 10.93 -106.00 -4.98
C TYR A 162 11.42 -105.23 -6.20
N GLU A 163 10.76 -105.43 -7.34
CA GLU A 163 11.14 -104.78 -8.58
C GLU A 163 12.60 -105.05 -8.92
N GLY A 164 13.08 -106.25 -8.62
CA GLY A 164 14.45 -106.60 -8.89
C GLY A 164 15.45 -105.78 -8.11
N TYR A 165 15.12 -105.45 -6.86
CA TYR A 165 16.03 -104.76 -5.93
C TYR A 165 16.05 -105.58 -4.66
N ALA A 166 16.94 -106.56 -4.60
CA ALA A 166 17.02 -107.44 -3.44
C ALA A 166 17.38 -106.63 -2.19
N LEU A 167 16.54 -106.72 -1.17
CA LEU A 167 16.83 -106.10 0.10
C LEU A 167 17.78 -106.99 0.89
N PRO A 168 19.01 -106.53 1.21
CA PRO A 168 19.96 -107.44 1.86
C PRO A 168 19.80 -107.52 3.37
N HIS A 169 19.22 -106.50 3.99
CA HIS A 169 19.06 -106.50 5.44
C HIS A 169 17.90 -107.36 5.91
N ALA A 170 16.96 -107.68 5.03
CA ALA A 170 15.81 -108.50 5.40
C ALA A 170 16.04 -109.99 5.20
N ILE A 171 17.17 -110.38 4.60
CA ILE A 171 17.45 -111.80 4.38
C ILE A 171 17.50 -112.51 5.71
N MET A 172 16.97 -113.73 5.74
CA MET A 172 16.99 -114.56 6.95
C MET A 172 17.52 -115.94 6.61
N ARG A 173 18.23 -116.54 7.57
CA ARG A 173 18.86 -117.84 7.40
C ARG A 173 18.62 -118.67 8.64
N LEU A 174 18.44 -119.98 8.46
CA LEU A 174 18.14 -120.85 9.59
C LEU A 174 18.58 -122.26 9.25
N ASP A 175 19.01 -123.01 10.26
CA ASP A 175 19.65 -124.31 10.08
C ASP A 175 18.71 -125.48 10.37
N LEU A 176 17.42 -125.33 10.07
CA LEU A 176 16.44 -126.40 10.23
C LEU A 176 16.07 -126.91 8.84
N ALA A 177 16.28 -128.19 8.59
CA ALA A 177 16.05 -128.75 7.26
C ALA A 177 15.83 -130.25 7.38
N GLY A 178 15.89 -130.95 6.24
CA GLY A 178 15.47 -132.34 6.19
C GLY A 178 16.30 -133.27 7.04
N ARG A 179 17.59 -133.00 7.19
CA ARG A 179 18.44 -133.89 7.96
C ARG A 179 18.00 -133.95 9.42
N ASP A 180 17.66 -132.80 10.00
CA ASP A 180 17.14 -132.79 11.36
C ASP A 180 15.84 -133.55 11.46
N LEU A 181 14.98 -133.45 10.43
CA LEU A 181 13.75 -134.23 10.45
C LEU A 181 14.03 -135.73 10.40
N THR A 182 15.02 -136.15 9.62
CA THR A 182 15.37 -137.57 9.59
C THR A 182 15.84 -138.04 10.95
N ASP A 183 16.69 -137.24 11.60
CA ASP A 183 17.18 -137.61 12.92
C ASP A 183 16.03 -137.69 13.92
N TYR A 184 15.11 -136.71 13.87
CA TYR A 184 13.97 -136.74 14.76
C TYR A 184 13.08 -137.95 14.48
N LEU A 185 12.91 -138.31 13.21
CA LEU A 185 12.13 -139.50 12.88
C LEU A 185 12.75 -140.74 13.50
N MET A 186 14.07 -140.87 13.41
CA MET A 186 14.73 -142.00 14.06
C MET A 186 14.45 -141.97 15.57
N LYS A 187 14.62 -140.80 16.18
CA LYS A 187 14.50 -140.71 17.64
C LYS A 187 13.09 -141.06 18.11
N ILE A 188 12.08 -140.66 17.36
CA ILE A 188 10.70 -140.93 17.80
C ILE A 188 10.22 -142.31 17.36
N LEU A 189 10.74 -142.85 16.26
CA LEU A 189 10.49 -144.24 15.93
C LEU A 189 11.07 -145.17 16.96
N THR A 190 12.09 -144.71 17.70
CA THR A 190 12.64 -145.55 18.77
C THR A 190 11.58 -146.02 19.75
N GLU A 191 10.51 -145.22 19.97
CA GLU A 191 9.54 -145.56 21.00
C GLU A 191 8.86 -146.90 20.73
N ARG A 192 8.40 -147.12 19.49
CA ARG A 192 7.61 -148.31 19.21
C ARG A 192 8.45 -149.58 19.21
N GLY A 193 9.77 -149.47 19.23
CA GLY A 193 10.62 -150.65 19.28
C GLY A 193 11.62 -150.69 18.14
N TYR A 194 11.30 -150.00 17.04
CA TYR A 194 12.17 -150.01 15.88
C TYR A 194 13.39 -149.14 16.15
N SER A 195 14.57 -149.76 16.12
CA SER A 195 15.82 -149.08 16.44
C SER A 195 16.69 -149.01 15.18
N PHE A 196 16.93 -147.80 14.70
CA PHE A 196 17.80 -147.55 13.56
C PHE A 196 18.99 -146.74 14.02
N VAL A 197 20.20 -147.24 13.75
CA VAL A 197 21.42 -146.62 14.25
C VAL A 197 22.40 -146.32 13.12
N THR A 198 22.72 -147.33 12.32
CA THR A 198 23.77 -147.18 11.32
C THR A 198 23.35 -146.20 10.22
N THR A 199 24.33 -145.78 9.43
CA THR A 199 24.08 -144.78 8.40
C THR A 199 23.12 -145.30 7.33
N ALA A 200 23.27 -146.55 6.91
CA ALA A 200 22.34 -147.12 5.94
C ALA A 200 20.93 -147.20 6.53
N GLU A 201 20.82 -147.48 7.81
CA GLU A 201 19.53 -147.46 8.46
C GLU A 201 18.95 -146.05 8.48
N ARG A 202 19.81 -145.03 8.62
CA ARG A 202 19.34 -143.66 8.46
C ARG A 202 18.86 -143.41 7.04
N GLU A 203 19.52 -144.01 6.05
CA GLU A 203 19.08 -143.87 4.67
C GLU A 203 17.69 -144.49 4.49
N ILE A 204 17.47 -145.64 5.11
CA ILE A 204 16.14 -146.27 5.09
C ILE A 204 15.11 -145.36 5.75
N VAL A 205 15.48 -144.76 6.88
CA VAL A 205 14.58 -143.86 7.58
C VAL A 205 14.24 -142.66 6.71
N ARG A 206 15.20 -142.20 5.91
CA ARG A 206 14.93 -141.10 4.99
C ARG A 206 13.88 -141.48 3.96
N ASP A 207 13.95 -142.70 3.44
CA ASP A 207 12.91 -143.17 2.52
C ASP A 207 11.57 -143.25 3.21
N ILE A 208 11.55 -143.77 4.44
CA ILE A 208 10.31 -143.81 5.22
C ILE A 208 9.73 -142.41 5.35
N LYS A 209 10.58 -141.42 5.63
CA LYS A 209 10.13 -140.04 5.70
C LYS A 209 9.53 -139.59 4.38
N GLU A 210 10.25 -139.83 3.28
CA GLU A 210 9.80 -139.34 1.99
C GLU A 210 8.42 -139.88 1.66
N LYS A 211 8.21 -141.18 1.86
CA LYS A 211 6.96 -141.80 1.41
C LYS A 211 5.80 -141.43 2.32
N LEU A 212 5.92 -141.71 3.62
CA LEU A 212 4.81 -141.60 4.56
C LEU A 212 5.05 -140.42 5.51
N CYS A 213 4.59 -139.24 5.09
CA CYS A 213 4.55 -138.06 5.96
C CYS A 213 3.54 -137.08 5.40
N TYR A 214 3.00 -136.25 6.29
CA TYR A 214 2.12 -135.15 5.89
C TYR A 214 2.07 -134.14 7.03
N VAL A 215 1.58 -132.95 6.72
CA VAL A 215 1.46 -131.86 7.68
C VAL A 215 0.00 -131.66 8.02
N ALA A 216 -0.33 -131.74 9.31
CA ALA A 216 -1.70 -131.54 9.75
C ALA A 216 -2.07 -130.06 9.72
N LEU A 217 -3.32 -129.78 9.36
CA LEU A 217 -3.80 -128.40 9.38
C LEU A 217 -3.76 -127.83 10.80
N ASP A 218 -4.21 -128.62 11.78
CA ASP A 218 -4.10 -128.28 13.19
C ASP A 218 -3.52 -129.47 13.93
N PHE A 219 -2.78 -129.18 15.00
CA PHE A 219 -1.95 -130.21 15.61
C PHE A 219 -2.65 -130.93 16.76
N GLU A 220 -3.21 -130.17 17.72
CA GLU A 220 -3.83 -130.80 18.87
C GLU A 220 -5.02 -131.66 18.46
N ASN A 221 -5.87 -131.15 17.57
CA ASN A 221 -7.01 -131.94 17.11
C ASN A 221 -6.55 -133.20 16.37
N GLU A 222 -5.50 -133.09 15.56
CA GLU A 222 -4.99 -134.27 14.88
C GLU A 222 -4.46 -135.30 15.87
N MET A 223 -3.75 -134.85 16.91
CA MET A 223 -3.27 -135.78 17.92
C MET A 223 -4.43 -136.46 18.63
N ALA A 224 -5.47 -135.69 18.98
CA ALA A 224 -6.64 -136.28 19.62
C ALA A 224 -7.30 -137.31 18.73
N THR A 225 -7.46 -137.00 17.44
CA THR A 225 -8.08 -137.94 16.50
C THR A 225 -7.24 -139.20 16.36
N ALA A 226 -5.90 -139.04 16.30
CA ALA A 226 -5.04 -140.21 16.16
C ALA A 226 -5.05 -141.08 17.42
N ALA A 227 -5.17 -140.46 18.59
CA ALA A 227 -5.20 -141.23 19.83
C ALA A 227 -6.53 -141.94 20.00
N SER A 228 -7.64 -141.26 19.71
CA SER A 228 -8.96 -141.86 19.94
C SER A 228 -9.20 -143.04 19.00
N SER A 229 -8.98 -142.84 17.70
CA SER A 229 -9.21 -143.88 16.71
C SER A 229 -7.88 -144.48 16.26
N SER A 230 -7.95 -145.38 15.29
CA SER A 230 -6.76 -146.03 14.73
C SER A 230 -6.82 -146.01 13.21
N SER A 231 -7.20 -144.86 12.66
CA SER A 231 -7.27 -144.68 11.22
C SER A 231 -6.02 -144.05 10.63
N LEU A 232 -5.21 -143.36 11.44
CA LEU A 232 -3.98 -142.74 10.97
C LEU A 232 -2.79 -143.66 11.13
N GLU A 233 -2.90 -144.88 10.61
CA GLU A 233 -1.85 -145.88 10.67
C GLU A 233 -1.50 -146.35 9.26
N LYS A 234 -0.21 -146.50 9.00
CA LYS A 234 0.27 -146.94 7.70
C LYS A 234 1.30 -148.06 7.88
N SER A 235 1.36 -148.95 6.90
CA SER A 235 2.26 -150.09 6.93
C SER A 235 3.30 -149.95 5.82
N TYR A 236 4.57 -150.07 6.19
CA TYR A 236 5.69 -149.96 5.26
C TYR A 236 6.55 -151.21 5.38
N GLU A 237 7.27 -151.53 4.31
CA GLU A 237 8.05 -152.77 4.23
C GLU A 237 9.53 -152.46 4.11
N LEU A 238 10.33 -153.04 4.99
CA LEU A 238 11.77 -152.88 4.96
C LEU A 238 12.38 -153.74 3.86
N PRO A 239 13.65 -153.53 3.53
CA PRO A 239 14.33 -154.43 2.59
C PRO A 239 14.44 -155.85 3.09
N ASP A 240 14.33 -156.09 4.40
CA ASP A 240 14.49 -157.40 4.99
C ASP A 240 13.16 -158.13 5.17
N GLY A 241 12.15 -157.75 4.39
CA GLY A 241 10.86 -158.40 4.50
C GLY A 241 10.20 -158.24 5.85
N GLN A 242 10.37 -157.10 6.50
CA GLN A 242 9.72 -156.79 7.77
C GLN A 242 8.80 -155.59 7.59
N VAL A 243 7.75 -155.54 8.40
CA VAL A 243 6.70 -154.54 8.26
C VAL A 243 6.74 -153.60 9.47
N ILE A 244 6.95 -152.32 9.20
CA ILE A 244 6.79 -151.26 10.20
C ILE A 244 5.36 -150.74 10.11
N THR A 245 4.83 -150.31 11.25
CA THR A 245 3.49 -149.72 11.33
C THR A 245 3.61 -148.37 12.02
N ILE A 246 3.44 -147.28 11.26
CA ILE A 246 3.62 -145.93 11.76
C ILE A 246 2.26 -145.33 12.07
N GLY A 247 2.18 -144.63 13.20
CA GLY A 247 0.96 -143.97 13.63
C GLY A 247 1.10 -142.46 13.69
N ASN A 248 1.21 -141.92 14.91
CA ASN A 248 1.29 -140.47 15.07
C ASN A 248 2.51 -139.89 14.36
N GLU A 249 3.62 -140.62 14.38
CA GLU A 249 4.87 -140.09 13.84
C GLU A 249 4.74 -139.62 12.40
N ARG A 250 3.64 -139.93 11.72
CA ARG A 250 3.46 -139.46 10.35
C ARG A 250 3.45 -137.94 10.29
N PHE A 251 2.90 -137.27 11.32
CA PHE A 251 2.81 -135.82 11.29
C PHE A 251 3.50 -135.16 12.48
N ARG A 252 4.33 -135.89 13.21
CA ARG A 252 5.20 -135.27 14.21
C ARG A 252 6.58 -134.94 13.65
N CYS A 253 6.99 -135.59 12.56
CA CYS A 253 8.27 -135.24 11.94
C CYS A 253 8.21 -133.86 11.31
N PRO A 254 7.35 -133.60 10.31
CA PRO A 254 7.34 -132.27 9.69
C PRO A 254 6.89 -131.18 10.64
N GLU A 255 6.16 -131.51 11.70
CA GLU A 255 5.72 -130.50 12.64
C GLU A 255 6.89 -129.77 13.28
N THR A 256 8.07 -130.39 13.29
CA THR A 256 9.25 -129.72 13.83
C THR A 256 9.53 -128.40 13.11
N LEU A 257 9.08 -128.28 11.85
CA LEU A 257 9.33 -127.06 11.11
C LEU A 257 8.65 -125.86 11.76
N PHE A 258 7.41 -126.03 12.21
CA PHE A 258 6.64 -124.93 12.79
C PHE A 258 6.84 -124.78 14.29
N GLN A 259 7.44 -125.77 14.95
CA GLN A 259 7.69 -125.73 16.39
C GLN A 259 9.11 -126.24 16.64
N PRO A 260 10.12 -125.41 16.37
CA PRO A 260 11.51 -125.88 16.49
C PRO A 260 11.93 -126.26 17.91
N SER A 261 11.05 -126.17 18.90
CA SER A 261 11.40 -126.54 20.26
C SER A 261 11.43 -128.05 20.47
N PHE A 262 10.97 -128.83 19.49
CA PHE A 262 11.01 -130.29 19.64
C PHE A 262 12.44 -130.79 19.73
N ILE A 263 13.34 -130.24 18.90
CA ILE A 263 14.72 -130.69 18.86
C ILE A 263 15.63 -129.91 19.80
N GLY A 264 15.06 -129.07 20.67
CA GLY A 264 15.84 -128.29 21.60
C GLY A 264 16.27 -126.93 21.10
N MET A 265 16.01 -126.61 19.84
CA MET A 265 16.35 -125.29 19.33
C MET A 265 15.48 -124.23 20.01
N GLU A 266 15.80 -122.96 19.72
CA GLU A 266 15.09 -121.84 20.34
C GLU A 266 14.45 -120.90 19.32
N SER A 267 14.90 -120.88 18.07
CA SER A 267 14.33 -119.99 17.09
C SER A 267 12.84 -120.26 16.92
N ALA A 268 12.17 -119.36 16.22
CA ALA A 268 10.73 -119.47 15.98
C ALA A 268 10.47 -120.26 14.70
N GLY A 269 9.22 -120.70 14.56
CA GLY A 269 8.83 -121.47 13.39
C GLY A 269 9.06 -120.72 12.11
N ILE A 270 8.86 -121.36 10.97
CA ILE A 270 9.17 -120.73 9.69
C ILE A 270 8.17 -119.64 9.35
N HIS A 271 6.91 -119.80 9.76
CA HIS A 271 5.94 -118.74 9.50
C HIS A 271 6.34 -117.45 10.19
N GLU A 272 6.88 -117.55 11.40
CA GLU A 272 7.32 -116.35 12.11
C GLU A 272 8.50 -115.70 11.42
N THR A 273 9.43 -116.51 10.91
CA THR A 273 10.56 -115.93 10.17
C THR A 273 10.09 -115.23 8.91
N THR A 274 9.13 -115.83 8.19
CA THR A 274 8.59 -115.18 7.00
C THR A 274 7.91 -113.86 7.36
N TYR A 275 7.10 -113.86 8.42
CA TYR A 275 6.43 -112.64 8.83
C TYR A 275 7.42 -111.57 9.25
N ASN A 276 8.46 -111.95 9.99
CA ASN A 276 9.47 -110.98 10.41
C ASN A 276 10.23 -110.42 9.22
N SER A 277 10.58 -111.28 8.26
CA SER A 277 11.25 -110.81 7.05
C SER A 277 10.38 -109.81 6.31
N ILE A 278 9.06 -110.09 6.23
CA ILE A 278 8.17 -109.17 5.55
C ILE A 278 8.08 -107.85 6.30
N MET A 279 8.05 -107.90 7.63
CA MET A 279 7.88 -106.70 8.44
C MET A 279 9.20 -105.98 8.71
N LYS A 280 10.32 -106.48 8.21
CA LYS A 280 11.59 -105.77 8.28
C LYS A 280 11.85 -104.92 7.04
N CYS A 281 11.02 -105.02 6.01
CA CYS A 281 11.13 -104.19 4.83
C CYS A 281 10.45 -102.84 5.06
N ASP A 282 10.38 -102.04 4.01
CA ASP A 282 9.76 -100.73 4.11
C ASP A 282 8.24 -100.88 4.23
N ILE A 283 7.58 -99.77 4.59
CA ILE A 283 6.14 -99.80 4.81
C ILE A 283 5.39 -99.96 3.50
N ASP A 284 5.86 -99.34 2.43
CA ASP A 284 5.09 -99.25 1.20
C ASP A 284 5.09 -100.54 0.39
N ILE A 285 6.01 -101.46 0.64
CA ILE A 285 6.16 -102.66 -0.19
C ILE A 285 5.65 -103.91 0.48
N ARG A 286 5.14 -103.83 1.71
CA ARG A 286 4.73 -105.03 2.41
C ARG A 286 3.53 -105.69 1.74
N LYS A 287 2.65 -104.92 1.12
CA LYS A 287 1.47 -105.50 0.49
C LYS A 287 1.85 -106.43 -0.64
N ASP A 288 2.76 -106.00 -1.52
CA ASP A 288 3.13 -106.82 -2.66
C ASP A 288 3.78 -108.12 -2.21
N LEU A 289 4.67 -108.04 -1.22
CA LEU A 289 5.29 -109.26 -0.68
C LEU A 289 4.25 -110.17 -0.05
N TYR A 290 3.28 -109.58 0.66
CA TYR A 290 2.19 -110.39 1.22
C TYR A 290 1.46 -111.14 0.12
N ALA A 291 1.19 -110.47 -1.01
CA ALA A 291 0.41 -111.09 -2.08
C ALA A 291 1.15 -112.28 -2.70
N ASN A 292 2.47 -112.16 -2.89
CA ASN A 292 3.25 -113.11 -3.68
C ASN A 292 4.31 -113.77 -2.80
N ASN A 293 3.95 -114.87 -2.16
CA ASN A 293 4.92 -115.74 -1.50
C ASN A 293 5.30 -116.89 -2.43
N VAL A 294 6.51 -117.39 -2.26
CA VAL A 294 7.03 -118.46 -3.11
C VAL A 294 7.76 -119.47 -2.22
N MET A 295 7.60 -120.74 -2.55
CA MET A 295 8.30 -121.83 -1.87
C MET A 295 9.11 -122.62 -2.90
N SER A 296 10.24 -123.16 -2.46
CA SER A 296 11.11 -123.95 -3.32
C SER A 296 11.68 -125.10 -2.49
N GLY A 297 12.63 -125.82 -3.07
CA GLY A 297 13.34 -126.87 -2.36
C GLY A 297 12.51 -128.11 -2.13
N GLY A 298 13.18 -129.24 -1.93
CA GLY A 298 12.48 -130.50 -1.75
C GLY A 298 11.68 -130.54 -0.46
N THR A 299 12.19 -129.93 0.61
CA THR A 299 11.58 -130.08 1.92
C THR A 299 10.15 -129.57 1.95
N THR A 300 9.75 -128.74 1.00
CA THR A 300 8.41 -128.16 0.97
C THR A 300 7.47 -128.95 0.06
N MET A 301 7.65 -130.27 -0.01
CA MET A 301 6.77 -131.15 -0.76
C MET A 301 5.86 -131.97 0.14
N TYR A 302 5.87 -131.72 1.44
CA TYR A 302 4.96 -132.43 2.33
C TYR A 302 3.52 -132.10 1.97
N PRO A 303 2.65 -133.09 1.81
CA PRO A 303 1.24 -132.78 1.48
C PRO A 303 0.59 -131.95 2.58
N GLY A 304 0.14 -130.76 2.21
CA GLY A 304 -0.58 -129.89 3.12
C GLY A 304 0.23 -128.76 3.72
N ILE A 305 1.48 -128.57 3.31
CA ILE A 305 2.28 -127.50 3.87
C ILE A 305 1.76 -126.14 3.43
N ALA A 306 1.29 -126.03 2.19
CA ALA A 306 0.82 -124.75 1.68
C ALA A 306 -0.36 -124.24 2.48
N ASP A 307 -1.33 -125.12 2.76
CA ASP A 307 -2.51 -124.69 3.50
C ASP A 307 -2.17 -124.21 4.90
N ARG A 308 -1.31 -124.96 5.60
CA ARG A 308 -0.93 -124.54 6.95
C ARG A 308 -0.15 -123.23 6.91
N MET A 309 0.73 -123.08 5.92
CA MET A 309 1.47 -121.82 5.79
C MET A 309 0.50 -120.65 5.60
N GLN A 310 -0.47 -120.81 4.70
CA GLN A 310 -1.41 -119.73 4.44
C GLN A 310 -2.22 -119.42 5.68
N LYS A 311 -2.70 -120.44 6.38
CA LYS A 311 -3.50 -120.21 7.58
C LYS A 311 -2.70 -119.48 8.64
N GLU A 312 -1.46 -119.92 8.87
CA GLU A 312 -0.64 -119.30 9.92
C GLU A 312 -0.31 -117.85 9.57
N ILE A 313 0.09 -117.59 8.32
CA ILE A 313 0.43 -116.21 7.95
C ILE A 313 -0.81 -115.32 8.03
N THR A 314 -1.96 -115.83 7.59
CA THR A 314 -3.19 -115.03 7.67
C THR A 314 -3.52 -114.71 9.12
N ALA A 315 -3.35 -115.69 10.02
CA ALA A 315 -3.59 -115.43 11.43
C ALA A 315 -2.62 -114.39 11.98
N LEU A 316 -1.36 -114.46 11.57
CA LEU A 316 -0.36 -113.54 12.10
C LEU A 316 -0.52 -112.14 11.50
N ALA A 317 -0.77 -112.04 10.20
CA ALA A 317 -0.78 -110.76 9.53
C ALA A 317 -2.10 -110.02 9.76
N PRO A 318 -2.11 -108.71 9.54
CA PRO A 318 -3.35 -107.95 9.72
C PRO A 318 -4.40 -108.33 8.69
N SER A 319 -5.66 -108.06 9.05
CA SER A 319 -6.76 -108.28 8.13
C SER A 319 -6.72 -107.24 7.02
N THR A 320 -7.68 -107.35 6.09
CA THR A 320 -7.78 -106.44 4.95
C THR A 320 -6.69 -106.74 3.94
N MET A 321 -5.81 -107.69 4.27
CA MET A 321 -4.63 -107.99 3.48
C MET A 321 -4.78 -109.40 2.91
N LYS A 322 -4.56 -109.54 1.60
CA LYS A 322 -4.79 -110.80 0.91
C LYS A 322 -3.45 -111.53 0.72
N ILE A 323 -3.41 -112.79 1.15
CA ILE A 323 -2.20 -113.60 1.13
C ILE A 323 -2.42 -114.79 0.23
N LYS A 324 -1.47 -115.05 -0.66
CA LYS A 324 -1.44 -116.27 -1.47
C LYS A 324 -0.05 -116.89 -1.36
N ILE A 325 -0.01 -118.22 -1.40
CA ILE A 325 1.25 -118.95 -1.35
C ILE A 325 1.47 -119.62 -2.69
N ILE A 326 2.23 -118.97 -3.58
CA ILE A 326 2.48 -119.54 -4.90
C ILE A 326 3.34 -120.78 -4.72
N ALA A 327 2.74 -121.95 -4.92
CA ALA A 327 3.38 -123.24 -4.67
C ALA A 327 3.19 -124.13 -5.88
N PRO A 328 3.89 -123.85 -6.98
CA PRO A 328 3.70 -124.63 -8.19
C PRO A 328 4.21 -126.05 -8.03
N PRO A 329 3.76 -126.99 -8.87
CA PRO A 329 4.32 -128.33 -8.81
C PRO A 329 5.78 -128.33 -9.21
N GLU A 330 6.43 -129.49 -9.22
CA GLU A 330 7.83 -129.63 -9.62
C GLU A 330 8.68 -128.52 -9.01
N ARG A 331 8.32 -128.05 -7.82
CA ARG A 331 9.14 -127.05 -7.12
C ARG A 331 10.50 -127.62 -6.76
N LYS A 332 10.63 -128.94 -6.70
CA LYS A 332 11.89 -129.55 -6.30
C LYS A 332 13.06 -129.03 -7.14
N TYR A 333 12.87 -128.95 -8.45
CA TYR A 333 13.90 -128.50 -9.36
C TYR A 333 13.85 -127.00 -9.62
N SER A 334 12.98 -126.28 -8.93
CA SER A 334 12.75 -124.87 -9.25
C SER A 334 14.07 -124.11 -9.33
N VAL A 335 14.90 -124.24 -8.30
CA VAL A 335 16.16 -123.50 -8.28
C VAL A 335 16.95 -123.79 -9.54
N TRP A 336 17.11 -125.07 -9.88
CA TRP A 336 17.87 -125.42 -11.07
C TRP A 336 17.22 -124.82 -12.31
N ILE A 337 15.89 -124.87 -12.39
CA ILE A 337 15.22 -124.33 -13.56
C ILE A 337 15.54 -122.85 -13.72
N GLY A 338 15.77 -122.14 -12.62
CA GLY A 338 16.21 -120.77 -12.73
C GLY A 338 17.53 -120.64 -13.44
N GLY A 339 18.51 -121.44 -13.01
CA GLY A 339 19.85 -121.26 -13.52
C GLY A 339 19.92 -121.39 -15.03
N SER A 340 19.29 -122.43 -15.57
CA SER A 340 19.30 -122.61 -17.02
C SER A 340 18.71 -121.38 -17.70
N ILE A 341 17.58 -120.88 -17.19
CA ILE A 341 17.00 -119.67 -17.77
C ILE A 341 18.02 -118.54 -17.70
N LEU A 342 18.67 -118.38 -16.54
CA LEU A 342 19.65 -117.31 -16.39
C LEU A 342 20.78 -117.49 -17.39
N ALA A 343 21.17 -118.75 -17.66
CA ALA A 343 22.23 -119.00 -18.64
C ALA A 343 21.78 -118.57 -20.03
N SER A 344 20.51 -118.82 -20.38
CA SER A 344 20.06 -118.57 -21.74
C SER A 344 20.11 -117.09 -22.08
N LEU A 345 19.72 -116.24 -21.14
CA LEU A 345 19.58 -114.81 -21.39
C LEU A 345 20.81 -114.24 -22.09
N SER A 346 20.56 -113.46 -23.14
CA SER A 346 21.65 -112.88 -23.91
C SER A 346 22.48 -111.91 -23.08
N THR A 347 21.82 -111.06 -22.29
CA THR A 347 22.54 -110.10 -21.47
C THR A 347 23.50 -110.80 -20.52
N PHE A 348 23.03 -111.83 -19.82
CA PHE A 348 23.86 -112.53 -18.86
C PHE A 348 25.14 -113.06 -19.47
N GLN A 349 25.14 -113.30 -20.78
CA GLN A 349 26.34 -113.84 -21.42
C GLN A 349 27.51 -112.87 -21.39
N GLN A 350 27.35 -111.69 -20.81
CA GLN A 350 28.44 -110.74 -20.65
C GLN A 350 28.99 -110.70 -19.22
N MET A 351 28.37 -111.42 -18.28
CA MET A 351 28.68 -111.27 -16.86
C MET A 351 29.56 -112.38 -16.32
N TRP A 352 30.06 -113.31 -17.14
CA TRP A 352 30.90 -114.36 -16.62
C TRP A 352 32.21 -113.78 -16.08
N ILE A 353 32.98 -114.65 -15.43
CA ILE A 353 34.31 -114.30 -14.92
C ILE A 353 35.34 -115.10 -15.70
N THR A 354 35.86 -114.51 -16.78
CA THR A 354 36.81 -115.20 -17.63
C THR A 354 38.03 -115.66 -16.83
N LYS A 355 38.72 -116.67 -17.36
CA LYS A 355 39.87 -117.22 -16.65
C LYS A 355 40.98 -116.18 -16.49
N GLN A 356 41.25 -115.41 -17.55
CA GLN A 356 42.29 -114.39 -17.47
C GLN A 356 41.94 -113.32 -16.43
N GLU A 357 40.65 -113.02 -16.28
CA GLU A 357 40.25 -112.05 -15.26
C GLU A 357 40.62 -112.53 -13.87
N TYR A 358 40.36 -113.82 -13.58
CA TYR A 358 40.75 -114.36 -12.28
C TYR A 358 42.26 -114.42 -12.14
N ASP A 359 42.96 -114.75 -13.22
CA ASP A 359 44.41 -114.82 -13.16
C ASP A 359 45.02 -113.46 -12.83
N GLU A 360 44.47 -112.39 -13.39
CA GLU A 360 45.01 -111.06 -13.16
C GLU A 360 44.54 -110.49 -11.82
N ALA A 361 43.22 -110.31 -11.67
CA ALA A 361 42.69 -109.64 -10.48
C ALA A 361 43.01 -110.42 -9.21
N GLY A 362 42.84 -111.74 -9.24
CA GLY A 362 43.09 -112.56 -8.07
C GLY A 362 41.80 -113.12 -7.49
N PRO A 363 41.91 -113.80 -6.35
CA PRO A 363 40.72 -114.43 -5.76
C PRO A 363 39.59 -113.47 -5.43
N SER A 364 39.91 -112.21 -5.11
CA SER A 364 38.87 -111.27 -4.68
C SER A 364 37.82 -111.02 -5.75
N ILE A 365 38.12 -111.34 -7.01
CA ILE A 365 37.20 -111.03 -8.11
C ILE A 365 35.77 -111.45 -7.78
N VAL A 366 35.59 -112.70 -7.35
CA VAL A 366 34.24 -113.23 -7.18
C VAL A 366 33.46 -112.39 -6.18
N HIS A 367 34.14 -111.89 -5.14
CA HIS A 367 33.45 -111.16 -4.09
C HIS A 367 33.05 -109.75 -4.50
N ARG A 368 33.55 -109.23 -5.63
CA ARG A 368 33.18 -107.86 -5.99
C ARG A 368 31.68 -107.73 -6.20
N LYS A 369 31.06 -108.76 -6.77
CA LYS A 369 29.61 -108.76 -7.00
C LYS A 369 28.83 -109.43 -5.89
N CYS A 370 29.49 -109.91 -4.85
CA CYS A 370 28.81 -110.59 -3.76
C CYS A 370 27.85 -109.66 -3.03
N THR B 1 16.48 -87.02 55.14
CA THR B 1 16.26 -88.21 54.34
C THR B 1 17.06 -88.15 53.04
N THR B 2 17.27 -89.31 52.43
CA THR B 2 17.98 -89.41 51.16
C THR B 2 17.01 -89.86 50.08
N ALA B 3 17.10 -89.22 48.92
CA ALA B 3 16.19 -89.47 47.80
C ALA B 3 16.86 -90.39 46.79
N LEU B 4 16.24 -91.54 46.53
CA LEU B 4 16.78 -92.44 45.52
C LEU B 4 16.78 -91.78 44.15
N VAL B 5 17.80 -92.09 43.36
CA VAL B 5 17.90 -91.63 41.98
C VAL B 5 18.13 -92.87 41.12
N CYS B 6 17.04 -93.47 40.63
CA CYS B 6 17.12 -94.60 39.72
C CYS B 6 17.16 -94.09 38.29
N ASP B 7 17.89 -94.80 37.44
CA ASP B 7 17.93 -94.51 36.01
C ASP B 7 17.59 -95.80 35.26
N ASN B 8 16.28 -96.05 35.11
CA ASN B 8 15.84 -97.12 34.24
C ASN B 8 16.30 -96.83 32.82
N GLY B 9 17.25 -97.63 32.32
CA GLY B 9 17.78 -97.45 30.99
C GLY B 9 17.19 -98.44 30.01
N SER B 10 17.79 -98.47 28.82
CA SER B 10 17.37 -99.43 27.81
C SER B 10 18.14 -100.74 27.88
N GLY B 11 19.34 -100.73 28.47
CA GLY B 11 20.15 -101.92 28.54
C GLY B 11 20.82 -102.16 29.89
N LEU B 12 20.67 -101.20 30.81
CA LEU B 12 21.21 -101.37 32.16
C LEU B 12 20.39 -100.54 33.14
N VAL B 13 20.41 -100.98 34.39
CA VAL B 13 19.71 -100.31 35.48
C VAL B 13 20.75 -99.87 36.50
N LYS B 14 20.75 -98.57 36.80
CA LYS B 14 21.67 -97.97 37.76
C LYS B 14 20.83 -97.29 38.84
N ALA B 15 20.96 -97.76 40.08
CA ALA B 15 20.15 -97.26 41.19
C ALA B 15 21.07 -96.87 42.33
N GLY B 16 20.80 -95.73 42.93
CA GLY B 16 21.63 -95.25 44.01
C GLY B 16 20.95 -94.16 44.81
N PHE B 17 21.69 -93.59 45.74
CA PHE B 17 21.20 -92.56 46.64
C PHE B 17 21.76 -91.21 46.22
N ALA B 18 21.09 -90.15 46.67
CA ALA B 18 21.56 -88.81 46.36
C ALA B 18 22.84 -88.49 47.12
N GLY B 19 23.55 -87.48 46.66
CA GLY B 19 24.79 -87.08 47.29
C GLY B 19 25.85 -88.16 47.25
N ASP B 20 25.95 -88.88 46.13
CA ASP B 20 26.99 -89.88 45.93
C ASP B 20 27.69 -89.62 44.61
N ASP B 21 28.77 -90.35 44.37
CA ASP B 21 29.58 -90.20 43.16
C ASP B 21 29.44 -91.37 42.21
N ALA B 22 28.63 -92.38 42.55
CA ALA B 22 28.44 -93.54 41.70
C ALA B 22 27.16 -94.24 42.12
N PRO B 23 26.53 -94.98 41.21
CA PRO B 23 25.32 -95.71 41.60
C PRO B 23 25.63 -96.79 42.63
N ARG B 24 24.72 -96.97 43.58
CA ARG B 24 24.93 -97.98 44.61
C ARG B 24 24.93 -99.38 44.01
N ALA B 25 24.02 -99.64 43.07
CA ALA B 25 23.94 -100.92 42.38
C ALA B 25 23.74 -100.68 40.89
N VAL B 26 24.36 -101.54 40.09
CA VAL B 26 24.23 -101.50 38.64
C VAL B 26 24.09 -102.94 38.14
N PHE B 27 23.08 -103.18 37.31
CA PHE B 27 22.83 -104.55 36.86
C PHE B 27 22.01 -104.51 35.59
N PRO B 28 22.13 -105.52 34.71
CA PRO B 28 21.36 -105.50 33.46
C PRO B 28 19.87 -105.61 33.71
N SER B 29 19.09 -105.02 32.80
CA SER B 29 17.63 -105.05 32.87
C SER B 29 17.11 -106.13 31.93
N ILE B 30 17.22 -107.38 32.38
CA ILE B 30 16.75 -108.53 31.63
C ILE B 30 15.92 -109.41 32.56
N VAL B 31 15.06 -110.23 31.95
CA VAL B 31 14.26 -111.21 32.68
C VAL B 31 14.41 -112.55 31.96
N GLY B 32 14.88 -113.57 32.68
CA GLY B 32 15.10 -114.89 32.10
C GLY B 32 14.06 -115.86 32.60
N ARG B 33 13.51 -116.64 31.67
CA ARG B 33 12.55 -117.67 32.00
C ARG B 33 13.13 -119.03 31.66
N PRO B 34 12.91 -120.04 32.50
CA PRO B 34 13.47 -121.36 32.22
C PRO B 34 12.86 -121.98 30.98
N ARG B 35 13.65 -122.84 30.33
CA ARG B 35 13.27 -123.42 29.05
C ARG B 35 13.05 -124.92 29.09
N HIS B 36 13.67 -125.64 30.01
CA HIS B 36 13.67 -127.09 30.02
C HIS B 36 12.77 -127.62 31.12
N GLN B 37 12.77 -128.95 31.28
CA GLN B 37 11.80 -129.60 32.14
C GLN B 37 12.10 -129.36 33.62
N GLY B 38 13.24 -129.83 34.10
CA GLY B 38 13.52 -129.82 35.52
C GLY B 38 13.21 -131.18 36.12
N VAL B 39 14.24 -131.93 36.50
CA VAL B 39 14.08 -133.34 36.82
C VAL B 39 14.35 -133.61 38.30
N MET B 40 15.19 -132.79 38.93
CA MET B 40 15.55 -133.03 40.31
C MET B 40 14.47 -132.54 41.26
N VAL B 41 14.41 -133.14 42.44
CA VAL B 41 13.37 -132.89 43.43
C VAL B 41 14.00 -132.17 44.62
N GLY B 42 13.29 -131.17 45.14
CA GLY B 42 13.76 -130.36 46.23
C GLY B 42 14.32 -129.02 45.82
N MET B 43 14.59 -128.83 44.52
CA MET B 43 15.27 -127.62 44.01
C MET B 43 14.52 -126.36 44.44
N GLY B 44 13.19 -126.38 44.47
CA GLY B 44 12.39 -125.18 44.76
C GLY B 44 12.12 -124.42 43.47
N GLN B 45 10.91 -124.54 42.93
CA GLN B 45 10.55 -123.95 41.60
C GLN B 45 10.75 -122.43 41.59
N LYS B 46 11.11 -121.86 40.44
CA LYS B 46 11.27 -120.39 40.27
C LYS B 46 10.70 -120.04 38.89
N ASP B 47 9.67 -119.20 38.81
CA ASP B 47 9.02 -118.92 37.54
C ASP B 47 9.93 -118.13 36.61
N SER B 48 10.74 -117.23 37.15
CA SER B 48 11.60 -116.39 36.33
C SER B 48 12.69 -115.77 37.17
N TYR B 49 13.92 -115.83 36.68
CA TYR B 49 15.04 -115.12 37.30
C TYR B 49 15.15 -113.72 36.73
N VAL B 50 15.63 -112.80 37.55
CA VAL B 50 15.69 -111.39 37.18
C VAL B 50 17.01 -110.79 37.64
N GLY B 51 17.60 -109.96 36.81
CA GLY B 51 18.78 -109.21 37.19
C GLY B 51 20.06 -109.90 36.79
N ASP B 52 20.99 -110.03 37.73
CA ASP B 52 22.30 -110.60 37.43
C ASP B 52 22.32 -112.12 37.55
N GLU B 53 21.46 -112.70 38.39
CA GLU B 53 21.40 -114.16 38.49
C GLU B 53 20.99 -114.77 37.15
N ALA B 54 20.08 -114.10 36.43
CA ALA B 54 19.72 -114.57 35.11
C ALA B 54 20.92 -114.54 34.17
N GLN B 55 21.70 -113.45 34.21
CA GLN B 55 22.93 -113.39 33.41
C GLN B 55 23.90 -114.49 33.79
N SER B 56 23.88 -114.91 35.06
CA SER B 56 24.80 -115.97 35.49
C SER B 56 24.41 -117.32 34.93
N LYS B 57 23.11 -117.60 34.82
CA LYS B 57 22.60 -118.89 34.39
C LYS B 57 21.97 -118.81 33.00
N ARG B 58 22.59 -118.06 32.10
CA ARG B 58 22.03 -117.83 30.77
C ARG B 58 21.96 -119.11 29.94
N GLY B 59 22.63 -120.18 30.37
CA GLY B 59 22.66 -121.39 29.55
C GLY B 59 21.28 -121.95 29.27
N ILE B 60 20.41 -121.97 30.29
CA ILE B 60 19.13 -122.67 30.19
C ILE B 60 17.97 -121.71 30.40
N LEU B 61 18.13 -120.46 29.98
CA LEU B 61 17.08 -119.46 30.10
C LEU B 61 16.86 -118.77 28.77
N THR B 62 15.67 -118.20 28.62
CA THR B 62 15.29 -117.42 27.43
C THR B 62 15.21 -115.96 27.86
N LEU B 63 16.35 -115.26 27.77
CA LEU B 63 16.43 -113.89 28.25
C LEU B 63 15.58 -112.96 27.39
N LYS B 64 14.84 -112.07 28.04
CA LYS B 64 14.01 -111.09 27.36
C LYS B 64 14.29 -109.71 27.93
N TYR B 65 14.14 -108.69 27.10
CA TYR B 65 14.38 -107.31 27.49
C TYR B 65 13.04 -106.59 27.63
N PRO B 66 12.65 -106.16 28.84
CA PRO B 66 11.35 -105.49 28.97
C PRO B 66 11.29 -104.15 28.25
N ILE B 67 12.41 -103.47 28.08
CA ILE B 67 12.45 -102.17 27.42
C ILE B 67 13.09 -102.34 26.05
N GLU B 68 12.72 -101.45 25.12
CA GLU B 68 13.32 -101.45 23.80
C GLU B 68 13.09 -100.09 23.16
N HIS B 69 14.15 -99.51 22.60
CA HIS B 69 14.08 -98.20 21.96
C HIS B 69 13.48 -97.16 22.89
N GLY B 70 13.84 -97.24 24.17
CA GLY B 70 13.30 -96.31 25.16
C GLY B 70 11.90 -96.63 25.62
N ILE B 71 11.00 -96.94 24.69
CA ILE B 71 9.63 -97.32 25.04
C ILE B 71 9.65 -98.60 25.86
N ILE B 72 8.63 -98.76 26.71
CA ILE B 72 8.47 -99.95 27.53
C ILE B 72 7.38 -100.82 26.91
N THR B 73 7.72 -102.07 26.61
CA THR B 73 6.81 -102.98 25.95
C THR B 73 6.08 -103.90 26.93
N ASN B 74 6.83 -104.58 27.80
CA ASN B 74 6.25 -105.47 28.79
C ASN B 74 6.26 -104.78 30.14
N TRP B 75 5.10 -104.78 30.82
CA TRP B 75 4.94 -104.05 32.07
C TRP B 75 5.13 -104.93 33.30
N ASP B 76 4.70 -106.18 33.25
CA ASP B 76 4.93 -107.09 34.38
C ASP B 76 6.42 -107.26 34.62
N ASP B 77 7.20 -107.47 33.56
CA ASP B 77 8.64 -107.62 33.70
C ASP B 77 9.27 -106.35 34.26
N MET B 78 8.83 -105.18 33.80
CA MET B 78 9.40 -103.94 34.31
C MET B 78 9.07 -103.75 35.79
N GLU B 79 7.85 -104.10 36.19
CA GLU B 79 7.51 -104.03 37.60
C GLU B 79 8.37 -104.99 38.42
N LYS B 80 8.63 -106.18 37.88
CA LYS B 80 9.52 -107.13 38.56
C LYS B 80 10.91 -106.54 38.72
N ILE B 81 11.42 -105.89 37.66
CA ILE B 81 12.75 -105.28 37.74
C ILE B 81 12.76 -104.21 38.83
N TRP B 82 11.73 -103.37 38.87
CA TRP B 82 11.70 -102.30 39.87
C TRP B 82 11.63 -102.87 41.28
N HIS B 83 10.82 -103.90 41.48
CA HIS B 83 10.74 -104.53 42.80
C HIS B 83 12.09 -105.11 43.21
N HIS B 84 12.75 -105.80 42.28
CA HIS B 84 14.07 -106.34 42.58
C HIS B 84 15.05 -105.24 42.93
N THR B 85 15.02 -104.12 42.21
CA THR B 85 15.94 -103.03 42.48
C THR B 85 15.69 -102.45 43.86
N PHE B 86 14.42 -102.25 44.24
CA PHE B 86 14.13 -101.57 45.50
C PHE B 86 14.39 -102.48 46.70
N TYR B 87 13.99 -103.75 46.62
CA TYR B 87 14.08 -104.62 47.80
C TYR B 87 15.38 -105.43 47.84
N ASN B 88 15.63 -106.24 46.81
CA ASN B 88 16.76 -107.17 46.87
C ASN B 88 18.09 -106.44 46.69
N GLU B 89 18.16 -105.49 45.75
CA GLU B 89 19.43 -104.87 45.39
C GLU B 89 19.79 -103.73 46.34
N LEU B 90 18.94 -102.70 46.41
CA LEU B 90 19.23 -101.56 47.27
C LEU B 90 19.02 -101.89 48.73
N ARG B 91 18.01 -102.72 49.04
CA ARG B 91 17.70 -103.10 50.42
C ARG B 91 17.23 -101.89 51.23
N VAL B 92 16.26 -101.16 50.68
CA VAL B 92 15.64 -100.03 51.38
C VAL B 92 14.16 -100.00 51.00
N ALA B 93 13.30 -99.90 52.01
CA ALA B 93 11.88 -99.82 51.74
C ALA B 93 11.58 -98.54 50.95
N PRO B 94 10.71 -98.60 49.93
CA PRO B 94 10.48 -97.43 49.09
C PRO B 94 9.54 -96.40 49.69
N GLU B 95 8.82 -96.73 50.76
CA GLU B 95 7.82 -95.82 51.29
C GLU B 95 8.45 -94.55 51.84
N GLU B 96 9.59 -94.66 52.52
CA GLU B 96 10.13 -93.51 53.22
C GLU B 96 10.63 -92.43 52.26
N HIS B 97 11.32 -92.84 51.18
CA HIS B 97 12.04 -91.87 50.37
C HIS B 97 11.29 -91.55 49.07
N PRO B 98 11.48 -90.35 48.53
CA PRO B 98 10.95 -90.05 47.18
C PRO B 98 11.76 -90.74 46.10
N THR B 99 11.47 -90.44 44.84
CA THR B 99 12.18 -91.09 43.74
C THR B 99 12.29 -90.13 42.56
N LEU B 100 13.39 -90.27 41.81
CA LEU B 100 13.64 -89.49 40.61
C LEU B 100 13.98 -90.44 39.47
N LEU B 101 13.25 -90.31 38.37
CA LEU B 101 13.40 -91.16 37.21
C LEU B 101 13.77 -90.32 36.00
N THR B 102 14.26 -91.00 34.96
CA THR B 102 14.71 -90.34 33.74
C THR B 102 14.05 -90.99 32.54
N GLU B 103 13.59 -90.17 31.60
CA GLU B 103 12.91 -90.65 30.40
C GLU B 103 13.41 -89.85 29.20
N ALA B 104 13.68 -90.55 28.11
CA ALA B 104 14.23 -89.92 26.92
C ALA B 104 13.20 -88.99 26.28
N PRO B 105 13.64 -87.97 25.55
CA PRO B 105 12.71 -87.01 24.96
C PRO B 105 11.92 -87.62 23.80
N LEU B 106 10.78 -86.98 23.52
CA LEU B 106 9.91 -87.33 22.39
C LEU B 106 9.30 -88.72 22.54
N ASN B 107 9.25 -89.25 23.76
CA ASN B 107 8.61 -90.54 23.99
C ASN B 107 7.11 -90.41 24.10
N PRO B 108 6.38 -91.50 23.95
CA PRO B 108 4.91 -91.43 24.04
C PRO B 108 4.44 -90.95 25.40
N LYS B 109 3.31 -90.24 25.39
CA LYS B 109 2.76 -89.70 26.62
C LYS B 109 2.36 -90.81 27.59
N ALA B 110 1.65 -91.83 27.09
CA ALA B 110 1.11 -92.88 27.94
C ALA B 110 2.16 -93.48 28.87
N ASN B 111 3.39 -93.63 28.35
CA ASN B 111 4.49 -94.16 29.16
C ASN B 111 4.60 -93.44 30.49
N ARG B 112 4.66 -92.11 30.44
CA ARG B 112 4.82 -91.31 31.66
C ARG B 112 3.69 -91.58 32.65
N GLU B 113 2.44 -91.53 32.18
CA GLU B 113 1.30 -91.78 33.07
C GLU B 113 1.39 -93.15 33.71
N LYS B 114 1.63 -94.19 32.90
CA LYS B 114 1.66 -95.54 33.43
C LYS B 114 2.78 -95.70 34.45
N MET B 115 3.96 -95.14 34.16
CA MET B 115 5.05 -95.16 35.12
C MET B 115 4.63 -94.50 36.43
N THR B 116 3.98 -93.33 36.33
CA THR B 116 3.51 -92.64 37.53
C THR B 116 2.57 -93.54 38.34
N GLN B 117 1.58 -94.12 37.67
CA GLN B 117 0.61 -94.95 38.38
C GLN B 117 1.29 -96.13 39.04
N ILE B 118 2.21 -96.79 38.33
CA ILE B 118 2.91 -97.93 38.91
C ILE B 118 3.81 -97.51 40.06
N MET B 119 4.25 -96.24 40.09
CA MET B 119 5.11 -95.76 41.16
C MET B 119 4.32 -95.15 42.33
N PHE B 120 3.01 -94.97 42.18
CA PHE B 120 2.18 -94.47 43.28
C PHE B 120 1.25 -95.52 43.85
N GLU B 121 0.44 -96.18 43.00
CA GLU B 121 -0.55 -97.11 43.51
C GLU B 121 0.10 -98.35 44.12
N THR B 122 1.13 -98.88 43.47
CA THR B 122 1.70 -100.17 43.87
C THR B 122 2.82 -100.01 44.89
N PHE B 123 3.76 -99.10 44.65
CA PHE B 123 4.93 -98.97 45.51
C PHE B 123 4.74 -97.94 46.61
N ASN B 124 3.91 -96.92 46.37
CA ASN B 124 3.49 -95.99 47.42
C ASN B 124 4.63 -95.09 47.88
N VAL B 125 5.41 -94.57 46.94
CA VAL B 125 6.45 -93.59 47.25
C VAL B 125 5.77 -92.27 47.60
N PRO B 126 6.33 -91.45 48.51
CA PRO B 126 5.66 -90.21 48.90
C PRO B 126 5.77 -89.10 47.88
N ALA B 127 6.70 -89.20 46.93
CA ALA B 127 6.85 -88.16 45.91
C ALA B 127 7.77 -88.68 44.83
N MET B 128 7.43 -88.39 43.58
CA MET B 128 8.19 -88.88 42.44
C MET B 128 8.34 -87.75 41.44
N TYR B 129 9.48 -87.72 40.76
CA TYR B 129 9.71 -86.75 39.69
C TYR B 129 10.39 -87.47 38.54
N VAL B 130 10.22 -86.93 37.33
CA VAL B 130 10.82 -87.49 36.12
C VAL B 130 11.47 -86.38 35.32
N ALA B 131 12.64 -86.66 34.76
CA ALA B 131 13.42 -85.66 34.04
C ALA B 131 13.92 -86.22 32.71
N ILE B 132 14.23 -85.29 31.80
CA ILE B 132 14.77 -85.65 30.49
C ILE B 132 16.22 -86.06 30.65
N GLN B 133 16.61 -87.15 29.98
CA GLN B 133 17.94 -87.69 30.15
C GLN B 133 19.02 -86.70 29.74
N ALA B 134 18.83 -86.02 28.61
CA ALA B 134 19.88 -85.14 28.09
C ALA B 134 20.16 -83.99 29.05
N VAL B 135 19.11 -83.41 29.64
CA VAL B 135 19.30 -82.23 30.48
C VAL B 135 20.19 -82.54 31.68
N LEU B 136 19.97 -83.70 32.32
CA LEU B 136 20.76 -84.04 33.50
C LEU B 136 22.25 -84.11 33.19
N SER B 137 22.62 -84.32 31.93
CA SER B 137 24.03 -84.42 31.58
C SER B 137 24.77 -83.11 31.83
N LEU B 138 24.09 -81.98 31.63
CA LEU B 138 24.77 -80.69 31.72
C LEU B 138 25.12 -80.33 33.15
N TYR B 139 24.35 -80.81 34.13
CA TYR B 139 24.75 -80.64 35.52
C TYR B 139 26.07 -81.36 35.80
N ALA B 140 26.19 -82.59 35.32
CA ALA B 140 27.42 -83.34 35.53
C ALA B 140 28.59 -82.68 34.81
N SER B 141 28.35 -82.20 33.58
CA SER B 141 29.43 -81.56 32.83
C SER B 141 29.93 -80.31 33.53
N GLY B 142 29.03 -79.50 34.08
CA GLY B 142 29.40 -78.31 34.81
C GLY B 142 29.20 -77.01 34.07
N ARG B 143 28.47 -77.01 32.95
CA ARG B 143 28.20 -75.80 32.19
C ARG B 143 26.69 -75.61 32.08
N THR B 144 26.28 -74.53 31.40
CA THR B 144 24.89 -74.27 31.10
C THR B 144 24.60 -74.12 29.63
N THR B 145 25.57 -73.70 28.82
CA THR B 145 25.41 -73.51 27.39
C THR B 145 26.10 -74.65 26.66
N GLY B 146 25.35 -75.36 25.83
CA GLY B 146 25.94 -76.51 25.16
C GLY B 146 24.91 -77.24 24.32
N ILE B 147 25.36 -78.34 23.73
CA ILE B 147 24.52 -79.23 22.94
C ILE B 147 24.89 -80.65 23.33
N VAL B 148 24.14 -81.24 24.27
CA VAL B 148 24.44 -82.60 24.69
C VAL B 148 24.13 -83.58 23.56
N LEU B 149 24.80 -84.73 23.60
CA LEU B 149 24.68 -85.75 22.56
C LEU B 149 24.56 -87.11 23.20
N ASP B 150 23.71 -87.22 24.23
CA ASP B 150 23.51 -88.48 24.92
C ASP B 150 23.21 -89.59 23.91
N SER B 151 23.98 -90.69 24.01
CA SER B 151 23.82 -91.84 23.14
C SER B 151 23.85 -93.10 24.01
N GLY B 152 22.69 -93.50 24.51
CA GLY B 152 22.58 -94.71 25.28
C GLY B 152 22.33 -95.90 24.38
N ASP B 153 22.11 -97.05 25.01
CA ASP B 153 21.58 -98.19 24.29
C ASP B 153 20.14 -97.92 23.88
N GLY B 154 19.74 -98.51 22.76
CA GLY B 154 18.39 -98.30 22.27
C GLY B 154 18.24 -97.12 21.33
N VAL B 155 18.53 -95.90 21.80
CA VAL B 155 18.29 -94.69 21.01
C VAL B 155 19.37 -93.65 21.31
N THR B 156 19.40 -92.61 20.48
CA THR B 156 20.34 -91.50 20.61
C THR B 156 19.60 -90.20 20.31
N HIS B 157 19.82 -89.18 21.14
CA HIS B 157 19.10 -87.92 20.98
C HIS B 157 20.02 -86.75 21.26
N ASN B 158 19.66 -85.60 20.67
CA ASN B 158 20.41 -84.35 20.79
C ASN B 158 19.49 -83.26 21.29
N VAL B 159 19.95 -82.54 22.31
CA VAL B 159 19.15 -81.50 22.95
C VAL B 159 20.00 -80.25 23.17
N PRO B 160 19.87 -79.21 22.35
CA PRO B 160 20.69 -78.01 22.56
C PRO B 160 20.07 -77.07 23.57
N ILE B 161 20.91 -76.55 24.47
CA ILE B 161 20.49 -75.60 25.49
C ILE B 161 21.41 -74.40 25.46
N TYR B 162 20.87 -73.23 25.80
CA TYR B 162 21.61 -71.99 25.79
C TYR B 162 21.15 -71.12 26.96
N GLU B 163 22.05 -70.86 27.90
CA GLU B 163 21.72 -70.08 29.09
C GLU B 163 20.52 -70.64 29.83
N GLY B 164 20.41 -71.96 29.86
CA GLY B 164 19.30 -72.60 30.54
C GLY B 164 17.95 -72.31 29.93
N TYR B 165 17.89 -72.24 28.60
CA TYR B 165 16.63 -72.09 27.86
C TYR B 165 16.61 -73.16 26.79
N ALA B 166 16.12 -74.35 27.14
CA ALA B 166 16.13 -75.47 26.21
C ALA B 166 15.30 -75.15 24.98
N LEU B 167 15.92 -75.22 23.82
CA LEU B 167 15.19 -75.05 22.56
C LEU B 167 14.48 -76.36 22.21
N PRO B 168 13.16 -76.37 22.13
CA PRO B 168 12.46 -77.66 21.90
C PRO B 168 12.37 -78.04 20.44
N HIS B 169 12.43 -77.07 19.53
CA HIS B 169 12.29 -77.37 18.11
C HIS B 169 13.57 -77.93 17.49
N ALA B 170 14.72 -77.72 18.14
CA ALA B 170 15.99 -78.25 17.63
C ALA B 170 16.32 -79.63 18.16
N ILE B 171 15.53 -80.16 19.10
CA ILE B 171 15.78 -81.50 19.61
C ILE B 171 15.68 -82.50 18.47
N MET B 172 16.57 -83.50 18.48
CA MET B 172 16.56 -84.55 17.46
C MET B 172 16.63 -85.91 18.13
N ARG B 173 16.01 -86.90 17.49
CA ARG B 173 15.92 -88.26 18.04
C ARG B 173 16.20 -89.25 16.92
N LEU B 174 16.84 -90.36 17.26
CA LEU B 174 17.23 -91.34 16.25
C LEU B 174 17.37 -92.70 16.93
N ASP B 175 17.04 -93.76 16.22
CA ASP B 175 16.94 -95.10 16.79
C ASP B 175 18.15 -95.97 16.47
N LEU B 176 19.34 -95.39 16.42
CA LEU B 176 20.58 -96.13 16.20
C LEU B 176 21.37 -96.14 17.50
N ALA B 177 21.66 -97.33 18.01
CA ALA B 177 22.31 -97.46 19.30
C ALA B 177 23.01 -98.82 19.38
N GLY B 178 23.40 -99.21 20.59
CA GLY B 178 24.27 -100.36 20.76
C GLY B 178 23.67 -101.69 20.29
N ARG B 179 22.36 -101.85 20.43
CA ARG B 179 21.74 -103.11 20.07
C ARG B 179 21.90 -103.39 18.57
N ASP B 180 21.70 -102.36 17.75
CA ASP B 180 21.91 -102.52 16.31
C ASP B 180 23.36 -102.87 16.00
N LEU B 181 24.31 -102.27 16.71
CA LEU B 181 25.71 -102.63 16.50
C LEU B 181 25.97 -104.07 16.87
N THR B 182 25.36 -104.56 17.95
CA THR B 182 25.53 -105.97 18.31
C THR B 182 25.00 -106.87 17.21
N ASP B 183 23.81 -106.55 16.70
CA ASP B 183 23.24 -107.37 15.62
C ASP B 183 24.12 -107.34 14.38
N TYR B 184 24.64 -106.16 14.03
CA TYR B 184 25.53 -106.06 12.88
C TYR B 184 26.82 -106.85 13.11
N LEU B 185 27.32 -106.83 14.34
CA LEU B 185 28.52 -107.60 14.65
C LEU B 185 28.27 -109.09 14.44
N MET B 186 27.11 -109.59 14.89
CA MET B 186 26.77 -110.97 14.60
C MET B 186 26.74 -111.23 13.10
N LYS B 187 26.07 -110.35 12.35
CA LYS B 187 25.88 -110.57 10.93
C LYS B 187 27.20 -110.60 10.18
N ILE B 188 28.15 -109.74 10.57
CA ILE B 188 29.42 -109.68 9.86
C ILE B 188 30.42 -110.71 10.38
N LEU B 189 30.32 -111.11 11.65
CA LEU B 189 31.10 -112.23 12.14
C LEU B 189 30.69 -113.53 11.47
N THR B 190 29.46 -113.58 10.94
CA THR B 190 29.05 -114.78 10.21
C THR B 190 30.01 -115.12 9.07
N GLU B 191 30.67 -114.12 8.47
CA GLU B 191 31.49 -114.40 7.30
C GLU B 191 32.64 -115.36 7.59
N ARG B 192 33.36 -115.12 8.69
CA ARG B 192 34.55 -115.92 8.95
C ARG B 192 34.22 -117.35 9.38
N GLY B 193 32.96 -117.65 9.68
CA GLY B 193 32.57 -118.99 10.03
C GLY B 193 31.85 -119.06 11.36
N TYR B 194 32.08 -118.07 12.22
CA TYR B 194 31.51 -118.07 13.55
C TYR B 194 30.04 -117.70 13.48
N SER B 195 29.16 -118.61 13.90
CA SER B 195 27.72 -118.43 13.80
C SER B 195 27.12 -118.34 15.21
N PHE B 196 26.58 -117.17 15.53
CA PHE B 196 25.93 -116.92 16.81
C PHE B 196 24.46 -116.62 16.56
N VAL B 197 23.58 -117.37 17.22
CA VAL B 197 22.14 -117.25 16.97
C VAL B 197 21.37 -116.99 18.26
N THR B 198 21.54 -117.84 19.27
CA THR B 198 20.72 -117.76 20.47
C THR B 198 21.00 -116.46 21.21
N THR B 199 20.11 -116.16 22.17
CA THR B 199 20.22 -114.91 22.92
C THR B 199 21.49 -114.86 23.76
N ALA B 200 21.85 -115.97 24.40
CA ALA B 200 23.09 -115.99 25.18
C ALA B 200 24.30 -115.78 24.27
N GLU B 201 24.26 -116.35 23.07
CA GLU B 201 25.33 -116.09 22.11
C GLU B 201 25.37 -114.61 21.73
N ARG B 202 24.21 -113.96 21.68
CA ARG B 202 24.19 -112.51 21.48
C ARG B 202 24.82 -111.80 22.66
N GLU B 203 24.62 -112.31 23.87
CA GLU B 203 25.26 -111.71 25.03
C GLU B 203 26.78 -111.83 24.94
N ILE B 204 27.26 -112.98 24.47
CA ILE B 204 28.70 -113.17 24.24
C ILE B 204 29.20 -112.19 23.18
N VAL B 205 28.43 -112.01 22.11
CA VAL B 205 28.82 -111.08 21.05
C VAL B 205 28.88 -109.66 21.60
N ARG B 206 28.00 -109.32 22.54
CA ARG B 206 28.04 -108.01 23.16
C ARG B 206 29.34 -107.81 23.93
N ASP B 207 29.79 -108.84 24.66
CA ASP B 207 31.06 -108.74 25.36
C ASP B 207 32.21 -108.59 24.36
N ILE B 208 32.17 -109.36 23.28
CA ILE B 208 33.17 -109.22 22.22
C ILE B 208 33.21 -107.79 21.72
N LYS B 209 32.03 -107.21 21.46
CA LYS B 209 31.95 -105.81 21.03
C LYS B 209 32.62 -104.90 22.05
N GLU B 210 32.25 -105.05 23.32
CA GLU B 210 32.76 -104.14 24.36
C GLU B 210 34.28 -104.18 24.40
N LYS B 211 34.86 -105.37 24.37
CA LYS B 211 36.30 -105.47 24.59
C LYS B 211 37.09 -105.02 23.35
N LEU B 212 36.80 -105.61 22.20
CA LEU B 212 37.60 -105.42 20.99
C LEU B 212 36.80 -104.62 19.97
N CYS B 213 36.89 -103.29 20.06
CA CYS B 213 36.36 -102.41 19.02
C CYS B 213 37.06 -101.06 19.14
N TYR B 214 37.12 -100.35 18.01
CA TYR B 214 37.62 -98.99 17.98
C TYR B 214 37.13 -98.32 16.71
N VAL B 215 37.21 -96.99 16.68
CA VAL B 215 36.74 -96.19 15.55
C VAL B 215 37.96 -95.64 14.82
N ALA B 216 38.05 -95.93 13.53
CA ALA B 216 39.16 -95.44 12.73
C ALA B 216 38.99 -93.96 12.42
N LEU B 217 40.11 -93.23 12.39
CA LEU B 217 40.07 -91.82 12.03
C LEU B 217 39.57 -91.64 10.60
N ASP B 218 40.07 -92.46 9.68
CA ASP B 218 39.57 -92.51 8.32
C ASP B 218 39.29 -93.97 7.96
N PHE B 219 38.30 -94.18 7.10
CA PHE B 219 37.75 -95.51 6.91
C PHE B 219 38.40 -96.26 5.76
N GLU B 220 38.46 -95.64 4.57
CA GLU B 220 39.02 -96.32 3.41
C GLU B 220 40.49 -96.65 3.60
N ASN B 221 41.26 -95.71 4.15
CA ASN B 221 42.68 -95.97 4.40
C ASN B 221 42.84 -97.10 5.40
N GLU B 222 41.99 -97.15 6.43
CA GLU B 222 42.06 -98.24 7.39
C GLU B 222 41.74 -99.58 6.73
N MET B 223 40.74 -99.60 5.84
CA MET B 223 40.46 -100.83 5.09
C MET B 223 41.66 -101.26 4.28
N ALA B 224 42.32 -100.32 3.59
CA ALA B 224 43.48 -100.67 2.79
C ALA B 224 44.60 -101.22 3.66
N THR B 225 44.86 -100.58 4.80
CA THR B 225 45.91 -101.05 5.69
C THR B 225 45.60 -102.44 6.24
N ALA B 226 44.33 -102.68 6.61
CA ALA B 226 43.96 -103.97 7.16
C ALA B 226 44.02 -105.08 6.11
N ALA B 227 43.68 -104.76 4.86
CA ALA B 227 43.74 -105.77 3.81
C ALA B 227 45.17 -106.08 3.41
N SER B 228 46.02 -105.05 3.28
CA SER B 228 47.39 -105.28 2.83
C SER B 228 48.17 -106.09 3.85
N SER B 229 48.17 -105.67 5.11
CA SER B 229 48.92 -106.32 6.16
C SER B 229 47.98 -107.16 7.03
N SER B 230 48.53 -107.74 8.10
CA SER B 230 47.77 -108.55 9.04
C SER B 230 48.09 -108.13 10.47
N SER B 231 48.16 -106.83 10.71
CA SER B 231 48.44 -106.29 12.03
C SER B 231 47.18 -105.95 12.82
N LEU B 232 46.06 -105.74 12.15
CA LEU B 232 44.79 -105.41 12.82
C LEU B 232 44.00 -106.68 13.12
N GLU B 233 44.62 -107.63 13.79
CA GLU B 233 43.97 -108.88 14.18
C GLU B 233 44.08 -109.07 15.69
N LYS B 234 42.99 -109.51 16.30
CA LYS B 234 42.95 -109.75 17.74
C LYS B 234 42.36 -111.13 18.02
N SER B 235 42.80 -111.73 19.11
CA SER B 235 42.35 -113.07 19.50
C SER B 235 41.57 -112.98 20.80
N TYR B 236 40.37 -113.56 20.80
CA TYR B 236 39.49 -113.55 21.95
C TYR B 236 39.09 -114.99 22.27
N GLU B 237 38.74 -115.24 23.53
CA GLU B 237 38.47 -116.59 24.00
C GLU B 237 37.03 -116.71 24.47
N LEU B 238 36.31 -117.69 23.93
CA LEU B 238 34.95 -117.96 24.33
C LEU B 238 34.90 -118.66 25.68
N PRO B 239 33.72 -118.78 26.28
CA PRO B 239 33.61 -119.60 27.50
C PRO B 239 33.89 -121.08 27.27
N ASP B 240 33.82 -121.56 26.04
CA ASP B 240 34.00 -122.97 25.72
C ASP B 240 35.44 -123.29 25.32
N GLY B 241 36.39 -122.46 25.73
CA GLY B 241 37.79 -122.72 25.39
C GLY B 241 38.09 -122.69 23.91
N GLN B 242 37.42 -121.82 23.16
CA GLN B 242 37.67 -121.66 21.74
C GLN B 242 38.14 -120.23 21.47
N VAL B 243 38.94 -120.07 20.42
CA VAL B 243 39.59 -118.80 20.11
C VAL B 243 39.00 -118.25 18.82
N ILE B 244 38.42 -117.06 18.90
CA ILE B 244 38.00 -116.28 17.75
C ILE B 244 39.14 -115.33 17.37
N THR B 245 39.28 -115.08 16.07
CA THR B 245 40.28 -114.14 15.55
C THR B 245 39.57 -113.11 14.70
N ILE B 246 39.49 -111.88 15.20
CA ILE B 246 38.76 -110.79 14.55
C ILE B 246 39.74 -109.92 13.80
N GLY B 247 39.36 -109.52 12.59
CA GLY B 247 40.17 -108.66 11.75
C GLY B 247 39.51 -107.32 11.49
N ASN B 248 38.99 -107.13 10.27
CA ASN B 248 38.38 -105.86 9.91
C ASN B 248 37.20 -105.53 10.81
N GLU B 249 36.42 -106.55 11.21
CA GLU B 249 35.20 -106.29 11.97
C GLU B 249 35.45 -105.47 13.23
N ARG B 250 36.70 -105.26 13.64
CA ARG B 250 36.96 -104.43 14.80
C ARG B 250 36.45 -103.02 14.60
N PHE B 251 36.55 -102.48 13.38
CA PHE B 251 36.12 -101.10 13.13
C PHE B 251 35.03 -101.01 12.06
N ARG B 252 34.36 -102.13 11.74
CA ARG B 252 33.16 -102.06 10.92
C ARG B 252 31.89 -102.01 11.74
N CYS B 253 31.95 -102.43 13.01
CA CYS B 253 30.76 -102.32 13.86
C CYS B 253 30.47 -100.87 14.21
N PRO B 254 31.35 -100.15 14.91
CA PRO B 254 31.04 -98.76 15.27
C PRO B 254 30.90 -97.84 14.07
N GLU B 255 31.49 -98.20 12.93
CA GLU B 255 31.38 -97.35 11.75
C GLU B 255 29.94 -97.18 11.31
N THR B 256 29.05 -98.08 11.72
CA THR B 256 27.63 -97.94 11.40
C THR B 256 27.08 -96.63 11.92
N LEU B 257 27.67 -96.07 12.97
CA LEU B 257 27.17 -94.82 13.53
C LEU B 257 27.27 -93.68 12.54
N PHE B 258 28.39 -93.59 11.82
CA PHE B 258 28.63 -92.49 10.89
C PHE B 258 28.11 -92.79 9.49
N GLN B 259 27.74 -94.03 9.20
CA GLN B 259 27.21 -94.42 7.89
C GLN B 259 26.03 -95.36 8.11
N PRO B 260 24.88 -94.83 8.49
CA PRO B 260 23.73 -95.70 8.82
C PRO B 260 23.20 -96.49 7.64
N SER B 261 23.79 -96.38 6.45
CA SER B 261 23.33 -97.16 5.31
C SER B 261 23.81 -98.61 5.35
N PHE B 262 24.67 -98.97 6.30
CA PHE B 262 25.09 -100.36 6.43
C PHE B 262 23.92 -101.24 6.82
N ILE B 263 23.05 -100.75 7.70
CA ILE B 263 21.93 -101.53 8.21
C ILE B 263 20.69 -101.40 7.34
N GLY B 264 20.77 -100.64 6.25
CA GLY B 264 19.61 -100.37 5.42
C GLY B 264 18.84 -99.14 5.81
N MET B 265 19.21 -98.48 6.91
CA MET B 265 18.55 -97.24 7.29
C MET B 265 18.84 -96.15 6.25
N GLU B 266 18.19 -95.01 6.42
CA GLU B 266 18.30 -93.91 5.48
C GLU B 266 18.77 -92.60 6.10
N SER B 267 18.61 -92.43 7.41
CA SER B 267 19.03 -91.19 8.04
C SER B 267 20.54 -90.98 7.85
N ALA B 268 20.98 -89.77 8.18
CA ALA B 268 22.38 -89.40 8.06
C ALA B 268 23.14 -89.75 9.34
N GLY B 269 24.46 -89.79 9.24
CA GLY B 269 25.29 -90.12 10.38
C GLY B 269 25.05 -89.17 11.53
N ILE B 270 25.67 -89.44 12.69
CA ILE B 270 25.38 -88.63 13.86
C ILE B 270 26.01 -87.24 13.75
N HIS B 271 27.13 -87.11 13.03
CA HIS B 271 27.72 -85.80 12.84
C HIS B 271 26.77 -84.87 12.09
N GLU B 272 26.08 -85.40 11.09
CA GLU B 272 25.13 -84.59 10.33
C GLU B 272 23.95 -84.19 11.20
N THR B 273 23.48 -85.08 12.07
CA THR B 273 22.38 -84.71 12.95
C THR B 273 22.81 -83.61 13.92
N THR B 274 24.02 -83.70 14.46
CA THR B 274 24.52 -82.65 15.34
C THR B 274 24.63 -81.32 14.60
N TYR B 275 25.17 -81.34 13.39
CA TYR B 275 25.29 -80.12 12.61
C TYR B 275 23.92 -79.54 12.28
N ASN B 276 22.96 -80.38 11.93
CA ASN B 276 21.62 -79.89 11.61
C ASN B 276 20.96 -79.29 12.85
N SER B 277 21.14 -79.93 14.01
CA SER B 277 20.62 -79.36 15.25
C SER B 277 21.23 -77.98 15.49
N ILE B 278 22.53 -77.85 15.26
CA ILE B 278 23.18 -76.56 15.48
C ILE B 278 22.65 -75.51 14.51
N MET B 279 22.44 -75.88 13.24
CA MET B 279 21.94 -74.94 12.24
C MET B 279 20.43 -74.78 12.26
N LYS B 280 19.73 -75.45 13.17
CA LYS B 280 18.30 -75.22 13.34
C LYS B 280 17.99 -74.20 14.44
N CYS B 281 19.01 -73.77 15.19
CA CYS B 281 18.83 -72.73 16.20
C CYS B 281 19.01 -71.35 15.57
N ASP B 282 19.04 -70.33 16.41
CA ASP B 282 19.19 -68.96 15.94
C ASP B 282 20.62 -68.71 15.46
N ILE B 283 20.80 -67.58 14.76
CA ILE B 283 22.11 -67.26 14.21
C ILE B 283 23.08 -66.87 15.31
N ASP B 284 22.62 -66.14 16.33
CA ASP B 284 23.52 -65.53 17.29
C ASP B 284 24.11 -66.52 18.29
N ILE B 285 23.53 -67.70 18.45
CA ILE B 285 23.97 -68.65 19.47
C ILE B 285 24.73 -69.83 18.90
N ARG B 286 24.92 -69.88 17.58
CA ARG B 286 25.58 -71.04 16.98
C ARG B 286 27.03 -71.16 17.40
N LYS B 287 27.73 -70.04 17.57
CA LYS B 287 29.14 -70.10 17.94
C LYS B 287 29.33 -70.76 19.30
N ASP B 288 28.48 -70.39 20.27
CA ASP B 288 28.61 -70.96 21.60
C ASP B 288 28.36 -72.47 21.58
N LEU B 289 27.35 -72.91 20.84
CA LEU B 289 27.10 -74.35 20.75
C LEU B 289 28.26 -75.06 20.07
N TYR B 290 28.85 -74.45 19.05
CA TYR B 290 30.06 -75.03 18.46
C TYR B 290 31.14 -75.19 19.51
N ALA B 291 31.34 -74.17 20.35
CA ALA B 291 32.45 -74.20 21.29
C ALA B 291 32.32 -75.35 22.28
N ASN B 292 31.10 -75.65 22.73
CA ASN B 292 30.85 -76.59 23.82
C ASN B 292 29.95 -77.73 23.34
N ASN B 293 30.55 -78.79 22.83
CA ASN B 293 29.84 -80.04 22.61
C ASN B 293 30.06 -80.98 23.80
N VAL B 294 29.11 -81.87 24.02
CA VAL B 294 29.14 -82.77 25.17
C VAL B 294 28.75 -84.16 24.72
N MET B 295 29.42 -85.17 25.27
CA MET B 295 29.13 -86.57 25.00
C MET B 295 28.70 -87.25 26.29
N SER B 296 27.81 -88.23 26.16
CA SER B 296 27.34 -89.00 27.31
C SER B 296 27.07 -90.42 26.85
N GLY B 297 26.49 -91.23 27.73
CA GLY B 297 26.07 -92.57 27.39
C GLY B 297 27.21 -93.54 27.19
N GLY B 298 26.93 -94.83 27.36
CA GLY B 298 27.97 -95.83 27.21
C GLY B 298 28.46 -95.97 25.79
N THR B 299 27.56 -95.84 24.81
CA THR B 299 27.92 -96.10 23.42
C THR B 299 29.04 -95.21 22.93
N THR B 300 29.32 -94.11 23.62
CA THR B 300 30.37 -93.18 23.21
C THR B 300 31.68 -93.44 23.94
N MET B 301 31.97 -94.70 24.25
CA MET B 301 33.22 -95.09 24.87
C MET B 301 34.18 -95.79 23.90
N TYR B 302 33.83 -95.85 22.63
CA TYR B 302 34.73 -96.44 21.65
C TYR B 302 36.02 -95.61 21.58
N PRO B 303 37.19 -96.24 21.64
CA PRO B 303 38.45 -95.46 21.54
C PRO B 303 38.55 -94.76 20.21
N GLY B 304 38.63 -93.44 20.24
CA GLY B 304 38.83 -92.63 19.06
C GLY B 304 37.58 -91.97 18.50
N ILE B 305 36.44 -92.07 19.19
CA ILE B 305 35.23 -91.44 18.69
C ILE B 305 35.33 -89.93 18.76
N ALA B 306 35.97 -89.39 19.81
CA ALA B 306 36.07 -87.95 19.96
C ALA B 306 36.83 -87.32 18.79
N ASP B 307 37.95 -87.92 18.41
CA ASP B 307 38.76 -87.36 17.33
C ASP B 307 37.99 -87.35 16.02
N ARG B 308 37.32 -88.45 15.69
CA ARG B 308 36.56 -88.51 14.45
C ARG B 308 35.39 -87.52 14.48
N MET B 309 34.72 -87.40 15.62
CA MET B 309 33.64 -86.43 15.73
C MET B 309 34.14 -85.02 15.48
N GLN B 310 35.25 -84.66 16.11
CA GLN B 310 35.79 -83.31 15.93
C GLN B 310 36.19 -83.08 14.48
N LYS B 311 36.86 -84.06 13.87
CA LYS B 311 37.30 -83.90 12.49
C LYS B 311 36.10 -83.72 11.56
N GLU B 312 35.08 -84.54 11.71
CA GLU B 312 33.93 -84.46 10.81
C GLU B 312 33.18 -83.14 11.00
N ILE B 313 32.96 -82.72 12.24
CA ILE B 313 32.24 -81.47 12.46
C ILE B 313 33.05 -80.29 11.93
N THR B 314 34.38 -80.31 12.13
CA THR B 314 35.21 -79.24 11.60
C THR B 314 35.14 -79.19 10.08
N ALA B 315 35.15 -80.36 9.43
CA ALA B 315 35.03 -80.38 7.98
C ALA B 315 33.68 -79.84 7.53
N LEU B 316 32.62 -80.18 8.26
CA LEU B 316 31.28 -79.74 7.86
C LEU B 316 31.06 -78.26 8.15
N ALA B 317 31.50 -77.79 9.32
CA ALA B 317 31.19 -76.44 9.74
C ALA B 317 32.11 -75.42 9.08
N PRO B 318 31.71 -74.15 9.04
CA PRO B 318 32.55 -73.12 8.45
C PRO B 318 33.83 -72.91 9.25
N SER B 319 34.84 -72.38 8.56
CA SER B 319 36.08 -72.03 9.24
C SER B 319 35.85 -70.82 10.14
N THR B 320 36.89 -70.41 10.85
CA THR B 320 36.85 -69.25 11.74
C THR B 320 36.07 -69.56 13.01
N MET B 321 35.50 -70.76 13.10
CA MET B 321 34.77 -71.21 14.27
C MET B 321 35.55 -72.36 14.92
N LYS B 322 35.72 -72.29 16.24
CA LYS B 322 36.50 -73.26 16.98
C LYS B 322 35.57 -74.30 17.60
N ILE B 323 35.90 -75.58 17.40
CA ILE B 323 35.08 -76.69 17.83
C ILE B 323 35.87 -77.52 18.84
N LYS B 324 35.24 -77.82 19.97
CA LYS B 324 35.80 -78.73 20.96
C LYS B 324 34.72 -79.74 21.36
N ILE B 325 35.14 -80.98 21.58
CA ILE B 325 34.22 -82.04 22.00
C ILE B 325 34.51 -82.38 23.44
N ILE B 326 33.77 -81.77 24.37
CA ILE B 326 33.96 -82.04 25.78
C ILE B 326 33.55 -83.49 26.03
N ALA B 327 34.53 -84.35 26.25
CA ALA B 327 34.32 -85.79 26.39
C ALA B 327 35.05 -86.29 27.63
N PRO B 328 34.56 -85.96 28.81
CA PRO B 328 35.26 -86.33 30.03
C PRO B 328 35.25 -87.83 30.23
N PRO B 329 36.16 -88.36 31.04
CA PRO B 329 36.10 -89.79 31.37
C PRO B 329 34.83 -90.11 32.16
N GLU B 330 34.65 -91.37 32.55
CA GLU B 330 33.49 -91.80 33.30
C GLU B 330 32.20 -91.17 32.78
N ARG B 331 32.15 -90.90 31.47
CA ARG B 331 30.93 -90.40 30.87
C ARG B 331 29.78 -91.39 30.98
N LYS B 332 30.09 -92.68 31.17
CA LYS B 332 29.05 -93.70 31.23
C LYS B 332 27.97 -93.34 32.23
N TYR B 333 28.36 -92.91 33.42
CA TYR B 333 27.44 -92.59 34.49
C TYR B 333 27.00 -91.13 34.48
N SER B 334 27.42 -90.36 33.48
CA SER B 334 27.22 -88.91 33.51
C SER B 334 25.77 -88.56 33.79
N VAL B 335 24.83 -89.18 33.05
CA VAL B 335 23.43 -88.86 33.24
C VAL B 335 23.04 -89.06 34.70
N TRP B 336 23.41 -90.22 35.25
CA TRP B 336 23.06 -90.48 36.65
C TRP B 336 23.71 -89.45 37.57
N ILE B 337 24.96 -89.10 37.29
CA ILE B 337 25.64 -88.12 38.13
C ILE B 337 24.88 -86.81 38.13
N GLY B 338 24.19 -86.49 37.03
CA GLY B 338 23.35 -85.31 37.04
C GLY B 338 22.22 -85.43 38.03
N GLY B 339 21.51 -86.56 38.00
CA GLY B 339 20.32 -86.69 38.81
C GLY B 339 20.59 -86.47 40.27
N SER B 340 21.63 -87.11 40.80
CA SER B 340 21.96 -86.91 42.20
C SER B 340 22.20 -85.45 42.50
N ILE B 341 22.98 -84.77 41.66
CA ILE B 341 23.18 -83.34 41.86
C ILE B 341 21.84 -82.63 41.86
N LEU B 342 20.98 -82.95 40.90
CA LEU B 342 19.68 -82.28 40.82
C LEU B 342 18.88 -82.55 42.08
N ALA B 343 19.00 -83.75 42.65
CA ALA B 343 18.28 -84.05 43.89
C ALA B 343 18.82 -83.20 45.04
N SER B 344 20.14 -82.98 45.08
CA SER B 344 20.73 -82.30 46.22
C SER B 344 20.25 -80.85 46.31
N LEU B 345 20.15 -80.17 45.18
CA LEU B 345 19.84 -78.75 45.14
C LEU B 345 18.65 -78.40 46.02
N SER B 346 18.80 -77.34 46.83
CA SER B 346 17.74 -76.94 47.74
C SER B 346 16.50 -76.48 47.00
N THR B 347 16.67 -75.70 45.93
CA THR B 347 15.52 -75.20 45.18
C THR B 347 14.68 -76.37 44.66
N PHE B 348 15.34 -77.34 44.04
CA PHE B 348 14.61 -78.47 43.46
C PHE B 348 13.77 -79.21 44.48
N GLN B 349 14.09 -79.09 45.77
CA GLN B 349 13.31 -79.79 46.78
C GLN B 349 11.90 -79.23 46.91
N GLN B 350 11.52 -78.24 46.09
CA GLN B 350 10.15 -77.75 46.07
C GLN B 350 9.37 -78.22 44.84
N MET B 351 10.02 -78.92 43.91
CA MET B 351 9.43 -79.23 42.61
C MET B 351 8.90 -80.66 42.50
N TRP B 352 8.90 -81.43 43.58
CA TRP B 352 8.37 -82.78 43.49
C TRP B 352 6.87 -82.77 43.22
N ILE B 353 6.33 -83.96 42.95
CA ILE B 353 4.89 -84.14 42.76
C ILE B 353 4.37 -85.02 43.91
N THR B 354 3.91 -84.38 44.98
CA THR B 354 3.45 -85.11 46.16
C THR B 354 2.31 -86.06 45.78
N LYS B 355 2.11 -87.06 46.64
CA LYS B 355 1.09 -88.08 46.35
C LYS B 355 -0.30 -87.47 46.31
N GLN B 356 -0.62 -86.59 47.26
CA GLN B 356 -1.95 -85.98 47.27
C GLN B 356 -2.18 -85.14 46.03
N GLU B 357 -1.15 -84.52 45.49
CA GLU B 357 -1.30 -83.75 44.26
C GLU B 357 -1.74 -84.65 43.12
N TYR B 358 -1.13 -85.82 42.98
CA TYR B 358 -1.55 -86.75 41.93
C TYR B 358 -2.94 -87.30 42.20
N ASP B 359 -3.27 -87.54 43.48
CA ASP B 359 -4.60 -88.05 43.81
C ASP B 359 -5.67 -87.04 43.42
N GLU B 360 -5.41 -85.75 43.64
CA GLU B 360 -6.42 -84.74 43.33
C GLU B 360 -6.43 -84.39 41.84
N ALA B 361 -5.32 -83.89 41.31
CA ALA B 361 -5.30 -83.39 39.94
C ALA B 361 -5.57 -84.50 38.93
N GLY B 362 -4.96 -85.66 39.13
CA GLY B 362 -5.12 -86.77 38.21
C GLY B 362 -3.86 -87.05 37.42
N PRO B 363 -3.94 -87.98 36.47
CA PRO B 363 -2.73 -88.35 35.70
C PRO B 363 -2.10 -87.19 34.95
N SER B 364 -2.88 -86.20 34.52
CA SER B 364 -2.34 -85.13 33.68
C SER B 364 -1.25 -84.33 34.39
N ILE B 365 -1.18 -84.40 35.73
CA ILE B 365 -0.24 -83.58 36.49
C ILE B 365 1.14 -83.64 35.87
N VAL B 366 1.66 -84.85 35.63
CA VAL B 366 3.06 -84.98 35.21
C VAL B 366 3.30 -84.24 33.90
N HIS B 367 2.30 -84.22 33.02
CA HIS B 367 2.50 -83.61 31.71
C HIS B 367 2.45 -82.09 31.76
N ARG B 368 2.02 -81.47 32.86
CA ARG B 368 1.95 -80.02 32.89
C ARG B 368 3.33 -79.40 32.68
N LYS B 369 4.38 -80.03 33.22
CA LYS B 369 5.74 -79.54 33.06
C LYS B 369 6.48 -80.21 31.92
N CYS B 370 5.82 -81.10 31.17
CA CYS B 370 6.48 -81.80 30.07
C CYS B 370 6.92 -80.82 28.98
N THR C 1 -1.56 -70.52 -33.03
CA THR C 1 -0.81 -71.38 -32.12
C THR C 1 -1.33 -71.24 -30.70
N THR C 2 -1.01 -72.22 -29.86
CA THR C 2 -1.36 -72.22 -28.45
C THR C 2 -0.10 -72.07 -27.61
N ALA C 3 -0.17 -71.23 -26.59
CA ALA C 3 0.97 -70.93 -25.73
C ALA C 3 0.87 -71.73 -24.44
N LEU C 4 1.89 -72.54 -24.17
CA LEU C 4 1.92 -73.31 -22.93
C LEU C 4 1.92 -72.35 -21.74
N VAL C 5 1.24 -72.77 -20.67
CA VAL C 5 1.25 -72.04 -19.39
C VAL C 5 1.64 -73.05 -18.33
N CYS C 6 2.93 -73.16 -18.06
CA CYS C 6 3.42 -74.01 -16.97
C CYS C 6 3.49 -73.18 -15.70
N ASP C 7 3.20 -73.83 -14.57
CA ASP C 7 3.33 -73.20 -13.26
C ASP C 7 4.21 -74.10 -12.40
N ASN C 8 5.51 -73.94 -12.54
CA ASN C 8 6.44 -74.59 -11.62
C ASN C 8 6.18 -74.16 -10.20
N GLY C 9 5.72 -75.08 -9.37
CA GLY C 9 5.41 -74.80 -7.98
C GLY C 9 6.51 -75.26 -7.04
N SER C 10 6.21 -75.18 -5.75
CA SER C 10 7.12 -75.69 -4.73
C SER C 10 6.82 -77.12 -4.34
N GLY C 11 5.61 -77.61 -4.62
CA GLY C 11 5.25 -78.97 -4.27
C GLY C 11 4.48 -79.70 -5.35
N LEU C 12 4.14 -79.01 -6.44
CA LEU C 12 3.44 -79.64 -7.56
C LEU C 12 3.73 -78.87 -8.83
N VAL C 13 3.60 -79.56 -9.96
CA VAL C 13 3.79 -78.99 -11.29
C VAL C 13 2.48 -79.12 -12.05
N LYS C 14 1.98 -78.01 -12.56
CA LYS C 14 0.74 -77.95 -13.34
C LYS C 14 1.08 -77.35 -14.69
N ALA C 15 0.87 -78.12 -15.75
CA ALA C 15 1.22 -77.68 -17.10
C ALA C 15 0.03 -77.89 -18.02
N GLY C 16 -0.23 -76.90 -18.86
CA GLY C 16 -1.35 -76.97 -19.76
C GLY C 16 -1.25 -75.95 -20.86
N PHE C 17 -2.30 -75.87 -21.66
CA PHE C 17 -2.37 -74.97 -22.79
C PHE C 17 -3.27 -73.78 -22.45
N ALA C 18 -3.14 -72.72 -23.24
CA ALA C 18 -3.98 -71.55 -23.05
C ALA C 18 -5.41 -71.84 -23.49
N GLY C 19 -6.32 -70.98 -23.04
CA GLY C 19 -7.72 -71.14 -23.40
C GLY C 19 -8.33 -72.44 -22.91
N ASP C 20 -7.96 -72.88 -21.71
CA ASP C 20 -8.55 -74.05 -21.08
C ASP C 20 -8.97 -73.69 -19.66
N ASP C 21 -9.67 -74.62 -19.02
CA ASP C 21 -10.22 -74.42 -17.69
C ASP C 21 -9.50 -75.23 -16.62
N ALA C 22 -8.50 -76.02 -16.99
CA ALA C 22 -7.76 -76.83 -16.04
C ALA C 22 -6.42 -77.21 -16.66
N PRO C 23 -5.41 -77.51 -15.85
CA PRO C 23 -4.12 -77.91 -16.41
C PRO C 23 -4.24 -79.24 -17.14
N ARG C 24 -3.52 -79.35 -18.26
CA ARG C 24 -3.56 -80.59 -19.02
C ARG C 24 -2.97 -81.74 -18.21
N ALA C 25 -1.86 -81.49 -17.51
CA ALA C 25 -1.24 -82.47 -16.65
C ALA C 25 -0.85 -81.82 -15.33
N VAL C 26 -0.98 -82.58 -14.25
CA VAL C 26 -0.57 -82.14 -12.92
C VAL C 26 0.11 -83.31 -12.22
N PHE C 27 1.31 -83.07 -11.67
CA PHE C 27 2.07 -84.15 -11.08
C PHE C 27 3.09 -83.57 -10.11
N PRO C 28 3.51 -84.33 -9.09
CA PRO C 28 4.45 -83.80 -8.11
C PRO C 28 5.81 -83.50 -8.71
N SER C 29 6.49 -82.52 -8.12
CA SER C 29 7.83 -82.12 -8.54
C SER C 29 8.85 -82.76 -7.60
N ILE C 30 9.10 -84.05 -7.81
CA ILE C 30 10.09 -84.79 -7.04
C ILE C 30 10.97 -85.58 -8.01
N VAL C 31 12.14 -85.96 -7.51
CA VAL C 31 13.06 -86.83 -8.25
C VAL C 31 13.53 -87.92 -7.30
N GLY C 32 13.31 -89.18 -7.68
CA GLY C 32 13.68 -90.31 -6.85
C GLY C 32 14.88 -91.03 -7.43
N ARG C 33 15.83 -91.37 -6.57
CA ARG C 33 17.00 -92.13 -6.97
C ARG C 33 17.01 -93.48 -6.27
N PRO C 34 17.42 -94.54 -6.97
CA PRO C 34 17.42 -95.86 -6.33
C PRO C 34 18.42 -95.94 -5.19
N ARG C 35 18.11 -96.81 -4.24
CA ARG C 35 18.89 -96.94 -3.02
C ARG C 35 19.60 -98.28 -2.87
N HIS C 36 19.10 -99.34 -3.49
CA HIS C 36 19.56 -100.69 -3.25
C HIS C 36 20.35 -101.20 -4.46
N GLN C 37 20.76 -102.47 -4.38
CA GLN C 37 21.73 -103.01 -5.34
C GLN C 37 21.11 -103.20 -6.72
N GLY C 38 20.13 -104.10 -6.83
CA GLY C 38 19.64 -104.51 -8.13
C GLY C 38 20.26 -105.83 -8.55
N VAL C 39 19.49 -106.91 -8.51
CA VAL C 39 20.05 -108.25 -8.62
C VAL C 39 19.61 -108.94 -9.91
N MET C 40 18.46 -108.54 -10.43
CA MET C 40 17.93 -109.20 -11.62
C MET C 40 18.59 -108.66 -12.88
N VAL C 41 18.59 -109.49 -13.92
CA VAL C 41 19.26 -109.20 -15.18
C VAL C 41 18.21 -109.00 -16.27
N GLY C 42 18.45 -108.01 -17.12
CA GLY C 42 17.53 -107.65 -18.18
C GLY C 42 16.66 -106.45 -17.88
N MET C 43 16.61 -106.04 -16.62
CA MET C 43 15.77 -104.90 -16.25
C MET C 43 16.24 -103.63 -16.95
N GLY C 44 17.53 -103.46 -17.11
CA GLY C 44 18.06 -102.21 -17.70
C GLY C 44 18.07 -101.13 -16.66
N GLN C 45 19.23 -100.86 -16.06
CA GLN C 45 19.37 -99.87 -14.96
C GLN C 45 18.88 -98.49 -15.37
N LYS C 46 18.11 -97.81 -14.52
CA LYS C 46 17.67 -96.43 -14.76
C LYS C 46 18.23 -95.62 -13.61
N ASP C 47 18.87 -94.50 -13.88
CA ASP C 47 19.58 -93.72 -12.84
C ASP C 47 18.58 -93.05 -11.91
N SER C 48 17.52 -92.45 -12.42
CA SER C 48 16.61 -91.70 -11.55
C SER C 48 15.22 -91.67 -12.17
N TYR C 49 14.20 -91.94 -11.36
CA TYR C 49 12.82 -91.79 -11.77
C TYR C 49 12.34 -90.39 -11.43
N VAL C 50 11.42 -89.87 -12.23
CA VAL C 50 10.96 -88.49 -12.12
C VAL C 50 9.46 -88.43 -12.31
N GLY C 51 8.80 -87.60 -11.52
CA GLY C 51 7.39 -87.33 -11.72
C GLY C 51 6.53 -88.24 -10.86
N ASP C 52 5.55 -88.89 -11.49
CA ASP C 52 4.60 -89.74 -10.79
C ASP C 52 5.09 -91.16 -10.61
N GLU C 53 5.90 -91.67 -11.54
CA GLU C 53 6.40 -93.03 -11.40
C GLU C 53 7.27 -93.17 -10.16
N ALA C 54 8.02 -92.13 -9.82
CA ALA C 54 8.77 -92.14 -8.56
C ALA C 54 7.83 -92.24 -7.37
N GLN C 55 6.74 -91.47 -7.39
CA GLN C 55 5.74 -91.58 -6.32
C GLN C 55 5.14 -92.96 -6.25
N SER C 56 5.05 -93.65 -7.39
CA SER C 56 4.48 -95.00 -7.40
C SER C 56 5.42 -96.00 -6.73
N LYS C 57 6.72 -95.84 -6.93
CA LYS C 57 7.72 -96.78 -6.44
C LYS C 57 8.55 -96.19 -5.30
N ARG C 58 7.89 -95.46 -4.40
CA ARG C 58 8.60 -94.77 -3.32
C ARG C 58 9.26 -95.74 -2.35
N GLY C 59 8.91 -97.03 -2.40
CA GLY C 59 9.46 -97.96 -1.43
C GLY C 59 10.97 -98.03 -1.44
N ILE C 60 11.57 -98.02 -2.62
CA ILE C 60 13.01 -98.26 -2.77
C ILE C 60 13.70 -97.07 -3.43
N LEU C 61 13.19 -95.87 -3.19
CA LEU C 61 13.79 -94.65 -3.73
C LEU C 61 14.02 -93.64 -2.61
N THR C 62 14.96 -92.73 -2.87
CA THR C 62 15.26 -91.63 -1.96
C THR C 62 14.76 -90.34 -2.61
N LEU C 63 13.51 -90.00 -2.35
CA LEU C 63 12.87 -88.88 -3.02
C LEU C 63 13.50 -87.56 -2.57
N LYS C 64 13.75 -86.68 -3.54
CA LYS C 64 14.31 -85.36 -3.27
C LYS C 64 13.46 -84.31 -3.98
N TYR C 65 13.40 -83.12 -3.39
CA TYR C 65 12.63 -82.02 -3.93
C TYR C 65 13.57 -80.99 -4.55
N PRO C 66 13.55 -80.77 -5.87
CA PRO C 66 14.48 -79.79 -6.44
C PRO C 66 14.24 -78.36 -5.98
N ILE C 67 13.00 -78.02 -5.62
CA ILE C 67 12.66 -76.67 -5.16
C ILE C 67 12.46 -76.71 -3.66
N GLU C 68 12.70 -75.56 -3.02
CA GLU C 68 12.42 -75.40 -1.60
C GLU C 68 12.26 -73.92 -1.30
N HIS C 69 11.19 -73.57 -0.58
CA HIS C 69 10.91 -72.18 -0.22
C HIS C 69 10.91 -71.28 -1.44
N GLY C 70 10.36 -71.77 -2.55
CA GLY C 70 10.33 -71.00 -3.78
C GLY C 70 11.64 -70.98 -4.55
N ILE C 71 12.75 -70.77 -3.86
CA ILE C 71 14.05 -70.78 -4.52
C ILE C 71 14.32 -72.18 -5.10
N ILE C 72 15.12 -72.22 -6.16
CA ILE C 72 15.51 -73.47 -6.80
C ILE C 72 16.92 -73.82 -6.34
N THR C 73 17.08 -75.02 -5.78
CA THR C 73 18.35 -75.45 -5.20
C THR C 73 19.15 -76.31 -6.18
N ASN C 74 18.55 -77.37 -6.69
CA ASN C 74 19.20 -78.26 -7.64
C ASN C 74 18.71 -77.94 -9.05
N TRP C 75 19.64 -77.74 -9.98
CA TRP C 75 19.31 -77.31 -11.32
C TRP C 75 19.21 -78.46 -12.31
N ASP C 76 20.05 -79.50 -12.16
CA ASP C 76 19.92 -80.67 -13.02
C ASP C 76 18.56 -81.34 -12.81
N ASP C 77 18.13 -81.47 -11.56
CA ASP C 77 16.83 -82.06 -11.29
C ASP C 77 15.70 -81.23 -11.88
N MET C 78 15.79 -79.90 -11.75
CA MET C 78 14.74 -79.06 -12.32
C MET C 78 14.70 -79.17 -13.84
N GLU C 79 15.87 -79.22 -14.48
CA GLU C 79 15.89 -79.40 -15.93
C GLU C 79 15.28 -80.75 -16.31
N LYS C 80 15.56 -81.79 -15.53
CA LYS C 80 14.93 -83.09 -15.79
C LYS C 80 13.42 -82.99 -15.67
N ILE C 81 12.93 -82.29 -14.64
CA ILE C 81 11.48 -82.12 -14.47
C ILE C 81 10.89 -81.41 -15.67
N TRP C 82 11.55 -80.35 -16.14
CA TRP C 82 11.02 -79.60 -17.27
C TRP C 82 10.97 -80.44 -18.53
N HIS C 83 12.03 -81.22 -18.77
CA HIS C 83 12.06 -82.10 -19.93
C HIS C 83 10.94 -83.13 -19.85
N HIS C 84 10.75 -83.73 -18.68
CA HIS C 84 9.67 -84.70 -18.51
C HIS C 84 8.31 -84.04 -18.77
N THR C 85 8.11 -82.83 -18.27
CA THR C 85 6.84 -82.16 -18.48
C THR C 85 6.59 -81.89 -19.96
N PHE C 86 7.61 -81.44 -20.68
CA PHE C 86 7.40 -81.05 -22.07
C PHE C 86 7.21 -82.27 -22.97
N TYR C 87 8.04 -83.30 -22.82
CA TYR C 87 8.03 -84.40 -23.78
C TYR C 87 7.12 -85.55 -23.35
N ASN C 88 7.36 -86.12 -22.17
CA ASN C 88 6.63 -87.31 -21.77
C ASN C 88 5.20 -86.98 -21.37
N GLU C 89 5.00 -85.88 -20.64
CA GLU C 89 3.69 -85.57 -20.06
C GLU C 89 2.78 -84.85 -21.05
N LEU C 90 3.19 -83.66 -21.50
CA LEU C 90 2.38 -82.89 -22.43
C LEU C 90 2.41 -83.49 -23.83
N ARG C 91 3.56 -84.03 -24.24
CA ARG C 91 3.73 -84.62 -25.57
C ARG C 91 3.60 -83.56 -26.66
N VAL C 92 4.34 -82.47 -26.51
CA VAL C 92 4.40 -81.40 -27.51
C VAL C 92 5.82 -80.85 -27.54
N ALA C 93 6.37 -80.73 -28.74
CA ALA C 93 7.70 -80.17 -28.87
C ALA C 93 7.70 -78.71 -28.40
N PRO C 94 8.73 -78.27 -27.67
CA PRO C 94 8.71 -76.90 -27.13
C PRO C 94 9.12 -75.83 -28.13
N GLU C 95 9.67 -76.19 -29.29
CA GLU C 95 10.17 -75.18 -30.22
C GLU C 95 9.05 -74.33 -30.77
N GLU C 96 7.91 -74.94 -31.11
CA GLU C 96 6.86 -74.21 -31.82
C GLU C 96 6.22 -73.14 -30.94
N HIS C 97 5.94 -73.46 -29.66
CA HIS C 97 5.09 -72.57 -28.86
C HIS C 97 5.91 -71.75 -27.89
N PRO C 98 5.44 -70.55 -27.54
CA PRO C 98 6.06 -69.81 -26.44
C PRO C 98 5.70 -70.41 -25.09
N THR C 99 6.10 -69.77 -23.99
CA THR C 99 5.79 -70.29 -22.67
C THR C 99 5.69 -69.17 -21.65
N LEU C 100 4.85 -69.40 -20.65
CA LEU C 100 4.63 -68.45 -19.57
C LEU C 100 4.85 -69.15 -18.24
N LEU C 101 5.72 -68.58 -17.41
CA LEU C 101 6.10 -69.17 -16.14
C LEU C 101 5.73 -68.20 -15.01
N THR C 102 5.75 -68.72 -13.78
CA THR C 102 5.35 -67.95 -12.61
C THR C 102 6.40 -68.06 -11.53
N GLU C 103 6.71 -66.94 -10.89
CA GLU C 103 7.71 -66.89 -9.84
C GLU C 103 7.22 -66.01 -8.70
N ALA C 104 7.43 -66.47 -7.46
CA ALA C 104 6.94 -65.75 -6.30
C ALA C 104 7.67 -64.42 -6.14
N PRO C 105 7.05 -63.44 -5.50
CA PRO C 105 7.69 -62.13 -5.35
C PRO C 105 8.84 -62.17 -4.36
N LEU C 106 9.72 -61.18 -4.49
CA LEU C 106 10.86 -60.97 -3.59
C LEU C 106 11.88 -62.10 -3.66
N ASN C 107 11.88 -62.88 -4.73
CA ASN C 107 12.86 -63.95 -4.90
C ASN C 107 14.17 -63.40 -5.44
N PRO C 108 15.26 -64.16 -5.31
CA PRO C 108 16.57 -63.69 -5.78
C PRO C 108 16.56 -63.42 -7.28
N LYS C 109 17.37 -62.44 -7.68
CA LYS C 109 17.47 -62.09 -9.09
C LYS C 109 18.04 -63.23 -9.91
N ALA C 110 19.14 -63.83 -9.44
CA ALA C 110 19.84 -64.87 -10.19
C ALA C 110 18.90 -65.96 -10.69
N ASN C 111 17.92 -66.33 -9.85
CA ASN C 111 16.93 -67.33 -10.23
C ASN C 111 16.34 -67.02 -11.61
N ARG C 112 15.85 -65.80 -11.78
CA ARG C 112 15.21 -65.40 -13.04
C ARG C 112 16.15 -65.57 -14.22
N GLU C 113 17.38 -65.02 -14.10
CA GLU C 113 18.33 -65.13 -15.19
C GLU C 113 18.62 -66.58 -15.55
N LYS C 114 18.91 -67.42 -14.55
CA LYS C 114 19.22 -68.81 -14.83
C LYS C 114 18.05 -69.51 -15.49
N MET C 115 16.84 -69.26 -15.00
CA MET C 115 15.64 -69.83 -15.61
C MET C 115 15.55 -69.44 -17.08
N THR C 116 15.74 -68.16 -17.38
CA THR C 116 15.71 -67.69 -18.76
C THR C 116 16.75 -68.41 -19.61
N GLN C 117 17.98 -68.49 -19.12
CA GLN C 117 19.04 -69.12 -19.90
C GLN C 117 18.69 -70.58 -20.18
N ILE C 118 18.20 -71.30 -19.17
CA ILE C 118 17.83 -72.69 -19.37
C ILE C 118 16.64 -72.82 -20.31
N MET C 119 15.80 -71.79 -20.41
CA MET C 119 14.64 -71.83 -21.29
C MET C 119 14.94 -71.34 -22.69
N PHE C 120 16.12 -70.77 -22.93
CA PHE C 120 16.50 -70.30 -24.27
C PHE C 120 17.61 -71.14 -24.89
N GLU C 121 18.71 -71.35 -24.17
CA GLU C 121 19.84 -72.05 -24.77
C GLU C 121 19.54 -73.53 -24.97
N THR C 122 18.88 -74.17 -24.00
CA THR C 122 18.73 -75.62 -24.03
C THR C 122 17.43 -76.06 -24.72
N PHE C 123 16.31 -75.43 -24.39
CA PHE C 123 15.02 -75.86 -24.92
C PHE C 123 14.63 -75.12 -26.19
N ASN C 124 15.08 -73.87 -26.35
CA ASN C 124 14.94 -73.15 -27.62
C ASN C 124 13.48 -72.76 -27.90
N VAL C 125 12.78 -72.28 -26.88
CA VAL C 125 11.43 -71.75 -27.07
C VAL C 125 11.53 -70.43 -27.83
N PRO C 126 10.55 -70.08 -28.67
CA PRO C 126 10.65 -68.82 -29.42
C PRO C 126 10.39 -67.58 -28.59
N ALA C 127 9.78 -67.72 -27.41
CA ALA C 127 9.49 -66.56 -26.58
C ALA C 127 9.03 -67.05 -25.21
N MET C 128 9.44 -66.33 -24.17
CA MET C 128 9.10 -66.68 -22.81
C MET C 128 8.64 -65.43 -22.07
N TYR C 129 7.76 -65.62 -21.09
CA TYR C 129 7.44 -64.55 -20.15
C TYR C 129 7.33 -65.15 -18.76
N VAL C 130 7.55 -64.32 -17.74
CA VAL C 130 7.43 -64.74 -16.35
C VAL C 130 6.59 -63.71 -15.61
N ALA C 131 5.75 -64.19 -14.70
CA ALA C 131 4.81 -63.32 -13.98
C ALA C 131 4.81 -63.65 -12.49
N ILE C 132 4.40 -62.67 -11.69
CA ILE C 132 4.28 -62.83 -10.25
C ILE C 132 3.05 -63.67 -9.95
N GLN C 133 3.20 -64.62 -9.03
CA GLN C 133 2.13 -65.58 -8.76
C GLN C 133 0.85 -64.88 -8.28
N ALA C 134 0.99 -63.93 -7.36
CA ALA C 134 -0.19 -63.30 -6.78
C ALA C 134 -1.01 -62.55 -7.82
N VAL C 135 -0.34 -61.83 -8.73
CA VAL C 135 -1.06 -60.98 -9.67
C VAL C 135 -2.00 -61.81 -10.54
N LEU C 136 -1.54 -62.96 -11.02
CA LEU C 136 -2.38 -63.79 -11.86
C LEU C 136 -3.67 -64.20 -11.17
N SER C 137 -3.68 -64.24 -9.83
CA SER C 137 -4.88 -64.66 -9.12
C SER C 137 -6.03 -63.69 -9.35
N LEU C 138 -5.74 -62.40 -9.55
CA LEU C 138 -6.81 -61.42 -9.66
C LEU C 138 -7.55 -61.53 -11.00
N TYR C 139 -6.87 -61.99 -12.05
CA TYR C 139 -7.57 -62.29 -13.29
C TYR C 139 -8.58 -63.41 -13.08
N ALA C 140 -8.18 -64.47 -12.37
CA ALA C 140 -9.09 -65.57 -12.12
C ALA C 140 -10.25 -65.13 -11.25
N SER C 141 -9.98 -64.33 -10.22
CA SER C 141 -11.05 -63.88 -9.34
C SER C 141 -12.07 -63.04 -10.10
N GLY C 142 -11.59 -62.17 -10.98
CA GLY C 142 -12.47 -61.34 -11.78
C GLY C 142 -12.58 -59.89 -11.35
N ARG C 143 -11.71 -59.42 -10.47
CA ARG C 143 -11.72 -58.03 -10.00
C ARG C 143 -10.38 -57.38 -10.34
N THR C 144 -10.29 -56.10 -10.02
CA THR C 144 -9.06 -55.32 -10.21
C THR C 144 -8.54 -54.71 -8.92
N THR C 145 -9.39 -54.52 -7.92
CA THR C 145 -9.00 -53.98 -6.62
C THR C 145 -9.10 -55.09 -5.59
N GLY C 146 -8.03 -55.33 -4.85
CA GLY C 146 -8.05 -56.41 -3.89
C GLY C 146 -6.72 -56.56 -3.20
N ILE C 147 -6.65 -57.56 -2.33
CA ILE C 147 -5.43 -57.94 -1.63
C ILE C 147 -5.35 -59.46 -1.67
N VAL C 148 -4.62 -60.00 -2.64
CA VAL C 148 -4.49 -61.45 -2.73
C VAL C 148 -3.64 -61.96 -1.57
N LEU C 149 -3.87 -63.21 -1.21
CA LEU C 149 -3.21 -63.85 -0.07
C LEU C 149 -2.74 -65.24 -0.48
N ASP C 150 -2.11 -65.34 -1.65
CA ASP C 150 -1.63 -66.63 -2.13
C ASP C 150 -0.80 -67.32 -1.06
N SER C 151 -1.16 -68.59 -0.79
CA SER C 151 -0.46 -69.42 0.18
C SER C 151 -0.24 -70.79 -0.44
N GLY C 152 0.87 -70.95 -1.15
CA GLY C 152 1.23 -72.22 -1.72
C GLY C 152 2.01 -73.06 -0.73
N ASP C 153 2.48 -74.21 -1.20
CA ASP C 153 3.47 -74.94 -0.45
C ASP C 153 4.79 -74.18 -0.49
N GLY C 154 5.56 -74.31 0.59
CA GLY C 154 6.82 -73.61 0.68
C GLY C 154 6.74 -72.23 1.29
N VAL C 155 5.97 -71.31 0.71
CA VAL C 155 5.94 -69.92 1.15
C VAL C 155 4.53 -69.35 0.97
N THR C 156 4.30 -68.19 1.60
CA THR C 156 3.03 -67.47 1.53
C THR C 156 3.33 -65.98 1.40
N HIS C 157 2.59 -65.30 0.52
CA HIS C 157 2.85 -63.90 0.27
C HIS C 157 1.54 -63.13 0.06
N ASN C 158 1.62 -61.83 0.35
CA ASN C 158 0.50 -60.91 0.25
C ASN C 158 0.88 -59.76 -0.66
N VAL C 159 0.02 -59.46 -1.63
CA VAL C 159 0.28 -58.42 -2.63
C VAL C 159 -0.98 -57.58 -2.82
N PRO C 160 -1.07 -56.38 -2.25
CA PRO C 160 -2.27 -55.56 -2.46
C PRO C 160 -2.19 -54.76 -3.75
N ILE C 161 -3.31 -54.74 -4.48
CA ILE C 161 -3.43 -54.00 -5.73
C ILE C 161 -4.69 -53.15 -5.65
N TYR C 162 -4.63 -51.99 -6.30
CA TYR C 162 -5.75 -51.04 -6.29
C TYR C 162 -5.84 -50.40 -7.66
N GLU C 163 -6.97 -50.61 -8.34
CA GLU C 163 -7.19 -50.04 -9.67
C GLU C 163 -6.07 -50.42 -10.63
N GLY C 164 -5.50 -51.61 -10.43
CA GLY C 164 -4.39 -52.04 -11.27
C GLY C 164 -3.14 -51.22 -11.09
N TYR C 165 -2.85 -50.80 -9.85
CA TYR C 165 -1.59 -50.14 -9.50
C TYR C 165 -1.01 -50.87 -8.31
N ALA C 166 -0.23 -51.91 -8.57
CA ALA C 166 0.32 -52.73 -7.50
C ALA C 166 1.22 -51.89 -6.60
N LEU C 167 0.89 -51.86 -5.32
CA LEU C 167 1.74 -51.18 -4.34
C LEU C 167 2.90 -52.10 -3.97
N PRO C 168 4.16 -51.72 -4.25
CA PRO C 168 5.26 -52.66 -4.02
C PRO C 168 5.79 -52.64 -2.59
N HIS C 169 5.58 -51.54 -1.87
CA HIS C 169 6.11 -51.43 -0.51
C HIS C 169 5.26 -52.17 0.52
N ALA C 170 4.02 -52.51 0.19
CA ALA C 170 3.15 -53.24 1.10
C ALA C 170 3.28 -54.75 0.99
N ILE C 171 4.02 -55.25 0.00
CA ILE C 171 4.10 -56.69 -0.22
C ILE C 171 4.69 -57.35 1.01
N MET C 172 4.16 -58.53 1.36
CA MET C 172 4.64 -59.29 2.50
C MET C 172 4.99 -60.70 2.04
N ARG C 173 6.04 -61.26 2.61
CA ARG C 173 6.50 -62.60 2.28
C ARG C 173 6.82 -63.34 3.58
N LEU C 174 6.53 -64.63 3.61
CA LEU C 174 6.70 -65.40 4.83
C LEU C 174 6.90 -66.86 4.46
N ASP C 175 7.71 -67.57 5.24
CA ASP C 175 8.16 -68.92 4.91
C ASP C 175 7.39 -69.99 5.68
N LEU C 176 6.10 -69.78 5.95
CA LEU C 176 5.26 -70.76 6.61
C LEU C 176 4.28 -71.32 5.57
N ALA C 177 4.31 -72.63 5.38
CA ALA C 177 3.51 -73.25 4.34
C ALA C 177 3.31 -74.73 4.69
N GLY C 178 2.85 -75.50 3.70
CA GLY C 178 2.42 -76.86 3.96
C GLY C 178 3.52 -77.79 4.44
N ARG C 179 4.75 -77.57 3.99
CA ARG C 179 5.84 -78.47 4.38
C ARG C 179 6.10 -78.42 5.87
N ASP C 180 6.10 -77.21 6.45
CA ASP C 180 6.25 -77.08 7.89
C ASP C 180 5.11 -77.75 8.62
N LEU C 181 3.89 -77.65 8.08
CA LEU C 181 2.75 -78.34 8.70
C LEU C 181 2.93 -79.85 8.66
N THR C 182 3.45 -80.39 7.55
CA THR C 182 3.71 -81.82 7.49
C THR C 182 4.73 -82.23 8.55
N ASP C 183 5.81 -81.46 8.69
CA ASP C 183 6.82 -81.79 9.68
C ASP C 183 6.24 -81.72 11.09
N TYR C 184 5.45 -80.69 11.38
CA TYR C 184 4.81 -80.60 12.68
C TYR C 184 3.84 -81.74 12.92
N LEU C 185 3.11 -82.17 11.88
CA LEU C 185 2.22 -83.31 12.04
C LEU C 185 3.00 -84.55 12.42
N MET C 186 4.15 -84.78 11.77
CA MET C 186 4.99 -85.90 12.19
C MET C 186 5.40 -85.75 13.65
N LYS C 187 5.86 -84.56 14.03
CA LYS C 187 6.40 -84.36 15.37
C LYS C 187 5.34 -84.60 16.44
N ILE C 188 4.10 -84.18 16.17
CA ILE C 188 3.06 -84.34 17.18
C ILE C 188 2.40 -85.72 17.11
N LEU C 189 2.37 -86.35 15.94
CA LEU C 189 1.94 -87.74 15.85
C LEU C 189 2.88 -88.67 16.59
N THR C 190 4.13 -88.25 16.79
CA THR C 190 5.05 -89.06 17.57
C THR C 190 4.50 -89.40 18.95
N GLU C 191 3.67 -88.52 19.52
CA GLU C 191 3.24 -88.69 20.91
C GLU C 191 2.44 -89.98 21.10
N ARG C 192 1.50 -90.26 20.19
CA ARG C 192 0.63 -91.42 20.40
C ARG C 192 1.34 -92.73 20.14
N GLY C 193 2.54 -92.72 19.57
CA GLY C 193 3.29 -93.94 19.35
C GLY C 193 3.72 -94.12 17.92
N TYR C 194 2.99 -93.49 16.98
CA TYR C 194 3.27 -93.64 15.57
C TYR C 194 4.51 -92.84 15.20
N SER C 195 5.54 -93.53 14.69
CA SER C 195 6.81 -92.91 14.37
C SER C 195 7.04 -92.99 12.86
N PHE C 196 7.08 -91.81 12.22
CA PHE C 196 7.36 -91.71 10.79
C PHE C 196 8.66 -90.94 10.60
N VAL C 197 9.61 -91.54 9.88
CA VAL C 197 10.93 -90.96 9.73
C VAL C 197 11.30 -90.80 8.25
N THR C 198 11.25 -91.89 7.49
CA THR C 198 11.73 -91.86 6.12
C THR C 198 10.90 -90.90 5.26
N THR C 199 11.43 -90.60 4.07
CA THR C 199 10.76 -89.66 3.18
C THR C 199 9.41 -90.18 2.70
N ALA C 200 9.33 -91.47 2.35
CA ALA C 200 8.05 -92.02 1.95
C ALA C 200 7.05 -91.97 3.09
N GLU C 201 7.51 -92.18 4.32
CA GLU C 201 6.61 -92.05 5.46
C GLU C 201 6.15 -90.60 5.62
N ARG C 202 7.01 -89.63 5.28
CA ARG C 202 6.55 -88.25 5.22
C ARG C 202 5.49 -88.06 4.14
N GLU C 203 5.64 -88.76 3.02
CA GLU C 203 4.62 -88.67 1.98
C GLU C 203 3.29 -89.22 2.47
N ILE C 204 3.33 -90.32 3.23
CA ILE C 204 2.11 -90.85 3.84
C ILE C 204 1.51 -89.85 4.82
N VAL C 205 2.36 -89.21 5.62
CA VAL C 205 1.88 -88.22 6.58
C VAL C 205 1.23 -87.05 5.85
N ARG C 206 1.74 -86.72 4.67
CA ARG C 206 1.13 -85.65 3.88
C ARG C 206 -0.28 -86.02 3.46
N ASP C 207 -0.49 -87.28 3.06
CA ASP C 207 -1.84 -87.72 2.73
C ASP C 207 -2.74 -87.68 3.95
N ILE C 208 -2.21 -88.11 5.11
CA ILE C 208 -2.97 -88.00 6.35
C ILE C 208 -3.39 -86.54 6.59
N LYS C 209 -2.45 -85.61 6.39
CA LYS C 209 -2.78 -84.19 6.53
C LYS C 209 -3.91 -83.80 5.59
N GLU C 210 -3.77 -84.15 4.32
CA GLU C 210 -4.75 -83.70 3.33
C GLU C 210 -6.14 -84.19 3.67
N LYS C 211 -6.27 -85.47 4.01
CA LYS C 211 -7.60 -86.02 4.22
C LYS C 211 -8.23 -85.54 5.52
N LEU C 212 -7.53 -85.72 6.64
CA LEU C 212 -8.08 -85.48 7.97
C LEU C 212 -7.41 -84.26 8.60
N CYS C 213 -7.97 -83.09 8.33
CA CYS C 213 -7.61 -81.87 9.05
C CYS C 213 -8.73 -80.86 8.92
N TYR C 214 -8.85 -79.98 9.90
CA TYR C 214 -9.79 -78.86 9.85
C TYR C 214 -9.31 -77.79 10.83
N VAL C 215 -9.85 -76.59 10.66
CA VAL C 215 -9.48 -75.44 11.48
C VAL C 215 -10.63 -75.11 12.40
N ALA C 216 -10.37 -75.10 13.70
CA ALA C 216 -11.39 -74.76 14.68
C ALA C 216 -11.68 -73.27 14.67
N LEU C 217 -12.94 -72.91 14.88
CA LEU C 217 -13.30 -71.50 14.98
C LEU C 217 -12.62 -70.85 16.16
N ASP C 218 -12.59 -71.53 17.31
CA ASP C 218 -11.84 -71.11 18.47
C ASP C 218 -11.02 -72.28 18.97
N PHE C 219 -9.85 -72.00 19.54
CA PHE C 219 -8.87 -73.04 19.81
C PHE C 219 -9.02 -73.63 21.21
N GLU C 220 -9.05 -72.78 22.24
CA GLU C 220 -9.11 -73.27 23.61
C GLU C 220 -10.38 -74.07 23.85
N ASN C 221 -11.53 -73.55 23.37
CA ASN C 221 -12.79 -74.26 23.57
C ASN C 221 -12.77 -75.60 22.84
N GLU C 222 -12.20 -75.63 21.64
CA GLU C 222 -12.10 -76.89 20.91
C GLU C 222 -11.23 -77.88 21.66
N MET C 223 -10.12 -77.42 22.23
CA MET C 223 -9.26 -78.32 23.00
C MET C 223 -10.00 -78.87 24.20
N ALA C 224 -10.75 -78.02 24.91
CA ALA C 224 -11.53 -78.49 26.05
C ALA C 224 -12.55 -79.54 25.62
N THR C 225 -13.25 -79.28 24.51
CA THR C 225 -14.24 -80.24 24.03
C THR C 225 -13.59 -81.56 23.65
N ALA C 226 -12.43 -81.51 22.99
CA ALA C 226 -11.75 -82.73 22.59
C ALA C 226 -11.24 -83.52 23.78
N ALA C 227 -10.78 -82.82 24.84
CA ALA C 227 -10.29 -83.52 26.02
C ALA C 227 -11.43 -84.13 26.81
N SER C 228 -12.53 -83.39 26.98
CA SER C 228 -13.62 -83.89 27.81
C SER C 228 -14.29 -85.11 27.19
N SER C 229 -14.66 -85.02 25.92
CA SER C 229 -15.35 -86.09 25.22
C SER C 229 -14.37 -86.80 24.29
N SER C 230 -14.88 -87.76 23.52
CA SER C 230 -14.09 -88.52 22.56
C SER C 230 -14.80 -88.58 21.22
N SER C 231 -15.35 -87.45 20.78
CA SER C 231 -16.05 -87.37 19.51
C SER C 231 -15.17 -86.88 18.37
N LEU C 232 -14.07 -86.18 18.67
CA LEU C 232 -13.16 -85.67 17.66
C LEU C 232 -12.05 -86.67 17.36
N GLU C 233 -12.43 -87.89 17.02
CA GLU C 233 -11.48 -88.96 16.71
C GLU C 233 -11.80 -89.54 15.35
N LYS C 234 -10.77 -89.77 14.55
CA LYS C 234 -10.93 -90.33 13.21
C LYS C 234 -9.96 -91.48 13.01
N SER C 235 -10.37 -92.45 12.19
CA SER C 235 -9.59 -93.65 11.92
C SER C 235 -9.15 -93.64 10.46
N TYR C 236 -7.85 -93.82 10.25
CA TYR C 236 -7.26 -93.84 8.92
C TYR C 236 -6.46 -95.13 8.75
N GLU C 237 -6.30 -95.57 7.51
CA GLU C 237 -5.68 -96.86 7.22
C GLU C 237 -4.41 -96.65 6.41
N LEU C 238 -3.30 -97.22 6.90
CA LEU C 238 -2.03 -97.13 6.21
C LEU C 238 -2.00 -98.10 5.02
N PRO C 239 -0.96 -98.03 4.19
CA PRO C 239 -0.79 -99.05 3.14
C PRO C 239 -0.51 -100.43 3.69
N ASP C 240 -0.10 -100.54 4.95
CA ASP C 240 0.24 -101.82 5.57
C ASP C 240 -0.94 -102.45 6.30
N GLY C 241 -2.16 -102.01 5.99
CA GLY C 241 -3.32 -102.55 6.69
C GLY C 241 -3.31 -102.28 8.18
N GLN C 242 -2.76 -101.15 8.61
CA GLN C 242 -2.79 -100.73 10.00
C GLN C 242 -3.66 -99.49 10.14
N VAL C 243 -4.24 -99.32 11.33
CA VAL C 243 -5.20 -98.26 11.58
C VAL C 243 -4.60 -97.26 12.56
N ILE C 244 -4.48 -96.02 12.12
CA ILE C 244 -4.15 -94.89 12.98
C ILE C 244 -5.45 -94.28 13.48
N THR C 245 -5.42 -93.75 14.70
CA THR C 245 -6.55 -93.06 15.30
C THR C 245 -6.08 -91.68 15.75
N ILE C 246 -6.53 -90.65 15.06
CA ILE C 246 -6.11 -89.28 15.32
C ILE C 246 -7.17 -88.57 16.14
N GLY C 247 -6.72 -87.79 17.13
CA GLY C 247 -7.60 -87.04 17.99
C GLY C 247 -7.42 -85.54 17.86
N ASN C 248 -6.76 -84.93 18.84
CA ASN C 248 -6.55 -83.48 18.81
C ASN C 248 -5.75 -83.05 17.59
N GLU C 249 -4.76 -83.84 17.19
CA GLU C 249 -3.86 -83.43 16.12
C GLU C 249 -4.60 -83.03 14.85
N ARG C 250 -5.90 -83.31 14.74
CA ARG C 250 -6.63 -82.90 13.55
C ARG C 250 -6.60 -81.39 13.37
N PHE C 251 -6.65 -80.63 14.47
CA PHE C 251 -6.70 -79.17 14.37
C PHE C 251 -5.51 -78.50 15.08
N ARG C 252 -4.46 -79.26 15.39
CA ARG C 252 -3.21 -78.64 15.84
C ARG C 252 -2.22 -78.47 14.70
N CYS C 253 -2.41 -79.18 13.58
CA CYS C 253 -1.53 -78.95 12.42
C CYS C 253 -1.84 -77.62 11.76
N PRO C 254 -3.05 -77.36 11.24
CA PRO C 254 -3.30 -76.08 10.60
C PRO C 254 -3.25 -74.90 11.54
N GLU C 255 -3.46 -75.12 12.85
CA GLU C 255 -3.42 -74.01 13.80
C GLU C 255 -2.06 -73.33 13.81
N THR C 256 -1.02 -74.01 13.35
CA THR C 256 0.30 -73.38 13.27
C THR C 256 0.27 -72.14 12.41
N LEU C 257 -0.66 -72.05 11.47
CA LEU C 257 -0.72 -70.88 10.59
C LEU C 257 -1.00 -69.61 11.38
N PHE C 258 -1.92 -69.68 12.35
CA PHE C 258 -2.33 -68.52 13.11
C PHE C 258 -1.50 -68.30 14.36
N GLN C 259 -0.68 -69.27 14.76
CA GLN C 259 0.19 -69.16 15.93
C GLN C 259 1.55 -69.74 15.58
N PRO C 260 2.37 -68.99 14.83
CA PRO C 260 3.66 -69.52 14.37
C PRO C 260 4.64 -69.81 15.50
N SER C 261 4.29 -69.58 16.75
CA SER C 261 5.19 -69.88 17.86
C SER C 261 5.24 -71.37 18.19
N PHE C 262 4.38 -72.18 17.57
CA PHE C 262 4.46 -73.63 17.77
C PHE C 262 5.76 -74.19 17.22
N ILE C 263 6.21 -73.68 16.07
CA ILE C 263 7.39 -74.19 15.39
C ILE C 263 8.66 -73.50 15.86
N GLY C 264 8.56 -72.57 16.81
CA GLY C 264 9.71 -71.80 17.25
C GLY C 264 9.93 -70.52 16.49
N MET C 265 9.17 -70.26 15.43
CA MET C 265 9.29 -69.00 14.72
C MET C 265 8.83 -67.85 15.61
N GLU C 266 9.00 -66.64 15.10
CA GLU C 266 8.66 -65.44 15.86
C GLU C 266 7.69 -64.52 15.15
N SER C 267 7.54 -64.62 13.83
CA SER C 267 6.61 -63.76 13.12
C SER C 267 5.20 -63.94 13.65
N ALA C 268 4.32 -63.03 13.25
CA ALA C 268 2.93 -63.07 13.67
C ALA C 268 2.12 -63.93 12.72
N GLY C 269 0.93 -64.34 13.19
CA GLY C 269 0.06 -65.17 12.38
C GLY C 269 -0.26 -64.51 11.06
N ILE C 270 -0.96 -65.23 10.17
CA ILE C 270 -1.21 -64.69 8.84
C ILE C 270 -2.25 -63.58 8.88
N HIS C 271 -3.18 -63.62 9.83
CA HIS C 271 -4.15 -62.53 9.94
C HIS C 271 -3.45 -61.21 10.26
N GLU C 272 -2.44 -61.26 11.13
CA GLU C 272 -1.71 -60.04 11.45
C GLU C 272 -0.93 -59.53 10.26
N THR C 273 -0.35 -60.42 9.46
CA THR C 273 0.35 -59.97 8.26
C THR C 273 -0.62 -59.33 7.28
N THR C 274 -1.81 -59.91 7.11
CA THR C 274 -2.80 -59.30 6.23
C THR C 274 -3.19 -57.92 6.73
N TYR C 275 -3.45 -57.80 8.04
CA TYR C 275 -3.85 -56.51 8.59
C TYR C 275 -2.74 -55.48 8.44
N ASN C 276 -1.49 -55.87 8.67
CA ASN C 276 -0.38 -54.94 8.52
C ASN C 276 -0.23 -54.50 7.07
N SER C 277 -0.35 -55.45 6.13
CA SER C 277 -0.28 -55.11 4.72
C SER C 277 -1.36 -54.10 4.37
N ILE C 278 -2.57 -54.31 4.89
CA ILE C 278 -3.65 -53.37 4.61
C ILE C 278 -3.35 -52.00 5.20
N MET C 279 -2.76 -51.97 6.41
CA MET C 279 -2.54 -50.70 7.10
C MET C 279 -1.22 -50.03 6.73
N LYS C 280 -0.45 -50.60 5.80
CA LYS C 280 0.71 -49.92 5.26
C LYS C 280 0.41 -49.18 3.96
N CYS C 281 -0.80 -49.33 3.42
CA CYS C 281 -1.21 -48.59 2.23
C CYS C 281 -1.72 -47.21 2.64
N ASP C 282 -2.22 -46.46 1.65
CA ASP C 282 -2.73 -45.13 1.92
C ASP C 282 -4.07 -45.21 2.67
N ILE C 283 -4.48 -44.08 3.25
CA ILE C 283 -5.70 -44.07 4.05
C ILE C 283 -6.93 -44.24 3.18
N ASP C 284 -6.93 -43.66 1.98
CA ASP C 284 -8.14 -43.58 1.19
C ASP C 284 -8.54 -44.89 0.54
N ILE C 285 -7.64 -45.88 0.51
CA ILE C 285 -7.92 -47.14 -0.18
C ILE C 285 -8.09 -48.31 0.78
N ARG C 286 -7.94 -48.10 2.08
CA ARG C 286 -8.02 -49.21 3.01
C ARG C 286 -9.40 -49.85 3.04
N LYS C 287 -10.46 -49.06 2.86
CA LYS C 287 -11.81 -49.62 2.89
C LYS C 287 -12.01 -50.62 1.75
N ASP C 288 -11.55 -50.27 0.56
CA ASP C 288 -11.73 -51.16 -0.59
C ASP C 288 -10.98 -52.47 -0.40
N LEU C 289 -9.74 -52.40 0.09
CA LEU C 289 -9.00 -53.64 0.37
C LEU C 289 -9.68 -54.45 1.46
N TYR C 290 -10.22 -53.78 2.48
CA TYR C 290 -10.99 -54.49 3.50
C TYR C 290 -12.15 -55.25 2.88
N ALA C 291 -12.87 -54.61 1.95
CA ALA C 291 -14.08 -55.23 1.41
C ALA C 291 -13.75 -56.49 0.61
N ASN C 292 -12.65 -56.47 -0.15
CA ASN C 292 -12.34 -57.53 -1.11
C ASN C 292 -11.02 -58.21 -0.75
N ASN C 293 -11.09 -59.26 0.06
CA ASN C 293 -9.95 -60.15 0.26
C ASN C 293 -10.07 -61.35 -0.68
N VAL C 294 -8.92 -61.93 -1.02
CA VAL C 294 -8.86 -63.06 -1.95
C VAL C 294 -7.91 -64.10 -1.39
N MET C 295 -8.28 -65.38 -1.56
CA MET C 295 -7.46 -66.50 -1.14
C MET C 295 -7.13 -67.38 -2.33
N SER C 296 -5.95 -67.98 -2.30
CA SER C 296 -5.50 -68.88 -3.36
C SER C 296 -4.65 -69.96 -2.74
N GLY C 297 -4.03 -70.77 -3.59
CA GLY C 297 -3.09 -71.79 -3.14
C GLY C 297 -3.75 -72.98 -2.49
N GLY C 298 -3.07 -74.13 -2.53
CA GLY C 298 -3.62 -75.34 -1.96
C GLY C 298 -3.78 -75.27 -0.45
N THR C 299 -2.85 -74.61 0.23
CA THR C 299 -2.83 -74.62 1.69
C THR C 299 -4.09 -74.02 2.29
N THR C 300 -4.87 -73.25 1.52
CA THR C 300 -6.07 -72.59 2.03
C THR C 300 -7.33 -73.38 1.71
N MET C 301 -7.24 -74.71 1.70
CA MET C 301 -8.41 -75.57 1.49
C MET C 301 -8.83 -76.29 2.76
N TYR C 302 -8.24 -75.96 3.90
CA TYR C 302 -8.68 -76.54 5.15
C TYR C 302 -10.13 -76.13 5.43
N PRO C 303 -11.02 -77.07 5.75
CA PRO C 303 -12.41 -76.68 6.04
C PRO C 303 -12.50 -75.76 7.22
N GLY C 304 -13.01 -74.55 6.98
CA GLY C 304 -13.22 -73.58 8.04
C GLY C 304 -12.20 -72.48 8.14
N ILE C 305 -11.25 -72.39 7.20
CA ILE C 305 -10.25 -71.33 7.26
C ILE C 305 -10.89 -69.97 6.99
N ALA C 306 -11.85 -69.90 6.07
CA ALA C 306 -12.45 -68.62 5.70
C ALA C 306 -13.16 -67.99 6.90
N ASP C 307 -13.91 -68.80 7.65
CA ASP C 307 -14.66 -68.26 8.79
C ASP C 307 -13.71 -67.70 9.85
N ARG C 308 -12.65 -68.45 10.18
CA ARG C 308 -11.70 -67.97 11.18
C ARG C 308 -10.98 -66.73 10.69
N MET C 309 -10.62 -66.68 9.41
CA MET C 309 -9.98 -65.49 8.86
C MET C 309 -10.89 -64.28 9.00
N GLN C 310 -12.16 -64.43 8.63
CA GLN C 310 -13.09 -63.31 8.73
C GLN C 310 -13.24 -62.86 10.17
N LYS C 311 -13.40 -63.81 11.09
CA LYS C 311 -13.57 -63.45 12.50
C LYS C 311 -12.35 -62.70 13.03
N GLU C 312 -11.15 -63.21 12.72
CA GLU C 312 -9.95 -62.58 13.25
C GLU C 312 -9.74 -61.18 12.67
N ILE C 313 -9.93 -61.03 11.35
CA ILE C 313 -9.75 -59.71 10.76
C ILE C 313 -10.79 -58.73 11.30
N THR C 314 -12.04 -59.18 11.44
CA THR C 314 -13.07 -58.31 11.99
C THR C 314 -12.73 -57.88 13.40
N ALA C 315 -12.22 -58.81 14.22
CA ALA C 315 -11.81 -58.46 15.57
C ALA C 315 -10.67 -57.45 15.56
N LEU C 316 -9.71 -57.63 14.65
CA LEU C 316 -8.55 -56.74 14.60
C LEU C 316 -8.93 -55.37 14.04
N ALA C 317 -9.70 -55.33 12.97
CA ALA C 317 -9.96 -54.10 12.25
C ALA C 317 -11.01 -53.26 12.95
N PRO C 318 -11.05 -51.96 12.68
CA PRO C 318 -12.08 -51.11 13.30
C PRO C 318 -13.47 -51.48 12.83
N SER C 319 -14.46 -51.11 13.64
CA SER C 319 -15.85 -51.31 13.26
C SER C 319 -16.21 -50.33 12.15
N THR C 320 -17.44 -50.46 11.65
CA THR C 320 -17.97 -49.59 10.61
C THR C 320 -17.35 -49.94 9.25
N MET C 321 -16.42 -50.89 9.23
CA MET C 321 -15.86 -51.45 8.01
C MET C 321 -16.32 -52.89 7.87
N LYS C 322 -16.83 -53.23 6.68
CA LYS C 322 -17.40 -54.54 6.41
C LYS C 322 -16.41 -55.37 5.61
N ILE C 323 -16.14 -56.58 6.09
CA ILE C 323 -15.08 -57.42 5.56
C ILE C 323 -15.68 -58.66 4.92
N LYS C 324 -15.22 -58.99 3.71
CA LYS C 324 -15.55 -60.23 3.03
C LYS C 324 -14.26 -60.97 2.72
N ILE C 325 -14.33 -62.30 2.79
CA ILE C 325 -13.22 -63.15 2.38
C ILE C 325 -13.65 -63.91 1.12
N ILE C 326 -13.33 -63.35 -0.05
CA ILE C 326 -13.68 -64.01 -1.30
C ILE C 326 -12.84 -65.28 -1.42
N ALA C 327 -13.48 -66.43 -1.25
CA ALA C 327 -12.81 -67.72 -1.20
C ALA C 327 -13.55 -68.69 -2.12
N PRO C 328 -13.43 -68.52 -3.43
CA PRO C 328 -14.19 -69.35 -4.36
C PRO C 328 -13.72 -70.78 -4.33
N PRO C 329 -14.53 -71.73 -4.80
CA PRO C 329 -14.06 -73.12 -4.90
C PRO C 329 -12.93 -73.23 -5.92
N GLU C 330 -12.40 -74.43 -6.12
CA GLU C 330 -11.32 -74.66 -7.07
C GLU C 330 -10.25 -73.58 -6.98
N ARG C 331 -10.06 -73.01 -5.79
CA ARG C 331 -8.99 -72.04 -5.61
C ARG C 331 -7.62 -72.65 -5.84
N LYS C 332 -7.51 -73.98 -5.75
CA LYS C 332 -6.22 -74.64 -5.90
C LYS C 332 -5.54 -74.24 -7.20
N TYR C 333 -6.28 -74.24 -8.30
CA TYR C 333 -5.75 -73.93 -9.61
C TYR C 333 -5.85 -72.45 -9.95
N SER C 334 -6.29 -71.63 -8.99
CA SER C 334 -6.60 -70.23 -9.30
C SER C 334 -5.44 -69.56 -10.02
N VAL C 335 -4.22 -69.67 -9.46
CA VAL C 335 -3.08 -69.00 -10.07
C VAL C 335 -2.94 -69.43 -11.52
N TRP C 336 -2.98 -70.74 -11.77
CA TRP C 336 -2.84 -71.22 -13.14
C TRP C 336 -3.96 -70.66 -14.02
N ILE C 337 -5.19 -70.63 -13.50
CA ILE C 337 -6.29 -70.13 -14.30
C ILE C 337 -6.05 -68.68 -14.70
N GLY C 338 -5.32 -67.93 -13.88
CA GLY C 338 -4.94 -66.59 -14.31
C GLY C 338 -4.06 -66.61 -15.54
N GLY C 339 -3.03 -67.45 -15.52
CA GLY C 339 -2.05 -67.42 -16.59
C GLY C 339 -2.69 -67.66 -17.94
N SER C 340 -3.54 -68.67 -18.05
CA SER C 340 -4.20 -68.93 -19.32
C SER C 340 -4.97 -67.70 -19.78
N ILE C 341 -5.75 -67.10 -18.87
CA ILE C 341 -6.45 -65.88 -19.24
C ILE C 341 -5.46 -64.84 -19.73
N LEU C 342 -4.36 -64.65 -18.99
CA LEU C 342 -3.39 -63.64 -19.38
C LEU C 342 -2.80 -63.96 -20.75
N ALA C 343 -2.61 -65.25 -21.05
CA ALA C 343 -2.11 -65.62 -22.36
C ALA C 343 -3.11 -65.26 -23.45
N SER C 344 -4.41 -65.45 -23.17
CA SER C 344 -5.41 -65.26 -24.21
C SER C 344 -5.48 -63.81 -24.65
N LEU C 345 -5.38 -62.88 -23.71
CA LEU C 345 -5.57 -61.46 -23.99
C LEU C 345 -4.79 -61.01 -25.21
N SER C 346 -5.45 -60.27 -26.09
CA SER C 346 -4.81 -59.81 -27.32
C SER C 346 -3.66 -58.84 -27.03
N THR C 347 -3.87 -57.90 -26.10
CA THR C 347 -2.83 -56.93 -25.79
C THR C 347 -1.56 -57.63 -25.32
N PHE C 348 -1.69 -58.57 -24.39
CA PHE C 348 -0.51 -59.23 -23.85
C PHE C 348 0.33 -59.90 -24.92
N GLN C 349 -0.26 -60.24 -26.05
CA GLN C 349 0.51 -60.89 -27.10
C GLN C 349 1.60 -59.99 -27.68
N GLN C 350 1.76 -58.79 -27.16
CA GLN C 350 2.85 -57.90 -27.57
C GLN C 350 3.97 -57.80 -26.54
N MET C 351 3.82 -58.41 -25.37
CA MET C 351 4.74 -58.21 -24.26
C MET C 351 5.73 -59.36 -24.06
N TRP C 352 5.77 -60.35 -24.95
CA TRP C 352 6.73 -61.42 -24.78
C TRP C 352 8.15 -60.89 -24.93
N ILE C 353 9.11 -61.76 -24.58
CA ILE C 353 10.53 -61.47 -24.75
C ILE C 353 11.09 -62.39 -25.83
N THR C 354 11.08 -61.92 -27.08
CA THR C 354 11.51 -62.75 -28.19
C THR C 354 12.95 -63.20 -27.98
N LYS C 355 13.31 -64.28 -28.69
CA LYS C 355 14.64 -64.86 -28.52
C LYS C 355 15.73 -63.88 -28.94
N GLN C 356 15.53 -63.20 -30.08
CA GLN C 356 16.53 -62.24 -30.53
C GLN C 356 16.71 -61.10 -29.54
N GLU C 357 15.63 -60.70 -28.87
CA GLU C 357 15.75 -59.65 -27.86
C GLU C 357 16.68 -60.07 -26.74
N TYR C 358 16.55 -61.31 -26.27
CA TYR C 358 17.45 -61.81 -25.23
C TYR C 358 18.87 -61.95 -25.76
N ASP C 359 19.01 -62.39 -27.02
CA ASP C 359 20.35 -62.54 -27.59
C ASP C 359 21.07 -61.20 -27.65
N GLU C 360 20.35 -60.13 -28.00
CA GLU C 360 20.97 -58.83 -28.14
C GLU C 360 21.15 -58.14 -26.79
N ALA C 361 20.05 -57.87 -26.08
CA ALA C 361 20.12 -57.09 -24.86
C ALA C 361 20.96 -57.78 -23.79
N GLY C 362 20.75 -59.09 -23.62
CA GLY C 362 21.46 -59.85 -22.61
C GLY C 362 20.55 -60.26 -21.47
N PRO C 363 21.14 -60.88 -20.43
CA PRO C 363 20.31 -61.39 -19.34
C PRO C 363 19.47 -60.34 -18.64
N SER C 364 19.94 -59.09 -18.59
CA SER C 364 19.22 -58.07 -17.82
C SER C 364 17.81 -57.81 -18.36
N ILE C 365 17.53 -58.21 -19.60
CA ILE C 365 16.24 -57.92 -20.21
C ILE C 365 15.09 -58.23 -19.26
N VAL C 366 15.07 -59.44 -18.70
CA VAL C 366 13.92 -59.87 -17.91
C VAL C 366 13.69 -58.94 -16.73
N HIS C 367 14.77 -58.43 -16.15
CA HIS C 367 14.66 -57.60 -14.96
C HIS C 367 14.16 -56.18 -15.26
N ARG C 368 14.12 -55.77 -16.53
CA ARG C 368 13.66 -54.40 -16.81
C ARG C 368 12.23 -54.20 -16.35
N LYS C 369 11.39 -55.21 -16.50
CA LYS C 369 9.99 -55.13 -16.08
C LYS C 369 9.75 -55.70 -14.68
N CYS C 370 10.80 -56.15 -14.00
CA CYS C 370 10.65 -56.74 -12.67
C CYS C 370 10.11 -55.70 -11.68
N THR D 1 26.43 -28.79 43.45
CA THR D 1 25.84 -30.00 42.91
C THR D 1 26.00 -30.05 41.40
N THR D 2 25.88 -31.25 40.83
CA THR D 2 25.93 -31.47 39.39
C THR D 2 24.57 -31.92 38.91
N ALA D 3 24.11 -31.35 37.79
CA ALA D 3 22.79 -31.63 37.24
C ALA D 3 22.92 -32.63 36.10
N LEU D 4 22.23 -33.75 36.21
CA LEU D 4 22.25 -34.75 35.15
C LEU D 4 21.69 -34.15 33.86
N VAL D 5 22.25 -34.58 32.74
CA VAL D 5 21.74 -34.21 31.41
C VAL D 5 21.52 -35.52 30.67
N CYS D 6 20.32 -36.08 30.79
CA CYS D 6 19.94 -37.26 30.04
C CYS D 6 19.32 -36.85 28.71
N ASP D 7 19.58 -37.65 27.68
CA ASP D 7 18.99 -37.43 26.36
C ASP D 7 18.32 -38.72 25.91
N ASN D 8 17.09 -38.92 26.36
CA ASN D 8 16.29 -40.03 25.86
C ASN D 8 16.08 -39.87 24.37
N GLY D 9 16.69 -40.76 23.58
CA GLY D 9 16.59 -40.70 22.15
C GLY D 9 15.60 -41.73 21.62
N SER D 10 15.61 -41.87 20.29
CA SER D 10 14.77 -42.87 19.64
C SER D 10 15.48 -44.20 19.44
N GLY D 11 16.82 -44.22 19.46
CA GLY D 11 17.55 -45.43 19.23
C GLY D 11 18.73 -45.63 20.17
N LEU D 12 19.02 -44.65 21.01
CA LEU D 12 20.07 -44.77 22.01
C LEU D 12 19.77 -43.85 23.18
N VAL D 13 20.33 -44.21 24.34
CA VAL D 13 20.19 -43.41 25.55
C VAL D 13 21.59 -42.97 25.96
N LYS D 14 21.76 -41.66 26.12
CA LYS D 14 23.02 -41.06 26.52
C LYS D 14 22.77 -40.25 27.79
N ALA D 15 23.43 -40.64 28.87
CA ALA D 15 23.21 -40.03 30.18
C ALA D 15 24.56 -39.65 30.78
N GLY D 16 24.63 -38.45 31.33
CA GLY D 16 25.87 -37.97 31.91
C GLY D 16 25.62 -36.80 32.82
N PHE D 17 26.72 -36.22 33.30
CA PHE D 17 26.69 -35.08 34.21
C PHE D 17 27.02 -33.81 33.45
N ALA D 18 26.69 -32.68 34.07
CA ALA D 18 27.03 -31.39 33.47
C ALA D 18 28.53 -31.14 33.56
N GLY D 19 28.99 -30.20 32.74
CA GLY D 19 30.40 -29.85 32.74
C GLY D 19 31.32 -30.98 32.34
N ASP D 20 30.91 -31.78 31.36
CA ASP D 20 31.74 -32.84 30.80
C ASP D 20 31.75 -32.70 29.29
N ASP D 21 32.59 -33.52 28.66
CA ASP D 21 32.76 -33.49 27.20
C ASP D 21 32.18 -34.70 26.52
N ALA D 22 31.60 -35.65 27.25
CA ALA D 22 31.01 -36.84 26.67
C ALA D 22 30.03 -37.44 27.66
N PRO D 23 29.04 -38.19 27.20
CA PRO D 23 28.10 -38.82 28.13
C PRO D 23 28.81 -39.84 29.01
N ARG D 24 28.39 -39.91 30.28
CA ARG D 24 28.99 -40.86 31.20
C ARG D 24 28.68 -42.29 30.78
N ALA D 25 27.44 -42.55 30.39
CA ALA D 25 27.02 -43.87 29.90
C ALA D 25 26.18 -43.71 28.64
N VAL D 26 26.35 -44.66 27.73
CA VAL D 26 25.60 -44.69 26.48
C VAL D 26 25.22 -46.14 26.19
N PHE D 27 23.94 -46.38 25.95
CA PHE D 27 23.47 -47.75 25.76
C PHE D 27 22.17 -47.74 24.99
N PRO D 28 21.86 -48.81 24.25
CA PRO D 28 20.63 -48.83 23.46
C PRO D 28 19.39 -48.82 24.34
N SER D 29 18.31 -48.24 23.81
CA SER D 29 17.03 -48.17 24.50
C SER D 29 16.12 -49.27 23.98
N ILE D 30 16.39 -50.49 24.47
CA ILE D 30 15.58 -51.65 24.10
C ILE D 30 15.23 -52.40 25.38
N VAL D 31 14.18 -53.22 25.28
CA VAL D 31 13.77 -54.11 26.37
C VAL D 31 13.52 -55.49 25.77
N GLY D 32 14.23 -56.49 26.29
CA GLY D 32 14.12 -57.85 25.78
C GLY D 32 13.36 -58.72 26.78
N ARG D 33 12.45 -59.53 26.25
CA ARG D 33 11.71 -60.47 27.06
C ARG D 33 12.03 -61.90 26.62
N PRO D 34 12.17 -62.83 27.56
CA PRO D 34 12.50 -64.21 27.17
C PRO D 34 11.38 -64.84 26.38
N ARG D 35 11.76 -65.77 25.52
CA ARG D 35 10.85 -66.40 24.58
C ARG D 35 10.61 -67.87 24.86
N HIS D 36 11.53 -68.55 25.52
CA HIS D 36 11.53 -70.01 25.62
C HIS D 36 11.22 -70.44 27.05
N GLN D 37 11.28 -71.75 27.29
CA GLN D 37 10.77 -72.32 28.53
C GLN D 37 11.67 -71.98 29.71
N GLY D 38 12.89 -72.49 29.73
CA GLY D 38 13.74 -72.42 30.89
C GLY D 38 13.70 -73.73 31.67
N VAL D 39 14.79 -74.50 31.62
CA VAL D 39 14.76 -75.89 32.08
C VAL D 39 15.66 -76.07 33.31
N MET D 40 16.67 -75.24 33.45
CA MET D 40 17.62 -75.40 34.54
C MET D 40 17.07 -74.78 35.83
N VAL D 41 17.54 -75.31 36.96
CA VAL D 41 17.06 -74.92 38.28
C VAL D 41 18.17 -74.18 39.01
N GLY D 42 17.85 -73.08 39.66
CA GLY D 42 18.82 -72.32 40.47
C GLY D 42 19.24 -71.06 39.80
N MET D 43 18.84 -70.84 38.56
CA MET D 43 19.19 -69.61 37.81
C MET D 43 18.11 -68.59 38.15
N GLY D 44 18.47 -67.32 38.25
CA GLY D 44 17.51 -66.25 38.62
C GLY D 44 16.46 -66.05 37.55
N GLN D 45 15.18 -66.06 37.93
CA GLN D 45 14.06 -65.82 36.98
C GLN D 45 13.94 -64.32 36.71
N LYS D 46 14.37 -63.86 35.53
CA LYS D 46 14.27 -62.44 35.14
C LYS D 46 13.05 -62.28 34.22
N ASP D 47 12.11 -61.39 34.56
CA ASP D 47 10.97 -61.15 33.68
C ASP D 47 11.41 -60.50 32.37
N SER D 48 12.38 -59.59 32.41
CA SER D 48 12.78 -58.85 31.23
C SER D 48 14.16 -58.24 31.45
N TYR D 49 15.04 -58.40 30.47
CA TYR D 49 16.34 -57.74 30.48
C TYR D 49 16.22 -56.38 29.80
N VAL D 50 17.05 -55.45 30.26
CA VAL D 50 16.99 -54.06 29.79
C VAL D 50 18.40 -53.55 29.56
N GLY D 51 18.57 -52.80 28.47
CA GLY D 51 19.82 -52.09 28.23
C GLY D 51 20.76 -52.89 27.37
N ASP D 52 22.00 -53.04 27.82
CA ASP D 52 23.04 -53.70 27.05
C ASP D 52 23.07 -55.20 27.26
N GLU D 53 22.67 -55.68 28.44
CA GLU D 53 22.65 -57.13 28.66
C GLU D 53 21.67 -57.80 27.71
N ALA D 54 20.55 -57.14 27.40
CA ALA D 54 19.63 -57.67 26.40
C ALA D 54 20.30 -57.77 25.04
N GLN D 55 21.03 -56.73 24.64
CA GLN D 55 21.77 -56.80 23.37
C GLN D 55 22.79 -57.91 23.39
N SER D 56 23.33 -58.26 24.57
CA SER D 56 24.30 -59.33 24.65
C SER D 56 23.66 -60.70 24.43
N LYS D 57 22.43 -60.88 24.93
CA LYS D 57 21.74 -62.17 24.88
C LYS D 57 20.56 -62.15 23.92
N ARG D 58 20.73 -61.49 22.77
CA ARG D 58 19.63 -61.32 21.83
C ARG D 58 19.17 -62.64 21.22
N GLY D 59 19.93 -63.72 21.39
CA GLY D 59 19.57 -64.97 20.74
C GLY D 59 18.19 -65.48 21.16
N ILE D 60 17.87 -65.38 22.44
CA ILE D 60 16.67 -66.01 22.99
C ILE D 60 15.73 -64.97 23.59
N LEU D 61 15.72 -63.77 23.03
CA LEU D 61 14.87 -62.68 23.52
C LEU D 61 14.08 -62.08 22.37
N THR D 62 12.98 -61.42 22.71
CA THR D 62 12.15 -60.70 21.76
C THR D 62 12.31 -59.21 22.06
N LEU D 63 13.29 -58.59 21.41
CA LEU D 63 13.62 -57.20 21.70
C LEU D 63 12.51 -56.28 21.22
N LYS D 64 12.15 -55.30 22.06
CA LYS D 64 11.12 -54.32 21.75
C LYS D 64 11.66 -52.93 22.04
N TYR D 65 11.19 -51.96 21.26
CA TYR D 65 11.61 -50.57 21.39
C TYR D 65 10.50 -49.76 22.04
N PRO D 66 10.69 -49.20 23.24
CA PRO D 66 9.61 -48.42 23.85
C PRO D 66 9.28 -47.15 23.09
N ILE D 67 10.25 -46.55 22.40
CA ILE D 67 10.05 -45.30 21.68
C ILE D 67 10.02 -45.60 20.19
N GLU D 68 9.30 -44.76 19.45
CA GLU D 68 9.22 -44.91 18.00
C GLU D 68 8.78 -43.58 17.40
N HIS D 69 9.50 -43.13 16.38
CA HIS D 69 9.22 -41.85 15.72
C HIS D 69 9.16 -40.72 16.74
N GLY D 70 10.04 -40.76 17.73
CA GLY D 70 10.04 -39.75 18.79
C GLY D 70 8.99 -39.96 19.85
N ILE D 71 7.75 -40.25 19.44
CA ILE D 71 6.68 -40.48 20.40
C ILE D 71 7.01 -41.70 21.26
N ILE D 72 6.49 -41.70 22.48
CA ILE D 72 6.66 -42.81 23.41
C ILE D 72 5.39 -43.65 23.36
N THR D 73 5.54 -44.94 23.04
CA THR D 73 4.40 -45.83 22.90
C THR D 73 4.14 -46.63 24.17
N ASN D 74 5.17 -47.29 24.70
CA ASN D 74 5.05 -48.08 25.91
C ASN D 74 5.69 -47.32 27.06
N TRP D 75 4.94 -47.20 28.16
CA TRP D 75 5.36 -46.38 29.29
C TRP D 75 6.05 -47.18 30.39
N ASP D 76 5.61 -48.41 30.64
CA ASP D 76 6.29 -49.25 31.62
C ASP D 76 7.73 -49.52 31.21
N ASP D 77 7.95 -49.83 29.93
CA ASP D 77 9.30 -50.07 29.45
C ASP D 77 10.15 -48.81 29.55
N MET D 78 9.56 -47.65 29.24
CA MET D 78 10.31 -46.40 29.34
C MET D 78 10.72 -46.13 30.78
N GLU D 79 9.80 -46.36 31.72
CA GLU D 79 10.13 -46.19 33.13
C GLU D 79 11.24 -47.16 33.55
N LYS D 80 11.18 -48.40 33.05
CA LYS D 80 12.24 -49.35 33.35
C LYS D 80 13.59 -48.85 32.83
N ILE D 81 13.61 -48.32 31.61
CA ILE D 81 14.84 -47.77 31.04
C ILE D 81 15.37 -46.65 31.91
N TRP D 82 14.49 -45.75 32.35
CA TRP D 82 14.94 -44.63 33.16
C TRP D 82 15.49 -45.09 34.49
N HIS D 83 14.83 -46.06 35.12
CA HIS D 83 15.33 -46.60 36.39
C HIS D 83 16.70 -47.24 36.21
N HIS D 84 16.87 -48.03 35.14
CA HIS D 84 18.16 -48.63 34.87
C HIS D 84 19.23 -47.57 34.66
N THR D 85 18.90 -46.51 33.93
CA THR D 85 19.88 -45.45 33.68
C THR D 85 20.29 -44.78 34.97
N PHE D 86 19.33 -44.47 35.85
CA PHE D 86 19.66 -43.71 37.05
C PHE D 86 20.40 -44.56 38.07
N TYR D 87 19.96 -45.79 38.31
CA TYR D 87 20.53 -46.58 39.41
C TYR D 87 21.69 -47.46 38.95
N ASN D 88 21.44 -48.36 38.00
CA ASN D 88 22.46 -49.34 37.63
C ASN D 88 23.58 -48.72 36.82
N GLU D 89 23.25 -47.83 35.88
CA GLU D 89 24.23 -47.30 34.94
C GLU D 89 25.00 -46.11 35.53
N LEU D 90 24.30 -45.04 35.85
CA LEU D 90 24.96 -43.87 36.40
C LEU D 90 25.39 -44.09 37.84
N ARG D 91 24.62 -44.85 38.61
CA ARG D 91 24.92 -45.14 40.02
C ARG D 91 24.90 -43.85 40.84
N VAL D 92 23.81 -43.10 40.72
CA VAL D 92 23.60 -41.89 41.50
C VAL D 92 22.11 -41.77 41.82
N ALA D 93 21.80 -41.52 43.08
CA ALA D 93 20.40 -41.35 43.47
C ALA D 93 19.83 -40.13 42.78
N PRO D 94 18.59 -40.20 42.26
CA PRO D 94 18.04 -39.06 41.51
C PRO D 94 17.48 -37.95 42.38
N GLU D 95 17.31 -38.19 43.69
CA GLU D 95 16.68 -37.19 44.55
C GLU D 95 17.52 -35.93 44.65
N GLU D 96 18.84 -36.06 44.77
CA GLU D 96 19.68 -34.90 45.05
C GLU D 96 19.73 -33.93 43.88
N HIS D 97 19.85 -34.45 42.63
CA HIS D 97 20.16 -33.56 41.52
C HIS D 97 18.91 -33.26 40.68
N PRO D 98 18.89 -32.10 40.02
CA PRO D 98 17.84 -31.85 39.02
C PRO D 98 18.09 -32.65 37.76
N THR D 99 17.30 -32.46 36.72
CA THR D 99 17.52 -33.20 35.48
C THR D 99 17.03 -32.39 34.28
N LEU D 100 17.67 -32.62 33.14
CA LEU D 100 17.36 -31.94 31.89
C LEU D 100 17.13 -32.98 30.82
N LEU D 101 15.99 -32.88 30.14
CA LEU D 101 15.58 -33.84 29.11
C LEU D 101 15.41 -33.10 27.79
N THR D 102 15.33 -33.87 26.70
CA THR D 102 15.23 -33.31 25.36
C THR D 102 14.09 -33.99 24.63
N GLU D 103 13.27 -33.19 23.93
CA GLU D 103 12.13 -33.68 23.18
C GLU D 103 12.06 -33.00 21.83
N ALA D 104 11.79 -33.78 20.79
CA ALA D 104 11.78 -33.27 19.43
C ALA D 104 10.61 -32.29 19.23
N PRO D 105 10.73 -31.36 18.28
CA PRO D 105 9.67 -30.38 18.08
C PRO D 105 8.43 -31.00 17.45
N LEU D 106 7.30 -30.31 17.65
CA LEU D 106 6.01 -30.68 17.07
C LEU D 106 5.47 -32.01 17.59
N ASN D 107 5.96 -32.48 18.74
CA ASN D 107 5.45 -33.70 19.32
C ASN D 107 4.15 -33.46 20.07
N PRO D 108 3.38 -34.51 20.34
CA PRO D 108 2.12 -34.33 21.05
C PRO D 108 2.30 -33.74 22.44
N LYS D 109 1.31 -32.98 22.88
CA LYS D 109 1.38 -32.33 24.18
C LYS D 109 1.42 -33.35 25.31
N ALA D 110 0.54 -34.35 25.26
CA ALA D 110 0.41 -35.32 26.34
C ALA D 110 1.74 -35.92 26.75
N ASN D 111 2.61 -36.16 25.77
CA ASN D 111 3.95 -36.68 26.03
C ASN D 111 4.65 -35.90 27.14
N ARG D 112 4.72 -34.58 26.98
CA ARG D 112 5.43 -33.74 27.93
C ARG D 112 4.85 -33.88 29.34
N GLU D 113 3.52 -33.78 29.45
CA GLU D 113 2.88 -33.90 30.76
C GLU D 113 3.20 -35.25 31.40
N LYS D 114 3.05 -36.33 30.64
CA LYS D 114 3.28 -37.66 31.22
C LYS D 114 4.73 -37.81 31.66
N MET D 115 5.66 -37.32 30.83
CA MET D 115 7.07 -37.32 31.21
C MET D 115 7.27 -36.60 32.54
N THR D 116 6.70 -35.39 32.66
CA THR D 116 6.85 -34.63 33.88
C THR D 116 6.31 -35.39 35.09
N GLN D 117 5.10 -35.95 34.95
CA GLN D 117 4.50 -36.66 36.07
C GLN D 117 5.36 -37.86 36.48
N ILE D 118 5.83 -38.62 35.50
CA ILE D 118 6.70 -39.76 35.81
C ILE D 118 8.02 -39.33 36.41
N MET D 119 8.46 -38.10 36.15
CA MET D 119 9.72 -37.61 36.69
C MET D 119 9.55 -36.89 38.02
N PHE D 120 8.32 -36.63 38.45
CA PHE D 120 8.07 -35.99 39.74
C PHE D 120 7.47 -36.93 40.76
N GLU D 121 6.35 -37.59 40.43
CA GLU D 121 5.67 -38.42 41.40
C GLU D 121 6.50 -39.65 41.75
N THR D 122 7.11 -40.29 40.76
CA THR D 122 7.77 -41.57 40.96
C THR D 122 9.23 -41.43 41.37
N PHE D 123 10.00 -40.61 40.65
CA PHE D 123 11.43 -40.50 40.90
C PHE D 123 11.77 -39.38 41.88
N ASN D 124 10.95 -38.33 41.93
CA ASN D 124 11.06 -37.31 42.98
C ASN D 124 12.31 -36.45 42.80
N VAL D 125 12.60 -36.04 41.58
CA VAL D 125 13.71 -35.12 41.31
C VAL D 125 13.32 -33.74 41.84
N PRO D 126 14.26 -32.92 42.30
CA PRO D 126 13.88 -31.61 42.85
C PRO D 126 13.56 -30.58 41.80
N ALA D 127 13.92 -30.80 40.54
CA ALA D 127 13.64 -29.85 39.48
C ALA D 127 13.94 -30.52 38.14
N MET D 128 13.10 -30.22 37.14
CA MET D 128 13.24 -30.81 35.82
C MET D 128 13.06 -29.72 34.78
N TYR D 129 13.77 -29.86 33.66
CA TYR D 129 13.55 -29.00 32.52
C TYR D 129 13.61 -29.85 31.25
N VAL D 130 12.92 -29.38 30.20
CA VAL D 130 12.89 -30.08 28.92
C VAL D 130 13.16 -29.06 27.81
N ALA D 131 13.96 -29.46 26.83
CA ALA D 131 14.39 -28.56 25.77
C ALA D 131 14.23 -29.21 24.41
N ILE D 132 14.13 -28.37 23.39
CA ILE D 132 14.02 -28.84 22.01
C ILE D 132 15.37 -29.35 21.54
N GLN D 133 15.38 -30.49 20.86
CA GLN D 133 16.64 -31.13 20.48
C GLN D 133 17.46 -30.22 19.55
N ALA D 134 16.81 -29.60 18.58
CA ALA D 134 17.54 -28.82 17.58
C ALA D 134 18.27 -27.64 18.22
N VAL D 135 17.61 -26.96 19.17
CA VAL D 135 18.19 -25.74 19.73
C VAL D 135 19.51 -26.02 20.41
N LEU D 136 19.58 -27.11 21.19
CA LEU D 136 20.81 -27.40 21.92
C LEU D 136 21.99 -27.60 20.99
N SER D 137 21.75 -27.96 19.72
CA SER D 137 22.86 -28.15 18.80
C SER D 137 23.64 -26.86 18.57
N LEU D 138 22.96 -25.71 18.62
CA LEU D 138 23.63 -24.45 18.29
C LEU D 138 24.58 -24.02 19.40
N TYR D 139 24.30 -24.38 20.65
CA TYR D 139 25.29 -24.14 21.71
C TYR D 139 26.57 -24.92 21.43
N ALA D 140 26.44 -26.19 21.05
CA ALA D 140 27.63 -26.99 20.76
C ALA D 140 28.37 -26.45 19.55
N SER D 141 27.65 -26.04 18.51
CA SER D 141 28.30 -25.52 17.32
C SER D 141 29.08 -24.24 17.63
N GLY D 142 28.50 -23.36 18.45
CA GLY D 142 29.16 -22.14 18.85
C GLY D 142 28.67 -20.88 18.17
N ARG D 143 27.56 -20.94 17.45
CA ARG D 143 27.00 -19.78 16.76
C ARG D 143 25.60 -19.48 17.29
N THR D 144 25.01 -18.41 16.76
CA THR D 144 23.65 -18.01 17.10
C THR D 144 22.74 -17.93 15.90
N THR D 145 23.26 -17.76 14.70
CA THR D 145 22.48 -17.68 13.46
C THR D 145 22.75 -18.92 12.64
N GLY D 146 21.69 -19.66 12.29
CA GLY D 146 21.90 -20.89 11.55
C GLY D 146 20.60 -21.60 11.29
N ILE D 147 20.71 -22.74 10.62
CA ILE D 147 19.58 -23.62 10.34
C ILE D 147 20.03 -25.05 10.66
N VAL D 148 19.74 -25.51 11.87
CA VAL D 148 20.15 -26.86 12.23
C VAL D 148 19.34 -27.88 11.44
N LEU D 149 19.93 -29.06 11.27
CA LEU D 149 19.32 -30.15 10.49
C LEU D 149 19.46 -31.45 11.26
N ASP D 150 19.14 -31.40 12.56
CA ASP D 150 19.21 -32.60 13.39
C ASP D 150 18.51 -33.77 12.70
N SER D 151 19.23 -34.89 12.60
CA SER D 151 18.70 -36.10 11.97
C SER D 151 19.07 -37.28 12.87
N GLY D 152 18.21 -37.57 13.84
CA GLY D 152 18.39 -38.71 14.69
C GLY D 152 17.77 -39.95 14.07
N ASP D 153 17.79 -41.03 14.84
CA ASP D 153 16.96 -42.17 14.49
C ASP D 153 15.50 -41.83 14.74
N GLY D 154 14.62 -42.42 13.94
CA GLY D 154 13.20 -42.16 14.09
C GLY D 154 12.67 -41.02 13.25
N VAL D 155 13.15 -39.80 13.47
CA VAL D 155 12.63 -38.62 12.78
C VAL D 155 13.78 -37.64 12.51
N THR D 156 13.51 -36.66 11.63
CA THR D 156 14.47 -35.62 11.29
C THR D 156 13.72 -34.30 11.18
N HIS D 157 14.31 -33.24 11.71
CA HIS D 157 13.64 -31.95 11.78
C HIS D 157 14.61 -30.82 11.50
N ASN D 158 14.07 -29.71 11.00
CA ASN D 158 14.81 -28.51 10.68
C ASN D 158 14.23 -27.33 11.44
N VAL D 159 15.09 -26.55 12.09
CA VAL D 159 14.68 -25.42 12.92
C VAL D 159 15.58 -24.23 12.64
N PRO D 160 15.14 -23.23 11.88
CA PRO D 160 16.02 -22.08 11.62
C PRO D 160 15.94 -21.05 12.74
N ILE D 161 17.11 -20.55 13.13
CA ILE D 161 17.22 -19.52 14.16
C ILE D 161 18.07 -18.39 13.62
N TYR D 162 17.76 -17.17 14.07
CA TYR D 162 18.48 -15.97 13.64
C TYR D 162 18.60 -15.02 14.82
N GLU D 163 19.83 -14.72 15.23
CA GLU D 163 20.08 -13.81 16.33
C GLU D 163 19.35 -14.25 17.60
N GLY D 164 19.21 -15.56 17.77
CA GLY D 164 18.51 -16.08 18.93
C GLY D 164 17.04 -15.75 18.95
N TYR D 165 16.38 -15.77 17.78
CA TYR D 165 14.92 -15.60 17.68
C TYR D 165 14.41 -16.72 16.80
N ALA D 166 14.08 -17.85 17.41
CA ALA D 166 13.63 -19.02 16.66
C ALA D 166 12.36 -18.68 15.89
N LEU D 167 12.37 -18.93 14.58
CA LEU D 167 11.17 -18.78 13.78
C LEU D 167 10.34 -20.05 13.88
N PRO D 168 9.11 -20.00 14.41
CA PRO D 168 8.36 -21.23 14.63
C PRO D 168 7.57 -21.71 13.42
N HIS D 169 7.28 -20.82 12.47
CA HIS D 169 6.51 -21.20 11.30
C HIS D 169 7.36 -21.90 10.24
N ALA D 170 8.68 -21.73 10.27
CA ALA D 170 9.57 -22.38 9.31
C ALA D 170 10.01 -23.77 9.75
N ILE D 171 9.71 -24.18 10.97
CA ILE D 171 10.14 -25.48 11.45
C ILE D 171 9.52 -26.57 10.57
N MET D 172 10.33 -27.58 10.24
CA MET D 172 9.87 -28.69 9.43
C MET D 172 10.20 -30.01 10.12
N ARG D 173 9.34 -31.00 9.92
CA ARG D 173 9.46 -32.29 10.57
C ARG D 173 9.19 -33.38 9.55
N LEU D 174 9.89 -34.50 9.67
CA LEU D 174 9.78 -35.57 8.68
C LEU D 174 10.14 -36.88 9.34
N ASP D 175 9.48 -37.96 8.90
CA ASP D 175 9.57 -39.27 9.56
C ASP D 175 10.47 -40.24 8.80
N LEU D 176 11.53 -39.74 8.18
CA LEU D 176 12.53 -40.57 7.51
C LEU D 176 13.81 -40.55 8.32
N ALA D 177 14.28 -41.72 8.75
CA ALA D 177 15.42 -41.79 9.65
C ALA D 177 16.04 -43.17 9.55
N GLY D 178 16.91 -43.51 10.51
CA GLY D 178 17.74 -44.70 10.39
C GLY D 178 16.96 -45.99 10.35
N ARG D 179 15.84 -46.06 11.07
CA ARG D 179 15.09 -47.31 11.12
C ARG D 179 14.56 -47.69 9.74
N ASP D 180 14.06 -46.71 8.99
CA ASP D 180 13.61 -46.99 7.64
C ASP D 180 14.76 -47.44 6.75
N LEU D 181 15.95 -46.84 6.92
CA LEU D 181 17.09 -47.30 6.15
C LEU D 181 17.45 -48.74 6.49
N THR D 182 17.39 -49.12 7.77
CA THR D 182 17.66 -50.51 8.12
C THR D 182 16.66 -51.45 7.46
N ASP D 183 15.37 -51.09 7.50
CA ASP D 183 14.37 -51.94 6.88
C ASP D 183 14.58 -52.05 5.38
N TYR D 184 14.89 -50.94 4.72
CA TYR D 184 15.19 -50.98 3.30
C TYR D 184 16.43 -51.81 3.00
N LEU D 185 17.44 -51.74 3.87
CA LEU D 185 18.61 -52.58 3.68
C LEU D 185 18.25 -54.05 3.73
N MET D 186 17.40 -54.45 4.68
CA MET D 186 16.91 -55.82 4.69
C MET D 186 16.22 -56.16 3.38
N LYS D 187 15.32 -55.29 2.94
CA LYS D 187 14.50 -55.58 1.77
C LYS D 187 15.35 -55.74 0.52
N ILE D 188 16.39 -54.93 0.37
CA ILE D 188 17.22 -55.01 -0.83
C ILE D 188 18.30 -56.08 -0.73
N LEU D 189 18.79 -56.35 0.48
CA LEU D 189 19.68 -57.49 0.68
C LEU D 189 18.97 -58.79 0.37
N THR D 190 17.64 -58.82 0.44
CA THR D 190 16.91 -60.03 0.08
C THR D 190 17.27 -60.50 -1.33
N GLU D 191 17.63 -59.58 -2.24
CA GLU D 191 17.81 -59.97 -3.64
C GLU D 191 18.94 -60.98 -3.80
N ARG D 192 20.08 -60.76 -3.16
CA ARG D 192 21.22 -61.64 -3.40
C ARG D 192 21.06 -63.01 -2.77
N GLY D 193 20.07 -63.19 -1.89
CA GLY D 193 19.83 -64.49 -1.29
C GLY D 193 19.77 -64.44 0.22
N TYR D 194 20.38 -63.41 0.81
CA TYR D 194 20.47 -63.32 2.26
C TYR D 194 19.12 -62.85 2.81
N SER D 195 18.52 -63.65 3.68
CA SER D 195 17.20 -63.38 4.23
C SER D 195 17.32 -63.15 5.73
N PHE D 196 17.04 -61.92 6.17
CA PHE D 196 17.04 -61.55 7.58
C PHE D 196 15.63 -61.16 7.98
N VAL D 197 15.09 -61.85 8.99
CA VAL D 197 13.69 -61.67 9.36
C VAL D 197 13.54 -61.27 10.83
N THR D 198 14.09 -62.07 11.74
CA THR D 198 13.87 -61.82 13.16
C THR D 198 14.50 -60.49 13.58
N THR D 199 14.15 -60.08 14.81
CA THR D 199 14.63 -58.81 15.32
C THR D 199 16.15 -58.79 15.49
N ALA D 200 16.72 -59.88 16.00
CA ALA D 200 18.18 -59.93 16.14
C ALA D 200 18.87 -59.86 14.79
N GLU D 201 18.29 -60.49 13.77
CA GLU D 201 18.82 -60.34 12.42
C GLU D 201 18.74 -58.90 11.96
N ARG D 202 17.70 -58.17 12.37
CA ARG D 202 17.64 -56.74 12.09
C ARG D 202 18.76 -56.00 12.79
N GLU D 203 19.08 -56.41 14.03
CA GLU D 203 20.19 -55.78 14.73
C GLU D 203 21.50 -56.02 13.99
N ILE D 204 21.66 -57.21 13.42
CA ILE D 204 22.85 -57.52 12.62
C ILE D 204 22.88 -56.64 11.38
N VAL D 205 21.73 -56.47 10.72
CA VAL D 205 21.68 -55.64 9.53
C VAL D 205 22.01 -54.19 9.88
N ARG D 206 21.64 -53.76 11.08
CA ARG D 206 21.99 -52.41 11.51
C ARG D 206 23.50 -52.24 11.60
N ASP D 207 24.20 -53.24 12.12
CA ASP D 207 25.66 -53.17 12.16
C ASP D 207 26.24 -53.16 10.75
N ILE D 208 25.68 -53.99 9.86
CA ILE D 208 26.10 -53.98 8.46
C ILE D 208 25.95 -52.58 7.88
N LYS D 209 24.80 -51.94 8.15
CA LYS D 209 24.59 -50.57 7.69
C LYS D 209 25.68 -49.65 8.21
N GLU D 210 25.91 -49.67 9.52
CA GLU D 210 26.85 -48.73 10.12
C GLU D 210 28.23 -48.88 9.49
N LYS D 211 28.70 -50.11 9.34
CA LYS D 211 30.09 -50.29 8.90
C LYS D 211 30.26 -49.98 7.42
N LEU D 212 29.48 -50.64 6.56
CA LEU D 212 29.69 -50.58 5.11
C LEU D 212 28.53 -49.81 4.46
N CYS D 213 28.68 -48.49 4.39
CA CYS D 213 27.77 -47.65 3.62
C CYS D 213 28.47 -46.33 3.31
N TYR D 214 28.06 -45.71 2.21
CA TYR D 214 28.54 -44.38 1.84
C TYR D 214 27.55 -43.77 0.87
N VAL D 215 27.64 -42.45 0.70
CA VAL D 215 26.74 -41.70 -0.16
C VAL D 215 27.50 -41.27 -1.41
N ALA D 216 26.99 -41.67 -2.57
CA ALA D 216 27.63 -41.31 -3.83
C ALA D 216 27.38 -39.84 -4.15
N LEU D 217 28.40 -39.19 -4.72
CA LEU D 217 28.24 -37.81 -5.15
C LEU D 217 27.17 -37.68 -6.22
N ASP D 218 27.20 -38.58 -7.21
CA ASP D 218 26.14 -38.68 -8.21
C ASP D 218 25.72 -40.14 -8.30
N PHE D 219 24.43 -40.34 -8.57
CA PHE D 219 23.84 -41.66 -8.37
C PHE D 219 23.89 -42.52 -9.64
N GLU D 220 23.44 -41.97 -10.78
CA GLU D 220 23.43 -42.75 -12.01
C GLU D 220 24.84 -43.17 -12.42
N ASN D 221 25.80 -42.26 -12.32
CA ASN D 221 27.18 -42.60 -12.68
C ASN D 221 27.72 -43.67 -11.75
N GLU D 222 27.41 -43.58 -10.45
CA GLU D 222 27.87 -44.60 -9.52
C GLU D 222 27.26 -45.96 -9.84
N MET D 223 25.98 -45.99 -10.19
CA MET D 223 25.35 -47.25 -10.55
C MET D 223 25.99 -47.83 -11.81
N ALA D 224 26.26 -46.99 -12.81
CA ALA D 224 26.91 -47.47 -14.02
C ALA D 224 28.30 -48.03 -13.71
N THR D 225 29.07 -47.34 -12.88
CA THR D 225 30.40 -47.81 -12.53
C THR D 225 30.34 -49.13 -11.77
N ALA D 226 29.37 -49.26 -10.86
CA ALA D 226 29.24 -50.50 -10.09
C ALA D 226 28.80 -51.65 -10.98
N ALA D 227 27.96 -51.39 -11.98
CA ALA D 227 27.52 -52.47 -12.85
C ALA D 227 28.61 -52.90 -13.82
N SER D 228 29.35 -51.94 -14.39
CA SER D 228 30.36 -52.27 -15.39
C SER D 228 31.51 -53.06 -14.75
N SER D 229 32.07 -52.56 -13.66
CA SER D 229 33.19 -53.18 -13.00
C SER D 229 32.71 -53.89 -11.73
N SER D 230 33.65 -54.43 -10.96
CA SER D 230 33.37 -55.14 -9.71
C SER D 230 34.31 -54.65 -8.62
N SER D 231 34.50 -53.34 -8.55
CA SER D 231 35.35 -52.73 -7.55
C SER D 231 34.59 -52.25 -6.32
N LEU D 232 33.28 -52.03 -6.44
CA LEU D 232 32.46 -51.58 -5.32
C LEU D 232 31.83 -52.76 -4.57
N GLU D 233 32.67 -53.70 -4.16
CA GLU D 233 32.22 -54.88 -3.43
C GLU D 233 32.98 -54.99 -2.13
N LYS D 234 32.27 -55.31 -1.05
CA LYS D 234 32.87 -55.47 0.26
C LYS D 234 32.41 -56.77 0.89
N SER D 235 33.27 -57.34 1.74
CA SER D 235 33.01 -58.60 2.41
C SER D 235 32.88 -58.37 3.91
N TYR D 236 31.80 -58.88 4.49
CA TYR D 236 31.54 -58.76 5.92
C TYR D 236 31.27 -60.15 6.48
N GLU D 237 31.52 -60.32 7.78
CA GLU D 237 31.44 -61.63 8.41
C GLU D 237 30.37 -61.62 9.49
N LEU D 238 29.44 -62.57 9.41
CA LEU D 238 28.39 -62.70 10.39
C LEU D 238 28.93 -63.31 11.68
N PRO D 239 28.12 -63.35 12.74
CA PRO D 239 28.54 -64.09 13.94
C PRO D 239 28.67 -65.58 13.71
N ASP D 240 28.07 -66.11 12.64
CA ASP D 240 28.07 -67.54 12.35
C ASP D 240 29.24 -67.92 11.44
N GLY D 241 30.26 -67.08 11.34
CA GLY D 241 31.37 -67.37 10.47
C GLY D 241 31.00 -67.51 9.01
N GLN D 242 30.00 -66.75 8.55
CA GLN D 242 29.62 -66.71 7.15
C GLN D 242 29.96 -65.33 6.59
N VAL D 243 30.20 -65.29 5.28
CA VAL D 243 30.67 -64.09 4.61
C VAL D 243 29.57 -63.59 3.67
N ILE D 244 29.13 -62.36 3.91
CA ILE D 244 28.27 -61.63 3.00
C ILE D 244 29.14 -60.78 2.08
N THR D 245 28.71 -60.63 0.83
CA THR D 245 29.41 -59.81 -0.15
C THR D 245 28.42 -58.78 -0.69
N ILE D 246 28.58 -57.53 -0.28
CA ILE D 246 27.66 -56.45 -0.63
C ILE D 246 28.23 -55.68 -1.81
N GLY D 247 27.36 -55.33 -2.76
CA GLY D 247 27.74 -54.58 -3.93
C GLY D 247 27.08 -53.22 -4.01
N ASN D 248 26.09 -53.08 -4.89
CA ASN D 248 25.42 -51.79 -5.05
C ASN D 248 24.76 -51.32 -3.76
N GLU D 249 24.22 -52.26 -2.97
CA GLU D 249 23.49 -51.87 -1.77
C GLU D 249 24.28 -50.99 -0.83
N ARG D 250 25.58 -50.82 -1.06
CA ARG D 250 26.36 -49.91 -0.22
C ARG D 250 25.84 -48.49 -0.31
N PHE D 251 25.39 -48.05 -1.49
CA PHE D 251 24.95 -46.67 -1.67
C PHE D 251 23.50 -46.57 -2.14
N ARG D 252 22.73 -47.66 -2.03
CA ARG D 252 21.29 -47.57 -2.23
C ARG D 252 20.53 -47.42 -0.92
N CYS D 253 21.16 -47.76 0.22
CA CYS D 253 20.50 -47.54 1.51
C CYS D 253 20.42 -46.06 1.84
N PRO D 254 21.52 -45.33 1.99
CA PRO D 254 21.40 -43.90 2.34
C PRO D 254 20.74 -43.07 1.26
N GLU D 255 20.75 -43.53 0.01
CA GLU D 255 20.22 -42.72 -1.08
C GLU D 255 18.74 -42.39 -0.87
N THR D 256 18.02 -43.20 -0.10
CA THR D 256 16.61 -42.91 0.14
C THR D 256 16.42 -41.58 0.85
N LEU D 257 17.45 -41.08 1.52
CA LEU D 257 17.33 -39.77 2.16
C LEU D 257 17.06 -38.69 1.12
N PHE D 258 17.74 -38.75 -0.02
CA PHE D 258 17.56 -37.77 -1.09
C PHE D 258 16.45 -38.15 -2.06
N GLN D 259 15.97 -39.38 -2.03
CA GLN D 259 14.90 -39.85 -2.93
C GLN D 259 13.92 -40.69 -2.12
N PRO D 260 13.07 -40.04 -1.32
CA PRO D 260 12.14 -40.80 -0.47
C PRO D 260 11.11 -41.61 -1.22
N SER D 261 11.11 -41.60 -2.56
CA SER D 261 10.17 -42.42 -3.31
C SER D 261 10.55 -43.89 -3.34
N PHE D 262 11.75 -44.24 -2.86
CA PHE D 262 12.15 -45.64 -2.79
C PHE D 262 11.26 -46.41 -1.82
N ILE D 263 10.88 -45.78 -0.71
CA ILE D 263 10.08 -46.43 0.32
C ILE D 263 8.58 -46.29 0.07
N GLY D 264 8.19 -45.66 -1.04
CA GLY D 264 6.80 -45.38 -1.29
C GLY D 264 6.30 -44.08 -0.71
N MET D 265 7.13 -43.38 0.05
CA MET D 265 6.75 -42.09 0.58
C MET D 265 6.59 -41.08 -0.57
N GLU D 266 6.10 -39.90 -0.23
CA GLU D 266 5.83 -38.87 -1.22
C GLU D 266 6.57 -37.56 -0.96
N SER D 267 6.98 -37.29 0.27
CA SER D 267 7.68 -36.05 0.56
C SER D 267 8.95 -35.95 -0.27
N ALA D 268 9.53 -34.75 -0.27
CA ALA D 268 10.74 -34.50 -1.02
C ALA D 268 11.97 -34.80 -0.16
N GLY D 269 13.10 -34.98 -0.84
CA GLY D 269 14.34 -35.30 -0.14
C GLY D 269 14.69 -34.25 0.89
N ILE D 270 15.76 -34.48 1.65
CA ILE D 270 16.09 -33.58 2.74
C ILE D 270 16.59 -32.23 2.21
N HIS D 271 17.27 -32.22 1.07
CA HIS D 271 17.75 -30.95 0.54
C HIS D 271 16.60 -30.02 0.20
N GLU D 272 15.52 -30.57 -0.35
CA GLU D 272 14.37 -29.73 -0.69
C GLU D 272 13.69 -29.20 0.56
N THR D 273 13.61 -30.01 1.63
CA THR D 273 13.03 -29.52 2.87
C THR D 273 13.88 -28.39 3.44
N THR D 274 15.21 -28.55 3.42
CA THR D 274 16.09 -27.49 3.90
C THR D 274 15.90 -26.22 3.09
N TYR D 275 15.85 -26.35 1.76
CA TYR D 275 15.69 -25.17 0.91
C TYR D 275 14.34 -24.50 1.16
N ASN D 276 13.28 -25.29 1.32
CA ASN D 276 11.96 -24.72 1.58
C ASN D 276 11.93 -24.02 2.93
N SER D 277 12.55 -24.61 3.95
CA SER D 277 12.65 -23.94 5.24
C SER D 277 13.38 -22.62 5.13
N ILE D 278 14.48 -22.60 4.37
CA ILE D 278 15.23 -21.36 4.19
C ILE D 278 14.36 -20.32 3.49
N MET D 279 13.60 -20.72 2.49
CA MET D 279 12.80 -19.78 1.70
C MET D 279 11.45 -19.47 2.34
N LYS D 280 11.14 -20.07 3.49
CA LYS D 280 9.94 -19.70 4.23
C LYS D 280 10.18 -18.60 5.25
N CYS D 281 11.44 -18.22 5.47
CA CYS D 281 11.77 -17.11 6.35
C CYS D 281 11.64 -15.78 5.60
N ASP D 282 12.05 -14.71 6.25
CA ASP D 282 12.00 -13.39 5.63
C ASP D 282 13.07 -13.26 4.55
N ILE D 283 12.94 -12.21 3.76
CA ILE D 283 13.88 -12.00 2.65
C ILE D 283 15.27 -11.62 3.16
N ASP D 284 15.33 -10.80 4.21
CA ASP D 284 16.59 -10.19 4.61
C ASP D 284 17.53 -11.15 5.32
N ILE D 285 17.04 -12.29 5.81
CA ILE D 285 17.86 -13.19 6.61
C ILE D 285 18.24 -14.46 5.87
N ARG D 286 17.82 -14.61 4.62
CA ARG D 286 18.11 -15.85 3.90
C ARG D 286 19.59 -16.03 3.64
N LYS D 287 20.34 -14.95 3.44
CA LYS D 287 21.76 -15.08 3.15
C LYS D 287 22.51 -15.67 4.34
N ASP D 288 22.20 -15.20 5.55
CA ASP D 288 22.88 -15.69 6.73
C ASP D 288 22.61 -17.17 6.95
N LEU D 289 21.36 -17.59 6.79
CA LEU D 289 21.04 -19.01 6.93
C LEU D 289 21.73 -19.82 5.84
N TYR D 290 21.79 -19.30 4.62
CA TYR D 290 22.52 -19.98 3.55
C TYR D 290 23.97 -20.20 3.96
N ALA D 291 24.61 -19.18 4.54
CA ALA D 291 26.03 -19.27 4.84
C ALA D 291 26.32 -20.34 5.89
N ASN D 292 25.45 -20.47 6.90
CA ASN D 292 25.73 -21.31 8.07
C ASN D 292 24.67 -22.41 8.19
N ASN D 293 24.95 -23.55 7.56
CA ASN D 293 24.17 -24.76 7.80
C ASN D 293 24.86 -25.62 8.85
N VAL D 294 24.05 -26.43 9.55
CA VAL D 294 24.55 -27.28 10.62
C VAL D 294 23.90 -28.64 10.53
N MET D 295 24.67 -29.68 10.82
CA MET D 295 24.18 -31.05 10.89
C MET D 295 24.44 -31.64 12.26
N SER D 296 23.57 -32.55 12.68
CA SER D 296 23.71 -33.24 13.95
C SER D 296 23.20 -34.67 13.78
N GLY D 297 23.10 -35.39 14.89
CA GLY D 297 22.53 -36.71 14.89
C GLY D 297 23.44 -37.78 14.30
N GLY D 298 23.20 -39.03 14.66
CA GLY D 298 24.02 -40.11 14.15
C GLY D 298 23.85 -40.34 12.66
N THR D 299 22.62 -40.21 12.16
CA THR D 299 22.32 -40.58 10.79
C THR D 299 23.12 -39.77 9.78
N THR D 300 23.69 -38.64 10.16
CA THR D 300 24.44 -37.78 9.25
C THR D 300 25.93 -38.05 9.35
N MET D 301 26.33 -39.30 9.59
CA MET D 301 27.72 -39.70 9.65
C MET D 301 28.15 -40.49 8.42
N TYR D 302 27.29 -40.64 7.44
CA TYR D 302 27.66 -41.37 6.23
C TYR D 302 28.80 -40.66 5.52
N PRO D 303 29.86 -41.36 5.13
CA PRO D 303 30.96 -40.70 4.41
C PRO D 303 30.48 -40.10 3.10
N GLY D 304 30.60 -38.79 2.98
CA GLY D 304 30.25 -38.09 1.77
C GLY D 304 28.91 -37.40 1.76
N ILE D 305 28.21 -37.36 2.91
CA ILE D 305 26.92 -36.69 2.94
C ILE D 305 27.07 -35.19 2.82
N ALA D 306 28.11 -34.61 3.43
CA ALA D 306 28.29 -33.17 3.40
C ALA D 306 28.49 -32.66 1.97
N ASP D 307 29.31 -33.36 1.20
CA ASP D 307 29.58 -32.92 -0.17
C ASP D 307 28.33 -32.94 -1.02
N ARG D 308 27.56 -34.02 -0.95
CA ARG D 308 26.32 -34.09 -1.74
C ARG D 308 25.33 -33.05 -1.27
N MET D 309 25.23 -32.82 0.04
CA MET D 309 24.32 -31.80 0.54
C MET D 309 24.68 -30.43 0.00
N GLN D 310 25.98 -30.09 0.05
CA GLN D 310 26.41 -28.80 -0.47
C GLN D 310 26.13 -28.68 -1.96
N LYS D 311 26.43 -29.73 -2.72
CA LYS D 311 26.22 -29.67 -4.16
C LYS D 311 24.74 -29.47 -4.48
N GLU D 312 23.86 -30.23 -3.82
CA GLU D 312 22.44 -30.12 -4.10
C GLU D 312 21.89 -28.76 -3.73
N ILE D 313 22.26 -28.24 -2.55
CA ILE D 313 21.76 -26.93 -2.16
C ILE D 313 22.29 -25.85 -3.10
N THR D 314 23.56 -25.94 -3.49
CA THR D 314 24.10 -24.96 -4.42
C THR D 314 23.36 -25.00 -5.76
N ALA D 315 23.05 -26.19 -6.24
CA ALA D 315 22.29 -26.30 -7.48
C ALA D 315 20.90 -25.70 -7.32
N LEU D 316 20.26 -25.94 -6.18
CA LEU D 316 18.90 -25.44 -5.98
C LEU D 316 18.88 -23.93 -5.74
N ALA D 317 19.81 -23.43 -4.94
CA ALA D 317 19.80 -22.03 -4.53
C ALA D 317 20.37 -21.12 -5.61
N PRO D 318 20.05 -19.83 -5.57
CA PRO D 318 20.57 -18.91 -6.58
C PRO D 318 22.09 -18.75 -6.45
N SER D 319 22.70 -18.33 -7.55
CA SER D 319 24.12 -18.01 -7.53
C SER D 319 24.33 -16.71 -6.74
N THR D 320 25.60 -16.32 -6.61
CA THR D 320 25.99 -15.10 -5.90
C THR D 320 25.86 -15.31 -4.38
N MET D 321 25.37 -16.47 -3.97
CA MET D 321 25.24 -16.84 -2.56
C MET D 321 26.24 -17.95 -2.26
N LYS D 322 26.94 -17.83 -1.13
CA LYS D 322 27.94 -18.81 -0.73
C LYS D 322 27.32 -19.74 0.31
N ILE D 323 27.43 -21.04 0.07
CA ILE D 323 26.83 -22.06 0.93
C ILE D 323 27.96 -22.87 1.56
N LYS D 324 27.90 -23.02 2.88
CA LYS D 324 28.83 -23.85 3.62
C LYS D 324 28.04 -24.78 4.54
N ILE D 325 28.51 -26.02 4.67
CA ILE D 325 27.85 -27.00 5.51
C ILE D 325 28.73 -27.27 6.72
N ILE D 326 28.46 -26.58 7.83
CA ILE D 326 29.23 -26.79 9.04
C ILE D 326 28.92 -28.19 9.56
N ALA D 327 29.87 -29.10 9.40
CA ALA D 327 29.68 -30.51 9.74
C ALA D 327 30.87 -30.98 10.57
N PRO D 328 30.95 -30.56 11.81
CA PRO D 328 32.11 -30.87 12.64
C PRO D 328 32.16 -32.36 12.96
N PRO D 329 33.32 -32.88 13.35
CA PRO D 329 33.38 -34.28 13.80
C PRO D 329 32.56 -34.47 15.06
N GLU D 330 32.53 -35.69 15.60
CA GLU D 330 31.81 -35.97 16.83
C GLU D 330 30.43 -35.31 16.85
N ARG D 331 29.81 -35.14 15.68
CA ARG D 331 28.47 -34.60 15.63
C ARG D 331 27.46 -35.52 16.31
N LYS D 332 27.81 -36.80 16.48
CA LYS D 332 26.88 -37.76 17.05
C LYS D 332 26.35 -37.29 18.40
N TYR D 333 27.24 -36.79 19.25
CA TYR D 333 26.89 -36.34 20.58
C TYR D 333 26.54 -34.86 20.63
N SER D 334 26.49 -34.19 19.48
CA SER D 334 26.35 -32.74 19.47
C SER D 334 25.19 -32.29 20.34
N VAL D 335 24.01 -32.90 20.15
CA VAL D 335 22.84 -32.48 20.91
C VAL D 335 23.13 -32.55 22.40
N TRP D 336 23.67 -33.67 22.86
CA TRP D 336 23.97 -33.81 24.28
C TRP D 336 24.96 -32.75 24.71
N ILE D 337 25.99 -32.49 23.89
CA ILE D 337 26.99 -31.50 24.27
C ILE D 337 26.33 -30.15 24.47
N GLY D 338 25.24 -29.88 23.77
CA GLY D 338 24.52 -28.64 24.02
C GLY D 338 23.96 -28.61 25.43
N GLY D 339 23.25 -29.67 25.81
CA GLY D 339 22.56 -29.66 27.08
C GLY D 339 23.47 -29.37 28.24
N SER D 340 24.63 -30.05 28.29
CA SER D 340 25.56 -29.80 29.36
C SER D 340 25.94 -28.33 29.41
N ILE D 341 26.28 -27.74 28.26
CA ILE D 341 26.60 -26.33 28.23
C ILE D 341 25.42 -25.53 28.76
N LEU D 342 24.22 -25.85 28.31
CA LEU D 342 23.05 -25.10 28.76
C LEU D 342 22.88 -25.23 30.26
N ALA D 343 23.22 -26.40 30.82
CA ALA D 343 23.15 -26.58 32.27
C ALA D 343 24.16 -25.68 32.97
N SER D 344 25.35 -25.53 32.40
CA SER D 344 26.43 -24.82 33.09
C SER D 344 26.07 -23.34 33.27
N LEU D 345 25.50 -22.73 32.25
CA LEU D 345 25.24 -21.29 32.24
C LEU D 345 24.59 -20.83 33.54
N SER D 346 25.12 -19.75 34.11
CA SER D 346 24.59 -19.23 35.37
C SER D 346 23.16 -18.74 35.22
N THR D 347 22.86 -18.04 34.12
CA THR D 347 21.50 -17.53 33.92
C THR D 347 20.49 -18.67 33.92
N PHE D 348 20.77 -19.73 33.16
CA PHE D 348 19.83 -20.83 33.06
C PHE D 348 19.48 -21.42 34.41
N GLN D 349 20.36 -21.27 35.40
CA GLN D 349 20.08 -21.83 36.71
C GLN D 349 18.89 -21.18 37.40
N GLN D 350 18.21 -20.25 36.74
CA GLN D 350 16.98 -19.65 37.27
C GLN D 350 15.73 -20.15 36.56
N MET D 351 15.87 -20.95 35.50
CA MET D 351 14.74 -21.31 34.64
C MET D 351 14.17 -22.70 34.90
N TRP D 352 14.64 -23.40 35.92
CA TRP D 352 14.08 -24.72 36.19
C TRP D 352 12.62 -24.62 36.61
N ILE D 353 11.98 -25.78 36.68
CA ILE D 353 10.61 -25.90 37.17
C ILE D 353 10.62 -26.65 38.49
N THR D 354 10.73 -25.92 39.61
CA THR D 354 10.83 -26.55 40.91
C THR D 354 9.62 -27.44 41.16
N LYS D 355 9.78 -28.37 42.10
CA LYS D 355 8.71 -29.34 42.39
C LYS D 355 7.46 -28.64 42.91
N GLN D 356 7.62 -27.69 43.83
CA GLN D 356 6.45 -27.00 44.37
C GLN D 356 5.71 -26.22 43.29
N GLU D 357 6.44 -25.69 42.30
CA GLU D 357 5.79 -25.00 41.21
C GLU D 357 4.85 -25.93 40.44
N TYR D 358 5.31 -27.16 40.17
CA TYR D 358 4.45 -28.13 39.49
C TYR D 358 3.29 -28.55 40.40
N ASP D 359 3.55 -28.69 41.71
CA ASP D 359 2.49 -29.09 42.62
C ASP D 359 1.37 -28.05 42.65
N GLU D 360 1.73 -26.76 42.62
CA GLU D 360 0.73 -25.70 42.69
C GLU D 360 0.08 -25.46 41.32
N ALA D 361 0.89 -25.06 40.34
CA ALA D 361 0.32 -24.66 39.04
C ALA D 361 -0.41 -25.80 38.36
N GLY D 362 0.18 -26.99 38.37
CA GLY D 362 -0.41 -28.14 37.71
C GLY D 362 0.34 -28.54 36.46
N PRO D 363 -0.17 -29.53 35.73
CA PRO D 363 0.55 -30.03 34.55
C PRO D 363 0.81 -28.97 33.49
N SER D 364 -0.06 -27.97 33.37
CA SER D 364 0.09 -26.98 32.30
C SER D 364 1.40 -26.21 32.39
N ILE D 365 2.05 -26.21 33.57
CA ILE D 365 3.26 -25.41 33.77
C ILE D 365 4.23 -25.59 32.62
N VAL D 366 4.56 -26.84 32.28
CA VAL D 366 5.61 -27.10 31.29
C VAL D 366 5.27 -26.44 29.97
N HIS D 367 3.99 -26.44 29.61
CA HIS D 367 3.59 -25.92 28.31
C HIS D 367 3.62 -24.39 28.23
N ARG D 368 3.75 -23.69 29.35
CA ARG D 368 3.76 -22.23 29.28
C ARG D 368 4.91 -21.72 28.42
N LYS D 369 6.07 -22.37 28.51
CA LYS D 369 7.24 -21.99 27.74
C LYS D 369 7.37 -22.78 26.44
N CYS D 370 6.44 -23.68 26.14
CA CYS D 370 6.52 -24.48 24.93
C CYS D 370 6.46 -23.62 23.68
N THR E 1 -28.38 -16.69 -28.90
CA THR E 1 -27.33 -17.53 -28.32
C THR E 1 -27.17 -17.27 -26.84
N THR E 2 -26.53 -18.21 -26.14
CA THR E 2 -26.23 -18.08 -24.72
C THR E 2 -24.72 -17.98 -24.54
N ALA E 3 -24.30 -17.07 -23.66
CA ALA E 3 -22.89 -16.80 -23.43
C ALA E 3 -22.45 -17.50 -22.16
N LEU E 4 -21.43 -18.37 -22.28
CA LEU E 4 -20.90 -19.05 -21.11
C LEU E 4 -20.31 -18.03 -20.14
N VAL E 5 -20.45 -18.32 -18.84
CA VAL E 5 -19.84 -17.52 -17.78
C VAL E 5 -19.04 -18.48 -16.91
N CYS E 6 -17.76 -18.64 -17.22
CA CYS E 6 -16.86 -19.43 -16.40
C CYS E 6 -16.25 -18.54 -15.33
N ASP E 7 -15.99 -19.12 -14.16
CA ASP E 7 -15.26 -18.42 -13.10
C ASP E 7 -14.11 -19.32 -12.66
N ASN E 8 -13.00 -19.27 -13.39
CA ASN E 8 -11.79 -19.95 -12.94
C ASN E 8 -11.36 -19.37 -11.61
N GLY E 9 -11.46 -20.18 -10.56
CA GLY E 9 -11.11 -19.75 -9.22
C GLY E 9 -9.74 -20.27 -8.80
N SER E 10 -9.45 -20.10 -7.52
CA SER E 10 -8.20 -20.60 -6.96
C SER E 10 -8.33 -22.00 -6.37
N GLY E 11 -9.54 -22.43 -6.04
CA GLY E 11 -9.74 -23.74 -5.46
C GLY E 11 -10.94 -24.51 -6.00
N LEU E 12 -11.73 -23.88 -6.89
CA LEU E 12 -12.85 -24.54 -7.52
C LEU E 12 -13.12 -23.91 -8.87
N VAL E 13 -13.76 -24.68 -9.75
CA VAL E 13 -14.15 -24.22 -11.08
C VAL E 13 -15.66 -24.29 -11.17
N LYS E 14 -16.29 -23.17 -11.52
CA LYS E 14 -17.74 -23.07 -11.67
C LYS E 14 -18.02 -22.54 -13.07
N ALA E 15 -18.73 -23.35 -13.86
CA ALA E 15 -19.00 -23.02 -15.26
C ALA E 15 -20.47 -23.19 -15.54
N GLY E 16 -21.05 -22.25 -16.26
CA GLY E 16 -22.47 -22.29 -16.55
C GLY E 16 -22.84 -21.35 -17.66
N PHE E 17 -24.14 -21.24 -17.89
CA PHE E 17 -24.69 -20.40 -18.94
C PHE E 17 -25.29 -19.13 -18.34
N ALA E 18 -25.46 -18.13 -19.18
CA ALA E 18 -26.11 -16.90 -18.75
C ALA E 18 -27.60 -17.13 -18.54
N GLY E 19 -28.23 -16.22 -17.81
CA GLY E 19 -29.65 -16.34 -17.53
C GLY E 19 -30.00 -17.56 -16.70
N ASP E 20 -29.15 -17.92 -15.75
CA ASP E 20 -29.42 -19.01 -14.81
C ASP E 20 -29.18 -18.51 -13.39
N ASP E 21 -29.52 -19.36 -12.42
CA ASP E 21 -29.38 -19.02 -11.01
C ASP E 21 -28.27 -19.80 -10.32
N ALA E 22 -27.60 -20.70 -11.03
CA ALA E 22 -26.54 -21.51 -10.44
C ALA E 22 -25.64 -22.02 -11.56
N PRO E 23 -24.37 -22.32 -11.25
CA PRO E 23 -23.49 -22.86 -12.29
C PRO E 23 -23.96 -24.22 -12.76
N ARG E 24 -23.82 -24.46 -14.07
CA ARG E 24 -24.23 -25.74 -14.62
C ARG E 24 -23.37 -26.88 -14.07
N ALA E 25 -22.06 -26.65 -13.96
CA ALA E 25 -21.13 -27.61 -13.40
C ALA E 25 -20.18 -26.93 -12.43
N VAL E 26 -19.83 -27.65 -11.38
CA VAL E 26 -18.89 -27.18 -10.37
C VAL E 26 -18.00 -28.34 -9.97
N PHE E 27 -16.68 -28.14 -10.04
CA PHE E 27 -15.76 -29.23 -9.75
C PHE E 27 -14.40 -28.65 -9.36
N PRO E 28 -13.61 -29.37 -8.56
CA PRO E 28 -12.33 -28.83 -8.13
C PRO E 28 -11.35 -28.66 -9.27
N SER E 29 -10.45 -27.69 -9.13
CA SER E 29 -9.43 -27.40 -10.13
C SER E 29 -8.11 -28.03 -9.70
N ILE E 30 -8.00 -29.33 -9.90
CA ILE E 30 -6.79 -30.08 -9.59
C ILE E 30 -6.45 -30.99 -10.76
N VAL E 31 -5.19 -31.40 -10.81
CA VAL E 31 -4.70 -32.35 -11.80
C VAL E 31 -3.90 -33.41 -11.07
N GLY E 32 -4.32 -34.67 -11.20
CA GLY E 32 -3.67 -35.77 -10.52
C GLY E 32 -2.88 -36.61 -11.52
N ARG E 33 -1.66 -36.97 -11.13
CA ARG E 33 -0.82 -37.81 -11.94
C ARG E 33 -0.54 -39.11 -11.21
N PRO E 34 -0.54 -40.25 -11.91
CA PRO E 34 -0.31 -41.52 -11.23
C PRO E 34 1.09 -41.59 -10.66
N ARG E 35 1.23 -42.35 -9.59
CA ARG E 35 2.46 -42.43 -8.84
C ARG E 35 3.14 -43.79 -8.90
N HIS E 36 2.39 -44.86 -9.15
CA HIS E 36 2.87 -46.22 -9.01
C HIS E 36 3.03 -46.86 -10.39
N GLN E 37 3.40 -48.14 -10.38
CA GLN E 37 3.81 -48.81 -11.63
C GLN E 37 2.63 -49.08 -12.54
N GLY E 38 1.70 -49.93 -12.11
CA GLY E 38 0.63 -50.38 -12.99
C GLY E 38 0.95 -51.74 -13.58
N VAL E 39 0.23 -52.78 -13.14
CA VAL E 39 0.64 -54.16 -13.40
C VAL E 39 -0.35 -54.89 -14.29
N MET E 40 -1.60 -54.46 -14.28
CA MET E 40 -2.63 -55.16 -15.06
C MET E 40 -2.59 -54.74 -16.52
N VAL E 41 -3.07 -55.62 -17.39
CA VAL E 41 -3.04 -55.43 -18.83
C VAL E 41 -4.46 -55.25 -19.33
N GLY E 42 -4.64 -54.52 -20.43
CA GLY E 42 -5.95 -54.35 -21.06
C GLY E 42 -6.62 -53.09 -20.58
N MET E 43 -6.02 -52.37 -19.64
CA MET E 43 -6.58 -51.13 -19.07
C MET E 43 -6.24 -49.97 -19.99
N GLY E 44 -6.77 -48.78 -19.72
CA GLY E 44 -6.46 -47.56 -20.49
C GLY E 44 -5.35 -46.78 -19.82
N GLN E 45 -4.21 -46.62 -20.50
CA GLN E 45 -3.06 -45.85 -19.96
C GLN E 45 -3.43 -44.37 -19.98
N LYS E 46 -3.70 -43.78 -18.81
CA LYS E 46 -4.05 -42.34 -18.70
C LYS E 46 -2.82 -41.60 -18.13
N ASP E 47 -2.34 -40.57 -18.83
CA ASP E 47 -1.19 -39.79 -18.33
C ASP E 47 -1.57 -39.00 -17.09
N SER E 48 -2.79 -38.46 -17.04
CA SER E 48 -3.18 -37.60 -15.92
C SER E 48 -4.69 -37.49 -15.86
N TYR E 49 -5.25 -37.66 -14.67
CA TYR E 49 -6.66 -37.43 -14.44
C TYR E 49 -6.88 -35.97 -14.03
N VAL E 50 -8.05 -35.44 -14.38
CA VAL E 50 -8.35 -34.04 -14.17
C VAL E 50 -9.78 -33.90 -13.67
N GLY E 51 -9.98 -33.01 -12.70
CA GLY E 51 -11.32 -32.67 -12.27
C GLY E 51 -11.75 -33.50 -11.08
N ASP E 52 -12.94 -34.10 -11.18
CA ASP E 52 -13.53 -34.83 -10.06
C ASP E 52 -13.08 -36.29 -10.01
N GLU E 53 -12.78 -36.91 -11.15
CA GLU E 53 -12.30 -38.28 -11.13
C GLU E 53 -10.97 -38.38 -10.38
N ALA E 54 -10.13 -37.34 -10.50
CA ALA E 54 -8.90 -37.30 -9.70
C ALA E 54 -9.22 -37.27 -8.22
N GLN E 55 -10.22 -36.48 -7.82
CA GLN E 55 -10.62 -36.45 -6.42
C GLN E 55 -11.17 -37.79 -5.96
N SER E 56 -11.78 -38.55 -6.88
CA SER E 56 -12.33 -39.85 -6.50
C SER E 56 -11.22 -40.87 -6.24
N LYS E 57 -10.14 -40.81 -7.01
CA LYS E 57 -9.05 -41.78 -6.93
C LYS E 57 -7.79 -41.16 -6.33
N ARG E 58 -7.96 -40.36 -5.29
CA ARG E 58 -6.83 -39.65 -4.69
C ARG E 58 -5.84 -40.59 -4.02
N GLY E 59 -6.18 -41.86 -3.83
CA GLY E 59 -5.30 -42.77 -3.13
C GLY E 59 -3.94 -42.91 -3.79
N ILE E 60 -3.90 -43.01 -5.12
CA ILE E 60 -2.69 -43.37 -5.83
C ILE E 60 -2.28 -42.28 -6.81
N LEU E 61 -2.59 -41.02 -6.50
CA LEU E 61 -2.27 -39.90 -7.37
C LEU E 61 -1.52 -38.83 -6.59
N THR E 62 -0.79 -38.00 -7.32
CA THR E 62 -0.08 -36.85 -6.77
C THR E 62 -0.81 -35.59 -7.25
N LEU E 63 -1.79 -35.14 -6.46
CA LEU E 63 -2.63 -34.04 -6.88
C LEU E 63 -1.85 -32.73 -6.86
N LYS E 64 -2.01 -31.93 -7.91
CA LYS E 64 -1.35 -30.64 -8.05
C LYS E 64 -2.38 -29.59 -8.41
N TYR E 65 -2.13 -28.36 -7.96
CA TYR E 65 -3.02 -27.23 -8.22
C TYR E 65 -2.41 -26.32 -9.26
N PRO E 66 -3.00 -26.16 -10.44
CA PRO E 66 -2.39 -25.26 -11.44
C PRO E 66 -2.41 -23.80 -11.00
N ILE E 67 -3.36 -23.38 -10.19
CA ILE E 67 -3.48 -22.00 -9.76
C ILE E 67 -3.04 -21.91 -8.30
N GLU E 68 -2.53 -20.73 -7.92
CA GLU E 68 -2.15 -20.49 -6.53
C GLU E 68 -2.09 -18.99 -6.30
N HIS E 69 -2.71 -18.53 -5.22
CA HIS E 69 -2.75 -17.10 -4.89
C HIS E 69 -3.26 -16.29 -6.07
N GLY E 70 -4.26 -16.82 -6.76
CA GLY E 70 -4.81 -16.14 -7.93
C GLY E 70 -3.97 -16.28 -9.17
N ILE E 71 -2.66 -16.08 -9.06
CA ILE E 71 -1.79 -16.22 -10.21
C ILE E 71 -1.85 -17.66 -10.73
N ILE E 72 -1.62 -17.81 -12.02
CA ILE E 72 -1.55 -19.12 -12.66
C ILE E 72 -0.08 -19.49 -12.81
N THR E 73 0.30 -20.63 -12.21
CA THR E 73 1.69 -21.06 -12.21
C THR E 73 1.99 -22.00 -13.38
N ASN E 74 1.19 -23.05 -13.53
CA ASN E 74 1.36 -24.02 -14.61
C ASN E 74 0.27 -23.79 -15.65
N TRP E 75 0.69 -23.76 -16.91
CA TRP E 75 -0.22 -23.41 -18.01
C TRP E 75 -0.78 -24.63 -18.73
N ASP E 76 0.00 -25.69 -18.88
CA ASP E 76 -0.52 -26.90 -19.52
C ASP E 76 -1.69 -27.48 -18.73
N ASP E 77 -1.54 -27.58 -17.42
CA ASP E 77 -2.63 -28.09 -16.60
C ASP E 77 -3.85 -27.18 -16.65
N MET E 78 -3.63 -25.86 -16.68
CA MET E 78 -4.77 -24.95 -16.76
C MET E 78 -5.51 -25.12 -18.09
N GLU E 79 -4.77 -25.29 -19.18
CA GLU E 79 -5.41 -25.57 -20.46
C GLU E 79 -6.18 -26.88 -20.43
N LYS E 80 -5.62 -27.89 -19.76
CA LYS E 80 -6.33 -29.16 -19.61
C LYS E 80 -7.63 -28.97 -18.85
N ILE E 81 -7.59 -28.18 -17.77
CA ILE E 81 -8.80 -27.90 -17.00
C ILE E 81 -9.85 -27.22 -17.88
N TRP E 82 -9.42 -26.24 -18.67
CA TRP E 82 -10.37 -25.52 -19.52
C TRP E 82 -10.99 -26.45 -20.55
N HIS E 83 -10.17 -27.30 -21.17
CA HIS E 83 -10.69 -28.25 -22.15
C HIS E 83 -11.69 -29.20 -21.51
N HIS E 84 -11.37 -29.71 -20.31
CA HIS E 84 -12.28 -30.60 -19.61
C HIS E 84 -13.59 -29.89 -19.30
N THR E 85 -13.52 -28.63 -18.88
CA THR E 85 -14.74 -27.89 -18.58
C THR E 85 -15.60 -27.70 -19.82
N PHE E 86 -14.98 -27.35 -20.95
CA PHE E 86 -15.77 -27.02 -22.14
C PHE E 86 -16.37 -28.26 -22.78
N TYR E 87 -15.59 -29.34 -22.92
CA TYR E 87 -16.07 -30.49 -23.68
C TYR E 87 -16.73 -31.54 -22.79
N ASN E 88 -16.00 -32.07 -21.81
CA ASN E 88 -16.52 -33.19 -21.03
C ASN E 88 -17.61 -32.76 -20.06
N GLU E 89 -17.44 -31.61 -19.40
CA GLU E 89 -18.35 -31.20 -18.35
C GLU E 89 -19.57 -30.47 -18.89
N LEU E 90 -19.36 -29.34 -19.57
CA LEU E 90 -20.49 -28.58 -20.10
C LEU E 90 -21.09 -29.27 -21.31
N ARG E 91 -20.27 -29.90 -22.15
CA ARG E 91 -20.73 -30.59 -23.35
C ARG E 91 -21.31 -29.60 -24.36
N VAL E 92 -20.53 -28.56 -24.66
CA VAL E 92 -20.90 -27.56 -25.66
C VAL E 92 -19.64 -27.11 -26.38
N ALA E 93 -19.69 -27.09 -27.70
CA ALA E 93 -18.54 -26.63 -28.47
C ALA E 93 -18.29 -25.15 -28.17
N PRO E 94 -17.03 -24.73 -28.01
CA PRO E 94 -16.77 -23.34 -27.63
C PRO E 94 -16.79 -22.35 -28.78
N GLU E 95 -16.79 -22.80 -30.03
CA GLU E 95 -16.73 -21.86 -31.15
C GLU E 95 -17.98 -20.99 -31.21
N GLU E 96 -19.16 -21.56 -30.95
CA GLU E 96 -20.39 -20.82 -31.18
C GLU E 96 -20.52 -19.64 -30.21
N HIS E 97 -20.22 -19.85 -28.90
CA HIS E 97 -20.60 -18.86 -27.91
C HIS E 97 -19.41 -18.01 -27.47
N PRO E 98 -19.66 -16.77 -27.04
CA PRO E 98 -18.61 -16.00 -26.37
C PRO E 98 -18.34 -16.51 -24.97
N THR E 99 -17.48 -15.83 -24.21
CA THR E 99 -17.18 -16.28 -22.86
C THR E 99 -16.77 -15.10 -21.99
N LEU E 100 -17.07 -15.22 -20.70
CA LEU E 100 -16.76 -14.20 -19.71
C LEU E 100 -16.00 -14.85 -18.56
N LEU E 101 -14.85 -14.27 -18.23
CA LEU E 101 -13.96 -14.79 -17.19
C LEU E 101 -13.78 -13.74 -16.10
N THR E 102 -13.24 -14.18 -14.97
CA THR E 102 -13.06 -13.31 -13.81
C THR E 102 -11.64 -13.41 -13.30
N GLU E 103 -11.03 -12.27 -13.00
CA GLU E 103 -9.66 -12.20 -12.51
C GLU E 103 -9.58 -11.22 -11.35
N ALA E 104 -8.86 -11.62 -10.30
CA ALA E 104 -8.77 -10.80 -9.10
C ALA E 104 -7.98 -9.52 -9.38
N PRO E 105 -8.22 -8.46 -8.61
CA PRO E 105 -7.53 -7.19 -8.87
C PRO E 105 -6.06 -7.26 -8.50
N LEU E 106 -5.29 -6.33 -9.09
CA LEU E 106 -3.87 -6.16 -8.82
C LEU E 106 -3.02 -7.36 -9.25
N ASN E 107 -3.54 -8.20 -10.14
CA ASN E 107 -2.77 -9.34 -10.62
C ASN E 107 -1.81 -8.92 -11.73
N PRO E 108 -0.79 -9.73 -12.01
CA PRO E 108 0.19 -9.35 -13.04
C PRO E 108 -0.46 -9.21 -14.41
N LYS E 109 0.11 -8.31 -15.21
CA LYS E 109 -0.43 -8.04 -16.54
C LYS E 109 -0.33 -9.27 -17.43
N ALA E 110 0.84 -9.91 -17.46
CA ALA E 110 1.09 -11.02 -18.37
C ALA E 110 -0.01 -12.08 -18.29
N ASN E 111 -0.53 -12.34 -17.09
CA ASN E 111 -1.62 -13.27 -16.91
C ASN E 111 -2.75 -13.02 -17.89
N ARG E 112 -3.23 -11.78 -17.92
CA ARG E 112 -4.36 -11.42 -18.79
C ARG E 112 -4.04 -11.71 -20.25
N GLU E 113 -2.88 -11.26 -20.73
CA GLU E 113 -2.51 -11.50 -22.13
C GLU E 113 -2.47 -12.99 -22.45
N LYS E 114 -1.78 -13.77 -21.61
CA LYS E 114 -1.66 -15.20 -21.88
C LYS E 114 -3.02 -15.88 -21.90
N MET E 115 -3.87 -15.51 -20.94
CA MET E 115 -5.23 -16.04 -20.90
C MET E 115 -5.97 -15.73 -22.20
N THR E 116 -5.89 -14.48 -22.65
CA THR E 116 -6.54 -14.09 -23.91
C THR E 116 -6.03 -14.94 -25.07
N GLN E 117 -4.71 -15.05 -25.18
CA GLN E 117 -4.13 -15.80 -26.29
C GLN E 117 -4.59 -17.25 -26.27
N ILE E 118 -4.57 -17.88 -25.09
CA ILE E 118 -5.02 -19.25 -24.99
C ILE E 118 -6.49 -19.39 -25.31
N MET E 119 -7.29 -18.34 -25.09
CA MET E 119 -8.72 -18.40 -25.37
C MET E 119 -9.06 -17.98 -26.80
N PHE E 120 -8.09 -17.46 -27.56
CA PHE E 120 -8.32 -17.11 -28.96
C PHE E 120 -7.61 -18.05 -29.93
N GLU E 121 -6.31 -18.25 -29.78
CA GLU E 121 -5.57 -19.06 -30.75
C GLU E 121 -5.97 -20.52 -30.67
N THR E 122 -6.13 -21.06 -29.46
CA THR E 122 -6.34 -22.49 -29.28
C THR E 122 -7.81 -22.89 -29.33
N PHE E 123 -8.67 -22.19 -28.58
CA PHE E 123 -10.06 -22.58 -28.46
C PHE E 123 -10.95 -21.89 -29.48
N ASN E 124 -10.59 -20.68 -29.92
CA ASN E 124 -11.26 -20.02 -31.03
C ASN E 124 -12.67 -19.56 -30.67
N VAL E 125 -12.84 -18.96 -29.49
CA VAL E 125 -14.12 -18.37 -29.12
C VAL E 125 -14.31 -17.10 -29.94
N PRO E 126 -15.54 -16.73 -30.31
CA PRO E 126 -15.72 -15.54 -31.16
C PRO E 126 -15.56 -14.24 -30.40
N ALA E 127 -15.61 -14.25 -29.08
CA ALA E 127 -15.47 -13.03 -28.29
C ALA E 127 -15.28 -13.41 -26.84
N MET E 128 -14.41 -12.67 -26.14
CA MET E 128 -14.08 -12.96 -24.76
C MET E 128 -14.07 -11.66 -23.98
N TYR E 129 -14.45 -11.73 -22.71
CA TYR E 129 -14.32 -10.58 -21.82
C TYR E 129 -13.86 -11.07 -20.46
N VAL E 130 -13.20 -10.19 -19.72
CA VAL E 130 -12.71 -10.49 -18.38
C VAL E 130 -13.10 -9.36 -17.44
N ALA E 131 -13.50 -9.72 -16.22
CA ALA E 131 -13.98 -8.75 -15.24
C ALA E 131 -13.35 -8.99 -13.88
N ILE E 132 -13.34 -7.94 -13.07
CA ILE E 132 -12.80 -8.01 -11.72
C ILE E 132 -13.79 -8.77 -10.83
N GLN E 133 -13.27 -9.65 -9.98
CA GLN E 133 -14.14 -10.50 -9.17
C GLN E 133 -15.01 -9.69 -8.24
N ALA E 134 -14.45 -8.68 -7.57
CA ALA E 134 -15.21 -7.94 -6.58
C ALA E 134 -16.40 -7.22 -7.20
N VAL E 135 -16.20 -6.62 -8.38
CA VAL E 135 -17.25 -5.79 -8.97
C VAL E 135 -18.50 -6.62 -9.24
N LEU E 136 -18.34 -7.83 -9.80
CA LEU E 136 -19.49 -8.64 -10.13
C LEU E 136 -20.34 -8.96 -8.90
N SER E 137 -19.75 -8.92 -7.71
CA SER E 137 -20.53 -9.21 -6.51
C SER E 137 -21.63 -8.18 -6.29
N LEU E 138 -21.42 -6.93 -6.70
CA LEU E 138 -22.40 -5.89 -6.43
C LEU E 138 -23.65 -6.04 -7.29
N TYR E 139 -23.53 -6.60 -8.49
CA TYR E 139 -24.73 -6.91 -9.26
C TYR E 139 -25.58 -7.94 -8.54
N ALA E 140 -24.96 -9.00 -8.02
CA ALA E 140 -25.72 -10.02 -7.31
C ALA E 140 -26.33 -9.45 -6.04
N SER E 141 -25.59 -8.61 -5.32
CA SER E 141 -26.12 -8.01 -4.10
C SER E 141 -27.33 -7.14 -4.40
N GLY E 142 -27.28 -6.37 -5.48
CA GLY E 142 -28.40 -5.54 -5.89
C GLY E 142 -28.26 -4.06 -5.57
N ARG E 143 -27.07 -3.60 -5.18
CA ARG E 143 -26.84 -2.20 -4.86
C ARG E 143 -25.77 -1.63 -5.79
N THR E 144 -25.51 -0.34 -5.64
CA THR E 144 -24.48 0.36 -6.39
C THR E 144 -23.42 1.03 -5.52
N THR E 145 -23.71 1.28 -4.26
CA THR E 145 -22.77 1.88 -3.31
C THR E 145 -22.44 0.85 -2.25
N GLY E 146 -21.15 0.56 -2.08
CA GLY E 146 -20.78 -0.47 -1.12
C GLY E 146 -19.28 -0.66 -1.06
N ILE E 147 -18.88 -1.60 -0.21
CA ILE E 147 -17.49 -2.01 -0.08
C ILE E 147 -17.46 -3.53 -0.02
N VAL E 148 -17.23 -4.16 -1.17
CA VAL E 148 -17.23 -5.62 -1.20
C VAL E 148 -16.01 -6.14 -0.45
N LEU E 149 -16.13 -7.38 0.04
CA LEU E 149 -15.08 -8.02 0.83
C LEU E 149 -14.88 -9.46 0.34
N ASP E 150 -14.83 -9.63 -0.97
CA ASP E 150 -14.64 -10.96 -1.54
C ASP E 150 -13.45 -11.64 -0.90
N SER E 151 -13.67 -12.86 -0.40
CA SER E 151 -12.62 -13.67 0.22
C SER E 151 -12.77 -15.10 -0.32
N GLY E 152 -12.11 -15.37 -1.43
CA GLY E 152 -12.08 -16.70 -1.98
C GLY E 152 -10.96 -17.51 -1.38
N ASP E 153 -10.76 -18.70 -1.94
CA ASP E 153 -9.52 -19.42 -1.67
C ASP E 153 -8.36 -18.68 -2.33
N GLY E 154 -7.18 -18.81 -1.73
CA GLY E 154 -6.00 -18.16 -2.27
C GLY E 154 -5.76 -16.76 -1.76
N VAL E 155 -6.66 -15.83 -2.00
CA VAL E 155 -6.45 -14.42 -1.67
C VAL E 155 -7.78 -13.77 -1.26
N THR E 156 -7.68 -12.59 -0.67
CA THR E 156 -8.81 -11.80 -0.23
C THR E 156 -8.57 -10.33 -0.57
N HIS E 157 -9.58 -9.68 -1.11
CA HIS E 157 -9.43 -8.30 -1.57
C HIS E 157 -10.67 -7.49 -1.24
N ASN E 158 -10.47 -6.17 -1.11
CA ASN E 158 -11.52 -5.22 -0.82
C ASN E 158 -11.51 -4.14 -1.90
N VAL E 159 -12.69 -3.83 -2.43
CA VAL E 159 -12.85 -2.87 -3.52
C VAL E 159 -14.05 -1.97 -3.21
N PRO E 160 -13.84 -0.73 -2.76
CA PRO E 160 -14.98 0.14 -2.48
C PRO E 160 -15.47 0.84 -3.74
N ILE E 161 -16.80 0.89 -3.89
CA ILE E 161 -17.45 1.56 -5.01
C ILE E 161 -18.51 2.49 -4.46
N TYR E 162 -18.73 3.60 -5.18
CA TYR E 162 -19.71 4.60 -4.77
C TYR E 162 -20.38 5.15 -6.01
N GLU E 163 -21.69 4.96 -6.13
CA GLU E 163 -22.45 5.46 -7.27
C GLU E 163 -21.87 4.95 -8.58
N GLY E 164 -21.33 3.73 -8.57
CA GLY E 164 -20.71 3.18 -9.76
C GLY E 164 -19.48 3.94 -10.20
N TYR E 165 -18.68 4.41 -9.25
CA TYR E 165 -17.39 5.04 -9.52
C TYR E 165 -16.36 4.35 -8.64
N ALA E 166 -15.80 3.26 -9.14
CA ALA E 166 -14.84 2.49 -8.35
C ALA E 166 -13.61 3.33 -8.02
N LEU E 167 -13.32 3.45 -6.74
CA LEU E 167 -12.10 4.14 -6.32
C LEU E 167 -10.93 3.17 -6.41
N PRO E 168 -9.93 3.45 -7.25
CA PRO E 168 -8.84 2.48 -7.44
C PRO E 168 -7.74 2.56 -6.40
N HIS E 169 -7.60 3.71 -5.74
CA HIS E 169 -6.53 3.87 -4.76
C HIS E 169 -6.86 3.24 -3.42
N ALA E 170 -8.14 2.97 -3.14
CA ALA E 170 -8.55 2.35 -1.89
C ALA E 170 -8.57 0.84 -1.94
N ILE E 171 -8.37 0.24 -3.12
CA ILE E 171 -8.41 -1.20 -3.24
C ILE E 171 -7.30 -1.81 -2.39
N MET E 172 -7.61 -2.93 -1.73
CA MET E 172 -6.64 -3.61 -0.89
C MET E 172 -6.63 -5.10 -1.23
N ARG E 173 -5.46 -5.71 -1.09
CA ARG E 173 -5.23 -7.10 -1.47
C ARG E 173 -4.40 -7.77 -0.40
N LEU E 174 -4.69 -9.05 -0.12
CA LEU E 174 -4.01 -9.76 0.95
C LEU E 174 -4.05 -11.24 0.64
N ASP E 175 -2.99 -11.96 1.05
CA ASP E 175 -2.79 -13.36 0.65
C ASP E 175 -3.15 -14.34 1.75
N LEU E 176 -4.17 -14.04 2.55
CA LEU E 176 -4.66 -14.95 3.58
C LEU E 176 -6.00 -15.50 3.13
N ALA E 177 -6.10 -16.82 3.05
CA ALA E 177 -7.30 -17.46 2.50
C ALA E 177 -7.39 -18.89 3.03
N GLY E 178 -8.27 -19.67 2.41
CA GLY E 178 -8.59 -20.99 2.94
C GLY E 178 -7.42 -21.95 2.97
N ARG E 179 -6.50 -21.84 2.01
CA ARG E 179 -5.38 -22.77 1.95
C ARG E 179 -4.49 -22.65 3.19
N ASP E 180 -4.21 -21.40 3.61
CA ASP E 180 -3.43 -21.20 4.81
C ASP E 180 -4.15 -21.74 6.04
N LEU E 181 -5.47 -21.59 6.10
CA LEU E 181 -6.22 -22.16 7.22
C LEU E 181 -6.13 -23.68 7.21
N THR E 182 -6.19 -24.31 6.04
CA THR E 182 -6.05 -25.76 5.98
C THR E 182 -4.68 -26.19 6.50
N ASP E 183 -3.62 -25.49 6.07
CA ASP E 183 -2.28 -25.82 6.54
C ASP E 183 -2.16 -25.63 8.06
N TYR E 184 -2.73 -24.54 8.57
CA TYR E 184 -2.71 -24.32 10.01
C TYR E 184 -3.49 -25.40 10.75
N LEU E 185 -4.61 -25.84 10.17
CA LEU E 185 -5.36 -26.93 10.79
C LEU E 185 -4.52 -28.19 10.88
N MET E 186 -3.80 -28.53 9.81
CA MET E 186 -2.89 -29.67 9.90
C MET E 186 -1.88 -29.47 11.02
N LYS E 187 -1.26 -28.29 11.06
CA LYS E 187 -0.18 -28.04 12.00
C LYS E 187 -0.67 -28.14 13.44
N ILE E 188 -1.85 -27.63 13.73
CA ILE E 188 -2.35 -27.65 15.11
C ILE E 188 -3.01 -28.98 15.47
N LEU E 189 -3.60 -29.68 14.49
CA LEU E 189 -4.07 -31.03 14.75
C LEU E 189 -2.91 -31.96 15.06
N THR E 190 -1.70 -31.62 14.65
CA THR E 190 -0.55 -32.44 15.00
C THR E 190 -0.44 -32.65 16.51
N GLU E 191 -0.91 -31.68 17.31
CA GLU E 191 -0.68 -31.76 18.76
C GLU E 191 -1.37 -32.97 19.38
N ARG E 192 -2.63 -33.24 19.00
CA ARG E 192 -3.36 -34.32 19.65
C ARG E 192 -2.89 -35.69 19.21
N GLY E 193 -2.06 -35.79 18.18
CA GLY E 193 -1.52 -37.06 17.75
C GLY E 193 -1.79 -37.35 16.29
N TYR E 194 -2.84 -36.74 15.75
CA TYR E 194 -3.22 -37.00 14.37
C TYR E 194 -2.24 -36.31 13.43
N SER E 195 -1.54 -37.08 12.62
CA SER E 195 -0.50 -36.56 11.73
C SER E 195 -0.96 -36.74 10.29
N PHE E 196 -1.21 -35.62 9.61
CA PHE E 196 -1.60 -35.62 8.20
C PHE E 196 -0.50 -34.95 7.40
N VAL E 197 0.02 -35.65 6.40
CA VAL E 197 1.16 -35.16 5.64
C VAL E 197 0.88 -35.12 4.13
N THR E 198 0.42 -36.22 3.57
CA THR E 198 0.27 -36.30 2.12
C THR E 198 -0.84 -35.37 1.62
N THR E 199 -0.87 -35.20 0.30
CA THR E 199 -1.84 -34.28 -0.31
C THR E 199 -3.27 -34.75 -0.12
N ALA E 200 -3.53 -36.05 -0.29
CA ALA E 200 -4.88 -36.56 -0.04
C ALA E 200 -5.27 -36.38 1.42
N GLU E 201 -4.30 -36.53 2.32
CA GLU E 201 -4.55 -36.26 3.73
C GLU E 201 -4.88 -34.79 3.96
N ARG E 202 -4.24 -33.89 3.21
CA ARG E 202 -4.63 -32.49 3.27
C ARG E 202 -6.04 -32.29 2.74
N GLU E 203 -6.42 -33.07 1.73
CA GLU E 203 -7.80 -32.99 1.22
C GLU E 203 -8.79 -33.41 2.29
N ILE E 204 -8.45 -34.46 3.06
CA ILE E 204 -9.28 -34.87 4.18
C ILE E 204 -9.36 -33.77 5.23
N VAL E 205 -8.24 -33.13 5.52
CA VAL E 205 -8.24 -32.05 6.51
C VAL E 205 -9.11 -30.89 6.04
N ARG E 206 -9.15 -30.65 4.72
CA ARG E 206 -10.01 -29.60 4.20
C ARG E 206 -11.49 -29.91 4.48
N ASP E 207 -11.89 -31.17 4.32
CA ASP E 207 -13.25 -31.54 4.65
C ASP E 207 -13.51 -31.38 6.14
N ILE E 208 -12.54 -31.78 6.97
CA ILE E 208 -12.66 -31.56 8.41
C ILE E 208 -12.89 -30.09 8.70
N LYS E 209 -12.13 -29.22 8.05
CA LYS E 209 -12.31 -27.77 8.21
C LYS E 209 -13.72 -27.35 7.84
N GLU E 210 -14.18 -27.78 6.67
CA GLU E 210 -15.49 -27.34 6.19
C GLU E 210 -16.59 -27.72 7.17
N LYS E 211 -16.56 -28.97 7.65
CA LYS E 211 -17.67 -29.45 8.45
C LYS E 211 -17.66 -28.84 9.85
N LEU E 212 -16.56 -29.00 10.58
CA LEU E 212 -16.50 -28.68 12.00
C LEU E 212 -15.59 -27.46 12.21
N CYS E 213 -16.17 -26.27 12.10
CA CYS E 213 -15.47 -25.03 12.44
C CYS E 213 -16.49 -23.93 12.70
N TYR E 214 -16.10 -22.97 13.51
CA TYR E 214 -16.91 -21.79 13.76
C TYR E 214 -16.02 -20.69 14.31
N VAL E 215 -16.53 -19.47 14.30
CA VAL E 215 -15.79 -18.29 14.76
C VAL E 215 -16.40 -17.83 16.08
N ALA E 216 -15.57 -17.75 17.12
CA ALA E 216 -16.04 -17.30 18.42
C ALA E 216 -16.28 -15.79 18.40
N LEU E 217 -17.33 -15.36 19.12
CA LEU E 217 -17.58 -13.94 19.24
C LEU E 217 -16.42 -13.23 19.93
N ASP E 218 -15.94 -13.79 21.04
CA ASP E 218 -14.74 -13.33 21.70
C ASP E 218 -13.85 -14.52 21.99
N PHE E 219 -12.54 -14.30 21.95
CA PHE E 219 -11.60 -15.41 21.84
C PHE E 219 -11.13 -15.91 23.21
N GLU E 220 -10.66 -15.00 24.07
CA GLU E 220 -10.11 -15.43 25.35
C GLU E 220 -11.14 -16.15 26.20
N ASN E 221 -12.36 -15.60 26.27
CA ASN E 221 -13.42 -16.25 27.04
C ASN E 221 -13.75 -17.62 26.46
N GLU E 222 -13.75 -17.74 25.13
CA GLU E 222 -14.01 -19.03 24.52
C GLU E 222 -12.94 -20.05 24.88
N MET E 223 -11.67 -19.62 24.87
CA MET E 223 -10.60 -20.53 25.28
C MET E 223 -10.77 -20.96 26.73
N ALA E 224 -11.11 -20.01 27.60
CA ALA E 224 -11.31 -20.35 29.01
C ALA E 224 -12.45 -21.35 29.16
N THR E 225 -13.56 -21.14 28.45
CA THR E 225 -14.69 -22.06 28.54
C THR E 225 -14.32 -23.44 28.02
N ALA E 226 -13.58 -23.50 26.92
CA ALA E 226 -13.20 -24.79 26.36
C ALA E 226 -12.21 -25.52 27.26
N ALA E 227 -11.34 -24.80 27.94
CA ALA E 227 -10.38 -25.45 28.83
C ALA E 227 -11.05 -25.93 30.11
N SER E 228 -11.93 -25.12 30.70
CA SER E 228 -12.55 -25.49 31.95
C SER E 228 -13.47 -26.70 31.79
N SER E 229 -14.37 -26.66 30.81
CA SER E 229 -15.33 -27.72 30.57
C SER E 229 -14.89 -28.55 29.37
N SER E 230 -15.74 -29.50 28.98
CA SER E 230 -15.48 -30.38 27.84
C SER E 230 -16.71 -30.46 26.95
N SER E 231 -17.35 -29.31 26.72
CA SER E 231 -18.54 -29.24 25.89
C SER E 231 -18.24 -28.85 24.45
N LEU E 232 -17.08 -28.26 24.18
CA LEU E 232 -16.69 -27.87 22.83
C LEU E 232 -15.87 -28.96 22.15
N GLU E 233 -16.39 -30.18 22.13
CA GLU E 233 -15.72 -31.31 21.51
C GLU E 233 -16.64 -31.96 20.49
N LYS E 234 -16.08 -32.31 19.34
CA LYS E 234 -16.83 -32.95 18.27
C LYS E 234 -16.08 -34.17 17.77
N SER E 235 -16.82 -35.14 17.27
CA SER E 235 -16.26 -36.41 16.78
C SER E 235 -16.51 -36.52 15.28
N TYR E 236 -15.45 -36.81 14.54
CA TYR E 236 -15.51 -36.95 13.09
C TYR E 236 -14.90 -38.29 12.70
N GLU E 237 -15.34 -38.84 11.57
CA GLU E 237 -14.94 -40.17 11.15
C GLU E 237 -14.17 -40.09 9.83
N LEU E 238 -12.97 -40.67 9.82
CA LEU E 238 -12.15 -40.70 8.62
C LEU E 238 -12.68 -41.72 7.64
N PRO E 239 -12.11 -41.77 6.43
CA PRO E 239 -12.44 -42.88 5.51
C PRO E 239 -11.99 -44.23 6.00
N ASP E 240 -11.08 -44.28 6.97
CA ASP E 240 -10.53 -45.52 7.50
C ASP E 240 -11.29 -46.01 8.73
N GLY E 241 -12.51 -45.51 8.94
CA GLY E 241 -13.28 -45.92 10.11
C GLY E 241 -12.62 -45.59 11.42
N GLN E 242 -11.86 -44.50 11.48
CA GLN E 242 -11.24 -44.02 12.71
C GLN E 242 -11.92 -42.71 13.11
N VAL E 243 -11.93 -42.44 14.41
CA VAL E 243 -12.65 -41.31 14.96
C VAL E 243 -11.66 -40.30 15.52
N ILE E 244 -11.67 -39.11 14.96
CA ILE E 244 -10.96 -37.95 15.48
C ILE E 244 -11.89 -37.22 16.44
N THR E 245 -11.31 -36.62 17.48
CA THR E 245 -12.06 -35.82 18.45
C THR E 245 -11.41 -34.45 18.55
N ILE E 246 -12.06 -33.45 17.98
CA ILE E 246 -11.53 -32.09 17.91
C ILE E 246 -12.10 -31.27 19.05
N GLY E 247 -11.25 -30.45 19.66
CA GLY E 247 -11.62 -29.60 20.78
C GLY E 247 -11.49 -28.12 20.45
N ASN E 248 -10.44 -27.49 20.99
CA ASN E 248 -10.24 -26.06 20.76
C ASN E 248 -10.05 -25.75 19.28
N GLU E 249 -9.36 -26.62 18.54
CA GLU E 249 -9.03 -26.33 17.15
C GLU E 249 -10.25 -25.98 16.31
N ARG E 250 -11.47 -26.19 16.83
CA ARG E 250 -12.65 -25.80 16.07
C ARG E 250 -12.66 -24.32 15.77
N PHE E 251 -12.15 -23.48 16.68
CA PHE E 251 -12.20 -22.03 16.50
C PHE E 251 -10.83 -21.38 16.56
N ARG E 252 -9.75 -22.17 16.47
CA ARG E 252 -8.42 -21.59 16.27
C ARG E 252 -8.03 -21.53 14.80
N CYS E 253 -8.70 -22.30 13.94
CA CYS E 253 -8.41 -22.21 12.51
C CYS E 253 -8.93 -20.91 11.92
N PRO E 254 -10.24 -20.62 11.96
CA PRO E 254 -10.72 -19.36 11.38
C PRO E 254 -10.22 -18.13 12.11
N GLU E 255 -9.83 -18.25 13.37
CA GLU E 255 -9.33 -17.09 14.11
C GLU E 255 -8.10 -16.49 13.44
N THR E 256 -7.39 -17.26 12.63
CA THR E 256 -6.25 -16.72 11.90
C THR E 256 -6.63 -15.53 11.04
N LEU E 257 -7.89 -15.47 10.59
CA LEU E 257 -8.33 -14.37 9.75
C LEU E 257 -8.23 -13.04 10.49
N PHE E 258 -8.59 -13.02 11.77
CA PHE E 258 -8.58 -11.80 12.56
C PHE E 258 -7.26 -11.57 13.28
N GLN E 259 -6.38 -12.56 13.34
CA GLN E 259 -5.08 -12.42 13.99
C GLN E 259 -4.03 -13.11 13.11
N PRO E 260 -3.58 -12.43 12.04
CA PRO E 260 -2.63 -13.07 11.13
C PRO E 260 -1.26 -13.35 11.72
N SER E 261 -1.01 -13.03 12.99
CA SER E 261 0.28 -13.31 13.59
C SER E 261 0.44 -14.79 13.95
N PHE E 262 -0.61 -15.59 13.81
CA PHE E 262 -0.50 -17.02 14.10
C PHE E 262 0.44 -17.70 13.11
N ILE E 263 0.37 -17.31 11.83
CA ILE E 263 1.22 -17.92 10.80
C ILE E 263 2.56 -17.22 10.66
N GLY E 264 2.85 -16.23 11.49
CA GLY E 264 4.05 -15.44 11.34
C GLY E 264 3.90 -14.25 10.41
N MET E 265 2.75 -14.10 9.77
CA MET E 265 2.51 -12.94 8.92
C MET E 265 2.43 -11.70 9.80
N GLU E 266 2.53 -10.53 9.17
CA GLU E 266 2.60 -9.27 9.90
C GLU E 266 1.45 -8.32 9.61
N SER E 267 0.74 -8.50 8.50
CA SER E 267 -0.38 -7.63 8.19
C SER E 267 -1.44 -7.72 9.29
N ALA E 268 -2.40 -6.80 9.23
CA ALA E 268 -3.46 -6.74 10.22
C ALA E 268 -4.63 -7.62 9.80
N GLY E 269 -5.49 -7.94 10.76
CA GLY E 269 -6.65 -8.77 10.50
C GLY E 269 -7.53 -8.16 9.44
N ILE E 270 -8.59 -8.86 9.04
CA ILE E 270 -9.42 -8.37 7.93
C ILE E 270 -10.23 -7.16 8.34
N HIS E 271 -10.63 -7.06 9.62
CA HIS E 271 -11.40 -5.90 10.04
C HIS E 271 -10.58 -4.63 9.90
N GLU E 272 -9.29 -4.69 10.23
CA GLU E 272 -8.44 -3.50 10.10
C GLU E 272 -8.26 -3.11 8.65
N THR E 273 -8.13 -4.08 7.74
CA THR E 273 -8.03 -3.74 6.34
C THR E 273 -9.32 -3.11 5.83
N THR E 274 -10.47 -3.62 6.25
CA THR E 274 -11.73 -3.01 5.85
C THR E 274 -11.83 -1.58 6.37
N TYR E 275 -11.49 -1.37 7.64
CA TYR E 275 -11.53 -0.02 8.20
C TYR E 275 -10.58 0.91 7.45
N ASN E 276 -9.37 0.44 7.15
CA ASN E 276 -8.41 1.28 6.44
C ASN E 276 -8.92 1.63 5.04
N SER E 277 -9.47 0.64 4.33
CA SER E 277 -10.02 0.91 3.01
C SER E 277 -11.13 1.94 3.09
N ILE E 278 -12.00 1.83 4.09
CA ILE E 278 -13.07 2.82 4.24
C ILE E 278 -12.48 4.20 4.53
N MET E 279 -11.44 4.24 5.35
CA MET E 279 -10.88 5.51 5.83
C MET E 279 -9.89 6.12 4.83
N LYS E 280 -9.60 5.44 3.73
CA LYS E 280 -8.77 6.00 2.67
C LYS E 280 -9.58 6.68 1.58
N CYS E 281 -10.90 6.56 1.61
CA CYS E 281 -11.74 7.28 0.66
C CYS E 281 -11.95 8.71 1.13
N ASP E 282 -12.80 9.44 0.41
CA ASP E 282 -13.08 10.83 0.77
C ASP E 282 -13.90 10.89 2.05
N ILE E 283 -14.01 12.09 2.61
CA ILE E 283 -14.73 12.26 3.87
C ILE E 283 -16.23 12.07 3.68
N ASP E 284 -16.78 12.56 2.57
CA ASP E 284 -18.23 12.66 2.42
C ASP E 284 -18.90 11.33 2.14
N ILE E 285 -18.16 10.30 1.74
CA ILE E 285 -18.75 9.03 1.34
C ILE E 285 -18.54 7.93 2.36
N ARG E 286 -17.85 8.21 3.46
CA ARG E 286 -17.53 7.15 4.41
C ARG E 286 -18.78 6.61 5.10
N LYS E 287 -19.78 7.45 5.34
CA LYS E 287 -20.99 6.98 6.00
C LYS E 287 -21.71 5.94 5.15
N ASP E 288 -21.81 6.19 3.84
CA ASP E 288 -22.53 5.26 2.97
C ASP E 288 -21.82 3.92 2.90
N LEU E 289 -20.48 3.92 2.79
CA LEU E 289 -19.75 2.67 2.79
C LEU E 289 -19.88 1.96 4.13
N TYR E 290 -19.87 2.71 5.24
CA TYR E 290 -20.10 2.10 6.54
C TYR E 290 -21.45 1.38 6.58
N ALA E 291 -22.49 2.02 6.02
CA ALA E 291 -23.83 1.45 6.10
C ALA E 291 -23.93 0.13 5.34
N ASN E 292 -23.29 0.03 4.18
CA ASN E 292 -23.46 -1.10 3.26
C ASN E 292 -22.14 -1.83 3.07
N ASN E 293 -21.87 -2.81 3.92
CA ASN E 293 -20.78 -3.75 3.69
C ASN E 293 -21.32 -5.03 3.04
N VAL E 294 -20.46 -5.70 2.29
CA VAL E 294 -20.85 -6.90 1.55
C VAL E 294 -19.76 -7.95 1.71
N MET E 295 -20.16 -9.20 1.85
CA MET E 295 -19.26 -10.34 1.88
C MET E 295 -19.56 -11.28 0.72
N SER E 296 -18.53 -11.97 0.24
CA SER E 296 -18.69 -12.94 -0.83
C SER E 296 -17.71 -14.09 -0.57
N GLY E 297 -17.56 -14.96 -1.55
CA GLY E 297 -16.58 -16.03 -1.47
C GLY E 297 -16.97 -17.15 -0.52
N GLY E 298 -16.37 -18.32 -0.72
CA GLY E 298 -16.66 -19.45 0.16
C GLY E 298 -16.14 -19.26 1.56
N THR E 299 -14.96 -18.66 1.71
CA THR E 299 -14.29 -18.61 3.00
C THR E 299 -15.11 -17.89 4.06
N THR E 300 -16.10 -17.09 3.65
CA THR E 300 -16.91 -16.30 4.58
C THR E 300 -18.20 -17.02 4.94
N MET E 301 -18.17 -18.35 5.04
CA MET E 301 -19.32 -19.14 5.43
C MET E 301 -19.20 -19.70 6.83
N TYR E 302 -18.14 -19.35 7.57
CA TYR E 302 -17.99 -19.85 8.92
C TYR E 302 -19.13 -19.33 9.80
N PRO E 303 -19.82 -20.20 10.53
CA PRO E 303 -20.92 -19.72 11.37
C PRO E 303 -20.44 -18.72 12.42
N GLY E 304 -20.97 -17.50 12.34
CA GLY E 304 -20.64 -16.46 13.29
C GLY E 304 -19.66 -15.43 12.82
N ILE E 305 -19.24 -15.45 11.55
CA ILE E 305 -18.31 -14.45 11.06
C ILE E 305 -18.96 -13.08 10.96
N ALA E 306 -20.23 -13.02 10.56
CA ALA E 306 -20.88 -11.72 10.39
C ALA E 306 -20.96 -10.98 11.72
N ASP E 307 -21.33 -11.67 12.79
CA ASP E 307 -21.47 -11.02 14.09
C ASP E 307 -20.14 -10.46 14.57
N ARG E 308 -19.07 -11.26 14.47
CA ARG E 308 -17.76 -10.78 14.91
C ARG E 308 -17.28 -9.63 14.04
N MET E 309 -17.51 -9.70 12.74
CA MET E 309 -17.13 -8.60 11.86
C MET E 309 -17.84 -7.31 12.26
N GLN E 310 -19.15 -7.40 12.48
CA GLN E 310 -19.90 -6.21 12.88
C GLN E 310 -19.38 -5.67 14.21
N LYS E 311 -19.14 -6.54 15.18
CA LYS E 311 -18.69 -6.09 16.49
C LYS E 311 -17.33 -5.39 16.38
N GLU E 312 -16.39 -5.99 15.64
CA GLU E 312 -15.06 -5.40 15.53
C GLU E 312 -15.12 -4.06 14.82
N ILE E 313 -15.86 -3.97 13.71
CA ILE E 313 -15.93 -2.70 12.99
C ILE E 313 -16.60 -1.64 13.85
N THR E 314 -17.68 -2.00 14.55
CA THR E 314 -18.35 -1.04 15.41
C THR E 314 -17.41 -0.53 16.50
N ALA E 315 -16.62 -1.42 17.09
CA ALA E 315 -15.66 -0.99 18.09
C ALA E 315 -14.61 -0.07 17.49
N LEU E 316 -14.16 -0.36 16.27
CA LEU E 316 -13.13 0.46 15.64
C LEU E 316 -13.67 1.81 15.19
N ALA E 317 -14.85 1.81 14.56
CA ALA E 317 -15.36 3.02 13.93
C ALA E 317 -15.99 3.96 14.95
N PRO E 318 -16.12 5.25 14.61
CA PRO E 318 -16.75 6.19 15.54
C PRO E 318 -18.22 5.86 15.76
N SER E 319 -18.73 6.31 16.90
CA SER E 319 -20.15 6.16 17.20
C SER E 319 -20.95 7.10 16.29
N THR E 320 -22.27 7.07 16.46
CA THR E 320 -23.19 7.92 15.72
C THR E 320 -23.30 7.45 14.27
N MET E 321 -22.54 6.44 13.90
CA MET E 321 -22.53 5.88 12.55
C MET E 321 -23.01 4.44 12.63
N LYS E 322 -23.94 4.07 11.74
CA LYS E 322 -24.59 2.77 11.78
C LYS E 322 -23.91 1.82 10.81
N ILE E 323 -23.56 0.63 11.29
CA ILE E 323 -22.84 -0.37 10.51
C ILE E 323 -23.75 -1.58 10.35
N LYS E 324 -23.87 -2.06 9.11
CA LYS E 324 -24.57 -3.30 8.81
C LYS E 324 -23.69 -4.15 7.90
N ILE E 325 -23.74 -5.46 8.09
CA ILE E 325 -22.96 -6.39 7.27
C ILE E 325 -23.91 -7.19 6.40
N ILE E 326 -24.13 -6.75 5.17
CA ILE E 326 -25.01 -7.45 4.25
C ILE E 326 -24.35 -8.78 3.89
N ALA E 327 -24.88 -9.87 4.44
CA ALA E 327 -24.29 -11.20 4.31
C ALA E 327 -25.39 -12.18 3.90
N PRO E 328 -25.84 -12.10 2.66
CA PRO E 328 -26.95 -12.94 2.22
C PRO E 328 -26.55 -14.41 2.17
N PRO E 329 -27.51 -15.33 2.22
CA PRO E 329 -27.17 -16.75 2.04
C PRO E 329 -26.61 -17.00 0.65
N GLU E 330 -26.26 -18.24 0.35
CA GLU E 330 -25.73 -18.61 -0.96
C GLU E 330 -24.71 -17.59 -1.47
N ARG E 331 -23.98 -16.95 -0.55
CA ARG E 331 -22.93 -16.03 -0.95
C ARG E 331 -21.81 -16.75 -1.70
N LYS E 332 -21.70 -18.07 -1.54
CA LYS E 332 -20.62 -18.82 -2.16
C LYS E 332 -20.55 -18.55 -3.66
N TYR E 333 -21.71 -18.58 -4.32
CA TYR E 333 -21.78 -18.39 -5.77
C TYR E 333 -21.98 -16.94 -6.16
N SER E 334 -21.93 -16.02 -5.19
CA SER E 334 -22.29 -14.63 -5.46
C SER E 334 -21.55 -14.10 -6.67
N VAL E 335 -20.22 -14.29 -6.70
CA VAL E 335 -19.43 -13.74 -7.80
C VAL E 335 -19.99 -14.24 -9.12
N TRP E 336 -20.21 -15.55 -9.22
CA TRP E 336 -20.71 -16.09 -10.48
C TRP E 336 -22.08 -15.50 -10.81
N ILE E 337 -22.95 -15.38 -9.80
CA ILE E 337 -24.28 -14.85 -10.07
C ILE E 337 -24.18 -13.44 -10.65
N GLY E 338 -23.12 -12.71 -10.30
CA GLY E 338 -22.92 -11.42 -10.93
C GLY E 338 -22.70 -11.55 -12.43
N GLY E 339 -21.77 -12.43 -12.81
CA GLY E 339 -21.38 -12.50 -14.21
C GLY E 339 -22.56 -12.78 -15.11
N SER E 340 -23.39 -13.75 -14.74
CA SER E 340 -24.56 -14.05 -15.57
C SER E 340 -25.42 -12.81 -15.75
N ILE E 341 -25.69 -12.09 -14.67
CA ILE E 341 -26.47 -10.87 -14.80
C ILE E 341 -25.76 -9.91 -15.75
N LEU E 342 -24.46 -9.75 -15.59
CA LEU E 342 -23.71 -8.84 -16.44
C LEU E 342 -23.80 -9.29 -17.90
N ALA E 343 -23.84 -10.61 -18.14
CA ALA E 343 -24.01 -11.10 -19.50
C ALA E 343 -25.38 -10.71 -20.05
N SER E 344 -26.41 -10.78 -19.22
CA SER E 344 -27.77 -10.58 -19.72
C SER E 344 -27.98 -9.15 -20.21
N LEU E 345 -27.43 -8.17 -19.49
CA LEU E 345 -27.68 -6.77 -19.78
C LEU E 345 -27.48 -6.47 -21.27
N SER E 346 -28.46 -5.76 -21.85
CA SER E 346 -28.40 -5.45 -23.28
C SER E 346 -27.22 -4.53 -23.59
N THR E 347 -26.98 -3.53 -22.75
CA THR E 347 -25.87 -2.61 -23.00
C THR E 347 -24.54 -3.35 -23.07
N PHE E 348 -24.28 -4.23 -22.10
CA PHE E 348 -23.01 -4.94 -22.06
C PHE E 348 -22.75 -5.72 -23.33
N GLN E 349 -23.80 -6.09 -24.07
CA GLN E 349 -23.61 -6.85 -25.30
C GLN E 349 -22.87 -6.07 -26.36
N GLN E 350 -22.45 -4.83 -26.09
CA GLN E 350 -21.62 -4.06 -27.01
C GLN E 350 -20.17 -3.97 -26.58
N MET E 351 -19.82 -4.51 -25.40
CA MET E 351 -18.50 -4.29 -24.81
C MET E 351 -17.55 -5.46 -24.97
N TRP E 352 -17.92 -6.51 -25.71
CA TRP E 352 -17.00 -7.63 -25.88
C TRP E 352 -15.76 -7.20 -26.66
N ILE E 353 -14.80 -8.12 -26.71
CA ILE E 353 -13.59 -7.94 -27.53
C ILE E 353 -13.62 -8.96 -28.65
N THR E 354 -14.18 -8.58 -29.80
CA THR E 354 -14.32 -9.50 -30.92
C THR E 354 -12.94 -10.02 -31.33
N LYS E 355 -12.96 -11.16 -32.04
CA LYS E 355 -11.70 -11.80 -32.41
C LYS E 355 -10.89 -10.92 -33.36
N GLN E 356 -11.55 -10.28 -34.34
CA GLN E 356 -10.81 -9.44 -35.27
C GLN E 356 -10.19 -8.24 -34.56
N GLU E 357 -10.85 -7.73 -33.52
CA GLU E 357 -10.28 -6.62 -32.76
C GLU E 357 -8.96 -7.04 -32.12
N TYR E 358 -8.91 -8.23 -31.53
CA TYR E 358 -7.66 -8.71 -30.96
C TYR E 358 -6.62 -8.98 -32.05
N ASP E 359 -7.06 -9.51 -33.20
CA ASP E 359 -6.12 -9.78 -34.28
C ASP E 359 -5.46 -8.50 -34.77
N GLU E 360 -6.23 -7.41 -34.86
CA GLU E 360 -5.68 -6.15 -35.35
C GLU E 360 -4.91 -5.40 -34.29
N ALA E 361 -5.59 -5.03 -33.19
CA ALA E 361 -4.96 -4.18 -32.18
C ALA E 361 -3.77 -4.86 -31.53
N GLY E 362 -3.89 -6.15 -31.20
CA GLY E 362 -2.83 -6.87 -30.55
C GLY E 362 -3.14 -7.18 -29.10
N PRO E 363 -2.18 -7.76 -28.39
CA PRO E 363 -2.44 -8.14 -26.99
C PRO E 363 -2.84 -6.99 -26.09
N SER E 364 -2.37 -5.76 -26.36
CA SER E 364 -2.63 -4.65 -25.46
C SER E 364 -4.12 -4.35 -25.33
N ILE E 365 -4.95 -4.81 -26.28
CA ILE E 365 -6.37 -4.47 -26.29
C ILE E 365 -6.98 -4.66 -24.91
N VAL E 366 -6.78 -5.82 -24.30
CA VAL E 366 -7.48 -6.13 -23.05
C VAL E 366 -7.14 -5.12 -21.98
N HIS E 367 -5.89 -4.63 -21.97
CA HIS E 367 -5.45 -3.72 -20.92
C HIS E 367 -5.99 -2.30 -21.10
N ARG E 368 -6.58 -1.96 -22.24
CA ARG E 368 -7.07 -0.59 -22.41
C ARG E 368 -8.14 -0.25 -21.37
N LYS E 369 -9.00 -1.21 -21.05
CA LYS E 369 -10.05 -1.01 -20.06
C LYS E 369 -9.62 -1.45 -18.66
N CYS E 370 -8.41 -1.97 -18.50
CA CYS E 370 -7.94 -2.47 -17.22
C CYS E 370 -7.93 -1.35 -16.17
N THR F 1 31.86 27.91 23.55
CA THR F 1 31.12 26.67 23.43
C THR F 1 30.59 26.49 22.01
N THR F 2 30.19 25.26 21.69
CA THR F 2 29.60 24.94 20.41
C THR F 2 28.14 24.55 20.61
N ALA F 3 27.27 25.07 19.75
CA ALA F 3 25.83 24.86 19.86
C ALA F 3 25.41 23.77 18.89
N LEU F 4 24.79 22.71 19.40
CA LEU F 4 24.29 21.65 18.54
C LEU F 4 23.24 22.20 17.58
N VAL F 5 23.22 21.66 16.36
CA VAL F 5 22.19 21.99 15.38
C VAL F 5 21.63 20.65 14.91
N CYS F 6 20.59 20.18 15.59
CA CYS F 6 19.89 18.97 15.18
C CYS F 6 18.75 19.32 14.25
N ASP F 7 18.49 18.44 13.28
CA ASP F 7 17.36 18.61 12.37
C ASP F 7 16.54 17.33 12.40
N ASN F 8 15.64 17.24 13.37
CA ASN F 8 14.67 16.16 13.37
C ASN F 8 13.83 16.25 12.12
N GLY F 9 14.00 15.30 11.21
CA GLY F 9 13.26 15.26 9.97
C GLY F 9 12.12 14.27 10.02
N SER F 10 11.53 14.04 8.86
CA SER F 10 10.44 13.08 8.73
C SER F 10 10.93 11.69 8.35
N GLY F 11 12.13 11.58 7.77
CA GLY F 11 12.64 10.29 7.35
C GLY F 11 14.11 10.07 7.66
N LEU F 12 14.79 11.10 8.18
CA LEU F 12 16.18 10.97 8.58
C LEU F 12 16.48 11.97 9.69
N VAL F 13 17.49 11.64 10.50
CA VAL F 13 17.94 12.51 11.59
C VAL F 13 19.38 12.88 11.30
N LYS F 14 19.65 14.19 11.27
CA LYS F 14 20.97 14.74 11.03
C LYS F 14 21.33 15.64 12.20
N ALA F 15 22.42 15.32 12.89
CA ALA F 15 22.83 16.04 14.08
C ALA F 15 24.30 16.39 13.99
N GLY F 16 24.65 17.61 14.37
CA GLY F 16 26.02 18.04 14.31
C GLY F 16 26.25 19.29 15.13
N PHE F 17 27.47 19.81 15.02
CA PHE F 17 27.89 20.99 15.75
C PHE F 17 27.91 22.19 14.81
N ALA F 18 27.92 23.39 15.39
CA ALA F 18 27.99 24.60 14.60
C ALA F 18 29.38 24.76 14.00
N GLY F 19 29.45 25.61 12.98
CA GLY F 19 30.72 25.86 12.32
C GLY F 19 31.32 24.64 11.63
N ASP F 20 30.48 23.81 11.02
CA ASP F 20 30.92 22.67 10.23
C ASP F 20 30.26 22.71 8.87
N ASP F 21 30.67 21.79 8.00
CA ASP F 21 30.15 21.71 6.64
C ASP F 21 29.26 20.50 6.41
N ALA F 22 29.07 19.66 7.43
CA ALA F 22 28.27 18.46 7.28
C ALA F 22 27.83 17.99 8.66
N PRO F 23 26.72 17.27 8.75
CA PRO F 23 26.29 16.76 10.06
C PRO F 23 27.29 15.77 10.62
N ARG F 24 27.48 15.81 11.94
CA ARG F 24 28.41 14.88 12.57
C ARG F 24 27.90 13.44 12.46
N ALA F 25 26.60 13.24 12.67
CA ALA F 25 25.98 11.94 12.54
C ALA F 25 24.67 12.05 11.76
N VAL F 26 24.38 11.02 10.97
CA VAL F 26 23.15 10.95 10.19
C VAL F 26 22.65 9.51 10.25
N PHE F 27 21.37 9.34 10.58
CA PHE F 27 20.83 7.99 10.71
C PHE F 27 19.32 8.04 10.61
N PRO F 28 18.67 6.95 10.16
CA PRO F 28 17.23 6.96 10.01
C PRO F 28 16.51 7.11 11.35
N SER F 29 15.33 7.72 11.29
CA SER F 29 14.51 7.93 12.49
C SER F 29 13.43 6.86 12.53
N ILE F 30 13.83 5.67 12.95
CA ILE F 30 12.91 4.54 13.09
C ILE F 30 13.13 3.87 14.44
N VAL F 31 12.12 3.14 14.88
CA VAL F 31 12.21 2.34 16.11
C VAL F 31 11.68 0.95 15.78
N GLY F 32 12.50 -0.07 16.02
CA GLY F 32 12.13 -1.45 15.73
C GLY F 32 11.88 -2.21 17.03
N ARG F 33 10.79 -2.97 17.03
CA ARG F 33 10.46 -3.80 18.17
C ARG F 33 10.51 -5.27 17.77
N PRO F 34 11.03 -6.14 18.63
CA PRO F 34 11.14 -7.56 18.26
C PRO F 34 9.76 -8.18 18.09
N ARG F 35 9.70 -9.19 17.23
CA ARG F 35 8.45 -9.81 16.84
C ARG F 35 8.32 -11.25 17.31
N HIS F 36 9.42 -11.96 17.52
CA HIS F 36 9.41 -13.40 17.73
C HIS F 36 9.76 -13.71 19.19
N GLN F 37 9.85 -15.01 19.49
CA GLN F 37 9.93 -15.44 20.89
C GLN F 37 11.28 -15.11 21.51
N GLY F 38 12.35 -15.72 21.00
CA GLY F 38 13.65 -15.62 21.65
C GLY F 38 13.94 -16.85 22.49
N VAL F 39 14.86 -17.70 22.03
CA VAL F 39 15.02 -19.03 22.60
C VAL F 39 16.37 -19.19 23.29
N MET F 40 17.37 -18.42 22.87
CA MET F 40 18.69 -18.55 23.46
C MET F 40 18.77 -17.81 24.79
N VAL F 41 19.66 -18.29 25.66
CA VAL F 41 19.81 -17.80 27.01
C VAL F 41 21.16 -17.09 27.14
N GLY F 42 21.16 -15.96 27.85
CA GLY F 42 22.34 -15.14 28.00
C GLY F 42 22.36 -13.92 27.11
N MET F 43 21.69 -13.95 25.98
CA MET F 43 21.86 -12.87 24.98
C MET F 43 21.58 -11.54 25.63
N GLY F 44 20.81 -11.51 26.71
CA GLY F 44 20.40 -10.22 27.30
C GLY F 44 19.30 -9.62 26.46
N GLN F 45 18.11 -9.40 27.03
CA GLN F 45 16.94 -8.96 26.24
C GLN F 45 16.91 -7.45 26.04
N LYS F 46 16.41 -6.97 24.90
CA LYS F 46 16.27 -5.52 24.61
C LYS F 46 14.84 -5.32 24.16
N ASP F 47 14.18 -4.30 24.63
CA ASP F 47 12.76 -4.08 24.33
C ASP F 47 12.64 -3.53 22.93
N SER F 48 13.50 -2.58 22.55
CA SER F 48 13.35 -1.95 21.25
C SER F 48 14.68 -1.40 20.78
N TYR F 49 15.05 -1.69 19.54
CA TYR F 49 16.23 -1.12 18.92
C TYR F 49 15.88 0.18 18.23
N VAL F 50 16.84 1.09 18.19
CA VAL F 50 16.62 2.44 17.67
C VAL F 50 17.80 2.85 16.81
N GLY F 51 17.50 3.52 15.70
CA GLY F 51 18.54 4.11 14.88
C GLY F 51 18.98 3.18 13.77
N ASP F 52 20.29 3.00 13.64
CA ASP F 52 20.86 2.22 12.54
C ASP F 52 20.92 0.74 12.85
N GLU F 53 21.06 0.35 14.11
CA GLU F 53 21.06 -1.07 14.45
C GLU F 53 19.73 -1.72 14.10
N ALA F 54 18.63 -0.97 14.27
CA ALA F 54 17.33 -1.48 13.85
C ALA F 54 17.30 -1.73 12.35
N GLN F 55 17.87 -0.80 11.56
CA GLN F 55 17.97 -1.02 10.12
C GLN F 55 18.85 -2.21 9.80
N SER F 56 19.84 -2.50 10.64
CA SER F 56 20.73 -3.62 10.37
C SER F 56 20.02 -4.95 10.58
N LYS F 57 19.14 -5.03 11.58
CA LYS F 57 18.45 -6.27 11.94
C LYS F 57 16.97 -6.22 11.59
N ARG F 58 16.64 -5.66 10.43
CA ARG F 58 15.25 -5.49 10.04
C ARG F 58 14.52 -6.81 9.82
N GLY F 59 15.24 -7.93 9.75
CA GLY F 59 14.59 -9.19 9.45
C GLY F 59 13.52 -9.57 10.46
N ILE F 60 13.80 -9.36 11.75
CA ILE F 60 12.94 -9.86 12.82
C ILE F 60 12.42 -8.72 13.70
N LEU F 61 12.23 -7.54 13.10
CA LEU F 61 11.71 -6.39 13.82
C LEU F 61 10.52 -5.80 13.09
N THR F 62 9.70 -5.07 13.83
CA THR F 62 8.55 -4.35 13.28
C THR F 62 8.87 -2.86 13.32
N LEU F 63 9.46 -2.36 12.24
CA LEU F 63 9.93 -0.98 12.21
C LEU F 63 8.74 -0.01 12.19
N LYS F 64 8.82 1.02 13.02
CA LYS F 64 7.80 2.05 13.10
C LYS F 64 8.47 3.42 13.00
N TYR F 65 7.74 4.38 12.42
CA TYR F 65 8.23 5.73 12.25
C TYR F 65 7.55 6.65 13.26
N PRO F 66 8.28 7.25 14.21
CA PRO F 66 7.62 8.14 15.16
C PRO F 66 7.02 9.39 14.53
N ILE F 67 7.58 9.86 13.42
CA ILE F 67 7.12 11.07 12.76
C ILE F 67 6.41 10.68 11.47
N GLU F 68 5.47 11.53 11.05
CA GLU F 68 4.76 11.31 9.79
C GLU F 68 4.15 12.63 9.35
N HIS F 69 4.34 12.97 8.07
CA HIS F 69 3.83 14.22 7.51
C HIS F 69 4.25 15.41 8.36
N GLY F 70 5.48 15.37 8.84
CA GLY F 70 5.98 16.44 9.71
C GLY F 70 5.51 16.36 11.14
N ILE F 71 4.20 16.13 11.34
CA ILE F 71 3.66 16.02 12.69
C ILE F 71 4.31 14.84 13.41
N ILE F 72 4.39 14.95 14.73
CA ILE F 72 4.89 13.88 15.59
C ILE F 72 3.68 13.14 16.16
N THR F 73 3.61 11.84 15.89
CA THR F 73 2.49 11.02 16.34
C THR F 73 2.79 10.34 17.68
N ASN F 74 3.90 9.64 17.76
CA ASN F 74 4.29 8.90 18.96
C ASN F 74 5.43 9.66 19.64
N TRP F 75 5.28 9.91 20.94
CA TRP F 75 6.20 10.77 21.67
C TRP F 75 7.27 9.98 22.42
N ASP F 76 6.89 8.87 23.04
CA ASP F 76 7.81 8.04 23.85
C ASP F 76 8.89 7.48 22.95
N ASP F 77 8.63 7.35 21.65
CA ASP F 77 9.59 6.86 20.66
C ASP F 77 10.39 8.03 20.09
N MET F 78 9.84 9.24 20.07
CA MET F 78 10.55 10.45 19.58
C MET F 78 11.56 10.85 20.64
N GLU F 79 11.25 10.66 21.91
CA GLU F 79 12.17 10.91 23.01
C GLU F 79 13.32 9.91 22.99
N LYS F 80 13.03 8.64 22.67
CA LYS F 80 14.09 7.65 22.56
C LYS F 80 15.07 8.02 21.46
N ILE F 81 14.56 8.48 20.32
CA ILE F 81 15.43 8.92 19.23
C ILE F 81 16.33 10.06 19.69
N TRP F 82 15.74 11.03 20.39
CA TRP F 82 16.54 12.18 20.83
C TRP F 82 17.62 11.77 21.82
N HIS F 83 17.28 10.88 22.76
CA HIS F 83 18.26 10.39 23.71
C HIS F 83 19.39 9.66 23.00
N HIS F 84 19.05 8.80 22.05
CA HIS F 84 20.07 8.08 21.29
C HIS F 84 20.96 9.06 20.55
N THR F 85 20.38 10.10 19.96
CA THR F 85 21.17 11.07 19.22
C THR F 85 22.14 11.80 20.14
N PHE F 86 21.67 12.21 21.32
CA PHE F 86 22.50 13.03 22.18
C PHE F 86 23.61 12.23 22.86
N TYR F 87 23.30 11.02 23.34
CA TYR F 87 24.28 10.27 24.13
C TYR F 87 25.07 9.27 23.28
N ASN F 88 24.39 8.35 22.62
CA ASN F 88 25.10 7.28 21.92
C ASN F 88 25.78 7.78 20.66
N GLU F 89 25.11 8.62 19.87
CA GLU F 89 25.62 9.01 18.56
C GLU F 89 26.59 10.20 18.65
N LEU F 90 26.14 11.33 19.18
CA LEU F 90 27.01 12.49 19.27
C LEU F 90 28.03 12.33 20.39
N ARG F 91 27.67 11.66 21.47
CA ARG F 91 28.57 11.45 22.61
C ARG F 91 28.95 12.79 23.23
N VAL F 92 27.94 13.61 23.54
CA VAL F 92 28.14 14.87 24.22
C VAL F 92 26.96 15.10 25.16
N ALA F 93 27.25 15.46 26.41
CA ALA F 93 26.18 15.73 27.35
C ALA F 93 25.39 16.94 26.88
N PRO F 94 24.06 16.91 26.97
CA PRO F 94 23.25 18.02 26.43
C PRO F 94 23.17 19.23 27.35
N GLU F 95 23.59 19.11 28.60
CA GLU F 95 23.41 20.21 29.55
C GLU F 95 24.26 21.42 29.16
N GLU F 96 25.49 21.19 28.70
CA GLU F 96 26.41 22.31 28.49
C GLU F 96 25.96 23.20 27.34
N HIS F 97 25.52 22.60 26.21
CA HIS F 97 25.33 23.39 25.00
C HIS F 97 23.86 23.71 24.75
N PRO F 98 23.58 24.83 24.08
CA PRO F 98 22.21 25.08 23.61
C PRO F 98 21.85 24.20 22.43
N THR F 99 20.67 24.39 21.84
CA THR F 99 20.25 23.55 20.74
C THR F 99 19.29 24.31 19.83
N LEU F 100 19.34 23.96 18.54
CA LEU F 100 18.52 24.58 17.51
C LEU F 100 17.80 23.48 16.74
N LEU F 101 16.48 23.59 16.63
CA LEU F 101 15.65 22.62 15.96
C LEU F 101 14.95 23.27 14.77
N THR F 102 14.38 22.43 13.90
CA THR F 102 13.73 22.90 12.70
C THR F 102 12.36 22.27 12.59
N GLU F 103 11.35 23.07 12.27
CA GLU F 103 9.97 22.61 12.16
C GLU F 103 9.34 23.20 10.91
N ALA F 104 8.59 22.37 10.18
CA ALA F 104 7.97 22.80 8.94
C ALA F 104 6.87 23.83 9.21
N PRO F 105 6.59 24.71 8.25
CA PRO F 105 5.58 25.74 8.47
C PRO F 105 4.16 25.17 8.49
N LEU F 106 3.26 25.92 9.12
CA LEU F 106 1.84 25.59 9.20
C LEU F 106 1.57 24.32 10.01
N ASN F 107 2.49 23.92 10.87
CA ASN F 107 2.27 22.76 11.72
C ASN F 107 1.45 23.14 12.95
N PRO F 108 0.87 22.16 13.64
CA PRO F 108 0.05 22.46 14.81
C PRO F 108 0.85 23.13 15.91
N LYS F 109 0.18 24.01 16.65
CA LYS F 109 0.84 24.73 17.73
C LYS F 109 1.35 23.78 18.81
N ALA F 110 0.50 22.84 19.24
CA ALA F 110 0.85 21.95 20.34
C ALA F 110 2.20 21.29 20.16
N ASN F 111 2.55 20.93 18.92
CA ASN F 111 3.84 20.34 18.62
C ASN F 111 4.98 21.16 19.22
N ARG F 112 4.99 22.46 18.92
CA ARG F 112 6.06 23.34 19.39
C ARG F 112 6.16 23.32 20.92
N GLU F 113 5.03 23.51 21.60
CA GLU F 113 5.03 23.51 23.06
C GLU F 113 5.58 22.20 23.61
N LYS F 114 5.08 21.07 23.11
CA LYS F 114 5.50 19.78 23.63
C LYS F 114 6.99 19.56 23.39
N MET F 115 7.48 19.91 22.20
CA MET F 115 8.91 19.82 21.93
C MET F 115 9.70 20.64 22.95
N THR F 116 9.26 21.87 23.20
CA THR F 116 9.94 22.73 24.16
C THR F 116 9.99 22.08 25.54
N GLN F 117 8.84 21.59 26.01
CA GLN F 117 8.79 20.99 27.34
C GLN F 117 9.70 19.79 27.43
N ILE F 118 9.68 18.92 26.40
CA ILE F 118 10.55 17.75 26.41
C ILE F 118 12.01 18.15 26.33
N MET F 119 12.32 19.32 25.79
CA MET F 119 13.70 19.77 25.67
C MET F 119 14.16 20.61 26.86
N PHE F 120 13.26 20.94 27.78
CA PHE F 120 13.63 21.67 28.99
C PHE F 120 13.49 20.84 30.25
N GLU F 121 12.33 20.22 30.47
CA GLU F 121 12.10 19.48 31.71
C GLU F 121 12.95 18.22 31.77
N THR F 122 13.04 17.47 30.66
CA THR F 122 13.68 16.17 30.68
C THR F 122 15.18 16.25 30.40
N PHE F 123 15.57 16.97 29.35
CA PHE F 123 16.97 16.99 28.94
C PHE F 123 17.74 18.14 29.56
N ASN F 124 17.08 19.25 29.88
CA ASN F 124 17.67 20.33 30.66
C ASN F 124 18.74 21.08 29.88
N VAL F 125 18.47 21.38 28.61
CA VAL F 125 19.36 22.21 27.81
C VAL F 125 19.28 23.64 28.34
N PRO F 126 20.36 24.43 28.30
CA PRO F 126 20.29 25.78 28.86
C PRO F 126 19.55 26.77 27.97
N ALA F 127 19.34 26.45 26.70
CA ALA F 127 18.63 27.35 25.80
C ALA F 127 18.28 26.59 24.53
N MET F 128 17.10 26.84 24.00
CA MET F 128 16.62 26.15 22.82
C MET F 128 16.00 27.17 21.87
N TYR F 129 16.16 26.93 20.57
CA TYR F 129 15.48 27.74 19.57
C TYR F 129 14.96 26.82 18.48
N VAL F 130 13.91 27.26 17.79
CA VAL F 130 13.31 26.50 16.70
C VAL F 130 13.10 27.44 15.51
N ALA F 131 13.36 26.93 14.31
CA ALA F 131 13.31 27.74 13.10
C ALA F 131 12.54 27.00 12.00
N ILE F 132 12.02 27.77 11.06
CA ILE F 132 11.30 27.23 9.92
C ILE F 132 12.28 26.61 8.94
N GLN F 133 11.95 25.43 8.42
CA GLN F 133 12.88 24.70 7.56
C GLN F 133 13.23 25.50 6.31
N ALA F 134 12.22 26.10 5.67
CA ALA F 134 12.47 26.77 4.39
C ALA F 134 13.43 27.95 4.54
N VAL F 135 13.27 28.74 5.60
CA VAL F 135 14.08 29.94 5.75
C VAL F 135 15.56 29.60 5.82
N LEU F 136 15.92 28.57 6.59
CA LEU F 136 17.32 28.23 6.74
C LEU F 136 17.99 27.88 5.42
N SER F 137 17.21 27.46 4.41
CA SER F 137 17.80 27.15 3.12
C SER F 137 18.46 28.37 2.48
N LEU F 138 17.90 29.56 2.73
CA LEU F 138 18.38 30.74 2.02
C LEU F 138 19.75 31.18 2.53
N TYR F 139 20.08 30.91 3.79
CA TYR F 139 21.44 31.15 4.26
C TYR F 139 22.42 30.27 3.51
N ALA F 140 22.09 28.99 3.33
CA ALA F 140 22.97 28.08 2.61
C ALA F 140 23.11 28.50 1.15
N SER F 141 22.00 28.91 0.53
CA SER F 141 22.05 29.32 -0.87
C SER F 141 22.95 30.54 -1.06
N GLY F 142 22.87 31.50 -0.13
CA GLY F 142 23.69 32.69 -0.19
C GLY F 142 22.99 33.94 -0.67
N ARG F 143 21.67 33.93 -0.80
CA ARG F 143 20.91 35.08 -1.28
C ARG F 143 19.89 35.49 -0.21
N THR F 144 19.12 36.53 -0.53
CA THR F 144 18.06 37.03 0.34
C THR F 144 16.70 37.07 -0.34
N THR F 145 16.64 37.21 -1.66
CA THR F 145 15.39 37.28 -2.40
C THR F 145 15.21 35.98 -3.17
N GLY F 146 14.09 35.30 -2.94
CA GLY F 146 13.91 34.01 -3.58
C GLY F 146 12.60 33.39 -3.14
N ILE F 147 12.36 32.18 -3.66
CA ILE F 147 11.18 31.39 -3.32
C ILE F 147 11.65 29.95 -3.15
N VAL F 148 11.94 29.56 -1.90
CA VAL F 148 12.46 28.22 -1.66
C VAL F 148 11.39 27.18 -1.94
N LEU F 149 11.82 25.95 -2.23
CA LEU F 149 10.93 24.86 -2.60
C LEU F 149 11.33 23.60 -1.85
N ASP F 150 11.59 23.74 -0.55
CA ASP F 150 11.98 22.60 0.26
C ASP F 150 10.99 21.44 0.07
N SER F 151 11.54 20.26 -0.26
CA SER F 151 10.74 19.05 -0.45
C SER F 151 11.47 17.90 0.24
N GLY F 152 11.18 17.72 1.53
CA GLY F 152 11.71 16.60 2.26
C GLY F 152 10.82 15.38 2.11
N ASP F 153 11.14 14.34 2.88
CA ASP F 153 10.19 13.26 3.05
C ASP F 153 9.00 13.74 3.86
N GLY F 154 7.85 13.15 3.61
CA GLY F 154 6.65 13.52 4.33
C GLY F 154 5.85 14.64 3.70
N VAL F 155 6.41 15.84 3.58
CA VAL F 155 5.68 17.01 3.10
C VAL F 155 6.61 17.90 2.27
N THR F 156 5.99 18.81 1.52
CA THR F 156 6.68 19.78 0.67
C THR F 156 6.01 21.13 0.81
N HIS F 157 6.83 22.18 0.93
CA HIS F 157 6.29 23.51 1.19
C HIS F 157 7.09 24.56 0.42
N ASN F 158 6.42 25.68 0.15
CA ASN F 158 6.99 26.82 -0.56
C ASN F 158 6.84 28.06 0.31
N VAL F 159 7.93 28.80 0.46
CA VAL F 159 7.95 30.01 1.29
C VAL F 159 8.69 31.12 0.54
N PRO F 160 7.98 32.09 -0.04
CA PRO F 160 8.68 33.16 -0.76
C PRO F 160 9.12 34.28 0.17
N ILE F 161 10.35 34.73 -0.03
CA ILE F 161 10.94 35.82 0.74
C ILE F 161 11.49 36.86 -0.22
N TYR F 162 11.45 38.12 0.20
CA TYR F 162 11.91 39.23 -0.62
C TYR F 162 12.57 40.26 0.30
N GLU F 163 13.87 40.47 0.10
CA GLU F 163 14.64 41.42 0.90
C GLU F 163 14.53 41.08 2.39
N GLY F 164 14.44 39.80 2.72
CA GLY F 164 14.30 39.38 4.10
C GLY F 164 13.01 39.82 4.74
N TYR F 165 11.92 39.81 3.97
CA TYR F 165 10.57 40.08 4.48
C TYR F 165 9.68 38.93 4.02
N ALA F 166 9.64 37.86 4.81
CA ALA F 166 8.87 36.68 4.42
C ALA F 166 7.40 37.03 4.31
N LEU F 167 6.82 36.75 3.15
CA LEU F 167 5.39 36.95 2.96
C LEU F 167 4.65 35.75 3.53
N PRO F 168 3.81 35.92 4.56
CA PRO F 168 3.20 34.75 5.20
C PRO F 168 1.94 34.27 4.50
N HIS F 169 1.30 35.12 3.71
CA HIS F 169 0.08 34.71 3.01
C HIS F 169 0.37 33.90 1.76
N ALA F 170 1.59 33.97 1.23
CA ALA F 170 1.96 33.23 0.02
C ALA F 170 2.49 31.83 0.31
N ILE F 171 2.71 31.48 1.58
CA ILE F 171 3.25 30.18 1.91
C ILE F 171 2.28 29.10 1.47
N MET F 172 2.81 28.00 0.94
CA MET F 172 2.01 26.88 0.49
C MET F 172 2.56 25.58 1.07
N ARG F 173 1.66 24.65 1.36
CA ARG F 173 2.00 23.39 2.00
C ARG F 173 1.27 22.25 1.30
N LEU F 174 1.92 21.09 1.17
CA LEU F 174 1.34 19.97 0.45
C LEU F 174 1.95 18.69 0.99
N ASP F 175 1.16 17.61 1.01
CA ASP F 175 1.53 16.37 1.66
C ASP F 175 1.99 15.30 0.66
N LEU F 176 2.70 15.68 -0.39
CA LEU F 176 3.26 14.74 -1.36
C LEU F 176 4.77 14.72 -1.18
N ALA F 177 5.32 13.54 -0.92
CA ALA F 177 6.74 13.42 -0.61
C ALA F 177 7.20 11.99 -0.87
N GLY F 178 8.40 11.66 -0.38
CA GLY F 178 9.03 10.41 -0.76
C GLY F 178 8.27 9.18 -0.33
N ARG F 179 7.57 9.24 0.81
CA ARG F 179 6.87 8.06 1.31
C ARG F 179 5.76 7.63 0.34
N ASP F 180 5.01 8.59 -0.17
CA ASP F 180 3.98 8.26 -1.15
C ASP F 180 4.59 7.70 -2.43
N LEU F 181 5.75 8.20 -2.84
CA LEU F 181 6.43 7.64 -4.01
C LEU F 181 6.85 6.20 -3.75
N THR F 182 7.34 5.89 -2.55
CA THR F 182 7.69 4.51 -2.23
C THR F 182 6.47 3.61 -2.31
N ASP F 183 5.35 4.06 -1.75
CA ASP F 183 4.12 3.27 -1.80
C ASP F 183 3.67 3.06 -3.25
N TYR F 184 3.74 4.11 -4.07
CA TYR F 184 3.37 3.96 -5.48
C TYR F 184 4.31 3.01 -6.19
N LEU F 185 5.60 3.06 -5.87
CA LEU F 185 6.55 2.13 -6.48
C LEU F 185 6.18 0.69 -6.15
N MET F 186 5.85 0.42 -4.89
CA MET F 186 5.39 -0.92 -4.53
C MET F 186 4.18 -1.31 -5.36
N LYS F 187 3.20 -0.40 -5.43
CA LYS F 187 1.94 -0.72 -6.09
C LYS F 187 2.13 -1.02 -7.57
N ILE F 188 3.03 -0.29 -8.23
CA ILE F 188 3.21 -0.50 -9.66
C ILE F 188 4.20 -1.61 -9.97
N LEU F 189 5.17 -1.85 -9.09
CA LEU F 189 6.02 -3.03 -9.21
C LEU F 189 5.20 -4.30 -9.07
N THR F 190 4.05 -4.23 -8.40
CA THR F 190 3.20 -5.41 -8.30
C THR F 190 2.86 -5.99 -9.67
N GLU F 191 2.79 -5.15 -10.71
CA GLU F 191 2.32 -5.63 -12.01
C GLU F 191 3.22 -6.70 -12.59
N ARG F 192 4.54 -6.51 -12.52
CA ARG F 192 5.44 -7.47 -13.15
C ARG F 192 5.53 -8.79 -12.39
N GLY F 193 5.01 -8.86 -11.17
CA GLY F 193 5.02 -10.09 -10.42
C GLY F 193 5.65 -9.93 -9.05
N TYR F 194 6.51 -8.93 -8.91
CA TYR F 194 7.24 -8.72 -7.68
C TYR F 194 6.32 -8.13 -6.62
N SER F 195 6.12 -8.85 -5.53
CA SER F 195 5.18 -8.47 -4.47
C SER F 195 5.97 -8.14 -3.21
N PHE F 196 5.90 -6.88 -2.77
CA PHE F 196 6.53 -6.43 -1.54
C PHE F 196 5.44 -5.93 -0.60
N VAL F 197 5.39 -6.51 0.61
CA VAL F 197 4.31 -6.22 1.55
C VAL F 197 4.85 -5.73 2.89
N THR F 198 5.77 -6.49 3.50
CA THR F 198 6.22 -6.17 4.84
C THR F 198 7.02 -4.85 4.84
N THR F 199 7.26 -4.36 6.05
CA THR F 199 7.96 -3.07 6.20
C THR F 199 9.39 -3.15 5.72
N ALA F 200 10.10 -4.24 6.02
CA ALA F 200 11.47 -4.37 5.53
C ALA F 200 11.51 -4.41 4.01
N GLU F 201 10.51 -5.05 3.40
CA GLU F 201 10.42 -5.04 1.94
C GLU F 201 10.16 -3.63 1.43
N ARG F 202 9.42 -2.82 2.19
CA ARG F 202 9.29 -1.41 1.84
C ARG F 202 10.64 -0.69 1.94
N GLU F 203 11.45 -1.06 2.93
CA GLU F 203 12.78 -0.48 3.03
C GLU F 203 13.62 -0.84 1.81
N ILE F 204 13.48 -2.08 1.33
CA ILE F 204 14.18 -2.48 0.10
C ILE F 204 13.68 -1.68 -1.09
N VAL F 205 12.36 -1.47 -1.17
CA VAL F 205 11.79 -0.72 -2.28
C VAL F 205 12.28 0.72 -2.26
N ARG F 206 12.48 1.28 -1.07
CA ARG F 206 13.01 2.62 -0.98
C ARG F 206 14.42 2.70 -1.57
N ASP F 207 15.25 1.69 -1.32
CA ASP F 207 16.57 1.65 -1.93
C ASP F 207 16.47 1.52 -3.44
N ILE F 208 15.56 0.66 -3.91
CA ILE F 208 15.33 0.54 -5.35
C ILE F 208 15.00 1.89 -5.94
N LYS F 209 14.11 2.63 -5.27
CA LYS F 209 13.77 3.99 -5.71
C LYS F 209 15.01 4.87 -5.77
N GLU F 210 15.79 4.89 -4.70
CA GLU F 210 16.92 5.80 -4.63
C GLU F 210 17.89 5.56 -5.77
N LYS F 211 18.20 4.29 -6.04
CA LYS F 211 19.23 3.99 -7.03
C LYS F 211 18.74 4.20 -8.45
N LEU F 212 17.63 3.55 -8.82
CA LEU F 212 17.16 3.49 -10.20
C LEU F 212 15.88 4.30 -10.35
N CYS F 213 16.02 5.61 -10.59
CA CYS F 213 14.91 6.46 -10.95
C CYS F 213 15.42 7.72 -11.65
N TYR F 214 14.56 8.31 -12.47
CA TYR F 214 14.86 9.58 -13.12
C TYR F 214 13.55 10.18 -13.60
N VAL F 215 13.60 11.48 -13.92
CA VAL F 215 12.43 12.23 -14.37
C VAL F 215 12.59 12.53 -15.85
N ALA F 216 11.60 12.11 -16.64
CA ALA F 216 11.65 12.34 -18.08
C ALA F 216 11.36 13.80 -18.39
N LEU F 217 12.04 14.32 -19.42
CA LEU F 217 11.74 15.68 -19.88
C LEU F 217 10.30 15.79 -20.38
N ASP F 218 9.85 14.79 -21.14
CA ASP F 218 8.47 14.69 -21.58
C ASP F 218 7.97 13.28 -21.29
N PHE F 219 6.69 13.16 -20.98
CA PHE F 219 6.17 11.91 -20.44
C PHE F 219 5.62 10.99 -21.52
N GLU F 220 4.72 11.48 -22.36
CA GLU F 220 4.11 10.64 -23.38
C GLU F 220 5.17 10.10 -24.35
N ASN F 221 6.08 10.96 -24.79
CA ASN F 221 7.13 10.52 -25.70
C ASN F 221 8.01 9.46 -25.04
N GLU F 222 8.33 9.64 -23.76
CA GLU F 222 9.14 8.66 -23.05
C GLU F 222 8.41 7.32 -22.96
N MET F 223 7.10 7.34 -22.68
CA MET F 223 6.35 6.09 -22.65
C MET F 223 6.35 5.42 -24.01
N ALA F 224 6.17 6.19 -25.08
CA ALA F 224 6.21 5.60 -26.42
C ALA F 224 7.57 4.98 -26.70
N THR F 225 8.65 5.67 -26.35
CA THR F 225 9.98 5.13 -26.58
C THR F 225 10.21 3.86 -25.78
N ALA F 226 9.76 3.84 -24.52
CA ALA F 226 9.98 2.67 -23.69
C ALA F 226 9.16 1.49 -24.17
N ALA F 227 7.95 1.74 -24.69
CA ALA F 227 7.13 0.64 -25.19
C ALA F 227 7.66 0.09 -26.51
N SER F 228 8.09 0.97 -27.41
CA SER F 228 8.55 0.51 -28.71
C SER F 228 9.83 -0.32 -28.60
N SER F 229 10.83 0.20 -27.91
CA SER F 229 12.13 -0.45 -27.77
C SER F 229 12.24 -1.08 -26.37
N SER F 230 13.42 -1.60 -26.06
CA SER F 230 13.71 -2.20 -24.76
C SER F 230 15.03 -1.70 -24.22
N SER F 231 15.28 -0.40 -24.36
CA SER F 231 16.51 0.22 -23.88
C SER F 231 16.38 0.82 -22.48
N LEU F 232 15.16 1.12 -22.04
CA LEU F 232 14.94 1.69 -20.71
C LEU F 232 14.68 0.60 -19.68
N GLU F 233 15.58 -0.38 -19.59
CA GLU F 233 15.48 -1.47 -18.65
C GLU F 233 16.74 -1.54 -17.80
N LYS F 234 16.56 -1.76 -16.50
CA LYS F 234 17.68 -1.87 -15.58
C LYS F 234 17.51 -3.11 -14.71
N SER F 235 18.64 -3.67 -14.27
CA SER F 235 18.66 -4.87 -13.47
C SER F 235 19.21 -4.54 -12.09
N TYR F 236 18.49 -4.95 -11.05
CA TYR F 236 18.86 -4.70 -9.67
C TYR F 236 18.85 -6.03 -8.92
N GLU F 237 19.65 -6.12 -7.85
CA GLU F 237 19.82 -7.35 -7.12
C GLU F 237 19.34 -7.19 -5.68
N LEU F 238 18.43 -8.06 -5.26
CA LEU F 238 17.91 -8.04 -3.90
C LEU F 238 18.95 -8.56 -2.93
N PRO F 239 18.69 -8.47 -1.62
CA PRO F 239 19.54 -9.18 -0.66
C PRO F 239 19.49 -10.69 -0.79
N ASP F 240 18.45 -11.23 -1.44
CA ASP F 240 18.25 -12.66 -1.58
C ASP F 240 18.87 -13.22 -2.86
N GLY F 241 19.80 -12.49 -3.46
CA GLY F 241 20.43 -12.96 -4.68
C GLY F 241 19.47 -13.17 -5.82
N GLN F 242 18.38 -12.41 -5.86
CA GLN F 242 17.43 -12.45 -6.95
C GLN F 242 17.52 -11.15 -7.73
N VAL F 243 17.17 -11.21 -9.01
CA VAL F 243 17.36 -10.10 -9.94
C VAL F 243 16.00 -9.57 -10.37
N ILE F 244 15.73 -8.32 -10.03
CA ILE F 244 14.59 -7.57 -10.53
C ILE F 244 14.99 -6.85 -11.81
N THR F 245 14.04 -6.71 -12.73
CA THR F 245 14.26 -5.99 -13.98
C THR F 245 13.16 -4.95 -14.13
N ILE F 246 13.53 -3.68 -14.00
CA ILE F 246 12.60 -2.56 -14.01
C ILE F 246 12.60 -1.92 -15.39
N GLY F 247 11.41 -1.56 -15.87
CA GLY F 247 11.24 -0.93 -17.16
C GLY F 247 10.69 0.48 -17.08
N ASN F 248 9.41 0.64 -17.42
CA ASN F 248 8.79 1.97 -17.37
C ASN F 248 8.81 2.54 -15.97
N GLU F 249 8.62 1.70 -14.95
CA GLU F 249 8.48 2.19 -13.58
C GLU F 249 9.65 3.06 -13.14
N ARG F 250 10.73 3.12 -13.92
CA ARG F 250 11.83 4.02 -13.56
C ARG F 250 11.37 5.46 -13.51
N PHE F 251 10.46 5.88 -14.41
CA PHE F 251 10.04 7.27 -14.48
C PHE F 251 8.55 7.46 -14.28
N ARG F 252 7.84 6.42 -13.81
CA ARG F 252 6.46 6.61 -13.36
C ARG F 252 6.36 6.89 -11.87
N CYS F 253 7.41 6.58 -11.09
CA CYS F 253 7.39 6.91 -9.67
C CYS F 253 7.48 8.42 -9.46
N PRO F 254 8.57 9.09 -9.88
CA PRO F 254 8.65 10.54 -9.64
C PRO F 254 7.61 11.35 -10.39
N GLU F 255 7.04 10.80 -11.47
CA GLU F 255 6.10 11.58 -12.26
C GLU F 255 4.88 11.99 -11.45
N THR F 256 4.55 11.25 -10.38
CA THR F 256 3.41 11.62 -9.55
C THR F 256 3.59 13.00 -8.94
N LEU F 257 4.84 13.47 -8.83
CA LEU F 257 5.05 14.82 -8.31
C LEU F 257 4.37 15.87 -9.19
N PHE F 258 4.46 15.70 -10.51
CA PHE F 258 3.86 16.65 -11.44
C PHE F 258 2.44 16.30 -11.83
N GLN F 259 1.96 15.10 -11.50
CA GLN F 259 0.60 14.67 -11.80
C GLN F 259 0.04 13.94 -10.60
N PRO F 260 -0.34 14.67 -9.54
CA PRO F 260 -0.80 14.01 -8.32
C PRO F 260 -2.08 13.21 -8.47
N SER F 261 -2.67 13.14 -9.66
CA SER F 261 -3.86 12.33 -9.86
C SER F 261 -3.56 10.84 -9.94
N PHE F 262 -2.27 10.46 -9.98
CA PHE F 262 -1.92 9.05 -9.98
C PHE F 262 -2.32 8.38 -8.67
N ILE F 263 -2.13 9.08 -7.55
CA ILE F 263 -2.42 8.51 -6.23
C ILE F 263 -3.86 8.76 -5.81
N GLY F 264 -4.67 9.38 -6.66
CA GLY F 264 -6.03 9.74 -6.31
C GLY F 264 -6.17 11.12 -5.70
N MET F 265 -5.07 11.82 -5.44
CA MET F 265 -5.15 13.17 -4.91
C MET F 265 -5.76 14.10 -5.94
N GLU F 266 -6.01 15.35 -5.54
CA GLU F 266 -6.66 16.33 -6.39
C GLU F 266 -5.85 17.59 -6.60
N SER F 267 -4.91 17.91 -5.71
CA SER F 267 -4.14 19.13 -5.85
C SER F 267 -3.35 19.10 -7.17
N ALA F 268 -2.79 20.26 -7.52
CA ALA F 268 -2.03 20.40 -8.74
C ALA F 268 -0.56 20.03 -8.51
N GLY F 269 0.14 19.75 -9.60
CA GLY F 269 1.54 19.40 -9.51
C GLY F 269 2.34 20.47 -8.82
N ILE F 270 3.63 20.22 -8.61
CA ILE F 270 4.45 21.17 -7.85
C ILE F 270 4.69 22.44 -8.65
N HIS F 271 4.79 22.34 -9.98
CA HIS F 271 5.03 23.55 -10.77
C HIS F 271 3.86 24.52 -10.64
N GLU F 272 2.64 24.00 -10.60
CA GLU F 272 1.48 24.87 -10.46
C GLU F 272 1.46 25.54 -9.08
N THR F 273 1.86 24.81 -8.04
CA THR F 273 1.92 25.44 -6.72
C THR F 273 2.97 26.53 -6.68
N THR F 274 4.13 26.30 -7.30
CA THR F 274 5.16 27.34 -7.35
C THR F 274 4.64 28.57 -8.10
N TYR F 275 4.00 28.35 -9.24
CA TYR F 275 3.46 29.47 -10.01
C TYR F 275 2.41 30.23 -9.22
N ASN F 276 1.53 29.51 -8.52
CA ASN F 276 0.49 30.18 -7.73
C ASN F 276 1.09 30.98 -6.59
N SER F 277 2.08 30.40 -5.90
CA SER F 277 2.77 31.14 -4.84
C SER F 277 3.39 32.41 -5.39
N ILE F 278 4.02 32.32 -6.56
CA ILE F 278 4.65 33.51 -7.14
C ILE F 278 3.61 34.55 -7.51
N MET F 279 2.48 34.12 -8.08
CA MET F 279 1.45 35.04 -8.53
C MET F 279 0.51 35.48 -7.41
N LYS F 280 0.73 35.01 -6.17
CA LYS F 280 -0.04 35.49 -5.04
C LYS F 280 0.65 36.64 -4.31
N CYS F 281 1.89 36.97 -4.66
CA CYS F 281 2.59 38.10 -4.09
C CYS F 281 2.22 39.38 -4.85
N ASP F 282 2.89 40.48 -4.50
CA ASP F 282 2.63 41.75 -5.14
C ASP F 282 3.15 41.75 -6.57
N ILE F 283 2.72 42.74 -7.35
CA ILE F 283 3.07 42.80 -8.77
C ILE F 283 4.55 43.12 -8.95
N ASP F 284 5.11 43.98 -8.09
CA ASP F 284 6.43 44.53 -8.33
C ASP F 284 7.56 43.56 -8.05
N ILE F 285 7.30 42.48 -7.30
CA ILE F 285 8.35 41.58 -6.87
C ILE F 285 8.34 40.24 -7.59
N ARG F 286 7.38 40.03 -8.50
CA ARG F 286 7.29 38.73 -9.15
C ARG F 286 8.49 38.44 -10.04
N LYS F 287 9.07 39.47 -10.66
CA LYS F 287 10.22 39.23 -11.54
C LYS F 287 11.40 38.67 -10.75
N ASP F 288 11.68 39.25 -9.58
CA ASP F 288 12.81 38.79 -8.79
C ASP F 288 12.63 37.36 -8.31
N LEU F 289 11.41 37.01 -7.86
CA LEU F 289 11.17 35.63 -7.45
C LEU F 289 11.28 34.68 -8.62
N TYR F 290 10.78 35.08 -9.80
CA TYR F 290 10.93 34.25 -10.99
C TYR F 290 12.40 34.00 -11.28
N ALA F 291 13.23 35.05 -11.14
CA ALA F 291 14.65 34.94 -11.49
C ALA F 291 15.38 33.96 -10.60
N ASN F 292 15.10 33.96 -9.29
CA ASN F 292 15.87 33.22 -8.31
C ASN F 292 14.98 32.19 -7.61
N ASN F 293 14.89 31.00 -8.19
CA ASN F 293 14.23 29.88 -7.56
C ASN F 293 15.27 28.98 -6.89
N VAL F 294 14.83 28.26 -5.85
CA VAL F 294 15.72 27.45 -5.04
C VAL F 294 15.07 26.10 -4.79
N MET F 295 15.87 25.04 -4.81
CA MET F 295 15.43 23.68 -4.50
C MET F 295 16.20 23.17 -3.30
N SER F 296 15.54 22.35 -2.48
CA SER F 296 16.16 21.74 -1.31
C SER F 296 15.55 20.37 -1.09
N GLY F 297 15.92 19.72 0.01
CA GLY F 297 15.36 18.44 0.36
C GLY F 297 15.87 17.30 -0.48
N GLY F 298 15.81 16.08 0.07
CA GLY F 298 16.32 14.93 -0.65
C GLY F 298 15.51 14.60 -1.89
N THR F 299 14.18 14.70 -1.80
CA THR F 299 13.33 14.28 -2.89
C THR F 299 13.64 14.99 -4.19
N THR F 300 14.37 16.10 -4.16
CA THR F 300 14.70 16.86 -5.35
C THR F 300 16.07 16.49 -5.91
N MET F 301 16.45 15.23 -5.76
CA MET F 301 17.72 14.73 -6.29
C MET F 301 17.52 13.80 -7.50
N TYR F 302 16.30 13.67 -7.99
CA TYR F 302 16.07 12.83 -9.16
C TYR F 302 16.80 13.43 -10.37
N PRO F 303 17.56 12.64 -11.11
CA PRO F 303 18.25 13.20 -12.28
C PRO F 303 17.28 13.74 -13.31
N GLY F 304 17.35 15.04 -13.55
CA GLY F 304 16.53 15.69 -14.56
C GLY F 304 15.35 16.47 -14.03
N ILE F 305 15.22 16.63 -12.71
CA ILE F 305 14.09 17.38 -12.16
C ILE F 305 14.23 18.87 -12.47
N ALA F 306 15.45 19.41 -12.41
CA ALA F 306 15.65 20.83 -12.62
C ALA F 306 15.20 21.24 -14.02
N ASP F 307 15.59 20.45 -15.03
CA ASP F 307 15.24 20.80 -16.41
C ASP F 307 13.73 20.80 -16.61
N ARG F 308 13.05 19.77 -16.10
CA ARG F 308 11.59 19.72 -16.26
C ARG F 308 10.92 20.85 -15.52
N MET F 309 11.40 21.18 -14.31
CA MET F 309 10.83 22.29 -13.57
C MET F 309 10.98 23.59 -14.33
N GLN F 310 12.17 23.84 -14.88
CA GLN F 310 12.38 25.06 -15.64
C GLN F 310 11.47 25.10 -16.87
N LYS F 311 11.37 23.98 -17.59
CA LYS F 311 10.53 23.95 -18.78
C LYS F 311 9.07 24.23 -18.43
N GLU F 312 8.57 23.58 -17.39
CA GLU F 312 7.16 23.76 -17.03
C GLU F 312 6.89 25.19 -16.58
N ILE F 313 7.76 25.76 -15.75
CA ILE F 313 7.54 27.12 -15.29
C ILE F 313 7.62 28.09 -16.45
N THR F 314 8.58 27.90 -17.36
CA THR F 314 8.68 28.78 -18.53
C THR F 314 7.42 28.70 -19.37
N ALA F 315 6.89 27.49 -19.58
CA ALA F 315 5.65 27.36 -20.34
C ALA F 315 4.50 28.06 -19.64
N LEU F 316 4.44 27.96 -18.31
CA LEU F 316 3.33 28.56 -17.58
C LEU F 316 3.47 30.08 -17.49
N ALA F 317 4.67 30.57 -17.25
CA ALA F 317 4.87 31.99 -16.99
C ALA F 317 4.91 32.81 -18.28
N PRO F 318 4.69 34.11 -18.19
CA PRO F 318 4.76 34.96 -19.38
C PRO F 318 6.18 35.03 -19.95
N SER F 319 6.24 35.35 -21.24
CA SER F 319 7.52 35.53 -21.90
C SER F 319 8.17 36.85 -21.45
N THR F 320 9.32 37.16 -22.05
CA THR F 320 10.04 38.40 -21.78
C THR F 320 10.69 38.36 -20.40
N MET F 321 10.45 37.29 -19.64
CA MET F 321 10.89 37.19 -18.26
C MET F 321 11.69 35.92 -18.08
N LYS F 322 12.85 36.04 -17.43
CA LYS F 322 13.85 34.99 -17.40
C LYS F 322 13.71 34.15 -16.12
N ILE F 323 13.72 32.83 -16.28
CA ILE F 323 13.57 31.90 -15.17
C ILE F 323 14.85 31.07 -15.04
N LYS F 324 15.36 30.98 -13.81
CA LYS F 324 16.47 30.09 -13.49
C LYS F 324 16.10 29.29 -12.25
N ILE F 325 16.55 28.03 -12.21
CA ILE F 325 16.29 27.16 -11.07
C ILE F 325 17.62 26.89 -10.37
N ILE F 326 17.91 27.65 -9.32
CA ILE F 326 19.15 27.47 -8.57
C ILE F 326 19.06 26.13 -7.85
N ALA F 327 19.80 25.14 -8.33
CA ALA F 327 19.75 23.78 -7.80
C ALA F 327 21.17 23.29 -7.55
N PRO F 328 21.82 23.80 -6.51
CA PRO F 328 23.22 23.46 -6.28
C PRO F 328 23.37 22.01 -5.87
N PRO F 329 24.56 21.43 -5.99
CA PRO F 329 24.77 20.06 -5.52
C PRO F 329 24.60 20.00 -4.00
N GLU F 330 24.78 18.81 -3.42
CA GLU F 330 24.69 18.63 -1.97
C GLU F 330 23.50 19.37 -1.37
N ARG F 331 22.43 19.54 -2.16
CA ARG F 331 21.22 20.17 -1.64
C ARG F 331 20.60 19.35 -0.51
N LYS F 332 20.95 18.06 -0.41
CA LYS F 332 20.35 17.20 0.59
C LYS F 332 20.49 17.78 2.00
N TYR F 333 21.69 18.25 2.32
CA TYR F 333 21.97 18.82 3.63
C TYR F 333 21.71 20.32 3.70
N SER F 334 21.18 20.91 2.62
CA SER F 334 21.11 22.36 2.54
C SER F 334 20.45 22.94 3.79
N VAL F 335 19.30 22.40 4.19
CA VAL F 335 18.61 22.95 5.35
C VAL F 335 19.54 22.96 6.55
N TRP F 336 20.19 21.84 6.83
CA TRP F 336 21.09 21.80 7.97
C TRP F 336 22.22 22.80 7.81
N ILE F 337 22.77 22.93 6.60
CA ILE F 337 23.85 23.87 6.39
C ILE F 337 23.41 25.28 6.75
N GLY F 338 22.12 25.57 6.59
CA GLY F 338 21.64 26.86 7.04
C GLY F 338 21.73 27.02 8.54
N GLY F 339 21.26 26.02 9.28
CA GLY F 339 21.17 26.17 10.72
C GLY F 339 22.52 26.47 11.34
N SER F 340 23.55 25.74 10.95
CA SER F 340 24.88 26.01 11.50
C SER F 340 25.27 27.45 11.24
N ILE F 341 25.08 27.94 10.02
CA ILE F 341 25.38 29.34 9.74
C ILE F 341 24.59 30.24 10.67
N LEU F 342 23.30 29.95 10.83
CA LEU F 342 22.47 30.78 11.69
C LEU F 342 23.00 30.75 13.12
N ALA F 343 23.50 29.60 13.57
CA ALA F 343 24.08 29.53 14.90
C ALA F 343 25.32 30.41 15.00
N SER F 344 26.13 30.45 13.94
CA SER F 344 27.41 31.16 14.01
C SER F 344 27.20 32.66 14.20
N LEU F 345 26.22 33.24 13.51
CA LEU F 345 26.05 34.68 13.48
C LEU F 345 26.06 35.27 14.88
N SER F 346 26.83 36.35 15.06
CA SER F 346 26.95 36.99 16.36
C SER F 346 25.63 37.57 16.82
N THR F 347 24.89 38.22 15.92
CA THR F 347 23.61 38.80 16.30
C THR F 347 22.66 37.73 16.85
N PHE F 348 22.55 36.61 16.14
CA PHE F 348 21.63 35.57 16.54
C PHE F 348 21.90 35.06 17.95
N GLN F 349 23.12 35.22 18.44
CA GLN F 349 23.45 34.75 19.78
C GLN F 349 22.71 35.52 20.87
N GLN F 350 21.85 36.47 20.51
CA GLN F 350 21.03 37.19 21.48
C GLN F 350 19.57 36.73 21.45
N MET F 351 19.21 35.82 20.55
CA MET F 351 17.80 35.52 20.28
C MET F 351 17.34 34.20 20.88
N TRP F 352 18.20 33.48 21.60
CA TRP F 352 17.77 32.21 22.19
C TRP F 352 16.65 32.44 23.20
N ILE F 353 16.07 31.32 23.65
CA ILE F 353 15.07 31.32 24.71
C ILE F 353 15.66 30.67 25.94
N THR F 354 16.23 31.48 26.84
CA THR F 354 16.87 30.94 28.02
C THR F 354 15.88 30.13 28.86
N LYS F 355 16.42 29.25 29.70
CA LYS F 355 15.57 28.38 30.51
C LYS F 355 14.71 29.18 31.46
N GLN F 356 15.28 30.20 32.12
CA GLN F 356 14.50 30.98 33.07
C GLN F 356 13.39 31.74 32.37
N GLU F 357 13.61 32.16 31.13
CA GLU F 357 12.55 32.84 30.38
C GLU F 357 11.35 31.91 30.19
N TYR F 358 11.59 30.65 29.84
CA TYR F 358 10.49 29.71 29.69
C TYR F 358 9.86 29.40 31.04
N ASP F 359 10.67 29.32 32.09
CA ASP F 359 10.12 29.05 33.42
C ASP F 359 9.17 30.15 33.86
N GLU F 360 9.51 31.41 33.55
CA GLU F 360 8.68 32.53 33.98
C GLU F 360 7.49 32.74 33.04
N ALA F 361 7.77 33.03 31.77
CA ALA F 361 6.70 33.39 30.84
C ALA F 361 5.72 32.25 30.64
N GLY F 362 6.22 31.02 30.48
CA GLY F 362 5.38 29.88 30.24
C GLY F 362 5.48 29.36 28.83
N PRO F 363 4.66 28.36 28.49
CA PRO F 363 4.77 27.74 27.16
C PRO F 363 4.56 28.72 26.00
N SER F 364 3.76 29.77 26.19
CA SER F 364 3.45 30.66 25.08
C SER F 364 4.67 31.36 24.53
N ILE F 365 5.78 31.39 25.28
CA ILE F 365 6.97 32.13 24.86
C ILE F 365 7.33 31.80 23.41
N VAL F 366 7.40 30.51 23.08
CA VAL F 366 7.90 30.12 21.76
C VAL F 366 7.02 30.70 20.67
N HIS F 367 5.71 30.78 20.91
CA HIS F 367 4.80 31.25 19.88
C HIS F 367 4.84 32.76 19.67
N ARG F 368 5.50 33.52 20.56
CA ARG F 368 5.52 34.96 20.37
C ARG F 368 6.20 35.34 19.05
N LYS F 369 7.25 34.62 18.69
CA LYS F 369 7.97 34.88 17.45
C LYS F 369 7.49 34.00 16.29
N CYS F 370 6.49 33.15 16.51
CA CYS F 370 6.01 32.27 15.46
C CYS F 370 5.42 33.06 14.31
N THR G 1 -48.94 38.84 -17.92
CA THR G 1 -47.79 37.94 -17.80
C THR G 1 -46.96 38.29 -16.58
N THR G 2 -46.12 37.34 -16.16
CA THR G 2 -45.22 37.52 -15.03
C THR G 2 -43.79 37.54 -15.54
N ALA G 3 -43.00 38.49 -15.03
CA ALA G 3 -41.63 38.70 -15.47
C ALA G 3 -40.67 38.05 -14.48
N LEU G 4 -39.83 37.14 -14.97
CA LEU G 4 -38.85 36.51 -14.11
C LEU G 4 -37.88 37.55 -13.57
N VAL G 5 -37.45 37.36 -12.33
CA VAL G 5 -36.42 38.19 -11.70
C VAL G 5 -35.34 37.25 -11.20
N CYS G 6 -34.34 36.98 -12.02
CA CYS G 6 -33.20 36.16 -11.62
C CYS G 6 -32.11 37.06 -11.07
N ASP G 7 -31.38 36.54 -10.08
CA ASP G 7 -30.23 37.23 -9.52
C ASP G 7 -29.03 36.30 -9.56
N ASN G 8 -28.36 36.26 -10.71
CA ASN G 8 -27.09 35.55 -10.80
C ASN G 8 -26.11 36.19 -9.83
N GLY G 9 -25.74 35.45 -8.78
CA GLY G 9 -24.83 35.95 -7.78
C GLY G 9 -23.43 35.37 -7.96
N SER G 10 -22.59 35.59 -6.95
CA SER G 10 -21.26 35.05 -6.96
C SER G 10 -21.16 33.69 -6.27
N GLY G 11 -22.11 33.38 -5.39
CA GLY G 11 -22.08 32.13 -4.66
C GLY G 11 -23.43 31.43 -4.56
N LEU G 12 -24.49 32.06 -5.05
CA LEU G 12 -25.81 31.45 -5.05
C LEU G 12 -26.64 32.02 -6.19
N VAL G 13 -27.61 31.23 -6.64
CA VAL G 13 -28.53 31.64 -7.70
C VAL G 13 -29.93 31.63 -7.11
N LYS G 14 -30.62 32.77 -7.20
CA LYS G 14 -31.98 32.94 -6.71
C LYS G 14 -32.85 33.38 -7.87
N ALA G 15 -33.85 32.58 -8.21
CA ALA G 15 -34.70 32.83 -9.36
C ALA G 15 -36.15 32.73 -8.95
N GLY G 16 -36.96 33.68 -9.41
CA GLY G 16 -38.35 33.71 -9.03
C GLY G 16 -39.16 34.59 -9.96
N PHE G 17 -40.43 34.75 -9.60
CA PHE G 17 -41.37 35.54 -10.39
C PHE G 17 -41.62 36.88 -9.70
N ALA G 18 -42.13 37.83 -10.47
CA ALA G 18 -42.47 39.12 -9.91
C ALA G 18 -43.70 39.01 -9.02
N GLY G 19 -43.88 40.01 -8.16
CA GLY G 19 -44.99 40.02 -7.24
C GLY G 19 -44.99 38.87 -6.25
N ASP G 20 -43.82 38.49 -5.76
CA ASP G 20 -43.68 37.48 -4.71
C ASP G 20 -42.80 38.03 -3.60
N ASP G 21 -42.72 37.29 -2.51
CA ASP G 21 -41.97 37.71 -1.33
C ASP G 21 -40.69 36.92 -1.13
N ALA G 22 -40.42 35.94 -1.98
CA ALA G 22 -39.22 35.12 -1.86
C ALA G 22 -38.94 34.48 -3.21
N PRO G 23 -37.68 34.11 -3.48
CA PRO G 23 -37.39 33.46 -4.75
C PRO G 23 -38.08 32.11 -4.85
N ARG G 24 -38.54 31.78 -6.06
CA ARG G 24 -39.18 30.48 -6.26
C ARG G 24 -38.19 29.35 -6.04
N ALA G 25 -36.96 29.51 -6.53
CA ALA G 25 -35.91 28.51 -6.36
C ALA G 25 -34.60 29.20 -5.97
N VAL G 26 -33.84 28.54 -5.12
CA VAL G 26 -32.52 29.01 -4.68
C VAL G 26 -31.59 27.81 -4.64
N PHE G 27 -30.42 27.94 -5.27
CA PHE G 27 -29.50 26.81 -5.33
C PHE G 27 -28.09 27.32 -5.61
N PRO G 28 -27.06 26.61 -5.18
CA PRO G 28 -25.69 27.07 -5.42
C PRO G 28 -25.34 27.09 -6.90
N SER G 29 -24.45 28.01 -7.26
CA SER G 29 -24.00 28.16 -8.65
C SER G 29 -22.64 27.49 -8.79
N ILE G 30 -22.67 26.15 -8.87
CA ILE G 30 -21.47 25.35 -9.04
C ILE G 30 -21.70 24.35 -10.16
N VAL G 31 -20.60 23.84 -10.72
CA VAL G 31 -20.64 22.79 -11.73
C VAL G 31 -19.65 21.72 -11.33
N GLY G 32 -20.12 20.49 -11.16
CA GLY G 32 -19.27 19.38 -10.76
C GLY G 32 -19.02 18.45 -11.93
N ARG G 33 -17.77 18.05 -12.09
CA ARG G 33 -17.40 17.10 -13.13
C ARG G 33 -16.86 15.84 -12.49
N PRO G 34 -17.20 14.66 -13.02
CA PRO G 34 -16.72 13.42 -12.40
C PRO G 34 -15.21 13.30 -12.51
N ARG G 35 -14.64 12.56 -11.55
CA ARG G 35 -13.20 12.44 -11.41
C ARG G 35 -12.68 11.04 -11.64
N HIS G 36 -13.49 10.02 -11.42
CA HIS G 36 -13.05 8.63 -11.42
C HIS G 36 -13.54 7.91 -12.67
N GLN G 37 -13.26 6.60 -12.73
CA GLN G 37 -13.46 5.85 -13.96
C GLN G 37 -14.93 5.63 -14.28
N GLY G 38 -15.63 4.88 -13.42
CA GLY G 38 -16.98 4.45 -13.73
C GLY G 38 -16.99 3.02 -14.24
N VAL G 39 -17.45 2.08 -13.42
CA VAL G 39 -17.20 0.66 -13.69
C VAL G 39 -18.50 -0.08 -13.97
N MET G 40 -19.61 0.37 -13.41
CA MET G 40 -20.88 -0.32 -13.59
C MET G 40 -21.50 0.04 -14.93
N VAL G 41 -22.30 -0.88 -15.46
CA VAL G 41 -22.88 -0.76 -16.79
C VAL G 41 -24.38 -0.54 -16.65
N GLY G 42 -24.96 0.24 -17.55
CA GLY G 42 -26.41 0.45 -17.58
C GLY G 42 -26.81 1.71 -16.88
N MET G 43 -25.85 2.44 -16.31
CA MET G 43 -26.17 3.61 -15.46
C MET G 43 -26.47 4.83 -16.30
N GLY G 44 -25.83 4.99 -17.44
CA GLY G 44 -26.00 6.20 -18.25
C GLY G 44 -24.99 7.26 -17.92
N GLN G 45 -24.30 7.79 -18.93
CA GLN G 45 -23.18 8.76 -18.73
C GLN G 45 -23.68 10.19 -18.59
N LYS G 46 -23.15 10.97 -17.65
CA LYS G 46 -23.47 12.42 -17.53
C LYS G 46 -22.13 13.13 -17.46
N ASP G 47 -21.88 14.05 -18.38
CA ASP G 47 -20.62 14.77 -18.50
C ASP G 47 -20.37 15.65 -17.29
N SER G 48 -21.42 16.28 -16.75
CA SER G 48 -21.24 17.21 -15.65
C SER G 48 -22.58 17.45 -14.95
N TYR G 49 -22.56 17.36 -13.63
CA TYR G 49 -23.73 17.70 -12.82
C TYR G 49 -23.70 19.19 -12.49
N VAL G 50 -24.89 19.77 -12.36
CA VAL G 50 -25.02 21.20 -12.16
C VAL G 50 -26.08 21.47 -11.10
N GLY G 51 -25.79 22.40 -10.21
CA GLY G 51 -26.77 22.86 -9.23
C GLY G 51 -26.66 22.11 -7.93
N ASP G 52 -27.79 21.62 -7.43
CA ASP G 52 -27.85 21.00 -6.11
C ASP G 52 -27.47 19.53 -6.13
N GLU G 53 -27.73 18.82 -7.24
CA GLU G 53 -27.32 17.42 -7.32
C GLU G 53 -25.80 17.30 -7.22
N ALA G 54 -25.07 18.26 -7.78
CA ALA G 54 -23.62 18.25 -7.61
C ALA G 54 -23.23 18.39 -6.15
N GLN G 55 -23.91 19.29 -5.43
CA GLN G 55 -23.66 19.42 -4.00
C GLN G 55 -24.01 18.14 -3.25
N SER G 56 -24.98 17.38 -3.75
CA SER G 56 -25.35 16.13 -3.09
C SER G 56 -24.28 15.06 -3.26
N LYS G 57 -23.65 15.01 -4.42
CA LYS G 57 -22.66 13.98 -4.75
C LYS G 57 -21.25 14.56 -4.83
N ARG G 58 -20.91 15.45 -3.90
CA ARG G 58 -19.61 16.11 -3.91
C ARG G 58 -18.46 15.14 -3.67
N GLY G 59 -18.74 13.92 -3.23
CA GLY G 59 -17.67 13.00 -2.90
C GLY G 59 -16.73 12.72 -4.06
N ILE G 60 -17.30 12.54 -5.26
CA ILE G 60 -16.53 12.06 -6.41
C ILE G 60 -16.58 13.07 -7.55
N LEU G 61 -16.67 14.35 -7.25
CA LEU G 61 -16.74 15.39 -8.26
C LEU G 61 -15.70 16.47 -7.96
N THR G 62 -15.33 17.21 -9.00
CA THR G 62 -14.42 18.35 -8.89
C THR G 62 -15.25 19.62 -9.12
N LEU G 63 -15.79 20.16 -8.03
CA LEU G 63 -16.69 21.30 -8.14
C LEU G 63 -15.93 22.55 -8.56
N LYS G 64 -16.51 23.30 -9.50
CA LYS G 64 -15.94 24.54 -10.00
C LYS G 64 -16.98 25.63 -9.95
N TYR G 65 -16.51 26.87 -9.76
CA TYR G 65 -17.39 28.04 -9.69
C TYR G 65 -17.26 28.84 -10.97
N PRO G 66 -18.31 28.94 -11.80
CA PRO G 66 -18.18 29.73 -13.03
C PRO G 66 -17.95 31.21 -12.78
N ILE G 67 -18.47 31.75 -11.68
CA ILE G 67 -18.33 33.16 -11.38
C ILE G 67 -17.29 33.31 -10.26
N GLU G 68 -16.65 34.47 -10.23
CA GLU G 68 -15.67 34.78 -9.19
C GLU G 68 -15.47 36.28 -9.14
N HIS G 69 -15.50 36.84 -7.93
CA HIS G 69 -15.35 38.28 -7.74
C HIS G 69 -16.31 39.06 -8.64
N GLY G 70 -17.53 38.55 -8.76
CA GLY G 70 -18.52 39.17 -9.65
C GLY G 70 -18.31 38.88 -11.11
N ILE G 71 -17.09 39.01 -11.61
CA ILE G 71 -16.81 38.75 -13.01
C ILE G 71 -17.11 37.28 -13.32
N ILE G 72 -17.47 37.01 -14.57
CA ILE G 72 -17.76 35.67 -15.04
C ILE G 72 -16.55 35.17 -15.82
N THR G 73 -16.02 34.01 -15.41
CA THR G 73 -14.80 33.48 -15.99
C THR G 73 -15.08 32.42 -17.07
N ASN G 74 -15.89 31.43 -16.74
CA ASN G 74 -16.27 30.38 -17.68
C ASN G 74 -17.69 30.66 -18.17
N TRP G 75 -17.87 30.63 -19.49
CA TRP G 75 -19.15 30.98 -20.10
C TRP G 75 -20.01 29.77 -20.42
N ASP G 76 -19.41 28.65 -20.81
CA ASP G 76 -20.19 27.44 -21.02
C ASP G 76 -20.87 26.99 -19.74
N ASP G 77 -20.14 27.01 -18.62
CA ASP G 77 -20.73 26.64 -17.35
C ASP G 77 -21.85 27.60 -16.96
N MET G 78 -21.66 28.89 -17.20
CA MET G 78 -22.69 29.86 -16.86
C MET G 78 -23.95 29.63 -17.71
N GLU G 79 -23.78 29.33 -18.99
CA GLU G 79 -24.92 29.01 -19.83
C GLU G 79 -25.62 27.75 -19.32
N LYS G 80 -24.85 26.75 -18.88
CA LYS G 80 -25.45 25.55 -18.32
C LYS G 80 -26.27 25.89 -17.07
N ILE G 81 -25.73 26.75 -16.21
CA ILE G 81 -26.46 27.16 -15.01
C ILE G 81 -27.76 27.85 -15.39
N TRP G 82 -27.71 28.75 -16.37
CA TRP G 82 -28.92 29.47 -16.76
C TRP G 82 -29.96 28.52 -17.34
N HIS G 83 -29.52 27.58 -18.18
CA HIS G 83 -30.46 26.60 -18.73
C HIS G 83 -31.10 25.78 -17.63
N HIS G 84 -30.30 25.32 -16.67
CA HIS G 84 -30.84 24.55 -15.55
C HIS G 84 -31.85 25.37 -14.77
N THR G 85 -31.55 26.65 -14.54
CA THR G 85 -32.48 27.49 -13.78
C THR G 85 -33.79 27.67 -14.53
N PHE G 86 -33.72 27.90 -15.84
CA PHE G 86 -34.95 28.21 -16.58
C PHE G 86 -35.81 26.98 -16.79
N TYR G 87 -35.21 25.85 -17.15
CA TYR G 87 -36.01 24.67 -17.52
C TYR G 87 -36.25 23.73 -16.36
N ASN G 88 -35.18 23.21 -15.75
CA ASN G 88 -35.34 22.17 -14.74
C ASN G 88 -35.86 22.73 -13.43
N GLU G 89 -35.38 23.90 -13.01
CA GLU G 89 -35.72 24.43 -11.69
C GLU G 89 -37.04 25.19 -11.71
N LEU G 90 -37.12 26.27 -12.50
CA LEU G 90 -38.34 27.06 -12.55
C LEU G 90 -39.45 26.33 -13.31
N ARG G 91 -39.08 25.59 -14.36
CA ARG G 91 -40.05 24.86 -15.17
C ARG G 91 -40.99 25.83 -15.89
N VAL G 92 -40.40 26.80 -16.59
CA VAL G 92 -41.14 27.74 -17.41
C VAL G 92 -40.32 28.06 -18.64
N ALA G 93 -40.94 28.02 -19.82
CA ALA G 93 -40.22 28.35 -21.04
C ALA G 93 -39.82 29.82 -21.00
N PRO G 94 -38.59 30.16 -21.44
CA PRO G 94 -38.14 31.55 -21.33
C PRO G 94 -38.65 32.48 -22.42
N GLU G 95 -39.24 31.94 -23.49
CA GLU G 95 -39.65 32.79 -24.60
C GLU G 95 -40.76 33.75 -24.21
N GLU G 96 -41.72 33.28 -23.41
CA GLU G 96 -42.91 34.10 -23.16
C GLU G 96 -42.60 35.33 -22.33
N HIS G 97 -41.77 35.19 -21.26
CA HIS G 97 -41.65 36.27 -20.29
C HIS G 97 -40.37 37.06 -20.49
N PRO G 98 -40.36 38.34 -20.09
CA PRO G 98 -39.11 39.11 -20.05
C PRO G 98 -38.23 38.66 -18.90
N THR G 99 -37.12 39.35 -18.67
CA THR G 99 -36.20 38.97 -17.61
C THR G 99 -35.44 40.18 -17.09
N LEU G 100 -35.14 40.14 -15.79
CA LEU G 100 -34.39 41.20 -15.12
C LEU G 100 -33.22 40.58 -14.38
N LEU G 101 -32.02 41.07 -14.65
CA LEU G 101 -30.79 40.55 -14.09
C LEU G 101 -30.09 41.65 -13.29
N THR G 102 -29.11 41.26 -12.49
CA THR G 102 -28.41 42.18 -11.60
C THR G 102 -26.92 42.02 -11.78
N GLU G 103 -26.20 43.14 -11.85
CA GLU G 103 -24.75 43.13 -12.02
C GLU G 103 -24.13 44.18 -11.10
N ALA G 104 -23.03 43.80 -10.44
CA ALA G 104 -22.39 44.68 -9.48
C ALA G 104 -21.77 45.89 -10.18
N PRO G 105 -21.63 47.01 -9.47
CA PRO G 105 -21.09 48.21 -10.10
C PRO G 105 -19.60 48.07 -10.39
N LEU G 106 -19.15 48.88 -11.35
CA LEU G 106 -17.75 48.98 -11.73
C LEU G 106 -17.21 47.71 -12.38
N ASN G 107 -18.09 46.84 -12.87
CA ASN G 107 -17.66 45.63 -13.55
C ASN G 107 -17.28 45.93 -15.00
N PRO G 108 -16.53 45.04 -15.63
CA PRO G 108 -16.10 45.29 -17.02
C PRO G 108 -17.27 45.40 -17.97
N LYS G 109 -17.09 46.22 -19.00
CA LYS G 109 -18.15 46.44 -19.98
C LYS G 109 -18.50 45.16 -20.72
N ALA G 110 -17.48 44.44 -21.19
CA ALA G 110 -17.70 43.25 -22.02
C ALA G 110 -18.68 42.28 -21.38
N ASN G 111 -18.62 42.15 -20.05
CA ASN G 111 -19.54 41.28 -19.32
C ASN G 111 -20.99 41.56 -19.73
N ARG G 112 -21.40 42.83 -19.66
CA ARG G 112 -22.77 43.20 -19.98
C ARG G 112 -23.14 42.79 -21.40
N GLU G 113 -22.31 43.14 -22.38
CA GLU G 113 -22.60 42.79 -23.76
C GLU G 113 -22.74 41.29 -23.94
N LYS G 114 -21.79 40.51 -23.42
CA LYS G 114 -21.84 39.07 -23.60
C LYS G 114 -23.07 38.47 -22.94
N MET G 115 -23.41 38.93 -21.73
CA MET G 115 -24.64 38.51 -21.07
C MET G 115 -25.85 38.79 -21.94
N THR G 116 -25.93 40.00 -22.50
CA THR G 116 -27.03 40.35 -23.37
C THR G 116 -27.13 39.41 -24.56
N GLN G 117 -26.00 39.18 -25.24
CA GLN G 117 -26.01 38.31 -26.41
C GLN G 117 -26.46 36.91 -26.05
N ILE G 118 -25.94 36.37 -24.95
CA ILE G 118 -26.34 35.04 -24.52
C ILE G 118 -27.81 34.98 -24.12
N MET G 119 -28.38 36.12 -23.71
CA MET G 119 -29.79 36.16 -23.33
C MET G 119 -30.72 36.51 -24.49
N PHE G 120 -30.17 36.85 -25.65
CA PHE G 120 -30.98 37.15 -26.83
C PHE G 120 -30.82 36.11 -27.93
N GLU G 121 -29.59 35.82 -28.35
CA GLU G 121 -29.40 34.90 -29.47
C GLU G 121 -29.78 33.47 -29.09
N THR G 122 -29.40 33.03 -27.90
CA THR G 122 -29.55 31.62 -27.54
C THR G 122 -30.89 31.32 -26.89
N PHE G 123 -31.30 32.12 -25.91
CA PHE G 123 -32.52 31.83 -25.15
C PHE G 123 -33.74 32.52 -25.73
N ASN G 124 -33.57 33.67 -26.40
CA ASN G 124 -34.64 34.30 -27.16
C ASN G 124 -35.75 34.86 -26.27
N VAL G 125 -35.36 35.52 -25.18
CA VAL G 125 -36.33 36.21 -24.32
C VAL G 125 -36.83 37.44 -25.07
N PRO G 126 -38.08 37.87 -24.86
CA PRO G 126 -38.58 39.02 -25.63
C PRO G 126 -38.06 40.36 -25.16
N ALA G 127 -37.48 40.43 -23.96
CA ALA G 127 -36.95 41.68 -23.43
C ALA G 127 -36.15 41.38 -22.18
N MET G 128 -35.03 42.08 -22.03
CA MET G 128 -34.15 41.88 -20.90
C MET G 128 -33.71 43.23 -20.36
N TYR G 129 -33.55 43.31 -19.03
CA TYR G 129 -33.02 44.49 -18.40
C TYR G 129 -32.01 44.07 -17.34
N VAL G 130 -31.07 44.95 -17.03
CA VAL G 130 -30.04 44.69 -16.04
C VAL G 130 -29.93 45.90 -15.11
N ALA G 131 -29.75 45.64 -13.82
CA ALA G 131 -29.75 46.69 -12.81
C ALA G 131 -28.58 46.51 -11.85
N ILE G 132 -28.19 47.61 -11.21
CA ILE G 132 -27.13 47.59 -10.22
C ILE G 132 -27.65 46.96 -8.93
N GLN G 133 -26.85 46.09 -8.33
CA GLN G 133 -27.30 45.35 -7.15
C GLN G 133 -27.64 46.29 -6.00
N ALA G 134 -26.80 47.29 -5.76
CA ALA G 134 -27.00 48.15 -4.59
C ALA G 134 -28.32 48.91 -4.68
N VAL G 135 -28.66 49.42 -5.85
CA VAL G 135 -29.85 50.25 -5.99
C VAL G 135 -31.10 49.48 -5.60
N LEU G 136 -31.21 48.23 -6.07
CA LEU G 136 -32.41 47.45 -5.77
C LEU G 136 -32.63 47.27 -4.28
N SER G 137 -31.58 47.37 -3.46
CA SER G 137 -31.73 47.21 -2.03
C SER G 137 -32.63 48.31 -1.44
N LEU G 138 -32.59 49.51 -2.01
CA LEU G 138 -33.31 50.62 -1.41
C LEU G 138 -34.81 50.51 -1.62
N TYR G 139 -35.25 49.88 -2.71
CA TYR G 139 -36.68 49.60 -2.85
C TYR G 139 -37.14 48.67 -1.74
N ALA G 140 -36.38 47.62 -1.46
CA ALA G 140 -36.75 46.69 -0.40
C ALA G 140 -36.73 47.39 0.96
N SER G 141 -35.74 48.24 1.21
CA SER G 141 -35.69 48.95 2.48
C SER G 141 -36.89 49.87 2.65
N GLY G 142 -37.28 50.58 1.59
CA GLY G 142 -38.43 51.45 1.62
C GLY G 142 -38.12 52.93 1.71
N ARG G 143 -36.88 53.34 1.53
CA ARG G 143 -36.48 54.74 1.58
C ARG G 143 -35.90 55.17 0.24
N THR G 144 -35.53 56.45 0.17
CA THR G 144 -34.91 57.03 -1.02
C THR G 144 -33.54 57.62 -0.75
N THR G 145 -33.25 58.04 0.48
CA THR G 145 -31.97 58.63 0.85
C THR G 145 -31.23 57.63 1.74
N GLY G 146 -30.01 57.27 1.36
CA GLY G 146 -29.28 56.29 2.14
C GLY G 146 -27.93 56.01 1.52
N ILE G 147 -27.21 55.10 2.17
CA ILE G 147 -25.91 54.63 1.69
C ILE G 147 -25.87 53.12 1.93
N VAL G 148 -26.19 52.34 0.90
CA VAL G 148 -26.25 50.90 1.07
C VAL G 148 -24.85 50.32 1.23
N LEU G 149 -24.79 49.13 1.80
CA LEU G 149 -23.52 48.44 2.08
C LEU G 149 -23.61 46.99 1.64
N ASP G 150 -24.17 46.76 0.44
CA ASP G 150 -24.30 45.41 -0.07
C ASP G 150 -22.97 44.68 0.02
N SER G 151 -22.99 43.51 0.67
CA SER G 151 -21.80 42.68 0.84
C SER G 151 -22.19 41.23 0.55
N GLY G 152 -22.11 40.85 -0.71
CA GLY G 152 -22.34 39.48 -1.10
C GLY G 152 -21.07 38.67 -0.99
N ASP G 153 -21.18 37.41 -1.41
CA ASP G 153 -19.97 36.63 -1.63
C ASP G 153 -19.21 37.20 -2.82
N GLY G 154 -17.90 37.07 -2.79
CA GLY G 154 -17.07 37.60 -3.86
C GLY G 154 -16.58 39.02 -3.65
N VAL G 155 -17.49 39.99 -3.55
CA VAL G 155 -17.12 41.41 -3.48
C VAL G 155 -18.11 42.16 -2.60
N THR G 156 -17.75 43.39 -2.25
CA THR G 156 -18.55 44.28 -1.42
C THR G 156 -18.44 45.69 -1.96
N HIS G 157 -19.56 46.41 -2.01
CA HIS G 157 -19.57 47.72 -2.64
C HIS G 157 -20.49 48.67 -1.88
N ASN G 158 -20.24 49.97 -2.07
CA ASN G 158 -20.99 51.04 -1.43
C ASN G 158 -21.48 52.01 -2.50
N VAL G 159 -22.77 52.34 -2.46
CA VAL G 159 -23.39 53.24 -3.43
C VAL G 159 -24.29 54.22 -2.68
N PRO G 160 -23.85 55.46 -2.44
CA PRO G 160 -24.72 56.41 -1.72
C PRO G 160 -25.67 57.12 -2.65
N ILE G 161 -26.93 57.22 -2.22
CA ILE G 161 -27.99 57.86 -3.00
C ILE G 161 -28.68 58.89 -2.12
N TYR G 162 -29.12 59.97 -2.76
CA TYR G 162 -29.80 61.06 -2.05
C TYR G 162 -30.91 61.58 -2.93
N GLU G 163 -32.15 61.45 -2.45
CA GLU G 163 -33.33 61.89 -3.20
C GLU G 163 -33.37 61.24 -4.58
N GLY G 164 -32.91 60.01 -4.68
CA GLY G 164 -32.89 59.31 -5.95
C GLY G 164 -31.97 59.95 -6.97
N TYR G 165 -30.81 60.44 -6.53
CA TYR G 165 -29.77 60.96 -7.41
C TYR G 165 -28.47 60.27 -7.01
N ALA G 166 -28.23 59.09 -7.59
CA ALA G 166 -27.06 58.31 -7.22
C ALA G 166 -25.79 59.07 -7.54
N LEU G 167 -24.96 59.28 -6.53
CA LEU G 167 -23.66 59.92 -6.74
C LEU G 167 -22.69 58.89 -7.29
N PRO G 168 -22.14 59.07 -8.49
CA PRO G 168 -21.29 58.02 -9.07
C PRO G 168 -19.83 58.10 -8.64
N HIS G 169 -19.39 59.29 -8.22
CA HIS G 169 -17.99 59.45 -7.82
C HIS G 169 -17.72 58.92 -6.42
N ALA G 170 -18.76 58.75 -5.60
CA ALA G 170 -18.60 58.25 -4.24
C ALA G 170 -18.69 56.73 -4.15
N ILE G 171 -19.04 56.05 -5.24
CA ILE G 171 -19.17 54.59 -5.20
C ILE G 171 -17.82 53.98 -4.86
N MET G 172 -17.85 52.92 -4.06
CA MET G 172 -16.63 52.20 -3.69
C MET G 172 -16.82 50.71 -3.90
N ARG G 173 -15.72 50.03 -4.24
CA ARG G 173 -15.72 48.61 -4.54
C ARG G 173 -14.52 47.96 -3.88
N LEU G 174 -14.71 46.74 -3.38
CA LEU G 174 -13.65 46.05 -2.65
C LEU G 174 -13.86 44.55 -2.79
N ASP G 175 -12.77 43.80 -2.83
CA ASP G 175 -12.79 42.37 -3.14
C ASP G 175 -12.65 41.50 -1.91
N LEU G 176 -13.22 41.91 -0.77
CA LEU G 176 -13.23 41.12 0.46
C LEU G 176 -14.65 40.61 0.68
N ALA G 177 -14.81 39.30 0.77
CA ALA G 177 -16.14 38.71 0.89
C ALA G 177 -16.03 37.32 1.50
N GLY G 178 -17.12 36.56 1.40
CA GLY G 178 -17.21 35.30 2.14
C GLY G 178 -16.18 34.26 1.73
N ARG G 179 -15.80 34.23 0.46
CA ARG G 179 -14.86 33.22 0.00
C ARG G 179 -13.52 33.37 0.71
N ASP G 180 -13.05 34.61 0.86
CA ASP G 180 -11.81 34.85 1.59
C ASP G 180 -11.94 34.43 3.05
N LEU G 181 -13.10 34.66 3.65
CA LEU G 181 -13.31 34.20 5.03
C LEU G 181 -13.25 32.68 5.12
N THR G 182 -13.83 31.98 4.15
CA THR G 182 -13.75 30.51 4.15
C THR G 182 -12.30 30.05 4.06
N ASP G 183 -11.53 30.68 3.16
CA ASP G 183 -10.13 30.29 3.01
C ASP G 183 -9.36 30.57 4.29
N TYR G 184 -9.60 31.73 4.92
CA TYR G 184 -8.93 32.03 6.17
C TYR G 184 -9.33 31.06 7.26
N LEU G 185 -10.61 30.65 7.28
CA LEU G 185 -11.05 29.66 8.26
C LEU G 185 -10.29 28.36 8.09
N MET G 186 -10.11 27.91 6.84
CA MET G 186 -9.29 26.72 6.62
C MET G 186 -7.88 26.92 7.15
N LYS G 187 -7.28 28.07 6.83
CA LYS G 187 -5.89 28.31 7.19
C LYS G 187 -5.69 28.34 8.70
N ILE G 188 -6.65 28.91 9.43
CA ILE G 188 -6.50 29.02 10.87
C ILE G 188 -6.98 27.76 11.60
N LEU G 189 -7.92 27.01 11.02
CA LEU G 189 -8.25 25.70 11.56
C LEU G 189 -7.08 24.75 11.43
N THR G 190 -6.17 25.01 10.50
CA THR G 190 -4.99 24.14 10.38
C THR G 190 -4.22 24.02 11.70
N GLU G 191 -4.25 25.07 12.53
CA GLU G 191 -3.40 25.06 13.73
C GLU G 191 -3.76 23.93 14.68
N ARG G 192 -5.06 23.72 14.93
CA ARG G 192 -5.43 22.72 15.94
C ARG G 192 -5.21 21.29 15.46
N GLY G 193 -4.96 21.09 14.17
CA GLY G 193 -4.69 19.75 13.66
C GLY G 193 -5.59 19.38 12.50
N TYR G 194 -6.76 20.04 12.41
CA TYR G 194 -7.72 19.71 11.37
C TYR G 194 -7.26 20.28 10.04
N SER G 195 -7.08 19.40 9.06
CA SER G 195 -6.57 19.78 7.74
C SER G 195 -7.66 19.55 6.71
N PHE G 196 -8.13 20.64 6.09
CA PHE G 196 -9.11 20.58 5.01
C PHE G 196 -8.46 21.14 3.74
N VAL G 197 -8.47 20.33 2.67
CA VAL G 197 -7.75 20.67 1.45
C VAL G 197 -8.68 20.65 0.24
N THR G 198 -9.32 19.51 -0.02
CA THR G 198 -10.11 19.36 -1.24
C THR G 198 -11.28 20.34 -1.25
N THR G 199 -11.91 20.44 -2.42
CA THR G 199 -13.01 21.38 -2.59
C THR G 199 -14.21 21.02 -1.73
N ALA G 200 -14.56 19.72 -1.66
CA ALA G 200 -15.67 19.31 -0.80
C ALA G 200 -15.39 19.64 0.66
N GLU G 201 -14.14 19.50 1.08
CA GLU G 201 -13.79 19.88 2.44
C GLU G 201 -13.92 21.39 2.63
N ARG G 202 -13.67 22.18 1.58
CA ARG G 202 -13.95 23.61 1.65
C ARG G 202 -15.45 23.86 1.78
N GLU G 203 -16.25 23.03 1.11
CA GLU G 203 -17.70 23.15 1.27
C GLU G 203 -18.11 22.88 2.71
N ILE G 204 -17.48 21.89 3.34
CA ILE G 204 -17.74 21.60 4.75
C ILE G 204 -17.33 22.78 5.62
N VAL G 205 -16.17 23.37 5.33
CA VAL G 205 -15.69 24.50 6.13
C VAL G 205 -16.63 25.69 5.98
N ARG G 206 -17.22 25.86 4.81
CA ARG G 206 -18.20 26.93 4.63
C ARG G 206 -19.39 26.73 5.56
N ASP G 207 -19.87 25.50 5.70
CA ASP G 207 -20.95 25.23 6.63
C ASP G 207 -20.52 25.49 8.07
N ILE G 208 -19.30 25.06 8.41
CA ILE G 208 -18.77 25.35 9.75
C ILE G 208 -18.79 26.85 10.00
N LYS G 209 -18.37 27.64 9.02
CA LYS G 209 -18.45 29.10 9.13
C LYS G 209 -19.87 29.56 9.37
N GLU G 210 -20.80 29.08 8.55
CA GLU G 210 -22.18 29.56 8.61
C GLU G 210 -22.77 29.33 10.00
N LYS G 211 -22.58 28.14 10.54
CA LYS G 211 -23.24 27.81 11.80
C LYS G 211 -22.59 28.49 12.99
N LEU G 212 -21.28 28.31 13.16
CA LEU G 212 -20.56 28.74 14.35
C LEU G 212 -19.62 29.90 14.02
N CYS G 213 -20.16 31.13 14.10
CA CYS G 213 -19.35 32.33 14.02
C CYS G 213 -20.10 33.49 14.66
N TYR G 214 -19.34 34.49 15.12
CA TYR G 214 -19.93 35.73 15.61
C TYR G 214 -18.84 36.80 15.61
N VAL G 215 -19.27 38.05 15.72
CA VAL G 215 -18.37 39.20 15.69
C VAL G 215 -18.32 39.81 17.09
N ALA G 216 -17.11 39.92 17.62
CA ALA G 216 -16.93 40.49 18.96
C ALA G 216 -17.09 42.00 18.95
N LEU G 217 -17.70 42.54 20.00
CA LEU G 217 -17.82 43.98 20.13
C LEU G 217 -16.45 44.64 20.23
N ASP G 218 -15.54 44.06 21.01
CA ASP G 218 -14.15 44.47 21.07
C ASP G 218 -13.27 43.25 20.93
N PHE G 219 -12.10 43.43 20.33
CA PHE G 219 -11.32 42.28 19.89
C PHE G 219 -10.31 41.83 20.94
N GLU G 220 -9.48 42.75 21.43
CA GLU G 220 -8.46 42.36 22.40
C GLU G 220 -9.07 41.79 23.66
N ASN G 221 -10.13 42.41 24.16
CA ASN G 221 -10.78 41.91 25.36
C ASN G 221 -11.36 40.52 25.12
N GLU G 222 -11.95 40.29 23.95
CA GLU G 222 -12.48 38.97 23.64
C GLU G 222 -11.37 37.93 23.58
N MET G 223 -10.23 38.28 22.98
CA MET G 223 -9.11 37.35 22.95
C MET G 223 -8.63 37.03 24.36
N ALA G 224 -8.53 38.04 25.21
CA ALA G 224 -8.11 37.80 26.59
C ALA G 224 -9.08 36.89 27.31
N THR G 225 -10.38 37.13 27.14
CA THR G 225 -11.38 36.29 27.79
C THR G 225 -11.32 34.86 27.28
N ALA G 226 -11.14 34.68 25.98
CA ALA G 226 -11.07 33.34 25.42
C ALA G 226 -9.81 32.60 25.86
N ALA G 227 -8.70 33.32 26.04
CA ALA G 227 -7.47 32.67 26.47
C ALA G 227 -7.52 32.31 27.95
N SER G 228 -8.05 33.22 28.79
CA SER G 228 -8.05 32.96 30.23
C SER G 228 -8.97 31.79 30.58
N SER G 229 -10.21 31.82 30.10
CA SER G 229 -11.20 30.80 30.41
C SER G 229 -11.35 29.85 29.22
N SER G 230 -12.31 28.95 29.31
CA SER G 230 -12.61 27.99 28.25
C SER G 230 -14.12 27.93 28.01
N SER G 231 -14.75 29.10 27.98
CA SER G 231 -16.18 29.20 27.75
C SER G 231 -16.55 29.46 26.29
N LEU G 232 -15.62 29.98 25.49
CA LEU G 232 -15.87 30.25 24.08
C LEU G 232 -15.44 29.07 23.21
N GLU G 233 -15.97 27.88 23.53
CA GLU G 233 -15.67 26.67 22.78
C GLU G 233 -16.96 26.03 22.30
N LYS G 234 -16.96 25.56 21.05
CA LYS G 234 -18.13 24.91 20.48
C LYS G 234 -17.72 23.60 19.83
N SER G 235 -18.64 22.65 19.80
CA SER G 235 -18.40 21.33 19.24
C SER G 235 -19.29 21.13 18.02
N TYR G 236 -18.68 20.70 16.92
CA TYR G 236 -19.40 20.49 15.67
C TYR G 236 -19.06 19.11 15.15
N GLU G 237 -19.98 18.53 14.36
CA GLU G 237 -19.86 17.15 13.91
C GLU G 237 -19.74 17.10 12.39
N LEU G 238 -18.70 16.43 11.90
CA LEU G 238 -18.48 16.25 10.48
C LEU G 238 -19.45 15.20 9.93
N PRO G 239 -19.50 15.04 8.61
CA PRO G 239 -20.25 13.91 8.04
C PRO G 239 -19.65 12.56 8.40
N ASP G 240 -18.38 12.52 8.83
CA ASP G 240 -17.69 11.27 9.14
C ASP G 240 -17.83 10.91 10.62
N GLY G 241 -18.81 11.46 11.31
CA GLY G 241 -18.99 11.14 12.72
C GLY G 241 -17.80 11.52 13.58
N GLN G 242 -17.09 12.58 13.22
CA GLN G 242 -15.98 13.10 14.00
C GLN G 242 -16.34 14.47 14.54
N VAL G 243 -15.74 14.83 15.67
CA VAL G 243 -16.12 16.03 16.41
C VAL G 243 -14.95 17.02 16.37
N ILE G 244 -15.21 18.19 15.79
CA ILE G 244 -14.31 19.33 15.84
C ILE G 244 -14.68 20.17 17.04
N THR G 245 -13.68 20.81 17.65
CA THR G 245 -13.88 21.73 18.78
C THR G 245 -13.20 23.05 18.44
N ILE G 246 -14.00 24.07 18.19
CA ILE G 246 -13.51 25.38 17.77
C ILE G 246 -13.48 26.32 18.97
N GLY G 247 -12.41 27.11 19.07
CA GLY G 247 -12.24 28.07 20.14
C GLY G 247 -12.22 29.50 19.66
N ASN G 248 -11.02 30.11 19.63
CA ASN G 248 -10.92 31.51 19.22
C ASN G 248 -11.39 31.70 17.78
N GLU G 249 -11.13 30.72 16.90
CA GLU G 249 -11.44 30.90 15.49
C GLU G 249 -12.90 31.25 15.24
N ARG G 250 -13.76 31.16 16.25
CA ARG G 250 -15.14 31.58 16.06
C ARG G 250 -15.24 33.04 15.67
N PHE G 251 -14.40 33.91 16.24
CA PHE G 251 -14.48 35.35 15.98
C PHE G 251 -13.19 35.91 15.38
N ARG G 252 -12.30 35.04 14.89
CA ARG G 252 -11.18 35.51 14.07
C ARG G 252 -11.48 35.43 12.59
N CYS G 253 -12.49 34.66 12.17
CA CYS G 253 -12.85 34.63 10.76
C CYS G 253 -13.49 35.94 10.32
N PRO G 254 -14.63 36.36 10.88
CA PRO G 254 -15.25 37.61 10.43
C PRO G 254 -14.42 38.84 10.73
N GLU G 255 -13.49 38.77 11.68
CA GLU G 255 -12.72 39.96 12.04
C GLU G 255 -11.92 40.50 10.87
N THR G 256 -11.58 39.67 9.89
CA THR G 256 -10.84 40.16 8.74
C THR G 256 -11.61 41.23 7.99
N LEU G 257 -12.93 41.28 8.17
CA LEU G 257 -13.71 42.33 7.53
C LEU G 257 -13.28 43.70 8.03
N PHE G 258 -13.04 43.84 9.33
CA PHE G 258 -12.64 45.10 9.92
C PHE G 258 -11.13 45.29 9.95
N GLN G 259 -10.35 44.24 9.71
CA GLN G 259 -8.88 44.31 9.72
C GLN G 259 -8.37 43.50 8.54
N PRO G 260 -8.42 44.06 7.33
CA PRO G 260 -8.01 43.29 6.14
C PRO G 260 -6.53 42.94 6.10
N SER G 261 -5.73 43.31 7.10
CA SER G 261 -4.31 42.98 7.10
C SER G 261 -4.05 41.54 7.50
N PHE G 262 -5.08 40.80 7.95
CA PHE G 262 -4.88 39.40 8.32
C PHE G 262 -4.49 38.57 7.11
N ILE G 263 -5.16 38.78 5.97
CA ILE G 263 -4.91 37.99 4.77
C ILE G 263 -3.90 38.66 3.84
N GLY G 264 -3.20 39.70 4.30
CA GLY G 264 -2.16 40.33 3.52
C GLY G 264 -2.60 41.51 2.68
N MET G 265 -3.89 41.80 2.62
CA MET G 265 -4.35 42.95 1.87
C MET G 265 -3.87 44.24 2.55
N GLU G 266 -4.16 45.37 1.91
CA GLU G 266 -3.73 46.66 2.41
C GLU G 266 -4.87 47.65 2.62
N SER G 267 -6.01 47.48 1.95
CA SER G 267 -7.11 48.41 2.10
C SER G 267 -7.57 48.46 3.55
N ALA G 268 -8.41 49.45 3.85
CA ALA G 268 -8.91 49.64 5.20
C ALA G 268 -10.17 48.80 5.42
N GLY G 269 -10.52 48.64 6.70
CA GLY G 269 -11.71 47.89 7.04
C GLY G 269 -12.95 48.49 6.40
N ILE G 270 -14.09 47.83 6.54
CA ILE G 270 -15.29 48.30 5.84
C ILE G 270 -15.85 49.56 6.49
N HIS G 271 -15.66 49.75 7.80
CA HIS G 271 -16.13 50.97 8.43
C HIS G 271 -15.43 52.19 7.84
N GLU G 272 -14.13 52.07 7.57
CA GLU G 272 -13.40 53.19 7.00
C GLU G 272 -13.86 53.48 5.58
N THR G 273 -14.19 52.44 4.80
CA THR G 273 -14.71 52.68 3.47
C THR G 273 -16.06 53.39 3.53
N THR G 274 -16.92 52.98 4.46
CA THR G 274 -18.20 53.66 4.61
C THR G 274 -18.01 55.12 4.99
N TYR G 275 -17.11 55.39 5.94
CA TYR G 275 -16.85 56.77 6.35
C TYR G 275 -16.28 57.60 5.19
N ASN G 276 -15.36 57.02 4.43
CA ASN G 276 -14.79 57.73 3.29
C ASN G 276 -15.85 58.01 2.23
N SER G 277 -16.72 57.03 1.96
CA SER G 277 -17.80 57.26 1.02
C SER G 277 -18.70 58.39 1.48
N ILE G 278 -18.98 58.46 2.79
CA ILE G 278 -19.81 59.53 3.30
C ILE G 278 -19.10 60.88 3.17
N MET G 279 -17.80 60.93 3.43
CA MET G 279 -17.04 62.17 3.35
C MET G 279 -16.56 62.50 1.95
N LYS G 280 -16.93 61.71 0.94
CA LYS G 280 -16.64 62.09 -0.44
C LYS G 280 -17.83 62.76 -1.12
N CYS G 281 -18.99 62.80 -0.46
CA CYS G 281 -20.16 63.49 -0.99
C CYS G 281 -20.10 64.96 -0.59
N ASP G 282 -21.18 65.69 -0.89
CA ASP G 282 -21.23 67.11 -0.58
C ASP G 282 -21.38 67.32 0.92
N ILE G 283 -21.20 68.57 1.34
CA ILE G 283 -21.23 68.89 2.76
C ILE G 283 -22.65 68.80 3.32
N ASP G 284 -23.65 69.21 2.53
CA ASP G 284 -25.00 69.40 3.05
C ASP G 284 -25.77 68.09 3.23
N ILE G 285 -25.33 66.99 2.62
CA ILE G 285 -26.10 65.75 2.64
C ILE G 285 -25.50 64.70 3.55
N ARG G 286 -24.37 64.97 4.20
CA ARG G 286 -23.70 63.95 4.99
C ARG G 286 -24.53 63.54 6.21
N LYS G 287 -25.26 64.48 6.82
CA LYS G 287 -26.07 64.14 7.98
C LYS G 287 -27.13 63.10 7.62
N ASP G 288 -27.79 63.29 6.47
CA ASP G 288 -28.83 62.36 6.07
C ASP G 288 -28.27 60.97 5.81
N LEU G 289 -27.12 60.88 5.16
CA LEU G 289 -26.51 59.57 4.93
C LEU G 289 -26.09 58.92 6.24
N TYR G 290 -25.59 59.71 7.19
CA TYR G 290 -25.30 59.15 8.51
C TYR G 290 -26.56 58.58 9.14
N ALA G 291 -27.68 59.30 9.03
CA ALA G 291 -28.90 58.88 9.70
C ALA G 291 -29.37 57.53 9.21
N ASN G 292 -29.28 57.27 7.90
CA ASN G 292 -29.85 56.08 7.28
C ASN G 292 -28.76 55.26 6.60
N ASN G 293 -28.17 54.33 7.34
CA ASN G 293 -27.34 53.29 6.75
C ASN G 293 -28.17 52.03 6.53
N VAL G 294 -27.74 51.20 5.58
CA VAL G 294 -28.50 50.03 5.17
C VAL G 294 -27.55 48.85 5.03
N MET G 295 -28.02 47.66 5.41
CA MET G 295 -27.28 46.42 5.27
C MET G 295 -27.96 45.52 4.26
N SER G 296 -27.17 44.75 3.54
CA SER G 296 -27.69 43.76 2.60
C SER G 296 -26.71 42.60 2.54
N GLY G 297 -26.96 41.66 1.63
CA GLY G 297 -26.05 40.57 1.38
C GLY G 297 -26.00 39.55 2.50
N GLY G 298 -25.63 38.31 2.15
CA GLY G 298 -25.56 37.27 3.16
C GLY G 298 -24.45 37.48 4.17
N THR G 299 -23.30 38.01 3.71
CA THR G 299 -22.13 38.11 4.57
C THR G 299 -22.40 38.95 5.82
N THR G 300 -23.43 39.79 5.81
CA THR G 300 -23.74 40.66 6.94
C THR G 300 -24.78 40.05 7.86
N MET G 301 -24.78 38.73 8.01
CA MET G 301 -25.66 38.04 8.95
C MET G 301 -24.93 37.52 10.17
N TYR G 302 -23.65 37.86 10.33
CA TYR G 302 -22.92 37.42 11.52
C TYR G 302 -23.56 38.05 12.76
N PRO G 303 -23.85 37.29 13.81
CA PRO G 303 -24.44 37.89 15.00
C PRO G 303 -23.52 38.92 15.62
N GLY G 304 -24.00 40.17 15.69
CA GLY G 304 -23.26 41.23 16.32
C GLY G 304 -22.57 42.20 15.38
N ILE G 305 -22.77 42.06 14.06
CA ILE G 305 -22.10 42.95 13.12
C ILE G 305 -22.69 44.36 13.20
N ALA G 306 -24.01 44.47 13.38
CA ALA G 306 -24.64 45.80 13.41
C ALA G 306 -24.11 46.64 14.57
N ASP G 307 -24.00 46.04 15.76
CA ASP G 307 -23.53 46.79 16.91
C ASP G 307 -22.11 47.29 16.72
N ARG G 308 -21.23 46.43 16.21
CA ARG G 308 -19.84 46.85 15.99
C ARG G 308 -19.76 47.92 14.91
N MET G 309 -20.55 47.77 13.84
CA MET G 309 -20.57 48.81 12.82
C MET G 309 -20.98 50.15 13.41
N GLN G 310 -22.06 50.15 14.20
CA GLN G 310 -22.53 51.40 14.79
C GLN G 310 -21.47 52.00 15.71
N LYS G 311 -20.85 51.17 16.56
CA LYS G 311 -19.84 51.69 17.47
C LYS G 311 -18.66 52.29 16.71
N GLU G 312 -18.17 51.58 15.68
CA GLU G 312 -17.02 52.06 14.94
C GLU G 312 -17.33 53.36 14.21
N ILE G 313 -18.48 53.42 13.54
CA ILE G 313 -18.82 54.64 12.81
C ILE G 313 -19.02 55.80 13.78
N THR G 314 -19.66 55.55 14.92
CA THR G 314 -19.84 56.61 15.91
C THR G 314 -18.50 57.12 16.40
N ALA G 315 -17.55 56.21 16.65
CA ALA G 315 -16.22 56.64 17.08
C ALA G 315 -15.52 57.46 16.00
N LEU G 316 -15.66 57.05 14.74
CA LEU G 316 -14.98 57.75 13.66
C LEU G 316 -15.62 59.10 13.36
N ALA G 317 -16.96 59.15 13.32
CA ALA G 317 -17.66 60.33 12.88
C ALA G 317 -17.73 61.38 13.99
N PRO G 318 -17.98 62.65 13.62
CA PRO G 318 -18.10 63.69 14.64
C PRO G 318 -19.32 63.48 15.52
N SER G 319 -19.26 64.07 16.72
CA SER G 319 -20.39 64.03 17.62
C SER G 319 -21.50 64.95 17.13
N THR G 320 -22.59 65.00 17.90
CA THR G 320 -23.73 65.87 17.61
C THR G 320 -24.54 65.35 16.43
N MET G 321 -24.07 64.28 15.79
CA MET G 321 -24.74 63.69 14.63
C MET G 321 -25.10 62.24 14.95
N LYS G 322 -26.31 61.85 14.60
CA LYS G 322 -26.89 60.58 15.03
C LYS G 322 -26.72 59.53 13.93
N ILE G 323 -26.26 58.35 14.32
CA ILE G 323 -26.02 57.24 13.41
C ILE G 323 -26.96 56.09 13.76
N LYS G 324 -27.62 55.54 12.75
CA LYS G 324 -28.42 54.33 12.89
C LYS G 324 -28.07 53.38 11.76
N ILE G 325 -28.07 52.08 12.06
CA ILE G 325 -27.76 51.06 11.07
C ILE G 325 -29.01 50.26 10.79
N ILE G 326 -29.76 50.65 9.77
CA ILE G 326 -30.98 49.93 9.41
C ILE G 326 -30.57 48.55 8.90
N ALA G 327 -30.84 47.53 9.71
CA ALA G 327 -30.43 46.16 9.43
C ALA G 327 -31.61 45.23 9.62
N PRO G 328 -32.58 45.28 8.71
CA PRO G 328 -33.79 44.48 8.88
C PRO G 328 -33.49 43.00 8.77
N PRO G 329 -34.33 42.13 9.31
CA PRO G 329 -34.12 40.70 9.12
C PRO G 329 -34.23 40.32 7.67
N GLU G 330 -34.10 39.03 7.34
CA GLU G 330 -34.20 38.55 5.97
C GLU G 330 -33.45 39.46 4.99
N ARG G 331 -32.37 40.09 5.44
CA ARG G 331 -31.57 40.91 4.55
C ARG G 331 -30.92 40.08 3.45
N LYS G 332 -30.78 38.77 3.67
CA LYS G 332 -30.12 37.91 2.69
C LYS G 332 -30.72 38.09 1.30
N TYR G 333 -32.04 38.11 1.22
CA TYR G 333 -32.75 38.20 -0.05
C TYR G 333 -33.06 39.64 -0.45
N SER G 334 -32.56 40.62 0.31
CA SER G 334 -32.99 42.00 0.11
C SER G 334 -32.87 42.41 -1.35
N VAL G 335 -31.71 42.17 -1.96
CA VAL G 335 -31.51 42.57 -3.34
C VAL G 335 -32.61 42.01 -4.22
N TRP G 336 -32.87 40.70 -4.11
CA TRP G 336 -33.89 40.12 -4.96
C TRP G 336 -35.24 40.74 -4.68
N ILE G 337 -35.56 41.00 -3.41
CA ILE G 337 -36.85 41.59 -3.09
C ILE G 337 -37.00 42.94 -3.78
N GLY G 338 -35.89 43.64 -4.00
CA GLY G 338 -35.98 44.88 -4.76
C GLY G 338 -36.41 44.63 -6.19
N GLY G 339 -35.78 43.66 -6.84
CA GLY G 339 -36.03 43.45 -8.26
C GLY G 339 -37.50 43.20 -8.54
N SER G 340 -38.12 42.31 -7.76
CA SER G 340 -39.53 42.05 -7.98
C SER G 340 -40.33 43.33 -7.87
N ILE G 341 -40.07 44.14 -6.84
CA ILE G 341 -40.78 45.41 -6.72
C ILE G 341 -40.54 46.24 -7.97
N LEU G 342 -39.29 46.33 -8.42
CA LEU G 342 -38.99 47.13 -9.59
C LEU G 342 -39.74 46.60 -10.81
N ALA G 343 -39.88 45.28 -10.90
CA ALA G 343 -40.64 44.70 -12.02
C ALA G 343 -42.11 45.13 -11.94
N SER G 344 -42.67 45.19 -10.73
CA SER G 344 -44.10 45.44 -10.59
C SER G 344 -44.46 46.85 -11.07
N LEU G 345 -43.63 47.84 -10.73
CA LEU G 345 -43.96 49.23 -11.00
C LEU G 345 -44.44 49.44 -12.43
N SER G 346 -45.54 50.18 -12.57
CA SER G 346 -46.11 50.42 -13.90
C SER G 346 -45.17 51.23 -14.77
N THR G 347 -44.53 52.26 -14.21
CA THR G 347 -43.63 53.09 -15.00
C THR G 347 -42.50 52.25 -15.58
N PHE G 348 -41.86 51.42 -14.75
CA PHE G 348 -40.73 50.63 -15.22
C PHE G 348 -41.10 49.74 -16.39
N GLN G 349 -42.37 49.41 -16.57
CA GLN G 349 -42.75 48.57 -17.69
C GLN G 349 -42.55 49.23 -19.03
N GLN G 350 -42.02 50.45 -19.08
CA GLN G 350 -41.68 51.12 -20.33
C GLN G 350 -40.18 51.13 -20.60
N MET G 351 -39.36 50.63 -19.67
CA MET G 351 -37.91 50.79 -19.74
C MET G 351 -37.18 49.54 -20.23
N TRP G 352 -37.87 48.48 -20.61
CA TRP G 352 -37.17 47.29 -21.07
C TRP G 352 -36.42 47.59 -22.37
N ILE G 353 -35.59 46.62 -22.76
CA ILE G 353 -34.86 46.67 -24.02
C ILE G 353 -35.42 45.60 -24.96
N THR G 354 -36.39 45.96 -25.77
CA THR G 354 -37.03 45.00 -26.65
C THR G 354 -35.99 44.34 -27.56
N LYS G 355 -36.35 43.16 -28.07
CA LYS G 355 -35.41 42.41 -28.91
C LYS G 355 -35.07 43.17 -30.18
N GLN G 356 -36.07 43.79 -30.81
CA GLN G 356 -35.80 44.52 -32.05
C GLN G 356 -34.90 45.72 -31.79
N GLU G 357 -35.01 46.34 -30.62
CA GLU G 357 -34.11 47.45 -30.30
C GLU G 357 -32.66 47.00 -30.28
N TYR G 358 -32.38 45.85 -29.66
CA TYR G 358 -31.02 45.32 -29.67
C TYR G 358 -30.59 44.90 -31.07
N ASP G 359 -31.53 44.33 -31.84
CA ASP G 359 -31.19 43.93 -33.20
C ASP G 359 -30.78 45.12 -34.06
N GLU G 360 -31.45 46.26 -33.88
CA GLU G 360 -31.15 47.44 -34.69
C GLU G 360 -29.95 48.20 -34.14
N ALA G 361 -30.05 48.70 -32.90
CA ALA G 361 -29.01 49.57 -32.37
C ALA G 361 -27.68 48.85 -32.25
N GLY G 362 -27.68 47.61 -31.76
CA GLY G 362 -26.46 46.86 -31.58
C GLY G 362 -26.13 46.67 -30.12
N PRO G 363 -24.97 46.08 -29.83
CA PRO G 363 -24.61 45.79 -28.43
C PRO G 363 -24.54 47.02 -27.54
N SER G 364 -24.20 48.18 -28.10
CA SER G 364 -24.00 49.38 -27.27
C SER G 364 -25.26 49.78 -26.53
N ILE G 365 -26.42 49.32 -26.97
CA ILE G 365 -27.69 49.75 -26.37
C ILE G 365 -27.63 49.69 -24.85
N VAL G 366 -27.20 48.56 -24.30
CA VAL G 366 -27.28 48.37 -22.86
C VAL G 366 -26.46 49.43 -22.13
N HIS G 367 -25.33 49.82 -22.72
CA HIS G 367 -24.45 50.78 -22.05
C HIS G 367 -24.96 52.21 -22.11
N ARG G 368 -25.99 52.51 -22.90
CA ARG G 368 -26.47 53.89 -22.96
C ARG G 368 -26.97 54.35 -21.59
N LYS G 369 -27.62 53.46 -20.85
CA LYS G 369 -28.13 53.78 -19.52
C LYS G 369 -27.17 53.38 -18.41
N CYS G 370 -26.00 52.85 -18.74
CA CYS G 370 -25.03 52.43 -17.72
C CYS G 370 -24.55 53.61 -16.90
N THR H 1 29.66 82.73 -1.45
CA THR H 1 28.90 81.55 -1.08
C THR H 1 27.77 81.30 -2.06
N THR H 2 27.27 80.07 -2.09
CA THR H 2 26.16 79.69 -2.95
C THR H 2 24.93 79.41 -2.09
N ALA H 3 23.79 79.94 -2.53
CA ALA H 3 22.54 79.83 -1.79
C ALA H 3 21.69 78.72 -2.38
N LEU H 4 21.32 77.75 -1.53
CA LEU H 4 20.45 76.67 -2.00
C LEU H 4 19.10 77.23 -2.42
N VAL H 5 18.52 76.62 -3.46
CA VAL H 5 17.17 76.95 -3.91
C VAL H 5 16.42 75.64 -3.98
N CYS H 6 15.67 75.30 -2.92
CA CYS H 6 14.83 74.09 -2.85
C CYS H 6 13.40 74.44 -3.24
N ASP H 7 12.70 73.56 -3.94
CA ASP H 7 11.30 73.76 -4.40
C ASP H 7 10.46 72.63 -3.80
N ASN H 8 10.24 72.58 -2.47
CA ASN H 8 9.34 71.57 -1.93
C ASN H 8 8.03 71.63 -2.70
N GLY H 9 7.75 70.60 -3.50
CA GLY H 9 6.55 70.54 -4.27
C GLY H 9 5.50 69.61 -3.64
N SER H 10 4.45 69.37 -4.40
CA SER H 10 3.41 68.47 -3.95
C SER H 10 3.64 67.02 -4.35
N GLY H 11 4.44 66.79 -5.39
CA GLY H 11 4.69 65.45 -5.87
C GLY H 11 6.15 65.17 -6.21
N LEU H 12 7.00 66.17 -6.12
CA LEU H 12 8.42 65.99 -6.36
C LEU H 12 9.21 67.05 -5.59
N VAL H 13 10.46 66.72 -5.29
CA VAL H 13 11.37 67.62 -4.60
C VAL H 13 12.55 67.87 -5.52
N LYS H 14 12.82 69.15 -5.80
CA LYS H 14 13.91 69.59 -6.66
C LYS H 14 14.79 70.53 -5.85
N ALA H 15 16.05 70.15 -5.64
CA ALA H 15 16.97 70.90 -4.81
C ALA H 15 18.26 71.13 -5.57
N GLY H 16 18.77 72.35 -5.49
CA GLY H 16 19.98 72.68 -6.20
C GLY H 16 20.60 73.96 -5.67
N PHE H 17 21.65 74.40 -6.35
CA PHE H 17 22.38 75.60 -5.99
C PHE H 17 22.00 76.73 -6.93
N ALA H 18 22.27 77.96 -6.49
CA ALA H 18 22.02 79.11 -7.34
C ALA H 18 23.03 79.13 -8.50
N GLY H 19 22.70 79.92 -9.52
CA GLY H 19 23.57 80.04 -10.67
C GLY H 19 23.76 78.75 -11.44
N ASP H 20 22.71 77.94 -11.57
CA ASP H 20 22.73 76.73 -12.37
C ASP H 20 21.52 76.73 -13.28
N ASP H 21 21.48 75.75 -14.20
CA ASP H 21 20.43 75.64 -15.19
C ASP H 21 19.48 74.47 -14.90
N ALA H 22 19.74 73.70 -13.85
CA ALA H 22 18.90 72.56 -13.52
C ALA H 22 19.11 72.23 -12.04
N PRO H 23 18.14 71.57 -11.41
CA PRO H 23 18.34 71.18 -10.00
C PRO H 23 19.45 70.16 -9.87
N ARG H 24 20.23 70.27 -8.80
CA ARG H 24 21.31 69.33 -8.57
C ARG H 24 20.75 67.92 -8.34
N ALA H 25 19.66 67.82 -7.56
CA ALA H 25 19.01 66.56 -7.30
C ALA H 25 17.50 66.72 -7.43
N VAL H 26 16.85 65.67 -7.92
CA VAL H 26 15.39 65.63 -8.05
C VAL H 26 14.93 64.24 -7.64
N PHE H 27 13.93 64.17 -6.76
CA PHE H 27 13.46 62.88 -6.28
C PHE H 27 12.06 63.00 -5.73
N PRO H 28 11.27 61.93 -5.75
CA PRO H 28 9.89 62.02 -5.24
C PRO H 28 9.85 62.30 -3.75
N SER H 29 8.78 62.97 -3.32
CA SER H 29 8.57 63.30 -1.92
C SER H 29 7.59 62.30 -1.32
N ILE H 30 8.08 61.10 -1.03
CA ILE H 30 7.28 60.05 -0.41
C ILE H 30 8.07 59.45 0.75
N VAL H 31 7.34 58.81 1.65
CA VAL H 31 7.94 58.08 2.77
C VAL H 31 7.30 56.70 2.81
N GLY H 32 8.13 55.66 2.74
CA GLY H 32 7.65 54.28 2.75
C GLY H 32 7.97 53.62 4.08
N ARG H 33 6.98 52.93 4.63
CA ARG H 33 7.17 52.19 5.85
C ARG H 33 6.99 50.70 5.60
N PRO H 34 7.80 49.84 6.21
CA PRO H 34 7.67 48.40 5.96
C PRO H 34 6.34 47.87 6.49
N ARG H 35 5.89 46.79 5.86
CA ARG H 35 4.58 46.22 6.13
C ARG H 35 4.62 44.82 6.73
N HIS H 36 5.67 44.05 6.46
CA HIS H 36 5.72 42.64 6.83
C HIS H 36 6.65 42.43 8.02
N GLN H 37 6.88 41.14 8.34
CA GLN H 37 7.55 40.80 9.58
C GLN H 37 9.04 41.13 9.53
N GLY H 38 9.78 40.47 8.65
CA GLY H 38 11.24 40.53 8.67
C GLY H 38 11.80 39.34 9.39
N VAL H 39 12.38 38.39 8.64
CA VAL H 39 12.70 37.08 9.18
C VAL H 39 14.20 36.83 9.21
N MET H 40 14.94 37.46 8.29
CA MET H 40 16.38 37.25 8.23
C MET H 40 17.08 38.06 9.32
N VAL H 41 18.25 37.57 9.75
CA VAL H 41 19.00 38.15 10.85
C VAL H 41 20.27 38.79 10.29
N GLY H 42 20.61 39.95 10.83
CA GLY H 42 21.75 40.73 10.37
C GLY H 42 21.40 41.90 9.49
N MET H 43 20.22 41.88 8.90
CA MET H 43 19.88 42.86 7.84
C MET H 43 20.03 44.28 8.32
N GLY H 44 19.54 44.61 9.51
CA GLY H 44 19.57 45.99 10.01
C GLY H 44 18.21 46.63 9.99
N GLN H 45 17.68 47.01 11.15
CA GLN H 45 16.31 47.56 11.26
C GLN H 45 16.22 49.00 10.78
N LYS H 46 15.54 49.29 9.67
CA LYS H 46 15.27 50.67 9.23
C LYS H 46 13.77 50.84 9.37
N ASP H 47 13.34 51.83 10.10
CA ASP H 47 11.91 52.04 10.38
C ASP H 47 11.23 52.55 9.12
N SER H 48 11.83 53.48 8.39
CA SER H 48 11.14 54.03 7.24
C SER H 48 12.16 54.47 6.19
N TYR H 49 11.94 54.05 4.95
CA TYR H 49 12.73 54.52 3.83
C TYR H 49 12.15 55.81 3.28
N VAL H 50 13.03 56.66 2.75
CA VAL H 50 12.63 57.98 2.29
C VAL H 50 13.31 58.28 0.96
N GLY H 51 12.55 58.85 0.04
CA GLY H 51 13.11 59.32 -1.23
C GLY H 51 12.99 58.27 -2.31
N ASP H 52 14.10 58.03 -3.02
CA ASP H 52 14.09 57.16 -4.19
C ASP H 52 14.26 55.69 -3.83
N GLU H 53 14.95 55.39 -2.72
CA GLU H 53 15.08 53.99 -2.31
C GLU H 53 13.72 53.39 -1.99
N ALA H 54 12.81 54.18 -1.41
CA ALA H 54 11.45 53.70 -1.19
C ALA H 54 10.77 53.38 -2.51
N GLN H 55 10.93 54.24 -3.52
CA GLN H 55 10.37 53.96 -4.83
C GLN H 55 10.99 52.70 -5.43
N SER H 56 12.24 52.39 -5.06
CA SER H 56 12.88 51.19 -5.59
C SER H 56 12.29 49.93 -4.97
N LYS H 57 11.93 49.98 -3.69
CA LYS H 57 11.44 48.82 -2.95
C LYS H 57 9.96 48.96 -2.62
N ARG H 58 9.16 49.46 -3.57
CA ARG H 58 7.74 49.68 -3.33
C ARG H 58 6.97 48.39 -3.11
N GLY H 59 7.56 47.23 -3.38
CA GLY H 59 6.83 45.99 -3.27
C GLY H 59 6.29 45.74 -1.87
N ILE H 60 7.09 46.03 -0.85
CA ILE H 60 6.78 45.64 0.53
C ILE H 60 6.72 46.86 1.45
N LEU H 61 6.31 48.01 0.91
CA LEU H 61 6.20 49.24 1.68
C LEU H 61 4.82 49.85 1.49
N THR H 62 4.42 50.67 2.46
CA THR H 62 3.17 51.42 2.42
C THR H 62 3.52 52.89 2.19
N LEU H 63 3.57 53.29 0.93
CA LEU H 63 4.03 54.64 0.58
C LEU H 63 3.01 55.68 1.02
N LYS H 64 3.49 56.76 1.62
CA LYS H 64 2.66 57.86 2.07
C LYS H 64 3.25 59.17 1.56
N TYR H 65 2.37 60.14 1.32
CA TYR H 65 2.77 61.46 0.83
C TYR H 65 2.63 62.47 1.95
N PRO H 66 3.72 63.08 2.43
CA PRO H 66 3.57 64.07 3.51
C PRO H 66 2.79 65.30 3.09
N ILE H 67 2.85 65.70 1.82
CA ILE H 67 2.17 66.89 1.34
C ILE H 67 0.96 66.46 0.54
N GLU H 68 -0.05 67.32 0.50
CA GLU H 68 -1.25 67.07 -0.29
C GLU H 68 -1.95 68.39 -0.54
N HIS H 69 -2.32 68.65 -1.79
CA HIS H 69 -3.00 69.88 -2.17
C HIS H 69 -2.22 71.10 -1.71
N GLY H 70 -0.90 71.01 -1.80
CA GLY H 70 -0.04 72.10 -1.36
C GLY H 70 0.18 72.19 0.13
N ILE H 71 -0.90 72.06 0.91
CA ILE H 71 -0.78 72.06 2.35
C ILE H 71 0.07 70.86 2.81
N ILE H 72 0.72 71.02 3.96
CA ILE H 72 1.54 69.97 4.55
C ILE H 72 0.74 69.32 5.67
N THR H 73 0.56 68.00 5.58
CA THR H 73 -0.26 67.27 6.54
C THR H 73 0.57 66.65 7.65
N ASN H 74 1.61 65.90 7.30
CA ASN H 74 2.50 65.27 8.27
C ASN H 74 3.80 66.05 8.33
N TRP H 75 4.22 66.40 9.55
CA TRP H 75 5.40 67.24 9.75
C TRP H 75 6.66 66.44 10.03
N ASP H 76 6.55 65.31 10.73
CA ASP H 76 7.73 64.47 10.94
C ASP H 76 8.26 63.95 9.61
N ASP H 77 7.37 63.47 8.74
CA ASP H 77 7.80 62.99 7.44
C ASP H 77 8.42 64.09 6.61
N MET H 78 7.84 65.30 6.66
CA MET H 78 8.41 66.41 5.90
C MET H 78 9.79 66.78 6.42
N GLU H 79 9.97 66.77 7.74
CA GLU H 79 11.30 67.02 8.29
C GLU H 79 12.28 65.95 7.85
N LYS H 80 11.84 64.69 7.80
CA LYS H 80 12.70 63.63 7.31
C LYS H 80 13.10 63.87 5.86
N ILE H 81 12.14 64.29 5.03
CA ILE H 81 12.43 64.60 3.63
C ILE H 81 13.47 65.70 3.54
N TRP H 82 13.31 66.76 4.34
CA TRP H 82 14.24 67.88 4.27
C TRP H 82 15.62 67.46 4.72
N HIS H 83 15.71 66.67 5.78
CA HIS H 83 17.01 66.17 6.24
C HIS H 83 17.68 65.33 5.16
N HIS H 84 16.92 64.45 4.52
CA HIS H 84 17.46 63.63 3.45
C HIS H 84 17.96 64.49 2.30
N THR H 85 17.20 65.53 1.95
CA THR H 85 17.60 66.40 0.84
C THR H 85 18.88 67.14 1.17
N PHE H 86 19.00 67.65 2.40
CA PHE H 86 20.17 68.47 2.73
C PHE H 86 21.42 67.63 2.90
N TYR H 87 21.33 66.49 3.59
CA TYR H 87 22.53 65.73 3.92
C TYR H 87 22.84 64.64 2.90
N ASN H 88 21.93 63.69 2.69
CA ASN H 88 22.25 62.53 1.86
C ASN H 88 22.28 62.89 0.38
N GLU H 89 21.36 63.73 -0.08
CA GLU H 89 21.24 64.00 -1.51
C GLU H 89 22.19 65.10 -1.97
N LEU H 90 22.07 66.30 -1.38
CA LEU H 90 22.92 67.42 -1.79
C LEU H 90 24.33 67.26 -1.24
N ARG H 91 24.47 66.70 -0.03
CA ARG H 91 25.77 66.52 0.60
C ARG H 91 26.44 67.86 0.89
N VAL H 92 25.70 68.75 1.54
CA VAL H 92 26.22 70.03 1.99
C VAL H 92 25.58 70.38 3.32
N ALA H 93 26.40 70.79 4.28
CA ALA H 93 25.86 71.19 5.57
C ALA H 93 24.98 72.42 5.40
N PRO H 94 23.83 72.50 6.07
CA PRO H 94 22.91 73.62 5.85
C PRO H 94 23.30 74.89 6.59
N GLU H 95 24.22 74.83 7.54
CA GLU H 95 24.53 76.00 8.35
C GLU H 95 25.14 77.11 7.53
N GLU H 96 26.03 76.78 6.59
CA GLU H 96 26.78 77.82 5.90
C GLU H 96 25.90 78.67 5.00
N HIS H 97 24.97 78.04 4.24
CA HIS H 97 24.29 78.77 3.19
C HIS H 97 22.87 79.16 3.59
N PRO H 98 22.34 80.24 3.01
CA PRO H 98 20.92 80.56 3.20
C PRO H 98 20.02 79.61 2.42
N THR H 99 18.72 79.86 2.39
CA THR H 99 17.80 78.96 1.71
C THR H 99 16.61 79.75 1.17
N LEU H 100 16.08 79.28 0.04
CA LEU H 100 14.93 79.89 -0.61
C LEU H 100 13.90 78.80 -0.89
N LEU H 101 12.72 78.93 -0.30
CA LEU H 101 11.64 77.93 -0.42
C LEU H 101 10.54 78.55 -1.24
N THR H 102 9.55 77.78 -1.67
CA THR H 102 8.42 78.27 -2.50
C THR H 102 7.12 77.75 -1.92
N GLU H 103 6.08 78.58 -1.87
CA GLU H 103 4.76 78.18 -1.35
C GLU H 103 3.71 78.67 -2.34
N ALA H 104 2.69 77.87 -2.62
CA ALA H 104 1.60 78.26 -3.49
C ALA H 104 0.77 79.37 -2.85
N PRO H 105 0.11 80.19 -3.65
CA PRO H 105 -0.67 81.30 -3.10
C PRO H 105 -1.94 80.83 -2.41
N LEU H 106 -2.45 81.68 -1.52
CA LEU H 106 -3.69 81.46 -0.79
C LEU H 106 -3.62 80.28 0.17
N ASN H 107 -2.41 79.86 0.56
CA ASN H 107 -2.26 78.79 1.52
C ASN H 107 -2.46 79.30 2.94
N PRO H 108 -2.72 78.40 3.89
CA PRO H 108 -2.92 78.84 5.28
C PRO H 108 -1.67 79.51 5.85
N LYS H 109 -1.92 80.46 6.76
CA LYS H 109 -0.82 81.21 7.36
C LYS H 109 0.08 80.30 8.18
N ALA H 110 -0.52 79.44 9.02
CA ALA H 110 0.25 78.61 9.95
C ALA H 110 1.39 77.86 9.25
N ASN H 111 1.13 77.38 8.03
CA ASN H 111 2.14 76.67 7.27
C ASN H 111 3.46 77.45 7.22
N ARG H 112 3.37 78.72 6.82
CA ARG H 112 4.57 79.55 6.68
C ARG H 112 5.34 79.63 8.01
N GLU H 113 4.63 79.95 9.10
CA GLU H 113 5.29 80.05 10.40
C GLU H 113 5.97 78.75 10.78
N LYS H 114 5.25 77.62 10.64
CA LYS H 114 5.83 76.35 11.04
C LYS H 114 7.06 76.01 10.21
N MET H 115 6.99 76.25 8.91
CA MET H 115 8.15 76.05 8.04
C MET H 115 9.33 76.89 8.51
N THR H 116 9.07 78.16 8.82
CA THR H 116 10.13 79.04 9.33
C THR H 116 10.75 78.45 10.59
N GLN H 117 9.92 78.04 11.55
CA GLN H 117 10.44 77.52 12.81
C GLN H 117 11.28 76.27 12.56
N ILE H 118 10.80 75.37 11.69
CA ILE H 118 11.53 74.15 11.41
C ILE H 118 12.83 74.42 10.67
N MET H 119 12.92 75.53 9.93
CA MET H 119 14.13 75.89 9.22
C MET H 119 15.05 76.80 10.02
N PHE H 120 14.64 77.25 11.20
CA PHE H 120 15.51 78.05 12.07
C PHE H 120 15.93 77.31 13.32
N GLU H 121 14.98 76.78 14.09
CA GLU H 121 15.33 76.14 15.36
C GLU H 121 16.09 74.83 15.14
N THR H 122 15.66 74.02 14.18
CA THR H 122 16.20 72.66 14.04
C THR H 122 17.41 72.62 13.11
N PHE H 123 17.30 73.23 11.93
CA PHE H 123 18.37 73.15 10.94
C PHE H 123 19.37 74.29 11.05
N ASN H 124 18.96 75.45 11.55
CA ASN H 124 19.87 76.53 11.89
C ASN H 124 20.51 77.16 10.65
N VAL H 125 19.70 77.41 9.62
CA VAL H 125 20.18 78.12 8.43
C VAL H 125 20.39 79.58 8.83
N PRO H 126 21.35 80.29 8.26
CA PRO H 126 21.59 81.68 8.67
C PRO H 126 20.55 82.66 8.14
N ALA H 127 19.80 82.30 7.11
CA ALA H 127 18.82 83.21 6.53
C ALA H 127 17.95 82.42 5.55
N MET H 128 16.66 82.72 5.54
CA MET H 128 15.72 82.02 4.67
C MET H 128 14.76 83.02 4.05
N TYR H 129 14.28 82.69 2.85
CA TYR H 129 13.23 83.45 2.21
C TYR H 129 12.25 82.49 1.58
N VAL H 130 11.00 82.93 1.41
CA VAL H 130 9.96 82.15 0.77
C VAL H 130 9.27 83.01 -0.28
N ALA H 131 8.93 82.41 -1.42
CA ALA H 131 8.36 83.13 -2.54
C ALA H 131 7.16 82.38 -3.10
N ILE H 132 6.29 83.13 -3.77
CA ILE H 132 5.11 82.56 -4.41
C ILE H 132 5.54 81.82 -5.67
N GLN H 133 4.99 80.63 -5.88
CA GLN H 133 5.42 79.77 -6.98
C GLN H 133 5.20 80.46 -8.33
N ALA H 134 4.05 81.09 -8.52
CA ALA H 134 3.72 81.66 -9.82
C ALA H 134 4.68 82.76 -10.22
N VAL H 135 5.05 83.63 -9.27
CA VAL H 135 5.86 84.79 -9.59
C VAL H 135 7.21 84.36 -10.17
N LEU H 136 7.84 83.35 -9.57
CA LEU H 136 9.15 82.92 -10.05
C LEU H 136 9.12 82.47 -11.50
N SER H 137 7.95 82.08 -12.02
CA SER H 137 7.88 81.63 -13.40
C SER H 137 8.21 82.76 -14.37
N LEU H 138 7.85 83.99 -14.04
CA LEU H 138 8.02 85.08 -14.99
C LEU H 138 9.49 85.45 -15.17
N TYR H 139 10.33 85.25 -14.15
CA TYR H 139 11.76 85.44 -14.33
C TYR H 139 12.31 84.46 -15.35
N ALA H 140 11.91 83.19 -15.24
CA ALA H 140 12.38 82.19 -16.20
C ALA H 140 11.85 82.49 -17.59
N SER H 141 10.60 82.92 -17.70
CA SER H 141 10.03 83.22 -19.01
C SER H 141 10.78 84.37 -19.68
N GLY H 142 11.11 85.41 -18.92
CA GLY H 142 11.86 86.53 -19.44
C GLY H 142 11.05 87.79 -19.69
N ARG H 143 9.84 87.89 -19.17
CA ARG H 143 8.99 89.06 -19.35
C ARG H 143 8.59 89.61 -17.99
N THR H 144 7.83 90.71 -18.02
CA THR H 144 7.27 91.32 -16.83
C THR H 144 5.76 91.39 -16.83
N THR H 145 5.12 91.43 -17.99
CA THR H 145 3.67 91.52 -18.12
C THR H 145 3.16 90.17 -18.62
N GLY H 146 2.22 89.59 -17.88
CA GLY H 146 1.71 88.29 -18.26
C GLY H 146 0.70 87.78 -17.26
N ILE H 147 0.23 86.57 -17.51
CA ILE H 147 -0.70 85.88 -16.61
C ILE H 147 -0.25 84.42 -16.53
N VAL H 148 0.56 84.11 -15.51
CA VAL H 148 1.07 82.75 -15.39
C VAL H 148 -0.07 81.80 -15.03
N LEU H 149 0.10 80.53 -15.40
CA LEU H 149 -0.92 79.51 -15.21
C LEU H 149 -0.26 78.25 -14.65
N ASP H 150 0.60 78.43 -13.66
CA ASP H 150 1.31 77.29 -13.07
C ASP H 150 0.35 76.18 -12.71
N SER H 151 0.67 74.97 -13.15
CA SER H 151 -0.16 73.78 -12.90
C SER H 151 0.76 72.64 -12.47
N GLY H 152 1.01 72.55 -11.17
CA GLY H 152 1.75 71.44 -10.62
C GLY H 152 0.84 70.30 -10.21
N ASP H 153 1.44 69.31 -9.58
CA ASP H 153 0.65 68.29 -8.90
C ASP H 153 -0.06 68.90 -7.69
N GLY H 154 -1.21 68.34 -7.35
CA GLY H 154 -1.95 68.83 -6.20
C GLY H 154 -2.92 69.95 -6.50
N VAL H 155 -2.44 71.09 -6.97
CA VAL H 155 -3.28 72.27 -7.20
C VAL H 155 -2.77 73.03 -8.41
N THR H 156 -3.59 73.96 -8.89
CA THR H 156 -3.25 74.83 -10.00
C THR H 156 -3.75 76.24 -9.71
N HIS H 157 -2.93 77.24 -10.02
CA HIS H 157 -3.26 78.61 -9.68
C HIS H 157 -2.84 79.55 -10.80
N ASN H 158 -3.56 80.68 -10.89
CA ASN H 158 -3.32 81.71 -11.89
C ASN H 158 -3.07 83.03 -11.18
N VAL H 159 -2.01 83.73 -11.58
CA VAL H 159 -1.58 84.98 -10.95
C VAL H 159 -1.24 85.99 -12.04
N PRO H 160 -2.11 86.96 -12.34
CA PRO H 160 -1.78 87.93 -13.38
C PRO H 160 -0.95 89.08 -12.85
N ILE H 161 0.08 89.44 -13.61
CA ILE H 161 0.98 90.53 -13.26
C ILE H 161 1.10 91.48 -14.45
N TYR H 162 1.28 92.75 -14.14
CA TYR H 162 1.39 93.79 -15.16
C TYR H 162 2.41 94.82 -14.71
N GLU H 163 3.48 94.97 -15.48
CA GLU H 163 4.55 95.90 -15.16
C GLU H 163 5.09 95.66 -13.75
N GLY H 164 5.12 94.40 -13.34
CA GLY H 164 5.60 94.06 -12.00
C GLY H 164 4.72 94.61 -10.90
N TYR H 165 3.41 94.63 -11.09
CA TYR H 165 2.44 95.03 -10.06
C TYR H 165 1.41 93.89 -9.98
N ALA H 166 1.70 92.90 -9.16
CA ALA H 166 0.83 91.73 -9.05
C ALA H 166 -0.54 92.15 -8.54
N LEU H 167 -1.58 91.84 -9.30
CA LEU H 167 -2.94 92.10 -8.86
C LEU H 167 -3.38 91.00 -7.91
N PRO H 168 -3.70 91.30 -6.66
CA PRO H 168 -4.02 90.23 -5.71
C PRO H 168 -5.47 89.78 -5.77
N HIS H 169 -6.37 90.63 -6.25
CA HIS H 169 -7.78 90.27 -6.29
C HIS H 169 -8.12 89.36 -7.46
N ALA H 170 -7.27 89.31 -8.48
CA ALA H 170 -7.51 88.47 -9.65
C ALA H 170 -6.94 87.06 -9.52
N ILE H 171 -6.18 86.79 -8.46
CA ILE H 171 -5.55 85.47 -8.31
C ILE H 171 -6.63 84.41 -8.21
N MET H 172 -6.39 83.26 -8.84
CA MET H 172 -7.33 82.15 -8.84
C MET H 172 -6.62 80.89 -8.39
N ARG H 173 -7.33 80.05 -7.65
CA ARG H 173 -6.78 78.81 -7.11
C ARG H 173 -7.79 77.69 -7.33
N LEU H 174 -7.30 76.48 -7.61
CA LEU H 174 -8.19 75.37 -7.91
C LEU H 174 -7.46 74.07 -7.58
N ASP H 175 -8.21 73.06 -7.13
CA ASP H 175 -7.66 71.83 -6.60
C ASP H 175 -7.73 70.67 -7.58
N LEU H 176 -7.58 70.93 -8.87
CA LEU H 176 -7.54 69.90 -9.90
C LEU H 176 -6.11 69.80 -10.42
N ALA H 177 -5.52 68.62 -10.31
CA ALA H 177 -4.12 68.44 -10.67
C ALA H 177 -3.87 66.96 -10.98
N GLY H 178 -2.60 66.59 -11.08
CA GLY H 178 -2.24 65.28 -11.59
C GLY H 178 -2.73 64.12 -10.76
N ARG H 179 -2.83 64.30 -9.44
CA ARG H 179 -3.26 63.19 -8.58
C ARG H 179 -4.69 62.78 -8.92
N ASP H 180 -5.57 63.76 -9.13
CA ASP H 180 -6.94 63.45 -9.54
C ASP H 180 -6.95 62.75 -10.90
N LEU H 181 -6.06 63.14 -11.81
CA LEU H 181 -6.00 62.46 -13.10
C LEU H 181 -5.56 61.01 -12.92
N THR H 182 -4.60 60.75 -12.04
CA THR H 182 -4.18 59.37 -11.80
C THR H 182 -5.33 58.54 -11.23
N ASP H 183 -6.06 59.10 -10.28
CA ASP H 183 -7.19 58.38 -9.72
C ASP H 183 -8.25 58.11 -10.78
N TYR H 184 -8.54 59.10 -11.63
CA TYR H 184 -9.50 58.89 -12.70
C TYR H 184 -9.00 57.82 -13.68
N LEU H 185 -7.70 57.82 -13.97
CA LEU H 185 -7.16 56.80 -14.86
C LEU H 185 -7.36 55.42 -14.28
N MET H 186 -7.12 55.25 -12.97
CA MET H 186 -7.40 53.96 -12.34
C MET H 186 -8.87 53.60 -12.51
N LYS H 187 -9.76 54.56 -12.23
CA LYS H 187 -11.19 54.27 -12.24
C LYS H 187 -11.66 53.87 -13.63
N ILE H 188 -11.14 54.50 -14.67
CA ILE H 188 -11.59 54.19 -16.03
C ILE H 188 -10.85 53.00 -16.63
N LEU H 189 -9.61 52.74 -16.21
CA LEU H 189 -8.95 51.50 -16.59
C LEU H 189 -9.65 50.29 -15.98
N THR H 190 -10.38 50.48 -14.89
CA THR H 190 -11.15 49.37 -14.33
C THR H 190 -12.06 48.73 -15.37
N GLU H 191 -12.54 49.50 -16.35
CA GLU H 191 -13.56 48.99 -17.26
C GLU H 191 -13.06 47.83 -18.09
N ARG H 192 -11.85 47.93 -18.64
CA ARG H 192 -11.36 46.89 -19.55
C ARG H 192 -10.99 45.61 -18.82
N GLY H 193 -10.93 45.61 -17.49
CA GLY H 193 -10.61 44.42 -16.74
C GLY H 193 -9.44 44.62 -15.80
N TYR H 194 -8.60 45.60 -16.11
CA TYR H 194 -7.39 45.84 -15.32
C TYR H 194 -7.76 46.54 -14.02
N SER H 195 -7.45 45.89 -12.90
CA SER H 195 -7.80 46.40 -11.56
C SER H 195 -6.54 46.75 -10.81
N PHE H 196 -6.35 48.04 -10.52
CA PHE H 196 -5.23 48.54 -9.73
C PHE H 196 -5.80 49.15 -8.46
N VAL H 197 -5.28 48.70 -7.31
CA VAL H 197 -5.80 49.14 -6.01
C VAL H 197 -4.69 49.68 -5.12
N THR H 198 -3.63 48.89 -4.91
CA THR H 198 -2.61 49.26 -3.95
C THR H 198 -1.87 50.52 -4.39
N THR H 199 -1.10 51.08 -3.45
CA THR H 199 -0.38 52.32 -3.71
C THR H 199 0.70 52.14 -4.77
N ALA H 200 1.44 51.04 -4.73
CA ALA H 200 2.43 50.79 -5.77
C ALA H 200 1.75 50.62 -7.13
N GLU H 201 0.57 50.02 -7.14
CA GLU H 201 -0.19 49.94 -8.38
C GLU H 201 -0.58 51.33 -8.88
N ARG H 202 -0.89 52.24 -7.95
CA ARG H 202 -1.12 53.63 -8.36
C ARG H 202 0.14 54.25 -8.91
N GLU H 203 1.30 53.88 -8.36
CA GLU H 203 2.57 54.38 -8.89
C GLU H 203 2.77 53.88 -10.32
N ILE H 204 2.39 52.64 -10.59
CA ILE H 204 2.45 52.12 -11.95
C ILE H 204 1.50 52.88 -12.86
N VAL H 205 0.28 53.16 -12.36
CA VAL H 205 -0.69 53.87 -13.17
C VAL H 205 -0.21 55.27 -13.49
N ARG H 206 0.51 55.90 -12.56
CA ARG H 206 1.07 57.21 -12.82
C ARG H 206 2.07 57.16 -13.97
N ASP H 207 2.90 56.12 -14.02
CA ASP H 207 3.82 55.97 -15.14
C ASP H 207 3.07 55.75 -16.44
N ILE H 208 2.02 54.91 -16.40
CA ILE H 208 1.18 54.71 -17.57
C ILE H 208 0.65 56.04 -18.06
N LYS H 209 0.17 56.89 -17.14
CA LYS H 209 -0.28 58.22 -17.51
C LYS H 209 0.83 59.01 -18.18
N GLU H 210 2.00 59.06 -17.54
CA GLU H 210 3.08 59.89 -18.04
C GLU H 210 3.43 59.53 -19.46
N LYS H 211 3.59 58.23 -19.74
CA LYS H 211 4.07 57.83 -21.06
C LYS H 211 2.99 57.99 -22.13
N LEU H 212 1.82 57.40 -21.90
CA LEU H 212 0.78 57.29 -22.92
C LEU H 212 -0.41 58.18 -22.56
N CYS H 213 -0.36 59.44 -22.98
CA CYS H 213 -1.51 60.35 -22.90
C CYS H 213 -1.32 61.48 -23.89
N TYR H 214 -2.43 62.07 -24.30
CA TYR H 214 -2.42 63.27 -25.13
C TYR H 214 -3.78 63.94 -25.02
N VAL H 215 -3.84 65.20 -25.45
CA VAL H 215 -5.06 66.00 -25.38
C VAL H 215 -5.58 66.20 -26.79
N ALA H 216 -6.83 65.80 -27.02
CA ALA H 216 -7.44 65.94 -28.33
C ALA H 216 -7.82 67.38 -28.61
N LEU H 217 -7.65 67.81 -29.87
CA LEU H 217 -8.07 69.15 -30.25
C LEU H 217 -9.58 69.33 -30.07
N ASP H 218 -10.37 68.33 -30.48
CA ASP H 218 -11.80 68.30 -30.23
C ASP H 218 -12.15 66.93 -29.67
N PHE H 219 -13.17 66.89 -28.81
CA PHE H 219 -13.42 65.70 -28.01
C PHE H 219 -14.41 64.75 -28.67
N GLU H 220 -15.58 65.25 -29.07
CA GLU H 220 -16.60 64.38 -29.64
C GLU H 220 -16.09 63.71 -30.92
N ASN H 221 -15.44 64.49 -31.79
CA ASN H 221 -14.91 63.91 -33.03
C ASN H 221 -13.86 62.85 -32.73
N GLU H 222 -13.02 63.08 -31.73
CA GLU H 222 -12.01 62.10 -31.36
C GLU H 222 -12.66 60.82 -30.83
N MET H 223 -13.71 60.96 -30.02
CA MET H 223 -14.42 59.77 -29.55
C MET H 223 -15.03 59.00 -30.72
N ALA H 224 -15.62 59.71 -31.68
CA ALA H 224 -16.19 59.04 -32.84
C ALA H 224 -15.12 58.31 -33.63
N THR H 225 -13.97 58.95 -33.86
CA THR H 225 -12.89 58.32 -34.61
C THR H 225 -12.36 57.10 -33.88
N ALA H 226 -12.21 57.18 -32.56
CA ALA H 226 -11.69 56.05 -31.80
C ALA H 226 -12.68 54.90 -31.78
N ALA H 227 -13.98 55.19 -31.76
CA ALA H 227 -14.98 54.13 -31.73
C ALA H 227 -15.10 53.45 -33.09
N SER H 228 -15.10 54.25 -34.17
CA SER H 228 -15.28 53.68 -35.50
C SER H 228 -14.12 52.78 -35.89
N SER H 229 -12.89 53.28 -35.77
CA SER H 229 -11.69 52.56 -36.14
C SER H 229 -11.00 52.01 -34.90
N SER H 230 -9.82 51.43 -35.10
CA SER H 230 -9.00 50.89 -34.01
C SER H 230 -7.56 51.33 -34.17
N SER H 231 -7.37 52.61 -34.50
CA SER H 231 -6.03 53.16 -34.68
C SER H 231 -5.50 53.84 -33.43
N LEU H 232 -6.37 54.26 -32.52
CA LEU H 232 -5.95 54.93 -31.28
C LEU H 232 -5.75 53.93 -30.15
N GLU H 233 -4.94 52.90 -30.41
CA GLU H 233 -4.66 51.86 -29.43
C GLU H 233 -3.16 51.76 -29.23
N LYS H 234 -2.74 51.61 -27.96
CA LYS H 234 -1.33 51.50 -27.62
C LYS H 234 -1.14 50.34 -26.65
N SER H 235 0.04 49.74 -26.71
CA SER H 235 0.38 48.59 -25.87
C SER H 235 1.50 48.98 -24.91
N TYR H 236 1.29 48.71 -23.63
CA TYR H 236 2.26 49.00 -22.58
C TYR H 236 2.54 47.72 -21.79
N GLU H 237 3.71 47.65 -21.17
CA GLU H 237 4.17 46.44 -20.50
C GLU H 237 4.36 46.70 -19.02
N LEU H 238 3.72 45.88 -18.19
CA LEU H 238 3.86 45.98 -16.74
C LEU H 238 5.21 45.43 -16.30
N PRO H 239 5.57 45.61 -15.02
CA PRO H 239 6.75 44.94 -14.50
C PRO H 239 6.62 43.43 -14.45
N ASP H 240 5.40 42.90 -14.53
CA ASP H 240 5.13 41.47 -14.44
C ASP H 240 5.10 40.81 -15.82
N GLY H 241 5.66 41.47 -16.83
CA GLY H 241 5.63 40.90 -18.17
C GLY H 241 4.24 40.70 -18.72
N GLN H 242 3.30 41.56 -18.35
CA GLN H 242 1.95 41.53 -18.89
C GLN H 242 1.71 42.79 -19.70
N VAL H 243 0.83 42.69 -20.70
CA VAL H 243 0.62 43.76 -21.68
C VAL H 243 -0.77 44.33 -21.49
N ILE H 244 -0.82 45.62 -21.21
CA ILE H 244 -2.05 46.41 -21.22
C ILE H 244 -2.23 47.00 -22.60
N THR H 245 -3.49 47.13 -23.03
CA THR H 245 -3.83 47.76 -24.31
C THR H 245 -4.84 48.87 -24.04
N ILE H 246 -4.40 50.11 -24.19
CA ILE H 246 -5.22 51.28 -23.89
C ILE H 246 -5.78 51.86 -25.18
N GLY H 247 -7.04 52.26 -25.14
CA GLY H 247 -7.73 52.86 -26.27
C GLY H 247 -8.16 54.28 -26.01
N ASN H 248 -9.46 54.48 -25.77
CA ASN H 248 -9.98 55.83 -25.56
C ASN H 248 -9.34 56.50 -24.36
N GLU H 249 -9.07 55.74 -23.30
CA GLU H 249 -8.58 56.33 -22.05
C GLU H 249 -7.33 57.17 -22.26
N ARG H 250 -6.69 57.10 -23.42
CA ARG H 250 -5.52 57.94 -23.67
C ARG H 250 -5.87 59.42 -23.57
N PHE H 251 -7.07 59.82 -24.01
CA PHE H 251 -7.44 61.22 -24.01
C PHE H 251 -8.70 61.50 -23.17
N ARG H 252 -9.11 60.56 -22.33
CA ARG H 252 -10.14 60.86 -21.34
C ARG H 252 -9.55 61.26 -19.99
N CYS H 253 -8.28 60.91 -19.72
CA CYS H 253 -7.67 61.34 -18.47
C CYS H 253 -7.42 62.84 -18.47
N PRO H 254 -6.63 63.40 -19.38
CA PRO H 254 -6.40 64.85 -19.35
C PRO H 254 -7.64 65.68 -19.62
N GLU H 255 -8.66 65.10 -20.27
CA GLU H 255 -9.85 65.88 -20.59
C GLU H 255 -10.54 66.42 -19.35
N THR H 256 -10.36 65.79 -18.19
CA THR H 256 -10.98 66.32 -16.98
C THR H 256 -10.49 67.73 -16.67
N LEU H 257 -9.33 68.12 -17.20
CA LEU H 257 -8.85 69.47 -16.97
C LEU H 257 -9.80 70.50 -17.55
N PHE H 258 -10.34 70.24 -18.74
CA PHE H 258 -11.25 71.18 -19.38
C PHE H 258 -12.72 70.90 -19.06
N GLN H 259 -13.03 69.75 -18.48
CA GLN H 259 -14.40 69.38 -18.12
C GLN H 259 -14.39 68.76 -16.73
N PRO H 260 -14.28 69.58 -15.68
CA PRO H 260 -14.14 69.04 -14.32
C PRO H 260 -15.36 68.29 -13.82
N SER H 261 -16.43 68.16 -14.61
CA SER H 261 -17.60 67.42 -14.15
C SER H 261 -17.41 65.91 -14.21
N PHE H 262 -16.31 65.43 -14.79
CA PHE H 262 -16.06 64.00 -14.82
C PHE H 262 -15.87 63.44 -13.42
N ILE H 263 -15.16 64.17 -12.55
CA ILE H 263 -14.88 63.71 -11.20
C ILE H 263 -15.99 64.10 -10.22
N GLY H 264 -17.04 64.75 -10.69
CA GLY H 264 -18.10 65.23 -9.82
C GLY H 264 -17.92 66.63 -9.29
N MET H 265 -16.80 67.27 -9.60
CA MET H 265 -16.60 68.65 -9.21
C MET H 265 -17.62 69.54 -9.93
N GLU H 266 -17.61 70.83 -9.58
CA GLU H 266 -18.54 71.78 -10.18
C GLU H 266 -17.87 72.98 -10.84
N SER H 267 -16.63 73.30 -10.47
CA SER H 267 -15.96 74.45 -11.06
C SER H 267 -15.84 74.27 -12.57
N ALA H 268 -15.49 75.36 -13.23
CA ALA H 268 -15.35 75.37 -14.68
C ALA H 268 -13.96 74.94 -15.10
N GLY H 269 -13.82 74.60 -16.38
CA GLY H 269 -12.53 74.19 -16.90
C GLY H 269 -11.48 75.25 -16.67
N ILE H 270 -10.22 74.94 -16.99
CA ILE H 270 -9.15 75.87 -16.68
C ILE H 270 -9.13 77.03 -17.66
N HIS H 271 -9.62 76.83 -18.89
CA HIS H 271 -9.70 77.96 -19.82
C HIS H 271 -10.65 79.02 -19.29
N GLU H 272 -11.76 78.60 -18.67
CA GLU H 272 -12.70 79.56 -18.11
C GLU H 272 -12.10 80.30 -16.93
N THR H 273 -11.32 79.61 -16.09
CA THR H 273 -10.66 80.30 -14.99
C THR H 273 -9.67 81.32 -15.50
N THR H 274 -8.90 80.98 -16.53
CA THR H 274 -7.97 81.94 -17.12
C THR H 274 -8.72 83.16 -17.67
N TYR H 275 -9.80 82.91 -18.41
CA TYR H 275 -10.57 84.01 -18.99
C TYR H 275 -11.19 84.89 -17.91
N ASN H 276 -11.73 84.29 -16.85
CA ASN H 276 -12.30 85.07 -15.76
C ASN H 276 -11.24 85.89 -15.07
N SER H 277 -10.06 85.30 -14.83
CA SER H 277 -8.96 86.04 -14.25
C SER H 277 -8.59 87.23 -15.13
N ILE H 278 -8.58 87.03 -16.44
CA ILE H 278 -8.24 88.13 -17.34
C ILE H 278 -9.27 89.24 -17.26
N MET H 279 -10.55 88.90 -17.20
CA MET H 279 -11.60 89.91 -17.16
C MET H 279 -11.92 90.39 -15.75
N LYS H 280 -11.19 89.95 -14.73
CA LYS H 280 -11.32 90.54 -13.41
C LYS H 280 -10.34 91.68 -13.18
N CYS H 281 -9.41 91.90 -14.09
CA CYS H 281 -8.50 93.02 -14.04
C CYS H 281 -9.14 94.27 -14.65
N ASP H 282 -8.36 95.32 -14.81
CA ASP H 282 -8.86 96.56 -15.36
C ASP H 282 -9.05 96.42 -16.88
N ILE H 283 -9.76 97.39 -17.46
CA ILE H 283 -10.06 97.34 -18.89
C ILE H 283 -8.81 97.58 -19.72
N ASP H 284 -7.94 98.49 -19.29
CA ASP H 284 -6.86 98.96 -20.14
C ASP H 284 -5.73 97.94 -20.30
N ILE H 285 -5.62 96.95 -19.42
CA ILE H 285 -4.50 96.02 -19.44
C ILE H 285 -4.90 94.63 -19.93
N ARG H 286 -6.16 94.41 -20.29
CA ARG H 286 -6.57 93.08 -20.71
C ARG H 286 -5.90 92.65 -22.01
N LYS H 287 -5.64 93.57 -22.93
CA LYS H 287 -5.01 93.21 -24.19
C LYS H 287 -3.62 92.63 -23.96
N ASP H 288 -2.83 93.26 -23.09
CA ASP H 288 -1.47 92.80 -22.85
C ASP H 288 -1.46 91.41 -22.23
N LEU H 289 -2.35 91.16 -21.26
CA LEU H 289 -2.44 89.83 -20.68
C LEU H 289 -2.90 88.82 -21.73
N TYR H 290 -3.84 89.21 -22.59
CA TYR H 290 -4.26 88.32 -23.67
C TYR H 290 -3.08 87.92 -24.52
N ALA H 291 -2.20 88.88 -24.85
CA ALA H 291 -1.10 88.60 -25.76
C ALA H 291 -0.12 87.61 -25.16
N ASN H 292 0.18 87.72 -23.87
CA ASN H 292 1.26 86.96 -23.22
C ASN H 292 0.69 86.06 -22.14
N ASN H 293 0.30 84.84 -22.51
CA ASN H 293 0.00 83.79 -21.55
C ASN H 293 1.23 82.92 -21.35
N VAL H 294 1.30 82.29 -20.17
CA VAL H 294 2.44 81.48 -19.78
C VAL H 294 1.95 80.22 -19.10
N MET H 295 2.60 79.10 -19.38
CA MET H 295 2.32 77.83 -18.73
C MET H 295 3.56 77.33 -18.00
N SER H 296 3.35 76.66 -16.88
CA SER H 296 4.43 76.08 -16.09
C SER H 296 3.93 74.76 -15.50
N GLY H 297 4.73 74.18 -14.62
CA GLY H 297 4.34 72.97 -13.92
C GLY H 297 4.42 71.73 -14.79
N GLY H 298 4.54 70.56 -14.15
CA GLY H 298 4.64 69.33 -14.89
C GLY H 298 3.37 68.97 -15.64
N THR H 299 2.21 69.26 -15.04
CA THR H 299 0.95 68.79 -15.60
C THR H 299 0.69 69.33 -17.00
N THR H 300 1.38 70.39 -17.41
CA THR H 300 1.15 71.03 -18.71
C THR H 300 2.12 70.52 -19.77
N MET H 301 2.51 69.25 -19.70
CA MET H 301 3.37 68.64 -20.70
C MET H 301 2.62 67.65 -21.59
N TYR H 302 1.29 67.56 -21.46
CA TYR H 302 0.53 66.68 -22.34
C TYR H 302 0.67 67.16 -23.78
N PRO H 303 0.99 66.29 -24.73
CA PRO H 303 1.09 66.73 -26.13
C PRO H 303 -0.24 67.25 -26.65
N GLY H 304 -0.24 68.53 -27.03
CA GLY H 304 -1.41 69.15 -27.61
C GLY H 304 -2.21 70.05 -26.70
N ILE H 305 -1.72 70.30 -25.48
CA ILE H 305 -2.46 71.16 -24.56
C ILE H 305 -2.42 72.61 -25.02
N ALA H 306 -1.29 73.07 -25.57
CA ALA H 306 -1.17 74.46 -25.98
C ALA H 306 -2.15 74.81 -27.08
N ASP H 307 -2.27 73.93 -28.08
CA ASP H 307 -3.18 74.21 -29.19
C ASP H 307 -4.63 74.30 -28.72
N ARG H 308 -5.05 73.37 -27.87
CA ARG H 308 -6.42 73.40 -27.38
C ARG H 308 -6.66 74.63 -26.51
N MET H 309 -5.68 74.99 -25.68
CA MET H 309 -5.83 76.19 -24.87
C MET H 309 -6.00 77.43 -25.75
N GLN H 310 -5.17 77.55 -26.79
CA GLN H 310 -5.28 78.69 -27.68
C GLN H 310 -6.65 78.71 -28.37
N LYS H 311 -7.09 77.56 -28.86
CA LYS H 311 -8.39 77.51 -29.54
C LYS H 311 -9.52 77.91 -28.60
N GLU H 312 -9.51 77.36 -27.38
CA GLU H 312 -10.59 77.65 -26.45
C GLU H 312 -10.60 79.12 -26.04
N ILE H 313 -9.44 79.68 -25.73
CA ILE H 313 -9.39 81.07 -25.33
C ILE H 313 -9.82 81.98 -26.48
N THR H 314 -9.36 81.67 -27.70
CA THR H 314 -9.77 82.47 -28.85
C THR H 314 -11.28 82.42 -29.05
N ALA H 315 -11.87 81.24 -28.89
CA ALA H 315 -13.33 81.13 -29.03
C ALA H 315 -14.03 81.94 -27.94
N LEU H 316 -13.52 81.90 -26.71
CA LEU H 316 -14.17 82.61 -25.61
C LEU H 316 -13.96 84.12 -25.73
N ALA H 317 -12.76 84.55 -26.07
CA ALA H 317 -12.43 85.97 -26.04
C ALA H 317 -12.94 86.68 -27.28
N PRO H 318 -13.09 88.00 -27.21
CA PRO H 318 -13.53 88.76 -28.38
C PRO H 318 -12.50 88.74 -29.49
N SER H 319 -12.98 88.98 -30.72
CA SER H 319 -12.09 89.09 -31.85
C SER H 319 -11.30 90.39 -31.78
N THR H 320 -10.42 90.59 -32.76
CA THR H 320 -9.59 91.79 -32.85
C THR H 320 -8.49 91.77 -31.79
N MET H 321 -8.49 90.75 -30.93
CA MET H 321 -7.47 90.55 -29.91
C MET H 321 -6.65 89.31 -30.29
N LYS H 322 -5.33 89.44 -30.22
CA LYS H 322 -4.42 88.36 -30.59
C LYS H 322 -3.98 87.62 -29.34
N ILE H 323 -4.12 86.30 -29.36
CA ILE H 323 -3.79 85.44 -28.23
C ILE H 323 -2.62 84.55 -28.61
N LYS H 324 -1.60 84.51 -27.75
CA LYS H 324 -0.48 83.61 -27.89
C LYS H 324 -0.26 82.90 -26.56
N ILE H 325 0.10 81.63 -26.63
CA ILE H 325 0.35 80.84 -25.44
C ILE H 325 1.84 80.52 -25.37
N ILE H 326 2.60 81.35 -24.65
CA ILE H 326 4.03 81.12 -24.51
C ILE H 326 4.21 79.83 -23.71
N ALA H 327 4.64 78.77 -24.39
CA ALA H 327 4.76 77.45 -23.80
C ALA H 327 6.14 76.89 -24.14
N PRO H 328 7.20 77.43 -23.54
CA PRO H 328 8.55 77.00 -23.88
C PRO H 328 8.79 75.56 -23.45
N PRO H 329 9.79 74.89 -24.04
CA PRO H 329 10.13 73.55 -23.58
C PRO H 329 10.65 73.59 -22.15
N GLU H 330 11.03 72.44 -21.60
CA GLU H 330 11.57 72.35 -20.25
C GLU H 330 10.79 73.22 -19.26
N ARG H 331 9.49 73.40 -19.50
CA ARG H 331 8.65 74.13 -18.57
C ARG H 331 8.56 73.44 -17.22
N LYS H 332 8.86 72.13 -17.18
CA LYS H 332 8.73 71.38 -15.93
C LYS H 332 9.51 72.05 -14.80
N TYR H 333 10.73 72.48 -15.09
CA TYR H 333 11.59 73.09 -14.07
C TYR H 333 11.45 74.60 -14.03
N SER H 334 10.51 75.17 -14.80
CA SER H 334 10.47 76.62 -14.95
C SER H 334 10.47 77.32 -13.60
N VAL H 335 9.60 76.89 -12.69
CA VAL H 335 9.51 77.54 -11.39
C VAL H 335 10.87 77.56 -10.72
N TRP H 336 11.53 76.41 -10.67
CA TRP H 336 12.84 76.36 -10.04
C TRP H 336 13.81 77.28 -10.74
N ILE H 337 13.78 77.31 -12.07
CA ILE H 337 14.72 78.15 -12.80
C ILE H 337 14.53 79.61 -12.42
N GLY H 338 13.31 79.99 -12.05
CA GLY H 338 13.11 81.34 -11.55
C GLY H 338 13.87 81.58 -10.27
N GLY H 339 13.74 80.66 -9.31
CA GLY H 339 14.29 80.91 -7.99
C GLY H 339 15.78 81.16 -8.05
N SER H 340 16.52 80.34 -8.80
CA SER H 340 17.95 80.56 -8.90
C SER H 340 18.25 81.94 -9.44
N ILE H 341 17.55 82.36 -10.50
CA ILE H 341 17.74 83.70 -11.01
C ILE H 341 17.48 84.71 -9.90
N LEU H 342 16.38 84.54 -9.17
CA LEU H 342 16.06 85.47 -8.10
C LEU H 342 17.16 85.49 -7.06
N ALA H 343 17.78 84.34 -6.78
CA ALA H 343 18.88 84.30 -5.83
C ALA H 343 20.08 85.10 -6.36
N SER H 344 20.34 85.01 -7.67
CA SER H 344 21.55 85.62 -8.22
C SER H 344 21.49 87.14 -8.09
N LEU H 345 20.33 87.73 -8.35
CA LEU H 345 20.20 89.18 -8.41
C LEU H 345 20.83 89.87 -7.20
N SER H 346 21.62 90.90 -7.48
CA SER H 346 22.33 91.61 -6.41
C SER H 346 21.35 92.29 -5.46
N THR H 347 20.31 92.93 -5.98
CA THR H 347 19.35 93.62 -5.13
C THR H 347 18.70 92.66 -4.15
N PHE H 348 18.24 91.51 -4.65
CA PHE H 348 17.56 90.55 -3.80
C PHE H 348 18.43 90.09 -2.63
N GLN H 349 19.74 90.23 -2.73
CA GLN H 349 20.60 89.82 -1.64
C GLN H 349 20.44 90.70 -0.39
N GLN H 350 19.53 91.68 -0.42
CA GLN H 350 19.24 92.51 0.74
C GLN H 350 17.92 92.15 1.41
N MET H 351 17.14 91.24 0.83
CA MET H 351 15.78 90.99 1.27
C MET H 351 15.62 89.73 2.11
N TRP H 352 16.70 89.03 2.45
CA TRP H 352 16.55 87.84 3.27
C TRP H 352 16.02 88.19 4.65
N ILE H 353 15.68 87.14 5.41
CA ILE H 353 15.24 87.28 6.80
C ILE H 353 16.31 86.67 7.70
N THR H 354 17.24 87.51 8.17
CA THR H 354 18.32 87.02 9.00
C THR H 354 17.77 86.33 10.25
N LYS H 355 18.60 85.46 10.84
CA LYS H 355 18.15 84.69 12.00
C LYS H 355 17.83 85.60 13.17
N GLN H 356 18.67 86.60 13.43
CA GLN H 356 18.41 87.51 14.54
C GLN H 356 17.13 88.29 14.33
N GLU H 357 16.78 88.61 13.08
CA GLU H 357 15.53 89.30 12.82
C GLU H 357 14.33 88.46 13.25
N TYR H 358 14.36 87.17 12.92
CA TYR H 358 13.28 86.28 13.36
C TYR H 358 13.30 86.11 14.88
N ASP H 359 14.49 86.05 15.48
CA ASP H 359 14.59 85.90 16.92
C ASP H 359 13.96 87.08 17.64
N GLU H 360 14.17 88.29 17.12
CA GLU H 360 13.64 89.49 17.77
C GLU H 360 12.17 89.71 17.43
N ALA H 361 11.87 89.89 16.14
CA ALA H 361 10.51 90.27 15.75
C ALA H 361 9.50 89.19 16.10
N GLY H 362 9.84 87.92 15.85
CA GLY H 362 8.94 86.82 16.13
C GLY H 362 8.40 86.20 14.86
N PRO H 363 7.49 85.24 15.01
CA PRO H 363 6.97 84.52 13.83
C PRO H 363 6.31 85.42 12.80
N SER H 364 5.72 86.54 13.22
CA SER H 364 4.98 87.39 12.29
C SER H 364 5.86 87.95 11.18
N ILE H 365 7.19 87.95 11.36
CA ILE H 365 8.09 88.56 10.40
C ILE H 365 7.74 88.13 8.97
N VAL H 366 7.62 86.82 8.74
CA VAL H 366 7.46 86.33 7.38
C VAL H 366 6.22 86.92 6.73
N HIS H 367 5.16 87.11 7.53
CA HIS H 367 3.90 87.57 6.98
C HIS H 367 3.89 89.06 6.65
N ARG H 368 4.89 89.83 7.09
CA ARG H 368 4.87 91.26 6.78
C ARG H 368 4.90 91.50 5.28
N LYS H 369 5.66 90.69 4.55
CA LYS H 369 5.76 90.81 3.10
C LYS H 369 4.79 89.90 2.35
N CYS H 370 3.97 89.14 3.07
CA CYS H 370 3.02 88.23 2.43
C CYS H 370 2.00 89.00 1.59
N THR I 1 -60.81 96.25 -3.74
CA THR I 1 -59.76 95.30 -4.13
C THR I 1 -58.45 95.66 -3.45
N THR I 2 -57.55 94.68 -3.38
CA THR I 2 -56.23 94.85 -2.79
C THR I 2 -55.17 94.77 -3.88
N ALA I 3 -54.22 95.69 -3.84
CA ALA I 3 -53.16 95.79 -4.85
C ALA I 3 -51.89 95.14 -4.32
N LEU I 4 -51.39 94.14 -5.04
CA LEU I 4 -50.14 93.51 -4.65
C LEU I 4 -49.00 94.52 -4.69
N VAL I 5 -48.07 94.38 -3.76
CA VAL I 5 -46.85 95.19 -3.74
C VAL I 5 -45.70 94.20 -3.64
N CYS I 6 -45.05 93.91 -4.79
CA CYS I 6 -43.86 93.02 -4.86
C CYS I 6 -42.57 93.85 -4.86
N ASP I 7 -41.56 93.48 -4.08
CA ASP I 7 -40.24 94.17 -3.99
C ASP I 7 -39.19 93.23 -4.58
N ASN I 8 -39.30 92.90 -5.88
CA ASN I 8 -38.31 92.04 -6.57
C ASN I 8 -36.95 92.63 -6.26
N GLY I 9 -36.09 91.90 -5.57
CA GLY I 9 -34.82 92.39 -5.09
C GLY I 9 -33.65 91.73 -5.82
N SER I 10 -32.45 92.01 -5.32
CA SER I 10 -31.25 91.42 -5.87
C SER I 10 -30.84 90.13 -5.17
N GLY I 11 -31.30 89.91 -3.95
CA GLY I 11 -30.96 88.70 -3.23
C GLY I 11 -32.14 88.07 -2.51
N LEU I 12 -33.29 88.73 -2.51
CA LEU I 12 -34.50 88.19 -1.89
C LEU I 12 -35.73 88.75 -2.59
N VAL I 13 -36.83 88.02 -2.48
CA VAL I 13 -38.12 88.42 -3.04
C VAL I 13 -39.11 88.53 -1.90
N LYS I 14 -39.76 89.68 -1.80
CA LYS I 14 -40.76 89.97 -0.79
C LYS I 14 -42.05 90.38 -1.48
N ALA I 15 -43.12 89.62 -1.26
CA ALA I 15 -44.38 89.84 -1.93
C ALA I 15 -45.50 89.89 -0.91
N GLY I 16 -46.40 90.85 -1.05
CA GLY I 16 -47.49 90.99 -0.11
C GLY I 16 -48.59 91.85 -0.66
N PHE I 17 -49.57 92.12 0.20
CA PHE I 17 -50.74 92.91 -0.14
C PHE I 17 -50.64 94.29 0.47
N ALA I 18 -51.42 95.22 -0.06
CA ALA I 18 -51.45 96.56 0.47
C ALA I 18 -52.13 96.60 1.84
N GLY I 19 -51.90 97.67 2.58
CA GLY I 19 -52.50 97.81 3.89
C GLY I 19 -52.07 96.75 4.87
N ASP I 20 -50.80 96.34 4.83
CA ASP I 20 -50.24 95.38 5.76
C ASP I 20 -48.95 95.96 6.35
N ASP I 21 -48.44 95.28 7.37
CA ASP I 21 -47.24 95.70 8.08
C ASP I 21 -46.04 94.82 7.79
N ALA I 22 -46.20 93.80 6.94
CA ALA I 22 -45.10 92.90 6.60
C ALA I 22 -45.45 92.19 5.30
N PRO I 23 -44.45 91.76 4.54
CA PRO I 23 -44.75 91.01 3.31
C PRO I 23 -45.44 89.69 3.64
N ARG I 24 -46.40 89.32 2.79
CA ARG I 24 -47.12 88.07 3.03
C ARG I 24 -46.18 86.88 2.90
N ALA I 25 -45.31 86.89 1.90
CA ALA I 25 -44.32 85.85 1.69
C ALA I 25 -42.97 86.47 1.39
N VAL I 26 -41.91 85.81 1.85
CA VAL I 26 -40.53 86.22 1.60
C VAL I 26 -39.71 84.97 1.31
N PHE I 27 -38.95 84.98 0.22
CA PHE I 27 -38.17 83.81 -0.14
C PHE I 27 -37.03 84.22 -1.06
N PRO I 28 -35.93 83.47 -1.08
CA PRO I 28 -34.80 83.85 -1.94
C PRO I 28 -35.14 83.75 -3.42
N SER I 29 -34.47 84.58 -4.20
CA SER I 29 -34.66 84.62 -5.66
C SER I 29 -33.53 83.84 -6.32
N ILE I 30 -33.64 82.51 -6.27
CA ILE I 30 -32.66 81.63 -6.90
C ILE I 30 -33.39 80.56 -7.70
N VAL I 31 -32.67 79.95 -8.63
CA VAL I 31 -33.18 78.84 -9.44
C VAL I 31 -32.13 77.74 -9.41
N GLY I 32 -32.52 76.55 -8.95
CA GLY I 32 -31.63 75.41 -8.86
C GLY I 32 -31.94 74.39 -9.93
N ARG I 33 -30.90 73.91 -10.60
CA ARG I 33 -31.04 72.88 -11.60
C ARG I 33 -30.31 71.63 -11.17
N PRO I 34 -30.88 70.44 -11.41
CA PRO I 34 -30.23 69.21 -10.96
C PRO I 34 -28.92 68.98 -11.69
N ARG I 35 -28.02 68.27 -11.02
CA ARG I 35 -26.67 68.05 -11.51
C ARG I 35 -26.36 66.60 -11.82
N HIS I 36 -27.01 65.65 -11.16
CA HIS I 36 -26.65 64.24 -11.24
C HIS I 36 -27.69 63.47 -12.08
N GLN I 37 -27.49 62.16 -12.16
CA GLN I 37 -28.23 61.35 -13.13
C GLN I 37 -29.70 61.22 -12.75
N GLY I 38 -29.98 60.59 -11.62
CA GLY I 38 -31.34 60.22 -11.28
C GLY I 38 -31.60 58.76 -11.62
N VAL I 39 -31.67 57.90 -10.60
CA VAL I 39 -31.61 56.46 -10.82
C VAL I 39 -32.92 55.79 -10.46
N MET I 40 -33.67 56.37 -9.53
CA MET I 40 -34.92 55.77 -9.09
C MET I 40 -36.05 56.05 -10.08
N VAL I 41 -37.04 55.17 -10.06
CA VAL I 41 -38.16 55.21 -11.01
C VAL I 41 -39.43 55.56 -10.23
N GLY I 42 -40.25 56.42 -10.82
CA GLY I 42 -41.46 56.91 -10.20
C GLY I 42 -41.33 58.30 -9.61
N MET I 43 -40.12 58.78 -9.40
CA MET I 43 -39.90 60.02 -8.64
C MET I 43 -40.65 61.20 -9.22
N GLY I 44 -40.82 61.26 -10.53
CA GLY I 44 -41.43 62.43 -11.18
C GLY I 44 -40.36 63.44 -11.53
N GLN I 45 -40.15 63.73 -12.81
CA GLN I 45 -39.02 64.57 -13.27
C GLN I 45 -39.27 66.06 -13.13
N LYS I 46 -38.52 66.80 -12.30
CA LYS I 46 -38.60 68.28 -12.25
C LYS I 46 -37.33 68.73 -12.94
N ASP I 47 -37.41 69.75 -13.77
CA ASP I 47 -36.25 70.23 -14.55
C ASP I 47 -35.55 71.31 -13.77
N SER I 48 -36.27 72.08 -12.97
CA SER I 48 -35.62 73.08 -12.14
C SER I 48 -36.49 73.42 -10.94
N TYR I 49 -35.90 73.41 -9.76
CA TYR I 49 -36.57 73.87 -8.55
C TYR I 49 -36.37 75.37 -8.39
N VAL I 50 -37.36 76.03 -7.80
CA VAL I 50 -37.37 77.47 -7.68
C VAL I 50 -37.86 77.87 -6.30
N GLY I 51 -37.21 78.86 -5.71
CA GLY I 51 -37.67 79.43 -4.45
C GLY I 51 -36.97 78.79 -3.26
N ASP I 52 -37.76 78.38 -2.27
CA ASP I 52 -37.22 77.85 -1.03
C ASP I 52 -36.91 76.37 -1.10
N GLU I 53 -37.65 75.62 -1.92
CA GLU I 53 -37.37 74.18 -2.04
C GLU I 53 -35.97 73.96 -2.61
N ALA I 54 -35.54 74.82 -3.53
CA ALA I 54 -34.16 74.72 -4.02
C ALA I 54 -33.16 74.95 -2.88
N GLN I 55 -33.42 75.95 -2.03
CA GLN I 55 -32.57 76.17 -0.88
C GLN I 55 -32.57 74.98 0.06
N SER I 56 -33.68 74.23 0.10
CA SER I 56 -33.75 73.06 0.96
C SER I 56 -32.88 71.93 0.44
N LYS I 57 -32.82 71.75 -0.88
CA LYS I 57 -32.13 70.64 -1.52
C LYS I 57 -30.87 71.11 -2.24
N ARG I 58 -30.13 72.03 -1.62
CA ARG I 58 -28.94 72.60 -2.26
C ARG I 58 -27.83 71.58 -2.45
N GLY I 59 -27.93 70.40 -1.82
CA GLY I 59 -26.87 69.42 -1.93
C GLY I 59 -26.56 69.02 -3.37
N ILE I 60 -27.60 68.80 -4.17
CA ILE I 60 -27.44 68.22 -5.50
C ILE I 60 -27.99 69.16 -6.58
N LEU I 61 -27.90 70.46 -6.37
CA LEU I 61 -28.37 71.44 -7.34
C LEU I 61 -27.28 72.46 -7.62
N THR I 62 -27.39 73.09 -8.79
CA THR I 62 -26.48 74.17 -9.21
C THR I 62 -27.27 75.47 -9.15
N LEU I 63 -27.24 76.12 -8.00
CA LEU I 63 -28.04 77.31 -7.78
C LEU I 63 -27.51 78.47 -8.61
N LYS I 64 -28.43 79.20 -9.26
CA LYS I 64 -28.10 80.36 -10.07
C LYS I 64 -29.00 81.52 -9.64
N TYR I 65 -28.47 82.74 -9.81
CA TYR I 65 -29.19 83.95 -9.45
C TYR I 65 -29.65 84.67 -10.71
N PRO I 66 -30.95 84.80 -10.97
CA PRO I 66 -31.37 85.50 -12.20
C PRO I 66 -31.00 86.97 -12.22
N ILE I 67 -30.91 87.62 -11.06
CA ILE I 67 -30.60 89.04 -10.99
C ILE I 67 -29.18 89.20 -10.46
N GLU I 68 -28.55 90.32 -10.84
CA GLU I 68 -27.22 90.63 -10.36
C GLU I 68 -26.98 92.12 -10.55
N HIS I 69 -26.48 92.77 -9.50
CA HIS I 69 -26.20 94.21 -9.53
C HIS I 69 -27.44 94.99 -9.98
N GLY I 70 -28.59 94.58 -9.50
CA GLY I 70 -29.84 95.24 -9.88
C GLY I 70 -30.36 94.87 -11.25
N ILE I 71 -29.47 94.88 -12.26
CA ILE I 71 -29.87 94.48 -13.60
C ILE I 71 -30.32 93.02 -13.59
N ILE I 72 -31.20 92.68 -14.53
CA ILE I 72 -31.68 91.32 -14.70
C ILE I 72 -30.94 90.69 -15.87
N THR I 73 -30.30 89.55 -15.63
CA THR I 73 -29.49 88.89 -16.64
C THR I 73 -30.27 87.80 -17.39
N ASN I 74 -30.88 86.88 -16.64
CA ASN I 74 -31.67 85.80 -17.23
C ASN I 74 -33.15 86.13 -17.08
N TRP I 75 -33.89 86.03 -18.17
CA TRP I 75 -35.29 86.40 -18.20
C TRP I 75 -36.23 85.22 -17.98
N ASP I 76 -35.87 84.03 -18.49
CA ASP I 76 -36.70 82.86 -18.25
C ASP I 76 -36.77 82.54 -16.77
N ASP I 77 -35.62 82.58 -16.08
CA ASP I 77 -35.61 82.31 -14.65
C ASP I 77 -36.41 83.36 -13.89
N MET I 78 -36.29 84.64 -14.29
CA MET I 78 -37.04 85.68 -13.61
C MET I 78 -38.54 85.49 -13.80
N GLU I 79 -38.95 85.10 -15.00
CA GLU I 79 -40.38 84.82 -15.24
C GLU I 79 -40.83 83.64 -14.39
N LYS I 80 -39.99 82.62 -14.26
CA LYS I 80 -40.34 81.49 -13.40
C LYS I 80 -40.51 81.95 -11.96
N ILE I 81 -39.62 82.82 -11.48
CA ILE I 81 -39.73 83.35 -10.12
C ILE I 81 -41.05 84.10 -9.95
N TRP I 82 -41.40 84.94 -10.92
CA TRP I 82 -42.63 85.70 -10.82
C TRP I 82 -43.85 84.78 -10.82
N HIS I 83 -43.86 83.76 -11.67
CA HIS I 83 -44.97 82.82 -11.68
C HIS I 83 -45.10 82.11 -10.34
N HIS I 84 -43.97 81.66 -9.79
CA HIS I 84 -44.00 81.00 -8.49
C HIS I 84 -44.53 81.93 -7.42
N THR I 85 -44.11 83.20 -7.44
CA THR I 85 -44.57 84.16 -6.44
C THR I 85 -46.07 84.39 -6.55
N PHE I 86 -46.59 84.53 -7.77
CA PHE I 86 -48.00 84.86 -7.93
C PHE I 86 -48.91 83.66 -7.63
N TYR I 87 -48.55 82.48 -8.10
CA TYR I 87 -49.46 81.33 -8.00
C TYR I 87 -49.18 80.49 -6.75
N ASN I 88 -47.97 79.94 -6.64
CA ASN I 88 -47.70 78.98 -5.57
C ASN I 88 -47.57 79.66 -4.22
N GLU I 89 -46.90 80.80 -4.16
CA GLU I 89 -46.58 81.44 -2.88
C GLU I 89 -47.74 82.29 -2.37
N LEU I 90 -48.17 83.29 -3.16
CA LEU I 90 -49.25 84.15 -2.72
C LEU I 90 -50.61 83.46 -2.84
N ARG I 91 -50.78 82.64 -3.88
CA ARG I 91 -52.05 81.93 -4.10
C ARG I 91 -53.18 82.90 -4.41
N VAL I 92 -52.93 83.79 -5.37
CA VAL I 92 -53.95 84.72 -5.86
C VAL I 92 -53.73 84.91 -7.35
N ALA I 93 -54.80 84.82 -8.13
CA ALA I 93 -54.69 85.04 -9.56
C ALA I 93 -54.27 86.48 -9.83
N PRO I 94 -53.37 86.72 -10.77
CA PRO I 94 -52.87 88.10 -10.99
C PRO I 94 -53.80 88.97 -11.80
N GLU I 95 -54.82 88.41 -12.45
CA GLU I 95 -55.66 89.19 -13.34
C GLU I 95 -56.45 90.25 -12.59
N GLU I 96 -56.98 89.91 -11.42
CA GLU I 96 -57.89 90.81 -10.72
C GLU I 96 -57.19 92.08 -10.25
N HIS I 97 -55.97 91.95 -9.67
CA HIS I 97 -55.37 93.06 -8.96
C HIS I 97 -54.27 93.73 -9.78
N PRO I 98 -54.02 95.02 -9.55
CA PRO I 98 -52.85 95.67 -10.15
C PRO I 98 -51.55 95.24 -9.48
N THR I 99 -50.44 95.88 -9.84
CA THR I 99 -49.15 95.50 -9.26
C THR I 99 -48.25 96.72 -9.16
N LEU I 100 -47.40 96.72 -8.15
CA LEU I 100 -46.42 97.78 -7.93
C LEU I 100 -45.06 97.15 -7.75
N LEU I 101 -44.09 97.61 -8.53
CA LEU I 101 -42.73 97.08 -8.53
C LEU I 101 -41.76 98.19 -8.18
N THR I 102 -40.53 97.79 -7.85
CA THR I 102 -39.49 98.73 -7.45
C THR I 102 -38.22 98.43 -8.23
N GLU I 103 -37.58 99.48 -8.73
CA GLU I 103 -36.37 99.35 -9.52
C GLU I 103 -35.36 100.41 -9.06
N ALA I 104 -34.10 99.98 -8.91
CA ALA I 104 -33.07 100.88 -8.42
C ALA I 104 -32.79 101.98 -9.43
N PRO I 105 -32.34 103.15 -8.96
CA PRO I 105 -32.12 104.27 -9.88
C PRO I 105 -30.91 104.04 -10.78
N LEU I 106 -30.91 104.77 -11.89
CA LEU I 106 -29.83 104.76 -12.88
C LEU I 106 -29.67 103.41 -13.58
N ASN I 107 -30.70 102.57 -13.55
CA ASN I 107 -30.66 101.30 -14.25
C ASN I 107 -30.93 101.50 -15.74
N PRO I 108 -30.56 100.52 -16.56
CA PRO I 108 -30.79 100.65 -18.01
C PRO I 108 -32.27 100.77 -18.35
N LYS I 109 -32.55 101.50 -19.42
CA LYS I 109 -33.93 101.73 -19.84
C LYS I 109 -34.61 100.42 -20.24
N ALA I 110 -33.92 99.60 -21.05
CA ALA I 110 -34.52 98.38 -21.59
C ALA I 110 -35.17 97.52 -20.52
N ASN I 111 -34.53 97.44 -19.35
CA ASN I 111 -35.08 96.67 -18.24
C ASN I 111 -36.54 97.01 -17.98
N ARG I 112 -36.83 98.32 -17.83
CA ARG I 112 -38.19 98.76 -17.53
C ARG I 112 -39.17 98.29 -18.61
N GLU I 113 -38.84 98.54 -19.89
CA GLU I 113 -39.73 98.13 -20.97
C GLU I 113 -39.99 96.63 -20.95
N LYS I 114 -38.92 95.83 -20.83
CA LYS I 114 -39.09 94.38 -20.85
C LYS I 114 -39.94 93.91 -19.67
N MET I 115 -39.70 94.47 -18.49
CA MET I 115 -40.52 94.14 -17.33
C MET I 115 -41.99 94.46 -17.62
N THR I 116 -42.25 95.64 -18.17
CA THR I 116 -43.62 96.01 -18.52
C THR I 116 -44.25 94.99 -19.45
N GLN I 117 -43.54 94.63 -20.53
CA GLN I 117 -44.09 93.68 -21.50
C GLN I 117 -44.37 92.34 -20.84
N ILE I 118 -43.43 91.86 -20.02
CA ILE I 118 -43.61 90.58 -19.35
C ILE I 118 -44.75 90.62 -18.34
N MET I 119 -45.07 91.80 -17.82
CA MET I 119 -46.16 91.92 -16.87
C MET I 119 -47.49 92.30 -17.51
N PHE I 120 -47.51 92.56 -18.82
CA PHE I 120 -48.76 92.82 -19.54
C PHE I 120 -49.12 91.70 -20.50
N GLU I 121 -48.21 91.33 -21.41
CA GLU I 121 -48.55 90.34 -22.43
C GLU I 121 -48.76 88.96 -21.82
N THR I 122 -47.90 88.56 -20.88
CA THR I 122 -47.92 87.20 -20.37
C THR I 122 -48.84 87.03 -19.16
N PHE I 123 -48.74 87.93 -18.19
CA PHE I 123 -49.51 87.77 -16.95
C PHE I 123 -50.84 88.50 -16.99
N ASN I 124 -50.95 89.57 -17.77
CA ASN I 124 -52.23 90.22 -18.05
C ASN I 124 -52.81 90.91 -16.80
N VAL I 125 -51.96 91.60 -16.06
CA VAL I 125 -52.42 92.40 -14.92
C VAL I 125 -53.17 93.61 -15.47
N PRO I 126 -54.18 94.13 -14.77
CA PRO I 126 -54.94 95.27 -15.32
C PRO I 126 -54.20 96.58 -15.25
N ALA I 127 -53.16 96.70 -14.42
CA ALA I 127 -52.44 97.95 -14.30
C ALA I 127 -51.18 97.71 -13.47
N MET I 128 -50.08 98.34 -13.85
CA MET I 128 -48.82 98.20 -13.15
C MET I 128 -48.18 99.57 -12.97
N TYR I 129 -47.44 99.72 -11.88
CA TYR I 129 -46.62 100.90 -11.67
C TYR I 129 -45.25 100.46 -11.15
N VAL I 130 -44.24 101.27 -11.40
CA VAL I 130 -42.89 101.01 -10.94
C VAL I 130 -42.34 102.26 -10.27
N ALA I 131 -41.60 102.07 -9.17
CA ALA I 131 -41.10 103.19 -8.38
C ALA I 131 -39.63 102.98 -8.04
N ILE I 132 -38.97 104.10 -7.75
CA ILE I 132 -37.57 104.08 -7.34
C ILE I 132 -37.47 103.56 -5.91
N GLN I 133 -36.51 102.67 -5.66
CA GLN I 133 -36.43 102.02 -4.35
C GLN I 133 -36.20 103.03 -3.24
N ALA I 134 -35.31 104.00 -3.46
CA ALA I 134 -34.96 104.93 -2.39
C ALA I 134 -36.16 105.77 -1.96
N VAL I 135 -36.96 106.23 -2.92
CA VAL I 135 -38.05 107.16 -2.58
C VAL I 135 -39.04 106.50 -1.63
N LEU I 136 -39.37 105.23 -1.85
CA LEU I 136 -40.33 104.55 -1.00
C LEU I 136 -39.89 104.50 0.46
N SER I 137 -38.58 104.62 0.72
CA SER I 137 -38.10 104.56 2.09
C SER I 137 -38.60 105.73 2.91
N LEU I 138 -38.76 106.91 2.30
CA LEU I 138 -39.12 108.09 3.07
C LEU I 138 -40.56 108.03 3.55
N TYR I 139 -41.45 107.35 2.83
CA TYR I 139 -42.79 107.13 3.35
C TYR I 139 -42.76 106.31 4.63
N ALA I 140 -41.97 105.23 4.64
CA ALA I 140 -41.85 104.41 5.84
C ALA I 140 -41.22 105.19 6.97
N SER I 141 -40.19 105.99 6.68
CA SER I 141 -39.53 106.76 7.73
C SER I 141 -40.49 107.75 8.38
N GLY I 142 -41.31 108.42 7.58
CA GLY I 142 -42.28 109.36 8.09
C GLY I 142 -41.94 110.83 7.91
N ARG I 143 -40.94 111.15 7.09
CA ARG I 143 -40.53 112.53 6.83
C ARG I 143 -40.63 112.82 5.34
N THR I 144 -40.33 114.08 4.99
CA THR I 144 -40.30 114.52 3.61
C THR I 144 -38.95 115.07 3.18
N THR I 145 -38.13 115.55 4.10
CA THR I 145 -36.80 116.08 3.83
C THR I 145 -35.77 115.10 4.39
N GLY I 146 -34.84 114.68 3.54
CA GLY I 146 -33.84 113.72 3.99
C GLY I 146 -32.92 113.31 2.88
N ILE I 147 -32.02 112.38 3.22
CA ILE I 147 -31.10 111.77 2.26
C ILE I 147 -31.06 110.28 2.58
N VAL I 148 -31.87 109.49 1.87
CA VAL I 148 -31.90 108.06 2.11
C VAL I 148 -30.58 107.43 1.67
N LEU I 149 -30.26 106.29 2.28
CA LEU I 149 -29.02 105.57 2.02
C LEU I 149 -29.31 104.08 1.87
N ASP I 150 -30.35 103.75 1.10
CA ASP I 150 -30.70 102.36 0.88
C ASP I 150 -29.49 101.57 0.40
N SER I 151 -29.24 100.43 1.06
CA SER I 151 -28.12 99.56 0.73
C SER I 151 -28.63 98.11 0.74
N GLY I 152 -29.12 97.66 -0.41
CA GLY I 152 -29.51 96.27 -0.56
C GLY I 152 -28.36 95.40 -0.99
N ASP I 153 -28.67 94.13 -1.22
CA ASP I 153 -27.71 93.25 -1.87
C ASP I 153 -27.49 93.72 -3.31
N GLY I 154 -26.29 93.45 -3.82
CA GLY I 154 -25.98 93.83 -5.19
C GLY I 154 -25.41 95.22 -5.34
N VAL I 155 -26.17 96.26 -4.95
CA VAL I 155 -25.77 97.65 -5.17
C VAL I 155 -26.26 98.51 -4.01
N THR I 156 -25.73 99.73 -3.94
CA THR I 156 -26.09 100.72 -2.94
C THR I 156 -26.17 102.08 -3.60
N HIS I 157 -27.20 102.85 -3.24
CA HIS I 157 -27.44 104.14 -3.89
C HIS I 157 -27.90 105.16 -2.86
N ASN I 158 -27.67 106.43 -3.20
CA ASN I 158 -28.00 107.58 -2.36
C ASN I 158 -28.87 108.54 -3.16
N VAL I 159 -29.99 108.94 -2.57
CA VAL I 159 -30.96 109.81 -3.25
C VAL I 159 -31.42 110.90 -2.27
N PRO I 160 -30.92 112.13 -2.39
CA PRO I 160 -31.37 113.19 -1.48
C PRO I 160 -32.63 113.87 -1.97
N ILE I 161 -33.57 114.10 -1.04
CA ILE I 161 -34.83 114.76 -1.34
C ILE I 161 -35.03 115.89 -0.33
N TYR I 162 -35.71 116.94 -0.78
CA TYR I 162 -35.97 118.11 0.05
C TYR I 162 -37.36 118.64 -0.29
N GLU I 163 -38.25 118.64 0.70
CA GLU I 163 -39.62 119.11 0.52
C GLU I 163 -40.31 118.41 -0.63
N GLY I 164 -39.98 117.12 -0.83
CA GLY I 164 -40.57 116.36 -1.91
C GLY I 164 -40.17 116.86 -3.28
N TYR I 165 -38.93 117.32 -3.45
CA TYR I 165 -38.38 117.73 -4.74
C TYR I 165 -37.05 117.01 -4.89
N ALA I 166 -37.10 115.78 -5.40
CA ALA I 166 -35.90 114.96 -5.51
C ALA I 166 -34.88 115.62 -6.43
N LEU I 167 -33.67 115.82 -5.92
CA LEU I 167 -32.58 116.34 -6.74
C LEU I 167 -31.99 115.20 -7.57
N PRO I 168 -32.04 115.26 -8.90
CA PRO I 168 -31.59 114.12 -9.70
C PRO I 168 -30.08 114.12 -9.95
N HIS I 169 -29.46 115.31 -9.89
CA HIS I 169 -28.02 115.40 -10.16
C HIS I 169 -27.18 114.94 -8.96
N ALA I 170 -27.75 114.91 -7.76
CA ALA I 170 -27.01 114.50 -6.57
C ALA I 170 -27.10 113.00 -6.31
N ILE I 171 -27.93 112.27 -7.06
CA ILE I 171 -28.04 110.83 -6.86
C ILE I 171 -26.69 110.17 -7.11
N MET I 172 -26.37 109.17 -6.29
CA MET I 172 -25.12 108.44 -6.44
C MET I 172 -25.42 106.94 -6.42
N ARG I 173 -24.61 106.18 -7.16
CA ARG I 173 -24.80 104.74 -7.30
C ARG I 173 -23.45 104.05 -7.18
N LEU I 174 -23.44 102.86 -6.58
CA LEU I 174 -22.20 102.15 -6.34
C LEU I 174 -22.50 100.67 -6.25
N ASP I 175 -21.56 99.84 -6.69
CA ASP I 175 -21.77 98.39 -6.83
C ASP I 175 -21.11 97.61 -5.70
N LEU I 176 -21.09 98.14 -4.49
CA LEU I 176 -20.58 97.43 -3.32
C LEU I 176 -21.76 97.04 -2.43
N ALA I 177 -21.91 95.75 -2.17
CA ALA I 177 -23.06 95.26 -1.43
C ALA I 177 -22.73 93.90 -0.83
N GLY I 178 -23.75 93.19 -0.36
CA GLY I 178 -23.55 91.99 0.43
C GLY I 178 -22.83 90.87 -0.30
N ARG I 179 -23.05 90.74 -1.61
CA ARG I 179 -22.44 89.63 -2.34
C ARG I 179 -20.91 89.73 -2.33
N ASP I 180 -20.39 90.94 -2.53
CA ASP I 180 -18.95 91.13 -2.44
C ASP I 180 -18.44 90.81 -1.04
N LEU I 181 -19.23 91.13 -0.01
CA LEU I 181 -18.83 90.78 1.35
C LEU I 181 -18.79 89.27 1.54
N THR I 182 -19.76 88.54 0.98
CA THR I 182 -19.73 87.07 1.08
C THR I 182 -18.48 86.53 0.39
N ASP I 183 -18.17 87.03 -0.81
CA ASP I 183 -16.99 86.55 -1.51
C ASP I 183 -15.72 86.87 -0.71
N TYR I 184 -15.64 88.07 -0.15
CA TYR I 184 -14.46 88.43 0.65
C TYR I 184 -14.36 87.54 1.90
N LEU I 185 -15.50 87.22 2.52
CA LEU I 185 -15.48 86.33 3.67
C LEU I 185 -14.94 84.97 3.28
N MET I 186 -15.35 84.43 2.13
CA MET I 186 -14.76 83.18 1.67
C MET I 186 -13.25 83.33 1.50
N LYS I 187 -12.83 84.41 0.85
CA LYS I 187 -11.41 84.56 0.53
C LYS I 187 -10.56 84.65 1.78
N ILE I 188 -11.03 85.35 2.81
CA ILE I 188 -10.23 85.52 4.02
C ILE I 188 -10.40 84.34 4.98
N LEU I 189 -11.53 83.64 4.94
CA LEU I 189 -11.65 82.39 5.68
C LEU I 189 -10.73 81.33 5.11
N THR I 190 -10.32 81.47 3.84
CA THR I 190 -9.34 80.54 3.29
C THR I 190 -8.08 80.46 4.16
N GLU I 191 -7.71 81.55 4.82
CA GLU I 191 -6.43 81.59 5.53
C GLU I 191 -6.35 80.56 6.65
N ARG I 192 -7.41 80.45 7.45
CA ARG I 192 -7.33 79.54 8.61
C ARG I 192 -7.40 78.08 8.22
N GLY I 193 -7.71 77.77 6.96
CA GLY I 193 -7.75 76.40 6.49
C GLY I 193 -9.08 76.01 5.90
N TYR I 194 -10.14 76.71 6.30
CA TYR I 194 -11.48 76.39 5.83
C TYR I 194 -11.63 76.84 4.38
N SER I 195 -11.87 75.90 3.48
CA SER I 195 -11.96 76.17 2.05
C SER I 195 -13.39 75.92 1.59
N PHE I 196 -14.07 76.99 1.17
CA PHE I 196 -15.42 76.92 0.63
C PHE I 196 -15.37 77.34 -0.83
N VAL I 197 -15.90 76.49 -1.71
CA VAL I 197 -15.83 76.74 -3.15
C VAL I 197 -17.21 76.72 -3.79
N THR I 198 -17.93 75.60 -3.64
CA THR I 198 -19.19 75.42 -4.36
C THR I 198 -20.22 76.45 -3.92
N THR I 199 -21.29 76.54 -4.71
CA THR I 199 -22.32 77.55 -4.48
C THR I 199 -23.04 77.32 -3.16
N ALA I 200 -23.36 76.07 -2.83
CA ALA I 200 -23.98 75.80 -1.53
C ALA I 200 -23.05 76.16 -0.39
N GLU I 201 -21.74 75.97 -0.57
CA GLU I 201 -20.80 76.40 0.46
C GLU I 201 -20.79 77.92 0.57
N ARG I 202 -20.97 78.63 -0.55
CA ARG I 202 -21.16 80.07 -0.46
C ARG I 202 -22.43 80.41 0.30
N GLU I 203 -23.48 79.60 0.13
CA GLU I 203 -24.71 79.84 0.89
C GLU I 203 -24.47 79.67 2.38
N ILE I 204 -23.66 78.66 2.75
CA ILE I 204 -23.29 78.49 4.16
C ILE I 204 -22.48 79.68 4.65
N VAL I 205 -21.55 80.17 3.81
CA VAL I 205 -20.73 81.32 4.20
C VAL I 205 -21.60 82.55 4.40
N ARG I 206 -22.66 82.68 3.61
CA ARG I 206 -23.58 83.80 3.80
C ARG I 206 -24.26 83.73 5.16
N ASP I 207 -24.64 82.53 5.59
CA ASP I 207 -25.22 82.39 6.93
C ASP I 207 -24.20 82.73 8.00
N ILE I 208 -22.96 82.27 7.82
CA ILE I 208 -21.88 82.63 8.75
C ILE I 208 -21.76 84.14 8.84
N LYS I 209 -21.79 84.82 7.69
CA LYS I 209 -21.75 86.28 7.68
C LYS I 209 -22.89 86.86 8.49
N GLU I 210 -24.12 86.41 8.21
CA GLU I 210 -25.28 86.98 8.85
C GLU I 210 -25.19 86.88 10.36
N LYS I 211 -24.84 85.69 10.86
CA LYS I 211 -24.90 85.47 12.30
C LYS I 211 -23.76 86.19 13.02
N LEU I 212 -22.52 85.93 12.61
CA LEU I 212 -21.33 86.40 13.33
C LEU I 212 -20.61 87.47 12.52
N CYS I 213 -21.03 88.73 12.72
CA CYS I 213 -20.29 89.88 12.19
C CYS I 213 -20.67 91.11 12.99
N TYR I 214 -19.76 92.09 13.00
CA TYR I 214 -20.02 93.39 13.61
C TYR I 214 -19.04 94.39 13.03
N VAL I 215 -19.35 95.67 13.22
CA VAL I 215 -18.51 96.77 12.71
C VAL I 215 -17.83 97.43 13.90
N ALA I 216 -16.50 97.48 13.85
CA ALA I 216 -15.74 98.12 14.92
C ALA I 216 -15.84 99.63 14.83
N LEU I 217 -15.91 100.28 16.00
CA LEU I 217 -15.90 101.74 16.03
C LEU I 217 -14.62 102.30 15.44
N ASP I 218 -13.48 101.70 15.79
CA ASP I 218 -12.20 102.01 15.18
C ASP I 218 -11.53 100.70 14.77
N PHE I 219 -10.73 100.78 13.71
CA PHE I 219 -10.25 99.55 13.07
C PHE I 219 -8.88 99.13 13.60
N GLU I 220 -7.91 100.05 13.62
CA GLU I 220 -6.57 99.68 14.05
C GLU I 220 -6.56 99.23 15.51
N ASN I 221 -7.26 99.96 16.38
CA ASN I 221 -7.32 99.57 17.78
C ASN I 221 -7.97 98.20 17.94
N GLU I 222 -9.04 97.94 17.17
CA GLU I 222 -9.69 96.64 17.25
C GLU I 222 -8.76 95.53 16.79
N MET I 223 -8.00 95.77 15.72
CA MET I 223 -7.04 94.76 15.27
C MET I 223 -5.98 94.50 16.33
N ALA I 224 -5.46 95.56 16.96
CA ALA I 224 -4.48 95.37 18.01
C ALA I 224 -5.06 94.58 19.17
N THR I 225 -6.29 94.90 19.58
CA THR I 225 -6.92 94.19 20.68
C THR I 225 -7.15 92.72 20.33
N ALA I 226 -7.56 92.43 19.10
CA ALA I 226 -7.78 91.06 18.69
C ALA I 226 -6.48 90.28 18.60
N ALA I 227 -5.39 90.92 18.20
CA ALA I 227 -4.11 90.23 18.09
C ALA I 227 -3.51 89.97 19.47
N SER I 228 -3.58 90.96 20.36
CA SER I 228 -2.95 90.80 21.68
C SER I 228 -3.65 89.73 22.50
N SER I 229 -4.97 89.82 22.60
CA SER I 229 -5.76 88.88 23.41
C SER I 229 -6.45 87.87 22.49
N SER I 230 -7.29 87.03 23.08
CA SER I 230 -8.05 86.02 22.36
C SER I 230 -9.51 86.03 22.82
N SER I 231 -10.07 87.23 22.96
CA SER I 231 -11.45 87.38 23.37
C SER I 231 -12.42 87.56 22.21
N LEU I 232 -11.93 87.99 21.05
CA LEU I 232 -12.77 88.20 19.87
C LEU I 232 -12.82 86.94 19.01
N GLU I 233 -13.16 85.82 19.62
CA GLU I 233 -13.26 84.54 18.93
C GLU I 233 -14.65 83.96 19.13
N LYS I 234 -15.23 83.42 18.06
CA LYS I 234 -16.55 82.82 18.11
C LYS I 234 -16.52 81.45 17.45
N SER I 235 -17.39 80.57 17.92
CA SER I 235 -17.47 79.20 17.43
C SER I 235 -18.82 78.98 16.76
N TYR I 236 -18.79 78.48 15.53
CA TYR I 236 -19.98 78.21 14.74
C TYR I 236 -19.96 76.76 14.28
N GLU I 237 -21.14 76.21 14.01
CA GLU I 237 -21.27 74.80 13.68
C GLU I 237 -21.82 74.63 12.26
N LEU I 238 -21.11 73.85 11.46
CA LEU I 238 -21.54 73.56 10.10
C LEU I 238 -22.69 72.56 10.11
N PRO I 239 -23.31 72.32 8.95
CA PRO I 239 -24.29 71.22 8.85
C PRO I 239 -23.66 69.85 9.04
N ASP I 240 -22.34 69.73 8.88
CA ASP I 240 -21.65 68.45 8.95
C ASP I 240 -21.11 68.16 10.35
N GLY I 241 -21.65 68.82 11.37
CA GLY I 241 -21.16 68.61 12.71
C GLY I 241 -19.71 68.99 12.90
N GLN I 242 -19.24 70.01 12.20
CA GLN I 242 -17.88 70.52 12.34
C GLN I 242 -17.94 71.94 12.87
N VAL I 243 -16.89 72.34 13.60
CA VAL I 243 -16.86 73.62 14.30
C VAL I 243 -15.82 74.52 13.64
N ILE I 244 -16.27 75.66 13.16
CA ILE I 244 -15.40 76.75 12.72
C ILE I 244 -15.17 77.69 13.89
N THR I 245 -13.97 78.28 13.94
CA THR I 245 -13.61 79.25 14.97
C THR I 245 -13.12 80.51 14.26
N ILE I 246 -13.93 81.56 14.29
CA ILE I 246 -13.64 82.81 13.59
C ILE I 246 -13.06 83.81 14.58
N GLY I 247 -12.04 84.54 14.13
CA GLY I 247 -11.40 85.57 14.94
C GLY I 247 -11.55 86.96 14.38
N ASN I 248 -10.46 87.49 13.80
CA ASN I 248 -10.49 88.84 13.27
C ASN I 248 -11.53 88.99 12.17
N GLU I 249 -11.73 87.95 11.36
CA GLU I 249 -12.63 88.04 10.22
C GLU I 249 -14.03 88.51 10.61
N ARG I 250 -14.36 88.53 11.90
CA ARG I 250 -15.68 89.01 12.30
C ARG I 250 -15.89 90.45 11.87
N PHE I 251 -14.85 91.28 11.89
CA PHE I 251 -15.00 92.70 11.55
C PHE I 251 -14.11 93.12 10.39
N ARG I 252 -13.55 92.16 9.64
CA ARG I 252 -12.89 92.49 8.38
C ARG I 252 -13.81 92.36 7.18
N CYS I 253 -14.92 91.61 7.33
CA CYS I 253 -15.89 91.53 6.24
C CYS I 253 -16.64 92.84 6.06
N PRO I 254 -17.40 93.33 7.04
CA PRO I 254 -18.13 94.59 6.84
C PRO I 254 -17.23 95.80 6.66
N GLU I 255 -15.98 95.73 7.13
CA GLU I 255 -15.08 96.86 6.97
C GLU I 255 -14.82 97.19 5.51
N THR I 256 -15.08 96.24 4.60
CA THR I 256 -14.94 96.54 3.17
C THR I 256 -15.82 97.70 2.77
N LEU I 257 -16.91 97.95 3.51
CA LEU I 257 -17.82 99.03 3.15
C LEU I 257 -17.14 100.39 3.27
N PHE I 258 -16.33 100.58 4.32
CA PHE I 258 -15.67 101.86 4.56
C PHE I 258 -14.32 101.97 3.88
N GLN I 259 -13.75 100.86 3.42
CA GLN I 259 -12.44 100.84 2.77
C GLN I 259 -12.52 99.93 1.55
N PRO I 260 -13.13 100.41 0.46
CA PRO I 260 -13.31 99.56 -0.73
C PRO I 260 -12.01 99.12 -1.39
N SER I 261 -10.85 99.52 -0.88
CA SER I 261 -9.58 99.10 -1.47
C SER I 261 -9.21 97.67 -1.09
N PHE I 262 -9.95 97.04 -0.19
CA PHE I 262 -9.68 95.64 0.14
C PHE I 262 -9.91 94.74 -1.06
N ILE I 263 -10.96 95.02 -1.84
CA ILE I 263 -11.34 94.17 -2.96
C ILE I 263 -10.67 94.61 -4.27
N GLY I 264 -9.83 95.65 -4.23
CA GLY I 264 -9.20 96.17 -5.42
C GLY I 264 -9.96 97.29 -6.09
N MET I 265 -11.15 97.63 -5.60
CA MET I 265 -11.87 98.77 -6.16
C MET I 265 -11.13 100.06 -5.86
N GLU I 266 -11.67 101.16 -6.40
CA GLU I 266 -11.05 102.46 -6.28
C GLU I 266 -11.95 103.53 -5.67
N SER I 267 -13.26 103.34 -5.71
CA SER I 267 -14.16 104.34 -5.15
C SER I 267 -13.94 104.48 -3.65
N ALA I 268 -14.50 105.54 -3.07
CA ALA I 268 -14.36 105.83 -1.66
C ALA I 268 -15.44 105.13 -0.85
N GLY I 269 -15.22 105.07 0.46
CA GLY I 269 -16.18 104.45 1.35
C GLY I 269 -17.55 105.09 1.25
N ILE I 270 -18.54 104.53 1.95
CA ILE I 270 -19.91 105.03 1.81
C ILE I 270 -20.06 106.37 2.52
N HIS I 271 -19.30 106.63 3.58
CA HIS I 271 -19.38 107.92 4.25
C HIS I 271 -18.97 109.04 3.31
N GLU I 272 -17.94 108.81 2.49
CA GLU I 272 -17.50 109.84 1.56
C GLU I 272 -18.54 110.07 0.47
N THR I 273 -19.19 109.02 0.01
CA THR I 273 -20.25 109.19 -0.98
C THR I 273 -21.42 109.98 -0.38
N THR I 274 -21.77 109.69 0.88
CA THR I 274 -22.83 110.45 1.54
C THR I 274 -22.46 111.92 1.65
N TYR I 275 -21.23 112.20 2.08
CA TYR I 275 -20.79 113.58 2.21
C TYR I 275 -20.79 114.29 0.87
N ASN I 276 -20.32 113.61 -0.18
CA ASN I 276 -20.30 114.22 -1.50
C ASN I 276 -21.72 114.50 -2.00
N SER I 277 -22.63 113.54 -1.80
CA SER I 277 -24.02 113.76 -2.19
C SER I 277 -24.59 114.97 -1.47
N ILE I 278 -24.29 115.10 -0.17
CA ILE I 278 -24.79 116.25 0.58
C ILE I 278 -24.19 117.55 0.05
N MET I 279 -22.90 117.54 -0.26
CA MET I 279 -22.22 118.77 -0.68
C MET I 279 -22.37 119.05 -2.16
N LYS I 280 -23.08 118.21 -2.90
CA LYS I 280 -23.39 118.48 -4.29
C LYS I 280 -24.74 119.18 -4.46
N CYS I 281 -25.51 119.33 -3.39
CA CYS I 281 -26.77 120.05 -3.42
C CYS I 281 -26.53 121.54 -3.25
N ASP I 282 -27.62 122.29 -3.09
CA ASP I 282 -27.53 123.74 -2.91
C ASP I 282 -26.96 124.07 -1.53
N ILE I 283 -26.56 125.34 -1.38
CA ILE I 283 -25.94 125.76 -0.13
C ILE I 283 -26.95 125.80 1.01
N ASP I 284 -28.19 126.24 0.73
CA ASP I 284 -29.14 126.53 1.79
C ASP I 284 -29.76 125.28 2.41
N ILE I 285 -29.66 124.11 1.76
CA ILE I 285 -30.36 122.92 2.21
C ILE I 285 -29.44 121.89 2.85
N ARG I 286 -28.13 122.16 2.91
CA ARG I 286 -27.22 121.15 3.42
C ARG I 286 -27.45 120.86 4.90
N LYS I 287 -27.87 121.87 5.68
CA LYS I 287 -28.10 121.64 7.11
C LYS I 287 -29.23 120.64 7.33
N ASP I 288 -30.34 120.81 6.60
CA ASP I 288 -31.48 119.92 6.80
C ASP I 288 -31.14 118.48 6.44
N LEU I 289 -30.43 118.28 5.32
CA LEU I 289 -30.01 116.94 4.96
C LEU I 289 -29.04 116.37 6.01
N TYR I 290 -28.14 117.22 6.51
CA TYR I 290 -27.25 116.78 7.58
C TYR I 290 -28.03 116.27 8.77
N ALA I 291 -29.10 116.98 9.15
CA ALA I 291 -29.85 116.63 10.35
C ALA I 291 -30.52 115.27 10.22
N ASN I 292 -31.07 114.96 9.05
CA ASN I 292 -31.92 113.79 8.85
C ASN I 292 -31.30 112.85 7.81
N ASN I 293 -30.48 111.92 8.28
CA ASN I 293 -30.03 110.81 7.44
C ASN I 293 -30.91 109.59 7.70
N VAL I 294 -30.96 108.71 6.70
CA VAL I 294 -31.80 107.53 6.76
C VAL I 294 -31.03 106.34 6.20
N MET I 295 -31.22 105.18 6.82
CA MET I 295 -30.66 103.92 6.33
C MET I 295 -31.79 102.94 6.02
N SER I 296 -31.57 102.11 5.02
CA SER I 296 -32.52 101.07 4.65
C SER I 296 -31.72 99.86 4.19
N GLY I 297 -32.41 98.84 3.68
CA GLY I 297 -31.76 97.66 3.16
C GLY I 297 -31.23 96.73 4.24
N GLY I 298 -31.07 95.46 3.88
CA GLY I 298 -30.58 94.49 4.84
C GLY I 298 -29.14 94.71 5.24
N THR I 299 -28.30 95.15 4.30
CA THR I 299 -26.86 95.22 4.55
C THR I 299 -26.52 96.16 5.69
N THR I 300 -27.42 97.05 6.08
CA THR I 300 -27.17 98.00 7.16
C THR I 300 -27.72 97.50 8.48
N MET I 301 -27.68 96.19 8.72
CA MET I 301 -28.08 95.60 10.00
C MET I 301 -26.88 95.13 10.82
N TYR I 302 -25.66 95.40 10.36
CA TYR I 302 -24.49 95.03 11.15
C TYR I 302 -24.49 95.79 12.47
N PRO I 303 -24.34 95.12 13.61
CA PRO I 303 -24.32 95.84 14.89
C PRO I 303 -23.18 96.84 14.96
N GLY I 304 -23.54 98.11 15.11
CA GLY I 304 -22.57 99.17 15.25
C GLY I 304 -22.31 100.00 14.02
N ILE I 305 -23.07 99.78 12.93
CA ILE I 305 -22.86 100.58 11.73
C ILE I 305 -23.32 102.02 11.95
N ALA I 306 -24.40 102.22 12.69
CA ALA I 306 -24.92 103.58 12.89
C ALA I 306 -23.90 104.45 13.61
N ASP I 307 -23.28 103.93 14.66
CA ASP I 307 -22.32 104.73 15.41
C ASP I 307 -21.12 105.12 14.56
N ARG I 308 -20.60 104.18 13.77
CA ARG I 308 -19.46 104.49 12.92
C ARG I 308 -19.84 105.47 11.83
N MET I 309 -21.03 105.32 11.25
CA MET I 309 -21.51 106.30 10.28
C MET I 309 -21.56 107.70 10.88
N GLN I 310 -22.14 107.82 12.07
CA GLN I 310 -22.26 109.13 12.71
C GLN I 310 -20.89 109.72 13.01
N LYS I 311 -19.97 108.90 13.54
CA LYS I 311 -18.64 109.39 13.87
C LYS I 311 -17.91 109.86 12.62
N GLU I 312 -17.96 109.06 11.55
CA GLU I 312 -17.25 109.42 10.33
C GLU I 312 -17.82 110.68 9.71
N ILE I 313 -19.14 110.79 9.64
CA ILE I 313 -19.74 111.98 9.04
C ILE I 313 -19.44 113.21 9.87
N THR I 314 -19.50 113.09 11.21
CA THR I 314 -19.17 114.22 12.06
C THR I 314 -17.72 114.65 11.87
N ALA I 315 -16.80 113.69 11.75
CA ALA I 315 -15.41 114.04 11.51
C ALA I 315 -15.24 114.73 10.16
N LEU I 316 -15.93 114.25 9.13
CA LEU I 316 -15.79 114.85 7.81
C LEU I 316 -16.46 116.21 7.74
N ALA I 317 -17.67 116.33 8.29
CA ALA I 317 -18.47 117.53 8.11
C ALA I 317 -18.00 118.64 9.03
N PRO I 318 -18.32 119.90 8.70
CA PRO I 318 -17.94 121.02 9.57
C PRO I 318 -18.66 120.97 10.90
N SER I 319 -18.07 121.62 11.89
CA SER I 319 -18.71 121.76 13.20
C SER I 319 -19.88 122.73 13.10
N THR I 320 -20.57 122.91 14.23
CA THR I 320 -21.72 123.80 14.33
C THR I 320 -22.93 123.20 13.62
N MET I 321 -22.74 122.04 12.99
CA MET I 321 -23.81 121.30 12.34
C MET I 321 -24.06 120.00 13.10
N LYS I 322 -25.32 119.72 13.38
CA LYS I 322 -25.72 118.56 14.17
C LYS I 322 -26.18 117.44 13.24
N ILE I 323 -25.62 116.25 13.43
CA ILE I 323 -25.86 115.11 12.56
C ILE I 323 -26.55 114.01 13.37
N LYS I 324 -27.62 113.45 12.82
CA LYS I 324 -28.27 112.27 13.36
C LYS I 324 -28.45 111.26 12.25
N ILE I 325 -28.35 109.98 12.61
CA ILE I 325 -28.56 108.89 11.66
C ILE I 325 -29.83 108.16 12.04
N ILE I 326 -30.94 108.53 11.42
CA ILE I 326 -32.22 107.87 11.70
C ILE I 326 -32.11 106.44 11.20
N ALA I 327 -32.02 105.50 12.14
CA ALA I 327 -31.81 104.08 11.84
C ALA I 327 -32.82 103.26 12.62
N PRO I 328 -34.09 103.31 12.24
CA PRO I 328 -35.13 102.60 13.00
C PRO I 328 -34.95 101.10 12.88
N PRO I 329 -35.52 100.32 13.81
CA PRO I 329 -35.46 98.87 13.66
C PRO I 329 -36.24 98.40 12.44
N GLU I 330 -36.28 97.09 12.20
CA GLU I 330 -37.00 96.53 11.07
C GLU I 330 -36.77 97.34 9.79
N ARG I 331 -35.59 97.94 9.66
CA ARG I 331 -35.24 98.64 8.43
C ARG I 331 -35.20 97.70 7.24
N LYS I 332 -35.05 96.40 7.48
CA LYS I 332 -34.92 95.44 6.38
C LYS I 332 -36.07 95.57 5.40
N TYR I 333 -37.29 95.65 5.91
CA TYR I 333 -38.49 95.73 5.08
C TYR I 333 -38.89 97.16 4.75
N SER I 334 -38.08 98.15 5.14
CA SER I 334 -38.50 99.54 5.04
C SER I 334 -38.98 99.86 3.63
N VAL I 335 -38.20 99.51 2.61
CA VAL I 335 -38.58 99.82 1.24
C VAL I 335 -39.96 99.26 0.95
N TRP I 336 -40.18 97.99 1.28
CA TRP I 336 -41.48 97.39 1.03
C TRP I 336 -42.57 98.14 1.79
N ILE I 337 -42.30 98.49 3.04
CA ILE I 337 -43.31 99.19 3.84
C ILE I 337 -43.70 100.49 3.16
N GLY I 338 -42.77 101.11 2.42
CA GLY I 338 -43.13 102.29 1.66
C GLY I 338 -44.17 101.99 0.60
N GLY I 339 -43.92 100.94 -0.20
CA GLY I 339 -44.79 100.69 -1.33
C GLY I 339 -46.23 100.49 -0.91
N SER I 340 -46.45 99.68 0.13
CA SER I 340 -47.81 99.48 0.59
C SER I 340 -48.46 100.80 0.97
N ILE I 341 -47.74 101.65 1.70
CA ILE I 341 -48.30 102.95 2.04
C ILE I 341 -48.63 103.71 0.77
N LEU I 342 -47.70 103.71 -0.19
CA LEU I 342 -47.95 104.42 -1.44
C LEU I 342 -49.19 103.87 -2.13
N ALA I 343 -49.40 102.55 -2.04
CA ALA I 343 -50.60 101.96 -2.63
C ALA I 343 -51.87 102.48 -1.96
N SER I 344 -51.84 102.64 -0.64
CA SER I 344 -53.06 102.99 0.09
C SER I 344 -53.56 104.37 -0.32
N LEU I 345 -52.65 105.33 -0.48
CA LEU I 345 -53.01 106.72 -0.73
C LEU I 345 -54.04 106.83 -1.85
N SER I 346 -55.09 107.62 -1.60
CA SER I 346 -56.15 107.79 -2.59
C SER I 346 -55.63 108.49 -3.84
N THR I 347 -54.81 109.54 -3.67
CA THR I 347 -54.30 110.26 -4.83
C THR I 347 -53.54 109.33 -5.75
N PHE I 348 -52.64 108.51 -5.19
CA PHE I 348 -51.85 107.61 -6.01
C PHE I 348 -52.71 106.66 -6.82
N GLN I 349 -53.96 106.43 -6.40
CA GLN I 349 -54.84 105.55 -7.15
C GLN I 349 -55.22 106.10 -8.51
N GLN I 350 -54.75 107.30 -8.88
CA GLN I 350 -54.99 107.86 -10.20
C GLN I 350 -53.77 107.77 -11.11
N MET I 351 -52.64 107.29 -10.59
CA MET I 351 -51.36 107.37 -11.30
C MET I 351 -50.94 106.06 -11.95
N TRP I 352 -51.77 105.01 -11.90
CA TRP I 352 -51.38 103.76 -12.54
C TRP I 352 -51.27 103.92 -14.05
N ILE I 353 -50.74 102.88 -14.69
CA ILE I 353 -50.66 102.81 -16.14
C ILE I 353 -51.59 101.71 -16.63
N THR I 354 -52.81 102.08 -16.99
CA THR I 354 -53.81 101.10 -17.41
C THR I 354 -53.31 100.32 -18.62
N LYS I 355 -53.88 99.12 -18.80
CA LYS I 355 -53.43 98.26 -19.89
C LYS I 355 -53.68 98.90 -21.25
N GLN I 356 -54.85 99.52 -21.44
CA GLN I 356 -55.14 100.17 -22.71
C GLN I 356 -54.18 101.32 -22.98
N GLU I 357 -53.73 102.01 -21.94
CA GLU I 357 -52.76 103.08 -22.12
C GLU I 357 -51.46 102.54 -22.71
N TYR I 358 -50.96 101.41 -22.18
CA TYR I 358 -49.76 100.81 -22.74
C TYR I 358 -50.02 100.28 -24.14
N ASP I 359 -51.20 99.73 -24.39
CA ASP I 359 -51.52 99.22 -25.71
C ASP I 359 -51.49 100.33 -26.76
N GLU I 360 -52.00 101.51 -26.41
CA GLU I 360 -52.07 102.61 -27.36
C GLU I 360 -50.73 103.34 -27.46
N ALA I 361 -50.26 103.92 -26.35
CA ALA I 361 -49.07 104.75 -26.39
C ALA I 361 -47.84 103.96 -26.80
N GLY I 362 -47.68 102.75 -26.27
CA GLY I 362 -46.53 101.93 -26.57
C GLY I 362 -45.58 101.81 -25.41
N PRO I 363 -44.43 101.17 -25.64
CA PRO I 363 -43.48 100.94 -24.52
C PRO I 363 -42.99 102.23 -23.87
N SER I 364 -42.90 103.33 -24.61
CA SER I 364 -42.33 104.55 -24.07
C SER I 364 -43.12 105.09 -22.88
N ILE I 365 -44.38 104.68 -22.73
CA ILE I 365 -45.24 105.21 -21.67
C ILE I 365 -44.50 105.26 -20.34
N VAL I 366 -43.90 104.14 -19.93
CA VAL I 366 -43.33 104.04 -18.59
C VAL I 366 -42.25 105.10 -18.40
N HIS I 367 -41.47 105.37 -19.45
CA HIS I 367 -40.36 106.30 -19.32
C HIS I 367 -40.80 107.76 -19.26
N ARG I 368 -42.07 108.07 -19.54
CA ARG I 368 -42.49 109.47 -19.49
C ARG I 368 -42.32 110.04 -18.09
N LYS I 369 -42.60 109.25 -17.07
CA LYS I 369 -42.45 109.69 -15.68
C LYS I 369 -41.11 109.29 -15.07
N CYS I 370 -40.22 108.67 -15.84
CA CYS I 370 -38.93 108.26 -15.32
C CYS I 370 -38.10 109.47 -14.90
N THR J 1 18.20 135.92 -27.45
CA THR J 1 17.64 134.84 -26.65
C THR J 1 16.17 134.61 -27.01
N THR J 2 15.68 133.42 -26.70
CA THR J 2 14.30 133.05 -26.95
C THR J 2 13.56 132.92 -25.62
N ALA J 3 12.35 133.47 -25.57
CA ALA J 3 11.56 133.51 -24.34
C ALA J 3 10.51 132.40 -24.39
N LEU J 4 10.54 131.53 -23.39
CA LEU J 4 9.54 130.47 -23.29
C LEU J 4 8.16 131.07 -23.15
N VAL J 5 7.18 130.43 -23.79
CA VAL J 5 5.76 130.80 -23.64
C VAL J 5 5.03 129.52 -23.27
N CYS J 6 4.90 129.26 -21.97
CA CYS J 6 4.13 128.14 -21.48
C CYS J 6 2.70 128.59 -21.20
N ASP J 7 1.74 127.69 -21.41
CA ASP J 7 0.35 127.94 -21.11
C ASP J 7 -0.17 126.82 -20.22
N ASN J 8 0.05 126.96 -18.91
CA ASN J 8 -0.53 126.04 -17.95
C ASN J 8 -2.05 126.11 -18.07
N GLY J 9 -2.67 125.03 -18.53
CA GLY J 9 -4.11 124.99 -18.72
C GLY J 9 -4.79 124.22 -17.61
N SER J 10 -6.09 124.00 -17.81
CA SER J 10 -6.88 123.23 -16.85
C SER J 10 -6.92 121.75 -17.19
N GLY J 11 -6.67 121.39 -18.45
CA GLY J 11 -6.66 119.99 -18.83
C GLY J 11 -5.52 119.61 -19.74
N LEU J 12 -4.69 120.59 -20.12
CA LEU J 12 -3.57 120.34 -21.01
C LEU J 12 -2.47 121.35 -20.76
N VAL J 13 -1.23 120.96 -21.06
CA VAL J 13 -0.06 121.81 -20.93
C VAL J 13 0.57 121.94 -22.30
N LYS J 14 0.74 123.18 -22.76
CA LYS J 14 1.35 123.50 -24.04
C LYS J 14 2.54 124.43 -23.78
N ALA J 15 3.73 123.97 -24.11
CA ALA J 15 4.95 124.71 -23.83
C ALA J 15 5.79 124.82 -25.10
N GLY J 16 6.29 126.02 -25.35
CA GLY J 16 7.07 126.24 -26.55
C GLY J 16 7.89 127.50 -26.47
N PHE J 17 8.53 127.84 -27.58
CA PHE J 17 9.39 129.00 -27.68
C PHE J 17 8.69 130.10 -28.46
N ALA J 18 9.19 131.32 -28.30
CA ALA J 18 8.64 132.45 -29.04
C ALA J 18 9.03 132.33 -30.52
N GLY J 19 8.30 133.08 -31.35
CA GLY J 19 8.58 133.07 -32.78
C GLY J 19 8.36 131.72 -33.42
N ASP J 20 7.34 130.99 -33.00
CA ASP J 20 6.97 129.70 -33.59
C ASP J 20 5.48 129.72 -33.91
N ASP J 21 5.05 128.69 -34.64
CA ASP J 21 3.66 128.56 -35.07
C ASP J 21 2.92 127.47 -34.32
N ALA J 22 3.57 126.79 -33.38
CA ALA J 22 2.93 125.74 -32.60
C ALA J 22 3.74 125.51 -31.34
N PRO J 23 3.13 124.98 -30.28
CA PRO J 23 3.91 124.66 -29.07
C PRO J 23 4.91 123.55 -29.35
N ARG J 24 6.09 123.68 -28.75
CA ARG J 24 7.13 122.67 -28.97
C ARG J 24 6.69 121.32 -28.40
N ALA J 25 6.07 121.32 -27.23
CA ALA J 25 5.55 120.11 -26.59
C ALA J 25 4.15 120.37 -26.06
N VAL J 26 3.32 119.33 -26.11
CA VAL J 26 1.97 119.38 -25.58
C VAL J 26 1.68 118.04 -24.90
N PHE J 27 1.18 118.09 -23.67
CA PHE J 27 0.94 116.87 -22.91
C PHE J 27 -0.07 117.14 -21.81
N PRO J 28 -0.82 116.13 -21.38
CA PRO J 28 -1.83 116.35 -20.33
C PRO J 28 -1.20 116.73 -18.99
N SER J 29 -1.97 117.48 -18.20
CA SER J 29 -1.54 117.93 -16.88
C SER J 29 -2.16 117.02 -15.83
N ILE J 30 -1.59 115.82 -15.68
CA ILE J 30 -2.05 114.85 -14.70
C ILE J 30 -0.84 114.29 -13.95
N VAL J 31 -1.12 113.72 -12.77
CA VAL J 31 -0.11 113.03 -11.98
C VAL J 31 -0.70 111.70 -11.54
N GLY J 32 -0.02 110.61 -11.89
CA GLY J 32 -0.50 109.27 -11.56
C GLY J 32 0.36 108.66 -10.46
N ARG J 33 -0.32 108.08 -9.47
CA ARG J 33 0.36 107.42 -8.38
C ARG J 33 0.04 105.93 -8.40
N PRO J 34 1.02 105.07 -8.12
CA PRO J 34 0.75 103.63 -8.16
C PRO J 34 -0.22 103.22 -7.08
N ARG J 35 -0.95 102.14 -7.37
CA ARG J 35 -2.02 101.66 -6.50
C ARG J 35 -1.76 100.32 -5.87
N HIS J 36 -0.97 99.45 -6.50
CA HIS J 36 -0.82 98.07 -6.08
C HIS J 36 0.54 97.87 -5.42
N GLN J 37 0.84 96.60 -5.08
CA GLN J 37 2.00 96.30 -4.25
C GLN J 37 3.30 96.50 -5.00
N GLY J 38 3.53 95.71 -6.04
CA GLY J 38 4.84 95.67 -6.69
C GLY J 38 5.64 94.50 -6.20
N VAL J 39 5.83 93.48 -7.04
CA VAL J 39 6.34 92.20 -6.57
C VAL J 39 7.71 91.89 -7.16
N MET J 40 8.01 92.42 -8.34
CA MET J 40 9.27 92.11 -9.00
C MET J 40 10.40 92.94 -8.40
N VAL J 41 11.61 92.40 -8.50
CA VAL J 41 12.81 93.00 -7.90
C VAL J 41 13.72 93.51 -9.01
N GLY J 42 14.30 94.69 -8.78
CA GLY J 42 15.14 95.35 -9.75
C GLY J 42 14.45 96.46 -10.51
N MET J 43 13.13 96.50 -10.52
CA MET J 43 12.35 97.43 -11.39
C MET J 43 12.72 98.89 -11.16
N GLY J 44 13.16 99.29 -9.96
CA GLY J 44 13.42 100.70 -9.64
C GLY J 44 12.12 101.38 -9.25
N GLN J 45 11.94 101.72 -7.97
CA GLN J 45 10.65 102.26 -7.45
C GLN J 45 10.42 103.72 -7.84
N LYS J 46 9.40 104.01 -8.66
CA LYS J 46 8.98 105.40 -8.99
C LYS J 46 7.78 105.69 -8.08
N ASP J 47 7.70 106.88 -7.47
CA ASP J 47 6.65 107.17 -6.48
C ASP J 47 5.47 107.78 -7.21
N SER J 48 5.72 108.56 -8.26
CA SER J 48 4.61 109.08 -9.05
C SER J 48 5.08 109.36 -10.47
N TYR J 49 4.31 108.89 -11.44
CA TYR J 49 4.55 109.23 -12.84
C TYR J 49 3.81 110.52 -13.18
N VAL J 50 4.38 111.28 -14.12
CA VAL J 50 3.86 112.59 -14.47
C VAL J 50 3.91 112.75 -15.99
N GLY J 51 2.84 113.32 -16.55
CA GLY J 51 2.83 113.68 -17.95
C GLY J 51 2.18 112.59 -18.80
N ASP J 52 2.84 112.24 -19.91
CA ASP J 52 2.29 111.30 -20.87
C ASP J 52 2.54 109.84 -20.48
N GLU J 53 3.63 109.56 -19.76
CA GLU J 53 3.88 108.19 -19.34
C GLU J 53 2.78 107.71 -18.40
N ALA J 54 2.26 108.60 -17.55
CA ALA J 54 1.13 108.23 -16.70
C ALA J 54 -0.08 107.86 -17.55
N GLN J 55 -0.36 108.64 -18.60
CA GLN J 55 -1.44 108.31 -19.51
C GLN J 55 -1.19 106.97 -20.21
N SER J 56 0.07 106.61 -20.41
CA SER J 56 0.39 105.35 -21.06
C SER J 56 0.08 104.17 -20.15
N LYS J 57 0.33 104.30 -18.85
CA LYS J 57 0.19 103.22 -17.88
C LYS J 57 -0.98 103.46 -16.94
N ARG J 58 -2.11 103.95 -17.49
CA ARG J 58 -3.27 104.29 -16.68
C ARG J 58 -3.91 103.07 -16.03
N GLY J 59 -3.53 101.86 -16.43
CA GLY J 59 -4.17 100.67 -15.88
C GLY J 59 -4.02 100.57 -14.37
N ILE J 60 -2.84 100.86 -13.84
CA ILE J 60 -2.53 100.60 -12.44
C ILE J 60 -2.14 101.87 -11.71
N LEU J 61 -2.71 103.01 -12.11
CA LEU J 61 -2.43 104.29 -11.47
C LEU J 61 -3.72 104.98 -11.09
N THR J 62 -3.62 105.87 -10.11
CA THR J 62 -4.74 106.69 -9.65
C THR J 62 -4.48 108.12 -10.12
N LEU J 63 -4.95 108.45 -11.33
CA LEU J 63 -4.65 109.74 -11.93
C LEU J 63 -5.35 110.85 -11.18
N LYS J 64 -4.63 111.95 -10.94
CA LYS J 64 -5.16 113.12 -10.28
C LYS J 64 -4.82 114.37 -11.09
N TYR J 65 -5.70 115.36 -11.02
CA TYR J 65 -5.53 116.61 -11.75
C TYR J 65 -5.12 117.71 -10.79
N PRO J 66 -3.93 118.30 -10.92
CA PRO J 66 -3.53 119.36 -9.98
C PRO J 66 -4.38 120.61 -10.11
N ILE J 67 -4.92 120.90 -11.29
CA ILE J 67 -5.73 122.09 -11.50
C ILE J 67 -7.19 121.68 -11.62
N GLU J 68 -8.08 122.59 -11.24
CA GLU J 68 -9.52 122.38 -11.40
C GLU J 68 -10.20 123.74 -11.42
N HIS J 69 -11.06 123.95 -12.41
CA HIS J 69 -11.79 125.21 -12.55
C HIS J 69 -10.85 126.40 -12.58
N GLY J 70 -9.72 126.24 -13.26
CA GLY J 70 -8.72 127.31 -13.34
C GLY J 70 -7.87 127.46 -12.10
N ILE J 71 -8.49 127.46 -10.92
CA ILE J 71 -7.73 127.53 -9.67
C ILE J 71 -6.82 126.32 -9.57
N ILE J 72 -5.71 126.50 -8.84
CA ILE J 72 -4.76 125.43 -8.58
C ILE J 72 -5.01 124.91 -7.17
N THR J 73 -5.26 123.61 -7.05
CA THR J 73 -5.57 123.00 -5.76
C THR J 73 -4.34 122.40 -5.10
N ASN J 74 -3.61 121.56 -5.81
CA ASN J 74 -2.42 120.89 -5.30
C ASN J 74 -1.19 121.57 -5.89
N TRP J 75 -0.25 121.96 -5.02
CA TRP J 75 0.91 122.73 -5.43
C TRP J 75 2.15 121.87 -5.68
N ASP J 76 2.35 120.82 -4.89
CA ASP J 76 3.48 119.92 -5.15
C ASP J 76 3.36 119.29 -6.53
N ASP J 77 2.16 118.83 -6.89
CA ASP J 77 1.95 118.24 -8.21
C ASP J 77 2.20 119.28 -9.30
N MET J 78 1.73 120.51 -9.10
CA MET J 78 1.96 121.54 -10.12
C MET J 78 3.44 121.83 -10.29
N GLU J 79 4.18 121.89 -9.18
CA GLU J 79 5.63 122.09 -9.29
C GLU J 79 6.29 120.93 -10.02
N LYS J 80 5.83 119.70 -9.75
CA LYS J 80 6.34 118.55 -10.50
C LYS J 80 6.07 118.68 -11.98
N ILE J 81 4.85 119.12 -12.34
CA ILE J 81 4.50 119.31 -13.74
C ILE J 81 5.42 120.35 -14.38
N TRP J 82 5.66 121.46 -13.69
CA TRP J 82 6.50 122.51 -14.25
C TRP J 82 7.94 122.02 -14.42
N HIS J 83 8.45 121.28 -13.44
CA HIS J 83 9.81 120.74 -13.56
C HIS J 83 9.90 119.79 -14.75
N HIS J 84 8.90 118.91 -14.91
CA HIS J 84 8.91 117.99 -16.04
C HIS J 84 8.86 118.76 -17.36
N THR J 85 8.04 119.81 -17.43
CA THR J 85 7.93 120.57 -18.66
C THR J 85 9.25 121.26 -19.00
N PHE J 86 9.93 121.83 -18.00
CA PHE J 86 11.14 122.59 -18.29
C PHE J 86 12.32 121.68 -18.61
N TYR J 87 12.49 120.60 -17.86
CA TYR J 87 13.70 119.77 -18.01
C TYR J 87 13.48 118.60 -18.98
N ASN J 88 12.54 117.71 -18.67
CA ASN J 88 12.42 116.49 -19.44
C ASN J 88 11.81 116.74 -20.81
N GLU J 89 10.79 117.60 -20.89
CA GLU J 89 10.05 117.79 -22.13
C GLU J 89 10.72 118.80 -23.06
N LEU J 90 10.92 120.03 -22.58
CA LEU J 90 11.54 121.06 -23.43
C LEU J 90 13.05 120.85 -23.53
N ARG J 91 13.69 120.39 -22.46
CA ARG J 91 15.13 120.15 -22.45
C ARG J 91 15.90 121.46 -22.62
N VAL J 92 15.54 122.46 -21.80
CA VAL J 92 16.23 123.73 -21.75
C VAL J 92 16.24 124.21 -20.31
N ALA J 93 17.41 124.64 -19.84
CA ALA J 93 17.50 125.15 -18.48
C ALA J 93 16.66 126.42 -18.34
N PRO J 94 15.95 126.60 -17.23
CA PRO J 94 15.07 127.77 -17.11
C PRO J 94 15.79 129.05 -16.71
N GLU J 95 17.05 128.97 -16.29
CA GLU J 95 17.74 130.16 -15.79
C GLU J 95 17.96 131.19 -16.90
N GLU J 96 18.30 130.74 -18.10
CA GLU J 96 18.70 131.68 -19.14
C GLU J 96 17.52 132.52 -19.63
N HIS J 97 16.35 131.89 -19.86
CA HIS J 97 15.28 132.59 -20.56
C HIS J 97 14.20 133.07 -19.61
N PRO J 98 13.50 134.15 -19.95
CA PRO J 98 12.33 134.56 -19.17
C PRO J 98 11.14 133.63 -19.42
N THR J 99 9.98 133.97 -18.89
CA THR J 99 8.81 133.11 -19.04
C THR J 99 7.55 133.95 -19.10
N LEU J 100 6.58 133.46 -19.86
CA LEU J 100 5.28 134.11 -19.98
C LEU J 100 4.18 133.08 -19.71
N LEU J 101 3.32 133.39 -18.76
CA LEU J 101 2.25 132.50 -18.33
C LEU J 101 0.90 133.17 -18.57
N THR J 102 -0.15 132.36 -18.50
CA THR J 102 -1.51 132.83 -18.74
C THR J 102 -2.40 132.38 -17.59
N GLU J 103 -3.26 133.28 -17.13
CA GLU J 103 -4.18 132.99 -16.04
C GLU J 103 -5.55 133.56 -16.38
N ALA J 104 -6.59 132.76 -16.12
CA ALA J 104 -7.94 133.15 -16.47
C ALA J 104 -8.40 134.34 -15.61
N PRO J 105 -9.30 135.17 -16.13
CA PRO J 105 -9.73 136.35 -15.38
C PRO J 105 -10.58 136.01 -14.18
N LEU J 106 -10.63 136.95 -13.24
CA LEU J 106 -11.44 136.86 -12.03
C LEU J 106 -11.00 135.73 -11.10
N ASN J 107 -9.76 135.27 -11.24
CA ASN J 107 -9.23 134.24 -10.35
C ASN J 107 -8.76 134.86 -9.04
N PRO J 108 -8.62 134.04 -7.99
CA PRO J 108 -8.16 134.58 -6.71
C PRO J 108 -6.77 135.18 -6.79
N LYS J 109 -6.55 136.22 -5.98
CA LYS J 109 -5.28 136.93 -5.99
C LYS J 109 -4.13 136.01 -5.58
N ALA J 110 -4.31 135.26 -4.49
CA ALA J 110 -3.24 134.45 -3.92
C ALA J 110 -2.55 133.57 -4.96
N ASN J 111 -3.33 133.02 -5.90
CA ASN J 111 -2.77 132.20 -6.95
C ASN J 111 -1.60 132.89 -7.65
N ARG J 112 -1.81 134.15 -8.07
CA ARG J 112 -0.78 134.89 -8.77
C ARG J 112 0.49 135.00 -7.93
N GLU J 113 0.35 135.43 -6.68
CA GLU J 113 1.51 135.57 -5.80
C GLU J 113 2.26 134.25 -5.65
N LYS J 114 1.53 133.17 -5.34
CA LYS J 114 2.18 131.89 -5.13
C LYS J 114 2.90 131.41 -6.38
N MET J 115 2.25 131.58 -7.54
CA MET J 115 2.88 131.21 -8.81
C MET J 115 4.16 132.01 -9.03
N THR J 116 4.11 133.32 -8.76
CA THR J 116 5.31 134.15 -8.87
C THR J 116 6.42 133.62 -7.97
N GLN J 117 6.10 133.34 -6.70
CA GLN J 117 7.11 132.87 -5.77
C GLN J 117 7.71 131.55 -6.25
N ILE J 118 6.86 130.63 -6.70
CA ILE J 118 7.34 129.33 -7.18
C ILE J 118 8.18 129.48 -8.44
N MET J 119 7.97 130.54 -9.22
CA MET J 119 8.76 130.76 -10.43
C MET J 119 9.97 131.65 -10.21
N PHE J 120 10.15 132.21 -9.02
CA PHE J 120 11.35 133.00 -8.70
C PHE J 120 12.27 132.31 -7.70
N GLU J 121 11.76 131.90 -6.54
CA GLU J 121 12.63 131.33 -5.52
C GLU J 121 13.16 129.97 -5.93
N THR J 122 12.32 129.12 -6.52
CA THR J 122 12.70 127.74 -6.79
C THR J 122 13.37 127.56 -8.14
N PHE J 123 12.78 128.13 -9.20
CA PHE J 123 13.28 127.90 -10.55
C PHE J 123 14.27 128.98 -10.99
N ASN J 124 14.16 130.19 -10.44
CA ASN J 124 15.18 131.23 -10.63
C ASN J 124 15.22 131.75 -12.07
N VAL J 125 14.06 131.98 -12.66
CA VAL J 125 13.98 132.59 -13.98
C VAL J 125 14.38 134.05 -13.85
N PRO J 126 15.00 134.65 -14.88
CA PRO J 126 15.42 136.06 -14.75
C PRO J 126 14.28 137.05 -14.83
N ALA J 127 13.13 136.66 -15.37
CA ALA J 127 11.99 137.57 -15.51
C ALA J 127 10.78 136.77 -15.95
N MET J 128 9.62 137.14 -15.42
CA MET J 128 8.37 136.46 -15.75
C MET J 128 7.28 137.50 -15.98
N TYR J 129 6.32 137.15 -16.82
CA TYR J 129 5.12 137.95 -17.00
C TYR J 129 3.91 137.01 -17.05
N VAL J 130 2.75 137.55 -16.68
CA VAL J 130 1.49 136.79 -16.70
C VAL J 130 0.45 137.63 -17.42
N ALA J 131 -0.39 136.98 -18.23
CA ALA J 131 -1.38 137.65 -19.04
C ALA J 131 -2.72 136.95 -18.93
N ILE J 132 -3.78 137.70 -19.23
CA ILE J 132 -5.14 137.16 -19.25
C ILE J 132 -5.31 136.32 -20.50
N GLN J 133 -5.95 135.15 -20.34
CA GLN J 133 -6.07 134.20 -21.45
C GLN J 133 -6.84 134.82 -22.62
N ALA J 134 -7.95 135.50 -22.33
CA ALA J 134 -8.80 136.01 -23.41
C ALA J 134 -8.06 137.04 -24.27
N VAL J 135 -7.29 137.92 -23.64
CA VAL J 135 -6.67 139.02 -24.37
C VAL J 135 -5.73 138.48 -25.44
N LEU J 136 -4.93 137.46 -25.11
CA LEU J 136 -3.99 136.92 -26.06
C LEU J 136 -4.67 136.40 -27.33
N SER J 137 -5.95 136.05 -27.24
CA SER J 137 -6.64 135.52 -28.42
C SER J 137 -6.74 136.55 -29.53
N LEU J 138 -6.88 137.83 -29.18
CA LEU J 138 -7.10 138.84 -30.21
C LEU J 138 -5.85 139.09 -31.04
N TYR J 139 -4.67 138.89 -30.46
CA TYR J 139 -3.45 138.97 -31.27
C TYR J 139 -3.44 137.87 -32.33
N ALA J 140 -3.82 136.66 -31.95
CA ALA J 140 -3.88 135.57 -32.92
C ALA J 140 -4.94 135.84 -33.97
N SER J 141 -6.11 136.35 -33.56
CA SER J 141 -7.17 136.62 -34.52
C SER J 141 -6.76 137.67 -35.53
N GLY J 142 -6.07 138.72 -35.09
CA GLY J 142 -5.58 139.76 -35.96
C GLY J 142 -6.36 141.06 -35.93
N ARG J 143 -7.25 141.25 -34.97
CA ARG J 143 -8.06 142.46 -34.85
C ARG J 143 -7.79 143.11 -33.50
N THR J 144 -8.43 144.27 -33.28
CA THR J 144 -8.35 145.00 -32.03
C THR J 144 -9.70 145.21 -31.36
N THR J 145 -10.79 145.15 -32.12
CA THR J 145 -12.15 145.33 -31.59
C THR J 145 -12.87 143.99 -31.69
N GLY J 146 -13.42 143.52 -30.57
CA GLY J 146 -14.09 142.23 -30.59
C GLY J 146 -14.60 141.84 -29.22
N ILE J 147 -15.20 140.66 -29.17
CA ILE J 147 -15.65 140.04 -27.93
C ILE J 147 -15.26 138.57 -27.98
N VAL J 148 -14.14 138.23 -27.33
CA VAL J 148 -13.64 136.87 -27.40
C VAL J 148 -14.57 135.94 -26.62
N LEU J 149 -14.50 134.65 -26.94
CA LEU J 149 -15.36 133.63 -26.36
C LEU J 149 -14.53 132.42 -25.94
N ASP J 150 -13.38 132.68 -25.32
CA ASP J 150 -12.51 131.59 -24.91
C ASP J 150 -13.26 130.62 -24.01
N SER J 151 -13.21 129.33 -24.38
CA SER J 151 -13.86 128.26 -23.62
C SER J 151 -12.89 127.09 -23.53
N GLY J 152 -12.05 127.10 -22.49
CA GLY J 152 -11.16 125.99 -22.23
C GLY J 152 -11.83 124.95 -21.36
N ASP J 153 -11.06 123.91 -21.04
CA ASP J 153 -11.50 122.97 -20.03
C ASP J 153 -11.57 123.67 -18.68
N GLY J 154 -12.48 123.22 -17.83
CA GLY J 154 -12.64 123.82 -16.52
C GLY J 154 -13.62 124.97 -16.47
N VAL J 155 -13.39 126.05 -17.22
CA VAL J 155 -14.21 127.26 -17.15
C VAL J 155 -14.28 127.91 -18.53
N THR J 156 -15.21 128.86 -18.66
CA THR J 156 -15.41 129.65 -19.87
C THR J 156 -15.67 131.09 -19.50
N HIS J 157 -15.05 132.03 -20.22
CA HIS J 157 -15.15 133.44 -19.87
C HIS J 157 -15.26 134.29 -21.12
N ASN J 158 -15.82 135.48 -20.93
CA ASN J 158 -16.05 136.45 -22.00
C ASN J 158 -15.42 137.77 -21.62
N VAL J 159 -14.63 138.34 -22.53
CA VAL J 159 -13.92 139.59 -22.29
C VAL J 159 -14.08 140.49 -23.51
N PRO J 160 -14.96 141.49 -23.49
CA PRO J 160 -15.11 142.37 -24.65
C PRO J 160 -14.10 143.51 -24.65
N ILE J 161 -13.50 143.76 -25.81
CA ILE J 161 -12.50 144.81 -25.98
C ILE J 161 -12.90 145.67 -27.17
N TYR J 162 -12.55 146.95 -27.10
CA TYR J 162 -12.87 147.91 -28.15
C TYR J 162 -11.72 148.89 -28.27
N GLU J 163 -11.08 148.91 -29.45
CA GLU J 163 -9.95 149.80 -29.71
C GLU J 163 -8.85 149.63 -28.66
N GLY J 164 -8.69 148.39 -28.18
CA GLY J 164 -7.67 148.12 -27.18
C GLY J 164 -7.93 148.79 -25.85
N TYR J 165 -9.20 148.87 -25.44
CA TYR J 165 -9.59 149.40 -24.13
C TYR J 165 -10.53 148.38 -23.51
N ALA J 166 -9.97 147.39 -22.83
CA ALA J 166 -10.77 146.31 -22.28
C ALA J 166 -11.75 146.84 -21.25
N LEU J 167 -13.03 146.53 -21.45
CA LEU J 167 -14.05 146.90 -20.48
C LEU J 167 -14.05 145.89 -19.34
N PRO J 168 -13.77 146.28 -18.09
CA PRO J 168 -13.65 145.29 -17.02
C PRO J 168 -14.99 144.91 -16.40
N HIS J 169 -15.98 145.79 -16.48
CA HIS J 169 -17.28 145.51 -15.89
C HIS J 169 -18.12 144.56 -16.72
N ALA J 170 -17.82 144.41 -18.01
CA ALA J 170 -18.57 143.52 -18.88
C ALA J 170 -18.03 142.10 -18.90
N ILE J 171 -16.86 141.85 -18.28
CA ILE J 171 -16.30 140.51 -18.28
C ILE J 171 -17.26 139.55 -17.59
N MET J 172 -17.37 138.34 -18.13
CA MET J 172 -18.25 137.31 -17.58
C MET J 172 -17.46 136.02 -17.41
N ARG J 173 -17.81 135.26 -16.37
CA ARG J 173 -17.12 134.02 -16.04
C ARG J 173 -18.15 132.96 -15.70
N LEU J 174 -17.86 131.71 -16.06
CA LEU J 174 -18.82 130.63 -15.84
C LEU J 174 -18.04 129.32 -15.76
N ASP J 175 -18.55 128.40 -14.94
CA ASP J 175 -17.85 127.15 -14.61
C ASP J 175 -18.38 125.95 -15.39
N LEU J 176 -18.77 126.15 -16.64
CA LEU J 176 -19.21 125.06 -17.51
C LEU J 176 -18.15 124.83 -18.58
N ALA J 177 -17.63 123.62 -18.65
CA ALA J 177 -16.54 123.31 -19.57
C ALA J 177 -16.51 121.81 -19.84
N GLY J 178 -15.42 121.34 -20.43
CA GLY J 178 -15.37 119.97 -20.93
C GLY J 178 -15.51 118.90 -19.87
N ARG J 179 -15.01 119.16 -18.66
CA ARG J 179 -15.06 118.14 -17.63
C ARG J 179 -16.51 117.80 -17.26
N ASP J 180 -17.35 118.81 -17.15
CA ASP J 180 -18.77 118.56 -16.91
C ASP J 180 -19.39 117.77 -18.06
N LEU J 181 -18.98 118.05 -19.29
CA LEU J 181 -19.49 117.29 -20.43
C LEU J 181 -19.08 115.83 -20.35
N THR J 182 -17.84 115.55 -19.95
CA THR J 182 -17.41 114.16 -19.79
C THR J 182 -18.23 113.47 -18.70
N ASP J 183 -18.45 114.15 -17.59
CA ASP J 183 -19.24 113.55 -16.52
C ASP J 183 -20.66 113.26 -16.98
N TYR J 184 -21.27 114.21 -17.69
CA TYR J 184 -22.61 113.98 -18.23
C TYR J 184 -22.62 112.84 -19.22
N LEU J 185 -21.56 112.73 -20.03
CA LEU J 185 -21.50 111.64 -20.99
C LEU J 185 -21.48 110.30 -20.29
N MET J 186 -20.70 110.16 -19.22
CA MET J 186 -20.75 108.90 -18.46
C MET J 186 -22.16 108.68 -17.91
N LYS J 187 -22.76 109.72 -17.33
CA LYS J 187 -24.05 109.55 -16.67
C LYS J 187 -25.13 109.10 -17.65
N ILE J 188 -25.10 109.62 -18.88
CA ILE J 188 -26.12 109.26 -19.85
C ILE J 188 -25.77 107.98 -20.61
N LEU J 189 -24.48 107.67 -20.75
CA LEU J 189 -24.08 106.38 -21.29
C LEU J 189 -24.47 105.24 -20.36
N THR J 190 -24.66 105.54 -19.07
CA THR J 190 -25.12 104.52 -18.14
C THR J 190 -26.42 103.87 -18.61
N GLU J 191 -27.27 104.62 -19.33
CA GLU J 191 -28.59 104.11 -19.68
C GLU J 191 -28.52 102.86 -20.55
N ARG J 192 -27.65 102.87 -21.57
CA ARG J 192 -27.62 101.75 -22.49
C ARG J 192 -26.96 100.50 -21.91
N GLY J 193 -26.34 100.61 -20.73
CA GLY J 193 -25.76 99.45 -20.08
C GLY J 193 -24.28 99.63 -19.78
N TYR J 194 -23.62 100.50 -20.54
CA TYR J 194 -22.19 100.73 -20.36
C TYR J 194 -21.95 101.54 -19.10
N SER J 195 -21.21 100.96 -18.16
CA SER J 195 -20.95 101.58 -16.86
C SER J 195 -19.46 101.88 -16.76
N PHE J 196 -19.12 103.17 -16.70
CA PHE J 196 -17.75 103.64 -16.56
C PHE J 196 -17.62 104.38 -15.23
N VAL J 197 -16.70 103.93 -14.38
CA VAL J 197 -16.59 104.47 -13.03
C VAL J 197 -15.18 104.99 -12.76
N THR J 198 -14.17 104.16 -12.95
CA THR J 198 -12.81 104.53 -12.58
C THR J 198 -12.31 105.71 -13.41
N THR J 199 -11.20 106.29 -12.95
CA THR J 199 -10.65 107.46 -13.63
C THR J 199 -10.15 107.15 -15.03
N ALA J 200 -9.49 106.01 -15.21
CA ALA J 200 -9.07 105.62 -16.55
C ALA J 200 -10.28 105.39 -17.45
N GLU J 201 -11.36 104.86 -16.89
CA GLU J 201 -12.60 104.74 -17.66
C GLU J 201 -13.12 106.12 -18.05
N ARG J 202 -12.96 107.10 -17.18
CA ARG J 202 -13.29 108.48 -17.54
C ARG J 202 -12.40 108.97 -18.68
N GLU J 203 -11.12 108.58 -18.66
CA GLU J 203 -10.23 108.98 -19.73
C GLU J 203 -10.69 108.38 -21.07
N ILE J 204 -11.15 107.14 -21.04
CA ILE J 204 -11.71 106.51 -22.25
C ILE J 204 -12.95 107.26 -22.69
N VAL J 205 -13.82 107.63 -21.74
CA VAL J 205 -15.04 108.36 -22.08
C VAL J 205 -14.69 109.71 -22.70
N ARG J 206 -13.61 110.33 -22.25
CA ARG J 206 -13.18 111.59 -22.84
C ARG J 206 -12.80 111.41 -24.30
N ASP J 207 -12.10 110.32 -24.63
CA ASP J 207 -11.79 110.04 -26.03
C ASP J 207 -13.08 109.80 -26.83
N ILE J 208 -14.02 109.05 -26.24
CA ILE J 208 -15.30 108.84 -26.89
C ILE J 208 -15.97 110.19 -27.19
N LYS J 209 -15.96 111.10 -26.23
CA LYS J 209 -16.49 112.43 -26.45
C LYS J 209 -15.80 113.12 -27.60
N GLU J 210 -14.47 113.12 -27.59
CA GLU J 210 -13.72 113.84 -28.61
C GLU J 210 -14.08 113.34 -30.00
N LYS J 211 -14.10 112.02 -30.19
CA LYS J 211 -14.26 111.51 -31.54
C LYS J 211 -15.68 111.65 -32.05
N LEU J 212 -16.67 111.16 -31.29
CA LEU J 212 -18.05 111.05 -31.76
C LEU J 212 -18.94 112.03 -31.00
N CYS J 213 -19.00 113.27 -31.47
CA CYS J 213 -19.95 114.26 -30.96
C CYS J 213 -20.16 115.34 -32.01
N TYR J 214 -21.33 115.98 -31.94
CA TYR J 214 -21.64 117.12 -32.79
C TYR J 214 -22.78 117.89 -32.14
N VAL J 215 -22.97 119.12 -32.60
CA VAL J 215 -24.02 120.00 -32.10
C VAL J 215 -25.10 120.13 -33.16
N ALA J 216 -26.33 119.77 -32.79
CA ALA J 216 -27.45 119.86 -33.72
C ALA J 216 -27.87 121.32 -33.92
N LEU J 217 -28.28 121.65 -35.14
CA LEU J 217 -28.79 123.00 -35.40
C LEU J 217 -30.05 123.27 -34.59
N ASP J 218 -30.96 122.30 -34.54
CA ASP J 218 -32.14 122.37 -33.69
C ASP J 218 -32.25 121.06 -32.91
N PHE J 219 -32.79 121.14 -31.70
CA PHE J 219 -32.69 120.04 -30.76
C PHE J 219 -33.89 119.11 -30.83
N GLU J 220 -35.11 119.67 -30.71
CA GLU J 220 -36.30 118.82 -30.72
C GLU J 220 -36.43 118.06 -32.03
N ASN J 221 -36.20 118.74 -33.16
CA ASN J 221 -36.28 118.07 -34.46
C ASN J 221 -35.24 116.96 -34.56
N GLU J 222 -34.03 117.21 -34.08
CA GLU J 222 -33.00 116.18 -34.12
C GLU J 222 -33.38 114.99 -33.25
N MET J 223 -33.95 115.24 -32.08
CA MET J 223 -34.39 114.14 -31.22
C MET J 223 -35.47 113.32 -31.92
N ALA J 224 -36.44 114.00 -32.55
CA ALA J 224 -37.49 113.29 -33.27
C ALA J 224 -36.91 112.45 -34.40
N THR J 225 -35.97 113.01 -35.16
CA THR J 225 -35.36 112.27 -36.26
C THR J 225 -34.59 111.06 -35.75
N ALA J 226 -33.87 111.22 -34.63
CA ALA J 226 -33.11 110.11 -34.09
C ALA J 226 -34.02 109.02 -33.54
N ALA J 227 -35.16 109.40 -32.96
CA ALA J 227 -36.06 108.40 -32.41
C ALA J 227 -36.80 107.66 -33.52
N SER J 228 -37.27 108.37 -34.55
CA SER J 228 -38.03 107.74 -35.61
C SER J 228 -37.18 106.75 -36.40
N SER J 229 -36.02 107.19 -36.86
CA SER J 229 -35.13 106.38 -37.67
C SER J 229 -33.98 105.86 -36.82
N SER J 230 -33.03 105.18 -37.46
CA SER J 230 -31.83 104.65 -36.81
C SER J 230 -30.60 104.98 -37.63
N SER J 231 -30.52 106.22 -38.11
CA SER J 231 -29.38 106.68 -38.89
C SER J 231 -28.33 107.40 -38.06
N LEU J 232 -28.71 107.94 -36.90
CA LEU J 232 -27.78 108.65 -36.03
C LEU J 232 -27.15 107.71 -35.01
N GLU J 233 -26.56 106.62 -35.50
CA GLU J 233 -25.88 105.65 -34.66
C GLU J 233 -24.44 105.47 -35.13
N LYS J 234 -23.53 105.40 -34.17
CA LYS J 234 -22.11 105.21 -34.46
C LYS J 234 -21.56 104.09 -33.60
N SER J 235 -20.53 103.42 -34.12
CA SER J 235 -19.89 102.31 -33.44
C SER J 235 -18.44 102.67 -33.12
N TYR J 236 -18.06 102.50 -31.85
CA TYR J 236 -16.71 102.79 -31.39
C TYR J 236 -16.15 101.56 -30.69
N GLU J 237 -14.82 101.45 -30.67
CA GLU J 237 -14.15 100.26 -30.15
C GLU J 237 -13.33 100.62 -28.92
N LEU J 238 -13.56 99.88 -27.84
CA LEU J 238 -12.79 100.04 -26.61
C LEU J 238 -11.42 99.41 -26.75
N PRO J 239 -10.51 99.69 -25.80
CA PRO J 239 -9.23 98.97 -25.80
C PRO J 239 -9.37 97.48 -25.56
N ASP J 240 -10.50 97.03 -25.02
CA ASP J 240 -10.73 95.63 -24.69
C ASP J 240 -11.38 94.87 -25.85
N GLY J 241 -11.30 95.40 -27.07
CA GLY J 241 -11.94 94.75 -28.19
C GLY J 241 -13.43 94.62 -28.06
N GLN J 242 -14.08 95.59 -27.44
CA GLN J 242 -15.54 95.64 -27.32
C GLN J 242 -16.07 96.83 -28.08
N VAL J 243 -17.31 96.72 -28.55
CA VAL J 243 -17.93 97.70 -29.43
C VAL J 243 -19.07 98.38 -28.69
N ILE J 244 -18.95 99.69 -28.50
CA ILE J 244 -20.04 100.54 -28.04
C ILE J 244 -20.81 101.06 -29.23
N THR J 245 -22.11 101.24 -29.07
CA THR J 245 -22.97 101.79 -30.11
C THR J 245 -23.72 102.98 -29.52
N ILE J 246 -23.33 104.19 -29.94
CA ILE J 246 -23.88 105.43 -29.41
C ILE J 246 -24.96 105.95 -30.36
N GLY J 247 -26.06 106.43 -29.78
CA GLY J 247 -27.16 106.98 -30.55
C GLY J 247 -27.39 108.45 -30.27
N ASN J 248 -28.47 108.74 -29.53
CA ASN J 248 -28.81 110.13 -29.25
C ASN J 248 -27.70 110.86 -28.51
N GLU J 249 -26.99 110.15 -27.62
CA GLU J 249 -25.98 110.80 -26.79
C GLU J 249 -24.94 111.54 -27.60
N ARG J 250 -24.89 111.35 -28.92
CA ARG J 250 -23.94 112.10 -29.74
C ARG J 250 -24.17 113.60 -29.64
N PHE J 251 -25.43 114.03 -29.51
CA PHE J 251 -25.74 115.46 -29.46
C PHE J 251 -26.48 115.86 -28.18
N ARG J 252 -26.49 114.99 -27.16
CA ARG J 252 -26.96 115.40 -25.84
C ARG J 252 -25.82 115.83 -24.93
N CYS J 253 -24.57 115.45 -25.24
CA CYS J 253 -23.45 115.91 -24.44
C CYS J 253 -23.18 117.40 -24.66
N PRO J 254 -22.85 117.85 -25.87
CA PRO J 254 -22.58 119.29 -26.05
C PRO J 254 -23.79 120.17 -25.82
N GLU J 255 -25.00 119.63 -25.94
CA GLU J 255 -26.20 120.45 -25.80
C GLU J 255 -26.27 121.12 -24.43
N THR J 256 -25.61 120.55 -23.42
CA THR J 256 -25.62 121.16 -22.10
C THR J 256 -25.03 122.56 -22.11
N LEU J 257 -24.18 122.87 -23.11
CA LEU J 257 -23.62 124.21 -23.20
C LEU J 257 -24.73 125.25 -23.39
N PHE J 258 -25.71 124.95 -24.22
CA PHE J 258 -26.80 125.87 -24.49
C PHE J 258 -27.97 125.72 -23.53
N GLN J 259 -27.99 124.64 -22.75
CA GLN J 259 -29.06 124.38 -21.78
C GLN J 259 -28.43 123.84 -20.50
N PRO J 260 -27.86 124.73 -19.68
CA PRO J 260 -27.16 124.28 -18.47
C PRO J 260 -28.07 123.65 -17.42
N SER J 261 -29.39 123.55 -17.66
CA SER J 261 -30.29 122.94 -16.69
C SER J 261 -30.21 121.41 -16.71
N PHE J 262 -29.48 120.82 -17.66
CA PHE J 262 -29.32 119.37 -17.66
C PHE J 262 -28.57 118.89 -16.44
N ILE J 263 -27.54 119.65 -16.02
CA ILE J 263 -26.68 119.25 -14.91
C ILE J 263 -27.21 119.77 -13.57
N GLY J 264 -28.35 120.46 -13.57
CA GLY J 264 -28.88 121.05 -12.37
C GLY J 264 -28.46 122.47 -12.11
N MET J 265 -27.57 123.02 -12.93
CA MET J 265 -27.18 124.41 -12.77
C MET J 265 -28.37 125.34 -13.05
N GLU J 266 -28.15 126.63 -12.85
CA GLU J 266 -29.20 127.63 -13.02
C GLU J 266 -28.84 128.72 -14.01
N SER J 267 -27.56 128.96 -14.29
CA SER J 267 -27.18 130.00 -15.22
C SER J 267 -27.74 129.71 -16.61
N ALA J 268 -27.72 130.72 -17.46
CA ALA J 268 -28.25 130.61 -18.81
C ALA J 268 -27.17 130.10 -19.76
N GLY J 269 -27.61 129.67 -20.95
CA GLY J 269 -26.68 129.17 -21.95
C GLY J 269 -25.62 130.18 -22.31
N ILE J 270 -24.64 129.77 -23.11
CA ILE J 270 -23.52 130.65 -23.42
C ILE J 270 -23.94 131.77 -24.36
N HIS J 271 -24.92 131.52 -25.22
CA HIS J 271 -25.40 132.59 -26.10
C HIS J 271 -25.99 133.73 -25.29
N GLU J 272 -26.71 133.40 -24.21
CA GLU J 272 -27.30 134.44 -23.38
C GLU J 272 -26.22 135.24 -22.66
N THR J 273 -25.16 134.56 -22.21
CA THR J 273 -24.06 135.28 -21.57
C THR J 273 -23.37 136.21 -22.56
N THR J 274 -23.18 135.75 -23.80
CA THR J 274 -22.58 136.61 -24.83
C THR J 274 -23.45 137.82 -25.09
N TYR J 275 -24.77 137.60 -25.23
CA TYR J 275 -25.67 138.72 -25.48
C TYR J 275 -25.67 139.70 -24.32
N ASN J 276 -25.66 139.19 -23.09
CA ASN J 276 -25.63 140.07 -21.91
C ASN J 276 -24.33 140.86 -21.86
N SER J 277 -23.20 140.21 -22.15
CA SER J 277 -21.93 140.92 -22.19
C SER J 277 -21.96 142.04 -23.23
N ILE J 278 -22.53 141.75 -24.39
CA ILE J 278 -22.61 142.77 -25.44
C ILE J 278 -23.50 143.92 -25.00
N MET J 279 -24.63 143.62 -24.33
CA MET J 279 -25.60 144.62 -23.96
C MET J 279 -25.26 145.30 -22.63
N LYS J 280 -24.16 144.91 -21.98
CA LYS J 280 -23.68 145.59 -20.80
C LYS J 280 -22.66 146.68 -21.10
N CYS J 281 -22.20 146.76 -22.35
CA CYS J 281 -21.28 147.81 -22.76
C CYS J 281 -22.06 149.08 -23.13
N ASP J 282 -21.35 150.06 -23.68
CA ASP J 282 -21.98 151.32 -24.05
C ASP J 282 -22.87 151.12 -25.28
N ILE J 283 -23.73 152.11 -25.53
CA ILE J 283 -24.68 152.02 -26.62
C ILE J 283 -23.98 152.11 -27.97
N ASP J 284 -22.95 152.95 -28.08
CA ASP J 284 -22.37 153.26 -29.38
C ASP J 284 -21.50 152.14 -29.94
N ILE J 285 -21.05 151.20 -29.10
CA ILE J 285 -20.08 150.21 -29.52
C ILE J 285 -20.69 148.83 -29.72
N ARG J 286 -21.99 148.67 -29.47
CA ARG J 286 -22.59 147.33 -29.56
C ARG J 286 -22.56 146.78 -30.97
N LYS J 287 -22.67 147.64 -31.98
CA LYS J 287 -22.66 147.16 -33.36
C LYS J 287 -21.33 146.52 -33.71
N ASP J 288 -20.22 147.16 -33.33
CA ASP J 288 -18.90 146.64 -33.67
C ASP J 288 -18.65 145.30 -33.00
N LEU J 289 -19.02 145.17 -31.73
CA LEU J 289 -18.89 143.89 -31.05
C LEU J 289 -19.78 142.84 -31.69
N TYR J 290 -20.99 143.22 -32.08
CA TYR J 290 -21.87 142.30 -32.80
C TYR J 290 -21.20 141.76 -34.05
N ALA J 291 -20.56 142.66 -34.82
CA ALA J 291 -19.99 142.25 -36.10
C ALA J 291 -18.88 141.23 -35.93
N ASN J 292 -18.02 141.40 -34.92
CA ASN J 292 -16.80 140.60 -34.77
C ASN J 292 -16.84 139.81 -33.46
N ASN J 293 -17.36 138.59 -33.52
CA ASN J 293 -17.23 137.65 -32.43
C ASN J 293 -16.04 136.72 -32.69
N VAL J 294 -15.49 136.17 -31.61
CA VAL J 294 -14.33 135.29 -31.69
C VAL J 294 -14.54 134.11 -30.75
N MET J 295 -14.12 132.93 -31.20
CA MET J 295 -14.13 131.73 -30.38
C MET J 295 -12.71 131.19 -30.24
N SER J 296 -12.43 130.59 -29.09
CA SER J 296 -11.14 129.97 -28.83
C SER J 296 -11.36 128.74 -27.96
N GLY J 297 -10.28 128.13 -27.50
CA GLY J 297 -10.36 126.98 -26.62
C GLY J 297 -10.72 125.69 -27.32
N GLY J 298 -10.36 124.56 -26.72
CA GLY J 298 -10.64 123.28 -27.32
C GLY J 298 -12.13 122.96 -27.37
N THR J 299 -12.86 123.38 -26.34
CA THR J 299 -14.27 122.99 -26.22
C THR J 299 -15.10 123.46 -27.40
N THR J 300 -14.64 124.45 -28.16
CA THR J 300 -15.40 125.01 -29.27
C THR J 300 -15.00 124.40 -30.61
N MET J 301 -14.63 123.12 -30.62
CA MET J 301 -14.33 122.39 -31.84
C MET J 301 -15.42 121.39 -32.23
N TYR J 302 -16.54 121.40 -31.53
CA TYR J 302 -17.64 120.53 -31.90
C TYR J 302 -18.15 120.91 -33.29
N PRO J 303 -18.28 119.97 -34.22
CA PRO J 303 -18.79 120.32 -35.56
C PRO J 303 -20.19 120.89 -35.48
N GLY J 304 -20.33 122.13 -35.94
CA GLY J 304 -21.61 122.80 -36.01
C GLY J 304 -21.90 123.78 -34.91
N ILE J 305 -20.93 124.07 -34.04
CA ILE J 305 -21.17 125.03 -32.96
C ILE J 305 -21.30 126.45 -33.51
N ALA J 306 -20.51 126.80 -34.54
CA ALA J 306 -20.54 128.15 -35.07
C ALA J 306 -21.91 128.48 -35.65
N ASP J 307 -22.50 127.55 -36.40
CA ASP J 307 -23.80 127.82 -37.03
C ASP J 307 -24.88 128.03 -35.97
N ARG J 308 -24.91 127.17 -34.94
CA ARG J 308 -25.92 127.32 -33.90
C ARG J 308 -25.70 128.60 -33.12
N MET J 309 -24.44 128.95 -32.85
CA MET J 309 -24.16 130.22 -32.16
C MET J 309 -24.68 131.40 -32.96
N GLN J 310 -24.39 131.42 -34.26
CA GLN J 310 -24.84 132.52 -35.10
C GLN J 310 -26.37 132.59 -35.12
N LYS J 311 -27.03 131.44 -35.28
CA LYS J 311 -28.49 131.43 -35.32
C LYS J 311 -29.07 131.95 -34.01
N GLU J 312 -28.55 131.48 -32.89
CA GLU J 312 -29.10 131.89 -31.60
C GLU J 312 -28.87 133.39 -31.35
N ILE J 313 -27.68 133.88 -31.66
CA ILE J 313 -27.41 135.31 -31.44
C ILE J 313 -28.28 136.15 -32.36
N THR J 314 -28.44 135.74 -33.62
CA THR J 314 -29.30 136.48 -34.53
C THR J 314 -30.73 136.51 -34.03
N ALA J 315 -31.23 135.38 -33.52
CA ALA J 315 -32.59 135.35 -32.99
C ALA J 315 -32.72 136.27 -31.78
N LEU J 316 -31.71 136.27 -30.90
CA LEU J 316 -31.78 137.09 -29.70
C LEU J 316 -31.60 138.57 -30.02
N ALA J 317 -30.65 138.90 -30.88
CA ALA J 317 -30.30 140.29 -31.13
C ALA J 317 -31.31 140.95 -32.07
N PRO J 318 -31.38 142.28 -32.05
CA PRO J 318 -32.29 142.98 -32.96
C PRO J 318 -31.85 142.85 -34.41
N SER J 319 -32.81 143.04 -35.31
CA SER J 319 -32.52 143.04 -36.73
C SER J 319 -31.75 144.30 -37.10
N THR J 320 -31.40 144.41 -38.39
CA THR J 320 -30.67 145.55 -38.93
C THR J 320 -29.21 145.51 -38.49
N MET J 321 -28.85 144.53 -37.66
CA MET J 321 -27.48 144.32 -37.20
C MET J 321 -26.96 143.02 -37.79
N LYS J 322 -25.75 143.05 -38.32
CA LYS J 322 -25.14 141.90 -38.97
C LYS J 322 -24.18 141.23 -37.99
N ILE J 323 -24.34 139.92 -37.83
CA ILE J 323 -23.56 139.14 -36.88
C ILE J 323 -22.72 138.13 -37.64
N LYS J 324 -21.43 138.07 -37.31
CA LYS J 324 -20.52 137.07 -37.83
C LYS J 324 -19.77 136.43 -36.68
N ILE J 325 -19.50 135.14 -36.78
CA ILE J 325 -18.76 134.41 -35.75
C ILE J 325 -17.41 134.01 -36.32
N ILE J 326 -16.39 134.83 -36.06
CA ILE J 326 -15.05 134.53 -36.55
C ILE J 326 -14.56 133.30 -35.82
N ALA J 327 -14.50 132.17 -36.53
CA ALA J 327 -14.15 130.87 -35.95
C ALA J 327 -13.08 130.22 -36.83
N PRO J 328 -11.86 130.75 -36.80
CA PRO J 328 -10.81 130.22 -37.68
C PRO J 328 -10.42 128.82 -37.28
N PRO J 329 -9.81 128.05 -38.18
CA PRO J 329 -9.35 126.71 -37.81
C PRO J 329 -8.23 126.79 -36.77
N GLU J 330 -7.71 125.64 -36.35
CA GLU J 330 -6.63 125.58 -35.36
C GLU J 330 -6.88 126.56 -34.21
N ARG J 331 -8.15 126.80 -33.87
CA ARG J 331 -8.46 127.64 -32.73
C ARG J 331 -7.94 127.06 -31.43
N LYS J 332 -7.69 125.75 -31.39
CA LYS J 332 -7.26 125.10 -30.16
C LYS J 332 -6.05 125.81 -29.55
N TYR J 333 -5.06 126.12 -30.38
CA TYR J 333 -3.83 126.73 -29.93
C TYR J 333 -3.89 128.26 -29.96
N SER J 334 -5.04 128.83 -30.30
CA SER J 334 -5.11 130.27 -30.54
C SER J 334 -4.51 131.06 -29.39
N VAL J 335 -4.92 130.74 -28.16
CA VAL J 335 -4.42 131.49 -27.00
C VAL J 335 -2.90 131.45 -26.98
N TRP J 336 -2.33 130.26 -27.13
CA TRP J 336 -0.87 130.16 -27.12
C TRP J 336 -0.28 130.97 -28.26
N ILE J 337 -0.89 130.91 -29.44
CA ILE J 337 -0.36 131.66 -30.57
C ILE J 337 -0.30 133.14 -30.25
N GLY J 338 -1.23 133.62 -29.41
CA GLY J 338 -1.15 135.01 -28.99
C GLY J 338 0.10 135.28 -28.18
N GLY J 339 0.37 134.44 -27.19
CA GLY J 339 1.47 134.73 -26.28
C GLY J 339 2.79 134.86 -27.01
N SER J 340 3.08 133.91 -27.90
CA SER J 340 4.32 134.01 -28.67
C SER J 340 4.38 135.34 -29.42
N ILE J 341 3.29 135.71 -30.08
CA ILE J 341 3.27 137.01 -30.75
C ILE J 341 3.57 138.12 -29.76
N LEU J 342 2.90 138.08 -28.61
CA LEU J 342 3.13 139.11 -27.60
C LEU J 342 4.59 139.13 -27.18
N ALA J 343 5.23 137.96 -27.11
CA ALA J 343 6.64 137.90 -26.76
C ALA J 343 7.49 138.60 -27.81
N SER J 344 7.16 138.42 -29.09
CA SER J 344 8.01 138.93 -30.15
C SER J 344 8.06 140.45 -30.15
N LEU J 345 6.92 141.09 -29.90
CA LEU J 345 6.80 142.54 -30.00
C LEU J 345 7.93 143.26 -29.26
N SER J 346 8.54 144.22 -29.94
CA SER J 346 9.67 144.94 -29.35
C SER J 346 9.24 145.74 -28.12
N THR J 347 8.09 146.41 -28.20
CA THR J 347 7.63 147.21 -27.07
C THR J 347 7.46 146.35 -25.83
N PHE J 348 6.79 145.20 -25.99
CA PHE J 348 6.54 144.33 -24.84
C PHE J 348 7.81 143.91 -24.13
N GLN J 349 8.95 143.96 -24.82
CA GLN J 349 10.20 143.58 -24.18
C GLN J 349 10.62 144.53 -23.06
N GLN J 350 9.84 145.57 -22.79
CA GLN J 350 10.12 146.48 -21.68
C GLN J 350 9.18 146.26 -20.49
N MET J 351 8.21 145.36 -20.60
CA MET J 351 7.14 145.23 -19.61
C MET J 351 7.34 144.06 -18.66
N TRP J 352 8.45 143.32 -18.76
CA TRP J 352 8.65 142.20 -17.85
C TRP J 352 8.79 142.68 -16.40
N ILE J 353 8.80 141.71 -15.49
CA ILE J 353 9.02 141.97 -14.07
C ILE J 353 10.35 141.34 -13.67
N THR J 354 11.42 142.14 -13.69
CA THR J 354 12.74 141.63 -13.38
C THR J 354 12.78 141.03 -11.97
N LYS J 355 13.74 140.15 -11.75
CA LYS J 355 13.86 139.48 -10.46
C LYS J 355 14.13 140.47 -9.34
N GLN J 356 15.02 141.44 -9.58
CA GLN J 356 15.30 142.42 -8.55
C GLN J 356 14.07 143.27 -8.23
N GLU J 357 13.23 143.53 -9.22
CA GLU J 357 12.00 144.28 -8.96
C GLU J 357 11.11 143.54 -7.99
N TYR J 358 10.94 142.22 -8.18
CA TYR J 358 10.14 141.44 -7.25
C TYR J 358 10.82 141.36 -5.88
N ASP J 359 12.15 141.24 -5.87
CA ASP J 359 12.86 141.17 -4.60
C ASP J 359 12.67 142.44 -3.78
N GLU J 360 12.69 143.60 -4.43
CA GLU J 360 12.56 144.87 -3.73
C GLU J 360 11.11 145.19 -3.40
N ALA J 361 10.26 145.30 -4.43
CA ALA J 361 8.89 145.73 -4.22
C ALA J 361 8.11 144.74 -3.35
N GLY J 362 8.26 143.44 -3.64
CA GLY J 362 7.54 142.42 -2.91
C GLY J 362 6.48 141.75 -3.76
N PRO J 363 5.68 140.88 -3.14
CA PRO J 363 4.67 140.13 -3.91
C PRO J 363 3.66 141.02 -4.62
N SER J 364 3.34 142.20 -4.07
CA SER J 364 2.29 143.02 -4.64
C SER J 364 2.61 143.47 -6.07
N ILE J 365 3.88 143.41 -6.48
CA ILE J 365 4.28 143.90 -7.79
C ILE J 365 3.32 143.42 -8.88
N VAL J 366 3.08 142.11 -8.93
CA VAL J 366 2.32 141.55 -10.05
C VAL J 366 0.92 142.15 -10.11
N HIS J 367 0.34 142.42 -8.95
CA HIS J 367 -1.03 142.93 -8.92
C HIS J 367 -1.14 144.40 -9.33
N ARG J 368 -0.03 145.12 -9.45
CA ARG J 368 -0.13 146.52 -9.84
C ARG J 368 -0.76 146.68 -11.22
N LYS J 369 -0.43 145.78 -12.14
CA LYS J 369 -0.97 145.80 -13.49
C LYS J 369 -2.19 144.90 -13.65
N CYS J 370 -2.65 144.25 -12.59
CA CYS J 370 -3.80 143.35 -12.67
C CYS J 370 -5.06 144.14 -13.03
N ASP K 1 11.25 -152.86 -39.00
CA ASP K 1 11.67 -151.51 -39.36
C ASP K 1 10.59 -150.53 -38.88
N LEU K 2 9.33 -150.90 -39.10
CA LEU K 2 8.22 -150.04 -38.69
C LEU K 2 8.31 -149.69 -37.21
N LYS K 3 8.56 -150.69 -36.36
CA LYS K 3 8.63 -150.44 -34.92
C LYS K 3 9.79 -149.51 -34.59
N GLY K 4 10.96 -149.74 -35.19
CA GLY K 4 12.11 -148.90 -34.92
C GLY K 4 11.88 -147.45 -35.32
N GLN K 5 11.35 -147.23 -36.52
CA GLN K 5 11.10 -145.86 -36.97
C GLN K 5 10.02 -145.20 -36.12
N LEU K 6 9.00 -145.95 -35.69
CA LEU K 6 8.02 -145.39 -34.78
C LEU K 6 8.67 -144.96 -33.47
N ALA K 7 9.58 -145.77 -32.95
CA ALA K 7 10.29 -145.39 -31.74
C ALA K 7 11.13 -144.13 -31.95
N LYS K 8 11.80 -144.03 -33.10
CA LYS K 8 12.59 -142.83 -33.39
C LYS K 8 11.70 -141.59 -33.47
N LEU K 9 10.52 -141.72 -34.09
CA LEU K 9 9.58 -140.61 -34.11
C LEU K 9 9.15 -140.22 -32.72
N GLU K 10 8.90 -141.21 -31.86
CA GLU K 10 8.53 -140.91 -30.47
C GLU K 10 9.64 -140.14 -29.76
N LEU K 11 10.89 -140.57 -29.97
CA LEU K 11 12.01 -139.87 -29.35
C LEU K 11 12.11 -138.43 -29.84
N HIS K 12 11.94 -138.23 -31.15
CA HIS K 12 12.00 -136.88 -31.70
C HIS K 12 10.90 -136.01 -31.11
N LEU K 13 9.69 -136.57 -30.98
CA LEU K 13 8.58 -135.82 -30.39
C LEU K 13 8.91 -135.44 -28.95
N ASN K 14 9.47 -136.37 -28.18
CA ASN K 14 9.84 -136.07 -26.80
C ASN K 14 10.84 -134.93 -26.74
N LYS K 15 11.87 -134.97 -27.59
CA LYS K 15 12.87 -133.91 -27.59
C LYS K 15 12.24 -132.58 -27.97
N THR K 16 11.34 -132.58 -28.95
CA THR K 16 10.69 -131.33 -29.35
C THR K 16 9.88 -130.75 -28.19
N ASN K 17 9.13 -131.60 -27.48
CA ASN K 17 8.36 -131.11 -26.34
C ASN K 17 9.28 -130.55 -25.26
N GLY K 18 10.41 -131.23 -25.02
CA GLY K 18 11.36 -130.72 -24.04
C GLY K 18 11.89 -129.36 -24.40
N GLN K 19 12.13 -129.11 -25.70
CA GLN K 19 12.57 -127.78 -26.11
C GLN K 19 11.46 -126.75 -25.95
N ILE K 20 10.24 -127.12 -26.33
CA ILE K 20 9.10 -126.19 -26.22
C ILE K 20 8.93 -125.73 -24.78
N THR K 21 9.05 -126.65 -23.82
CA THR K 21 8.85 -126.27 -22.43
C THR K 21 9.81 -125.17 -22.00
N ALA K 22 11.10 -125.35 -22.31
CA ALA K 22 12.10 -124.37 -21.91
C ALA K 22 11.87 -123.03 -22.61
N THR K 23 11.55 -123.07 -23.91
CA THR K 23 11.34 -121.81 -24.62
C THR K 23 10.14 -121.07 -24.06
N GLU K 24 9.05 -121.79 -23.75
CA GLU K 24 7.90 -121.15 -23.15
C GLU K 24 8.23 -120.54 -21.80
N ARG K 25 9.05 -121.24 -20.99
CA ARG K 25 9.44 -120.68 -19.70
C ARG K 25 10.23 -119.38 -19.88
N THR K 26 11.16 -119.37 -20.84
CA THR K 26 11.97 -118.17 -21.04
C THR K 26 11.11 -117.00 -21.51
N ILE K 27 10.17 -117.26 -22.43
CA ILE K 27 9.29 -116.19 -22.89
C ILE K 27 8.39 -115.71 -21.76
N ASN K 28 7.91 -116.63 -20.92
CA ASN K 28 7.09 -116.25 -19.78
C ASN K 28 7.85 -115.33 -18.85
N TYR K 29 9.13 -115.60 -18.61
CA TYR K 29 9.92 -114.68 -17.81
C TYR K 29 10.09 -113.34 -18.51
N LEU K 30 10.45 -113.36 -19.80
CA LEU K 30 10.80 -112.12 -20.49
C LEU K 30 9.60 -111.20 -20.64
N ASN K 31 8.38 -111.74 -20.67
CA ASN K 31 7.21 -110.90 -20.90
C ASN K 31 7.04 -109.88 -19.80
N LYS K 32 7.23 -110.28 -18.54
CA LYS K 32 6.91 -109.40 -17.41
C LYS K 32 7.73 -108.12 -17.42
N LEU K 33 8.94 -108.16 -17.98
CA LEU K 33 9.79 -106.97 -18.00
C LEU K 33 9.03 -105.79 -18.59
N LYS K 34 9.43 -104.58 -18.18
CA LYS K 34 8.78 -103.35 -18.62
C LYS K 34 9.70 -102.41 -19.39
N ASN K 35 10.99 -102.39 -19.09
CA ASN K 35 11.97 -101.58 -19.83
C ASN K 35 13.17 -102.47 -20.15
N PRO K 36 12.99 -103.45 -21.03
CA PRO K 36 14.03 -104.45 -21.24
C PRO K 36 15.28 -103.85 -21.87
N ASP K 37 16.40 -104.53 -21.61
CA ASP K 37 17.66 -104.14 -22.23
C ASP K 37 17.54 -104.28 -23.75
N PRO K 38 18.24 -103.44 -24.53
CA PRO K 38 18.11 -103.55 -25.99
C PRO K 38 18.35 -104.94 -26.53
N LYS K 39 19.29 -105.69 -25.95
CA LYS K 39 19.53 -107.06 -26.40
C LYS K 39 18.32 -107.94 -26.14
N THR K 40 17.69 -107.79 -24.97
CA THR K 40 16.53 -108.59 -24.63
C THR K 40 15.38 -108.33 -25.59
N LYS K 41 15.28 -107.11 -26.11
CA LYS K 41 14.21 -106.80 -27.06
C LYS K 41 14.29 -107.69 -28.30
N THR K 42 15.50 -107.91 -28.81
CA THR K 42 15.68 -108.78 -29.96
C THR K 42 15.54 -110.24 -29.57
N GLN K 43 16.06 -110.61 -28.39
CA GLN K 43 16.00 -112.00 -27.96
C GLN K 43 14.55 -112.44 -27.80
N LEU K 44 13.67 -111.55 -27.35
CA LEU K 44 12.26 -111.90 -27.18
C LEU K 44 11.63 -112.26 -28.52
N ILE K 45 11.90 -111.46 -29.55
CA ILE K 45 11.35 -111.76 -30.88
C ILE K 45 11.90 -113.08 -31.39
N GLU K 46 13.20 -113.30 -31.22
CA GLU K 46 13.81 -114.55 -31.67
C GLU K 46 13.14 -115.75 -31.02
N LEU K 47 12.93 -115.68 -29.70
CA LEU K 47 12.30 -116.78 -28.98
C LEU K 47 10.85 -116.98 -29.43
N THR K 48 10.13 -115.88 -29.65
CA THR K 48 8.75 -116.00 -30.10
C THR K 48 8.67 -116.73 -31.43
N GLU K 49 9.58 -116.42 -32.35
CA GLU K 49 9.58 -117.12 -33.64
C GLU K 49 9.99 -118.58 -33.48
N LYS K 50 10.98 -118.84 -32.64
CA LYS K 50 11.46 -120.20 -32.44
C LYS K 50 10.36 -121.09 -31.86
N LEU K 51 9.56 -120.54 -30.95
CA LEU K 51 8.45 -121.30 -30.39
C LEU K 51 7.46 -121.73 -31.46
N ILE K 52 7.10 -120.80 -32.36
CA ILE K 52 6.21 -121.15 -33.46
C ILE K 52 6.81 -122.28 -34.28
N LYS K 53 8.09 -122.15 -34.62
CA LYS K 53 8.71 -123.17 -35.46
C LYS K 53 8.66 -124.55 -34.80
N LEU K 54 8.99 -124.65 -33.51
CA LEU K 54 8.85 -125.95 -32.85
C LEU K 54 7.41 -126.42 -32.83
N LYS K 55 6.46 -125.51 -32.65
CA LYS K 55 5.03 -125.88 -32.57
C LYS K 55 4.62 -126.48 -33.91
N GLN K 56 5.25 -126.07 -35.02
CA GLN K 56 4.94 -126.57 -36.39
C GLN K 56 5.77 -127.82 -36.67
N GLU K 57 6.91 -127.98 -36.01
CA GLU K 57 7.77 -129.19 -36.16
C GLU K 57 7.09 -130.32 -35.38
N PHE K 58 6.46 -130.01 -34.24
CA PHE K 58 5.76 -131.00 -33.42
C PHE K 58 4.49 -131.48 -34.10
N GLU K 59 3.73 -130.57 -34.68
CA GLU K 59 2.50 -130.96 -35.38
C GLU K 59 2.80 -131.92 -36.51
N THR K 60 3.83 -131.60 -37.31
CA THR K 60 4.21 -132.47 -38.41
C THR K 60 4.66 -133.83 -37.91
N THR K 61 5.45 -133.85 -36.84
CA THR K 61 5.94 -135.12 -36.31
C THR K 61 4.79 -136.00 -35.81
N ILE K 62 3.84 -135.40 -35.07
CA ILE K 62 2.73 -136.19 -34.56
C ILE K 62 1.86 -136.67 -35.71
N ASN K 63 1.67 -135.83 -36.73
CA ASN K 63 0.89 -136.26 -37.89
C ASN K 63 1.54 -137.45 -38.58
N SER K 64 2.87 -137.40 -38.77
CA SER K 64 3.56 -138.52 -39.39
C SER K 64 3.45 -139.78 -38.52
N GLN K 65 3.63 -139.63 -37.21
CA GLN K 65 3.54 -140.79 -36.33
C GLN K 65 2.16 -141.42 -36.38
N HIS K 66 1.10 -140.59 -36.38
CA HIS K 66 -0.25 -141.12 -36.52
C HIS K 66 -0.43 -141.79 -37.88
N GLU K 67 0.14 -141.22 -38.94
CA GLU K 67 0.03 -141.81 -40.25
C GLU K 67 0.64 -143.21 -40.28
N ILE K 68 1.81 -143.39 -39.65
CA ILE K 68 2.39 -144.72 -39.57
C ILE K 68 1.47 -145.67 -38.83
N SER K 69 0.68 -145.14 -37.90
CA SER K 69 -0.26 -145.97 -37.15
C SER K 69 -1.56 -146.16 -37.93
N ASP L 1 43.91 -107.24 66.06
CA ASP L 1 43.15 -106.01 66.28
C ASP L 1 43.73 -104.91 65.38
N LEU L 2 45.06 -104.85 65.31
CA LEU L 2 45.71 -103.83 64.49
C LEU L 2 45.22 -103.89 63.06
N LYS L 3 45.15 -105.10 62.48
CA LYS L 3 44.71 -105.24 61.10
C LYS L 3 43.26 -104.79 60.94
N GLY L 4 42.39 -105.19 61.87
CA GLY L 4 41.00 -104.80 61.78
C GLY L 4 40.80 -103.29 61.86
N GLN L 5 41.47 -102.64 62.82
CA GLN L 5 41.34 -101.20 62.94
C GLN L 5 41.91 -100.48 61.73
N LEU L 6 43.02 -100.99 61.18
CA LEU L 6 43.54 -100.41 59.95
C LEU L 6 42.52 -100.53 58.83
N ALA L 7 41.83 -101.67 58.73
CA ALA L 7 40.81 -101.83 57.71
C ALA L 7 39.65 -100.85 57.91
N LYS L 8 39.22 -100.67 59.15
CA LYS L 8 38.14 -99.71 59.41
C LYS L 8 38.57 -98.29 59.04
N LEU L 9 39.82 -97.92 59.35
CA LEU L 9 40.32 -96.62 58.95
C LEU L 9 40.30 -96.48 57.43
N GLU L 10 40.70 -97.53 56.72
CA GLU L 10 40.65 -97.49 55.25
C GLU L 10 39.23 -97.27 54.76
N LEU L 11 38.27 -97.97 55.36
CA LEU L 11 36.86 -97.80 54.96
C LEU L 11 36.39 -96.37 55.21
N HIS L 12 36.74 -95.80 56.36
CA HIS L 12 36.34 -94.43 56.66
C HIS L 12 36.95 -93.46 55.67
N LEU L 13 38.22 -93.67 55.32
CA LEU L 13 38.86 -92.81 54.33
C LEU L 13 38.15 -92.90 52.99
N ASN L 14 37.79 -94.12 52.57
CA ASN L 14 37.07 -94.27 51.30
C ASN L 14 35.75 -93.52 51.32
N LYS L 15 34.99 -93.64 52.42
CA LYS L 15 33.72 -92.94 52.51
C LYS L 15 33.92 -91.43 52.46
N THR L 16 34.94 -90.93 53.16
CA THR L 16 35.20 -89.49 53.14
C THR L 16 35.52 -89.02 51.73
N ASN L 17 36.36 -89.77 51.00
CA ASN L 17 36.69 -89.37 49.64
C ASN L 17 35.44 -89.38 48.75
N GLY L 18 34.59 -90.38 48.92
CA GLY L 18 33.35 -90.43 48.16
C GLY L 18 32.46 -89.22 48.42
N GLN L 19 32.42 -88.76 49.67
CA GLN L 19 31.64 -87.55 49.97
C GLN L 19 32.28 -86.31 49.36
N ILE L 20 33.61 -86.21 49.43
CA ILE L 20 34.31 -85.05 48.88
C ILE L 20 34.03 -84.92 47.39
N THR L 21 34.03 -86.04 46.67
CA THR L 21 33.82 -85.96 45.22
C THR L 21 32.47 -85.33 44.90
N ALA L 22 31.40 -85.80 45.56
CA ALA L 22 30.08 -85.28 45.28
C ALA L 22 29.97 -83.80 45.68
N THR L 23 30.54 -83.43 46.82
CA THR L 23 30.45 -82.04 47.24
C THR L 23 31.18 -81.12 46.27
N GLU L 24 32.36 -81.56 45.79
CA GLU L 24 33.08 -80.77 44.80
C GLU L 24 32.28 -80.64 43.51
N ARG L 25 31.62 -81.72 43.10
CA ARG L 25 30.80 -81.63 41.88
C ARG L 25 29.67 -80.63 42.04
N THR L 26 29.00 -80.64 43.19
CA THR L 26 27.91 -79.70 43.40
C THR L 26 28.41 -78.27 43.41
N ILE L 27 29.54 -78.02 44.06
CA ILE L 27 30.09 -76.66 44.09
C ILE L 27 30.52 -76.23 42.69
N ASN L 28 31.09 -77.17 41.91
CA ASN L 28 31.48 -76.85 40.55
C ASN L 28 30.28 -76.44 39.71
N TYR L 29 29.14 -77.12 39.88
CA TYR L 29 27.94 -76.66 39.18
C TYR L 29 27.49 -75.30 39.67
N LEU L 30 27.44 -75.10 41.01
CA LEU L 30 26.86 -73.88 41.53
C LEU L 30 27.69 -72.64 41.21
N ASN L 31 29.00 -72.80 41.03
CA ASN L 31 29.85 -71.64 40.78
C ASN L 31 29.44 -70.91 39.50
N LYS L 32 29.13 -71.66 38.45
CA LYS L 32 28.90 -71.04 37.14
C LYS L 32 27.71 -70.09 37.16
N LEU L 33 26.74 -70.33 38.04
CA LEU L 33 25.55 -69.47 38.11
C LEU L 33 25.97 -68.01 38.24
N LYS L 34 25.11 -67.12 37.74
CA LYS L 34 25.38 -65.68 37.76
C LYS L 34 24.38 -64.87 38.57
N ASN L 35 23.12 -65.29 38.64
CA ASN L 35 22.11 -64.64 39.47
C ASN L 35 21.38 -65.72 40.26
N PRO L 36 22.05 -66.36 41.20
CA PRO L 36 21.47 -67.53 41.86
C PRO L 36 20.25 -67.18 42.69
N ASP L 37 19.39 -68.19 42.87
CA ASP L 37 18.23 -68.04 43.71
C ASP L 37 18.69 -67.77 45.15
N PRO L 38 17.92 -67.01 45.94
CA PRO L 38 18.36 -66.71 47.31
C PRO L 38 18.74 -67.94 48.11
N LYS L 39 18.01 -69.05 47.95
CA LYS L 39 18.35 -70.27 48.68
C LYS L 39 19.71 -70.80 48.24
N THR L 40 19.99 -70.77 46.94
CA THR L 40 21.25 -71.27 46.44
C THR L 40 22.43 -70.45 46.97
N LYS L 41 22.21 -69.16 47.24
CA LYS L 41 23.28 -68.35 47.79
C LYS L 41 23.76 -68.89 49.13
N THR L 42 22.83 -69.31 49.99
CA THR L 42 23.21 -69.89 51.27
C THR L 42 23.73 -71.31 51.11
N GLN L 43 23.13 -72.08 50.19
CA GLN L 43 23.57 -73.46 49.99
C GLN L 43 25.02 -73.50 49.53
N LEU L 44 25.43 -72.53 48.70
CA LEU L 44 26.81 -72.49 48.23
C LEU L 44 27.77 -72.33 49.40
N ILE L 45 27.46 -71.42 50.32
CA ILE L 45 28.32 -71.21 51.49
C ILE L 45 28.36 -72.48 52.34
N GLU L 46 27.19 -73.10 52.55
CA GLU L 46 27.14 -74.31 53.36
C GLU L 46 28.04 -75.40 52.76
N LEU L 47 27.94 -75.60 51.45
CA LEU L 47 28.76 -76.61 50.79
C LEU L 47 30.23 -76.24 50.86
N THR L 48 30.56 -74.96 50.71
CA THR L 48 31.96 -74.55 50.78
C THR L 48 32.55 -74.87 52.14
N GLU L 49 31.78 -74.67 53.22
CA GLU L 49 32.27 -75.01 54.55
C GLU L 49 32.37 -76.52 54.74
N LYS L 50 31.39 -77.26 54.24
CA LYS L 50 31.40 -78.71 54.40
C LYS L 50 32.59 -79.33 53.69
N LEU L 51 32.95 -78.81 52.51
CA LEU L 51 34.12 -79.32 51.81
C LEU L 51 35.38 -79.16 52.67
N ILE L 52 35.55 -77.99 53.28
CA ILE L 52 36.71 -77.79 54.14
C ILE L 52 36.73 -78.81 55.25
N LYS L 53 35.62 -78.89 56.00
CA LYS L 53 35.56 -79.81 57.14
C LYS L 53 35.91 -81.22 56.71
N LEU L 54 35.37 -81.67 55.58
CA LEU L 54 35.70 -83.01 55.09
C LEU L 54 37.19 -83.13 54.77
N LYS L 55 37.80 -82.09 54.22
CA LYS L 55 39.21 -82.19 53.86
C LYS L 55 40.09 -82.34 55.10
N GLN L 56 39.85 -81.53 56.15
CA GLN L 56 40.62 -81.74 57.38
C GLN L 56 40.32 -83.09 58.02
N GLU L 57 39.08 -83.56 57.94
CA GLU L 57 38.79 -84.90 58.47
C GLU L 57 39.60 -85.96 57.73
N PHE L 58 39.68 -85.83 56.40
CA PHE L 58 40.48 -86.75 55.60
C PHE L 58 41.95 -86.67 55.98
N GLU L 59 42.47 -85.46 56.18
CA GLU L 59 43.87 -85.33 56.58
C GLU L 59 44.12 -86.02 57.91
N THR L 60 43.23 -85.82 58.88
CA THR L 60 43.39 -86.46 60.17
C THR L 60 43.33 -87.99 60.04
N THR L 61 42.39 -88.49 59.25
CA THR L 61 42.25 -89.94 59.10
C THR L 61 43.49 -90.54 58.46
N ILE L 62 44.01 -89.91 57.41
CA ILE L 62 45.20 -90.45 56.74
C ILE L 62 46.41 -90.37 57.67
N ASN L 63 46.52 -89.29 58.45
CA ASN L 63 47.61 -89.19 59.40
C ASN L 63 47.54 -90.31 60.43
N SER L 64 46.35 -90.58 60.97
CA SER L 64 46.21 -91.67 61.93
C SER L 64 46.55 -93.01 61.31
N GLN L 65 46.06 -93.25 60.09
CA GLN L 65 46.35 -94.52 59.42
C GLN L 65 47.84 -94.71 59.21
N HIS L 66 48.53 -93.65 58.79
CA HIS L 66 49.98 -93.72 58.64
C HIS L 66 50.66 -93.97 59.99
N GLU L 67 50.18 -93.32 61.05
CA GLU L 67 50.80 -93.47 62.35
C GLU L 67 50.70 -94.92 62.83
N ILE L 68 49.55 -95.56 62.60
CA ILE L 68 49.46 -97.00 62.87
C ILE L 68 50.51 -97.75 62.06
N SER L 69 50.85 -97.26 60.89
CA SER L 69 51.85 -97.91 60.04
C SER L 69 53.26 -97.49 60.43
N ASP M 1 -21.89 -99.97 -32.94
CA ASP M 1 -21.63 -98.68 -33.55
C ASP M 1 -22.36 -97.61 -32.74
N LEU M 2 -23.61 -97.92 -32.36
CA LEU M 2 -24.40 -96.96 -31.60
C LEU M 2 -23.67 -96.52 -30.34
N LYS M 3 -23.09 -97.46 -29.60
CA LYS M 3 -22.40 -97.13 -28.36
C LYS M 3 -21.18 -96.25 -28.63
N GLY M 4 -20.40 -96.60 -29.66
CA GLY M 4 -19.23 -95.81 -29.98
C GLY M 4 -19.56 -94.39 -30.36
N GLN M 5 -20.57 -94.21 -31.22
CA GLN M 5 -20.95 -92.86 -31.62
C GLN M 5 -21.54 -92.08 -30.46
N LEU M 6 -22.28 -92.74 -29.58
CA LEU M 6 -22.77 -92.06 -28.38
C LEU M 6 -21.60 -91.58 -27.53
N ALA M 7 -20.57 -92.41 -27.38
CA ALA M 7 -19.38 -91.99 -26.63
C ALA M 7 -18.69 -90.80 -27.29
N LYS M 8 -18.60 -90.82 -28.63
CA LYS M 8 -17.97 -89.69 -29.32
C LYS M 8 -18.77 -88.41 -29.12
N LEU M 9 -20.10 -88.50 -29.16
CA LEU M 9 -20.94 -87.34 -28.88
C LEU M 9 -20.70 -86.84 -27.45
N GLU M 10 -20.58 -87.76 -26.50
CA GLU M 10 -20.29 -87.34 -25.12
C GLU M 10 -18.97 -86.60 -25.03
N LEU M 11 -17.94 -87.11 -25.72
CA LEU M 11 -16.64 -86.45 -25.71
C LEU M 11 -16.73 -85.05 -26.32
N HIS M 12 -17.45 -84.92 -27.44
CA HIS M 12 -17.59 -83.61 -28.05
C HIS M 12 -18.32 -82.64 -27.14
N LEU M 13 -19.35 -83.11 -26.45
CA LEU M 13 -20.07 -82.28 -25.50
C LEU M 13 -19.14 -81.82 -24.38
N ASN M 14 -18.32 -82.72 -23.85
CA ASN M 14 -17.39 -82.35 -22.79
C ASN M 14 -16.42 -81.27 -23.27
N LYS M 15 -15.87 -81.44 -24.47
CA LYS M 15 -14.94 -80.44 -24.99
C LYS M 15 -15.63 -79.09 -25.17
N THR M 16 -16.86 -79.10 -25.68
CA THR M 16 -17.59 -77.84 -25.85
C THR M 16 -17.81 -77.15 -24.51
N ASN M 17 -18.19 -77.92 -23.47
CA ASN M 17 -18.39 -77.31 -22.16
C ASN M 17 -17.08 -76.73 -21.63
N GLY M 18 -15.98 -77.45 -21.83
CA GLY M 18 -14.69 -76.93 -21.41
C GLY M 18 -14.33 -75.62 -22.09
N GLN M 19 -14.69 -75.48 -23.37
CA GLN M 19 -14.44 -74.22 -24.06
C GLN M 19 -15.34 -73.11 -23.51
N ILE M 20 -16.61 -73.43 -23.28
CA ILE M 20 -17.56 -72.42 -22.78
C ILE M 20 -17.07 -71.86 -21.45
N THR M 21 -16.56 -72.72 -20.57
CA THR M 21 -16.13 -72.24 -19.26
C THR M 21 -15.05 -71.18 -19.39
N ALA M 22 -14.02 -71.46 -20.21
CA ALA M 22 -12.92 -70.52 -20.36
C ALA M 22 -13.38 -69.22 -21.01
N THR M 23 -14.24 -69.32 -22.04
CA THR M 23 -14.71 -68.10 -22.69
C THR M 23 -15.52 -67.23 -21.72
N GLU M 24 -16.37 -67.87 -20.91
CA GLU M 24 -17.13 -67.12 -19.93
C GLU M 24 -16.22 -66.45 -18.91
N ARG M 25 -15.15 -67.14 -18.49
CA ARG M 25 -14.22 -66.52 -17.56
C ARG M 25 -13.54 -65.30 -18.17
N THR M 26 -13.12 -65.40 -19.43
CA THR M 26 -12.46 -64.26 -20.06
C THR M 26 -13.41 -63.08 -20.20
N ILE M 27 -14.66 -63.34 -20.60
CA ILE M 27 -15.63 -62.26 -20.71
C ILE M 27 -15.93 -61.65 -19.36
N ASN M 28 -16.00 -62.47 -18.31
CA ASN M 28 -16.23 -61.96 -16.97
C ASN M 28 -15.11 -61.03 -16.54
N TYR M 29 -13.87 -61.37 -16.87
CA TYR M 29 -12.78 -60.44 -16.57
C TYR M 29 -12.89 -59.16 -17.39
N LEU M 30 -13.17 -59.29 -18.68
CA LEU M 30 -13.13 -58.11 -19.55
C LEU M 30 -14.28 -57.13 -19.26
N ASN M 31 -15.41 -57.62 -18.75
CA ASN M 31 -16.54 -56.72 -18.51
C ASN M 31 -16.18 -55.63 -17.50
N LYS M 32 -15.44 -55.98 -16.45
CA LYS M 32 -15.22 -55.03 -15.36
C LYS M 32 -14.45 -53.80 -15.81
N LEU M 33 -13.59 -53.94 -16.83
CA LEU M 33 -12.80 -52.82 -17.30
C LEU M 33 -13.70 -51.63 -17.61
N LYS M 34 -13.14 -50.42 -17.49
CA LYS M 34 -13.88 -49.19 -17.72
C LYS M 34 -13.36 -48.36 -18.89
N ASN M 35 -12.06 -48.40 -19.17
CA ASN M 35 -11.48 -47.70 -20.32
C ASN M 35 -10.56 -48.67 -21.05
N PRO M 36 -11.13 -49.69 -21.70
CA PRO M 36 -10.31 -50.75 -22.27
C PRO M 36 -9.43 -50.26 -23.41
N ASP M 37 -8.34 -50.98 -23.62
CA ASP M 37 -7.48 -50.72 -24.76
C ASP M 37 -8.25 -50.96 -26.06
N PRO M 38 -7.94 -50.23 -27.13
CA PRO M 38 -8.71 -50.43 -28.38
C PRO M 38 -8.78 -51.88 -28.84
N LYS M 39 -7.70 -52.64 -28.67
CA LYS M 39 -7.73 -54.05 -29.06
C LYS M 39 -8.73 -54.83 -28.21
N THR M 40 -8.77 -54.56 -26.91
CA THR M 40 -9.69 -55.26 -26.02
C THR M 40 -11.14 -54.99 -26.40
N LYS M 41 -11.43 -53.80 -26.93
CA LYS M 41 -12.80 -53.49 -27.34
C LYS M 41 -13.28 -54.45 -28.41
N THR M 42 -12.42 -54.77 -29.38
CA THR M 42 -12.80 -55.73 -30.41
C THR M 42 -12.79 -57.16 -29.88
N GLN M 43 -11.81 -57.48 -29.03
CA GLN M 43 -11.72 -58.84 -28.52
C GLN M 43 -12.94 -59.20 -27.70
N LEU M 44 -13.51 -58.22 -26.97
CA LEU M 44 -14.71 -58.47 -26.19
C LEU M 44 -15.86 -58.90 -27.10
N ILE M 45 -16.06 -58.18 -28.22
CA ILE M 45 -17.11 -58.54 -29.15
C ILE M 45 -16.87 -59.92 -29.73
N GLU M 46 -15.62 -60.21 -30.11
CA GLU M 46 -15.30 -61.51 -30.68
C GLU M 46 -15.65 -62.63 -29.71
N LEU M 47 -15.26 -62.47 -28.45
CA LEU M 47 -15.57 -63.48 -27.44
C LEU M 47 -17.07 -63.60 -27.21
N THR M 48 -17.78 -62.47 -27.21
CA THR M 48 -19.22 -62.52 -27.03
C THR M 48 -19.89 -63.33 -28.13
N GLU M 49 -19.43 -63.18 -29.37
CA GLU M 49 -20.00 -63.97 -30.46
C GLU M 49 -19.61 -65.45 -30.35
N LYS M 50 -18.35 -65.72 -29.98
CA LYS M 50 -17.92 -67.11 -29.86
C LYS M 50 -18.71 -67.84 -28.79
N LEU M 51 -19.00 -67.17 -27.67
CA LEU M 51 -19.80 -67.81 -26.63
C LEU M 51 -21.15 -68.25 -27.16
N ILE M 52 -21.80 -67.38 -27.93
CA ILE M 52 -23.10 -67.74 -28.51
C ILE M 52 -22.94 -68.97 -29.40
N LYS M 53 -22.05 -68.89 -30.38
CA LYS M 53 -21.88 -70.01 -31.30
C LYS M 53 -21.65 -71.31 -30.54
N LEU M 54 -20.81 -71.28 -29.50
CA LEU M 54 -20.59 -72.47 -28.71
C LEU M 54 -21.87 -72.94 -28.03
N LYS M 55 -22.72 -72.00 -27.57
CA LYS M 55 -23.92 -72.42 -26.86
C LYS M 55 -24.91 -73.13 -27.79
N GLN M 56 -25.17 -72.57 -28.97
CA GLN M 56 -25.98 -73.34 -29.93
C GLN M 56 -25.31 -74.64 -30.37
N GLU M 57 -23.99 -74.68 -30.49
CA GLU M 57 -23.36 -75.94 -30.85
C GLU M 57 -23.61 -76.98 -29.76
N PHE M 58 -23.49 -76.57 -28.49
CA PHE M 58 -23.80 -77.46 -27.37
C PHE M 58 -25.24 -77.92 -27.41
N GLU M 59 -26.17 -77.01 -27.69
CA GLU M 59 -27.57 -77.36 -27.76
C GLU M 59 -27.82 -78.41 -28.83
N THR M 60 -27.23 -78.20 -30.02
CA THR M 60 -27.40 -79.17 -31.11
C THR M 60 -26.81 -80.52 -30.73
N THR M 61 -25.62 -80.52 -30.11
CA THR M 61 -24.99 -81.78 -29.74
C THR M 61 -25.83 -82.54 -28.71
N ILE M 62 -26.35 -81.85 -27.71
CA ILE M 62 -27.15 -82.53 -26.70
C ILE M 62 -28.44 -83.05 -27.31
N ASN M 63 -29.04 -82.28 -28.23
CA ASN M 63 -30.25 -82.74 -28.91
C ASN M 63 -29.97 -84.01 -29.71
N SER M 64 -28.86 -84.04 -30.44
CA SER M 64 -28.53 -85.24 -31.20
C SER M 64 -28.29 -86.42 -30.27
N GLN M 65 -27.55 -86.21 -29.19
CA GLN M 65 -27.27 -87.30 -28.25
C GLN M 65 -28.56 -87.85 -27.67
N HIS M 66 -29.49 -86.98 -27.29
CA HIS M 66 -30.78 -87.43 -26.78
C HIS M 66 -31.56 -88.18 -27.85
N GLU M 67 -31.51 -87.70 -29.10
CA GLU M 67 -32.26 -88.34 -30.17
C GLU M 67 -31.76 -89.76 -30.39
N ILE M 68 -30.43 -89.97 -30.34
CA ILE M 68 -29.91 -91.33 -30.35
C ILE M 68 -30.49 -92.14 -29.20
N SER M 69 -30.79 -91.49 -28.08
CA SER M 69 -31.34 -92.17 -26.92
C SER M 69 -32.86 -92.28 -27.04
N ASP N 1 54.93 -50.22 42.78
CA ASP N 1 54.39 -48.94 43.21
C ASP N 1 54.52 -47.95 42.05
N LEU N 2 55.70 -47.95 41.42
CA LEU N 2 55.96 -47.02 40.33
C LEU N 2 54.88 -47.13 39.25
N LYS N 3 54.53 -48.35 38.85
CA LYS N 3 53.53 -48.54 37.81
C LYS N 3 52.18 -48.00 38.25
N GLY N 4 51.78 -48.29 39.49
CA GLY N 4 50.49 -47.82 39.98
C GLY N 4 50.40 -46.31 40.02
N GLN N 5 51.45 -45.65 40.54
CA GLN N 5 51.41 -44.19 40.60
C GLN N 5 51.47 -43.58 39.21
N LEU N 6 52.19 -44.20 38.28
CA LEU N 6 52.18 -43.72 36.90
C LEU N 6 50.77 -43.81 36.32
N ALA N 7 50.07 -44.91 36.59
CA ALA N 7 48.69 -45.04 36.12
C ALA N 7 47.79 -43.97 36.74
N LYS N 8 47.97 -43.70 38.03
CA LYS N 8 47.16 -42.67 38.68
C LYS N 8 47.42 -41.31 38.06
N LEU N 9 48.69 -41.00 37.77
CA LEU N 9 49.01 -39.75 37.08
C LEU N 9 48.34 -39.69 35.71
N GLU N 10 48.35 -40.81 34.99
CA GLU N 10 47.68 -40.83 33.68
C GLU N 10 46.19 -40.54 33.83
N LEU N 11 45.55 -41.14 34.83
CA LEU N 11 44.13 -40.89 35.06
C LEU N 11 43.87 -39.42 35.38
N HIS N 12 44.70 -38.84 36.24
CA HIS N 12 44.53 -37.43 36.58
C HIS N 12 44.68 -36.54 35.36
N LEU N 13 45.67 -36.85 34.51
CA LEU N 13 45.85 -36.08 33.28
C LEU N 13 44.62 -36.19 32.38
N ASN N 14 44.08 -37.41 32.26
CA ASN N 14 42.88 -37.58 31.43
C ASN N 14 41.72 -36.74 31.96
N LYS N 15 41.52 -36.76 33.28
CA LYS N 15 40.43 -35.97 33.86
C LYS N 15 40.65 -34.47 33.61
N THR N 16 41.90 -34.01 33.76
CA THR N 16 42.17 -32.60 33.52
C THR N 16 41.87 -32.22 32.08
N ASN N 17 42.26 -33.06 31.12
CA ASN N 17 41.98 -32.77 29.72
C ASN N 17 40.48 -32.74 29.47
N GLY N 18 39.75 -33.68 30.07
CA GLY N 18 38.30 -33.68 29.93
C GLY N 18 37.66 -32.40 30.46
N GLN N 19 38.20 -31.85 31.55
CA GLN N 19 37.68 -30.59 32.06
C GLN N 19 38.02 -29.43 31.13
N ILE N 20 39.27 -29.41 30.63
CA ILE N 20 39.69 -28.33 29.72
C ILE N 20 38.79 -28.27 28.50
N THR N 21 38.43 -29.42 27.95
CA THR N 21 37.61 -29.41 26.73
C THR N 21 36.28 -28.71 26.99
N ALA N 22 35.60 -29.07 28.08
CA ALA N 22 34.31 -28.46 28.38
C ALA N 22 34.44 -26.97 28.64
N THR N 23 35.47 -26.56 29.39
CA THR N 23 35.61 -25.14 29.69
C THR N 23 35.88 -24.35 28.42
N GLU N 24 36.71 -24.88 27.52
CA GLU N 24 36.97 -24.20 26.26
C GLU N 24 35.69 -24.10 25.43
N ARG N 25 34.87 -25.14 25.42
CA ARG N 25 33.61 -25.06 24.68
C ARG N 25 32.71 -23.98 25.24
N THR N 26 32.62 -23.89 26.57
CA THR N 26 31.74 -22.87 27.15
C THR N 26 32.24 -21.47 26.82
N ILE N 27 33.56 -21.26 26.91
CA ILE N 27 34.10 -19.93 26.60
C ILE N 27 33.91 -19.62 25.12
N ASN N 28 34.06 -20.61 24.25
CA ASN N 28 33.83 -20.40 22.82
C ASN N 28 32.40 -19.98 22.56
N TYR N 29 31.43 -20.56 23.27
CA TYR N 29 30.06 -20.10 23.12
C TYR N 29 29.90 -18.67 23.63
N LEU N 30 30.43 -18.38 24.82
CA LEU N 30 30.17 -17.09 25.44
C LEU N 30 30.82 -15.93 24.69
N ASN N 31 31.92 -16.19 23.98
CA ASN N 31 32.61 -15.08 23.30
C ASN N 31 31.71 -14.42 22.25
N LYS N 32 30.95 -15.21 21.50
CA LYS N 32 30.19 -14.66 20.38
C LYS N 32 29.15 -13.63 20.84
N LEU N 33 28.64 -13.77 22.06
CA LEU N 33 27.64 -12.83 22.55
C LEU N 33 28.13 -11.39 22.39
N LYS N 34 27.17 -10.47 22.23
CA LYS N 34 27.49 -9.06 22.04
C LYS N 34 26.97 -8.16 23.15
N ASN N 35 25.84 -8.50 23.78
CA ASN N 35 25.31 -7.74 24.92
C ASN N 35 24.95 -8.74 26.00
N PRO N 36 25.94 -9.36 26.63
CA PRO N 36 25.65 -10.45 27.56
C PRO N 36 24.92 -9.96 28.81
N ASP N 37 24.17 -10.89 29.41
CA ASP N 37 23.51 -10.61 30.67
C ASP N 37 24.56 -10.32 31.75
N PRO N 38 24.24 -9.46 32.73
CA PRO N 38 25.26 -9.12 33.74
C PRO N 38 25.91 -10.33 34.40
N LYS N 39 25.15 -11.40 34.65
CA LYS N 39 25.72 -12.59 35.25
C LYS N 39 26.75 -13.23 34.32
N THR N 40 26.43 -13.29 33.02
CA THR N 40 27.35 -13.89 32.06
C THR N 40 28.67 -13.13 31.99
N LYS N 41 28.63 -11.82 32.23
CA LYS N 41 29.86 -11.03 32.19
C LYS N 41 30.85 -11.52 33.24
N THR N 42 30.36 -11.83 34.44
CA THR N 42 31.24 -12.36 35.49
C THR N 42 31.61 -13.81 35.22
N GLN N 43 30.65 -14.60 34.73
CA GLN N 43 30.93 -16.01 34.49
C GLN N 43 32.02 -16.19 33.43
N LEU N 44 32.06 -15.30 32.44
CA LEU N 44 33.09 -15.38 31.41
C LEU N 44 34.48 -15.22 32.03
N ILE N 45 34.63 -14.24 32.93
CA ILE N 45 35.92 -14.04 33.59
C ILE N 45 36.27 -15.26 34.45
N GLU N 46 35.29 -15.78 35.18
CA GLU N 46 35.54 -16.94 36.02
C GLU N 46 36.06 -18.11 35.19
N LEU N 47 35.40 -18.38 34.06
CA LEU N 47 35.82 -19.48 33.21
C LEU N 47 37.20 -19.21 32.61
N THR N 48 37.48 -17.96 32.23
CA THR N 48 38.78 -17.63 31.67
C THR N 48 39.89 -17.92 32.68
N GLU N 49 39.65 -17.62 33.96
CA GLU N 49 40.66 -17.91 34.97
C GLU N 49 40.78 -19.41 35.21
N LYS N 50 39.64 -20.12 35.25
CA LYS N 50 39.69 -21.56 35.50
C LYS N 50 40.45 -22.27 34.40
N LEU N 51 40.31 -21.81 33.15
CA LEU N 51 41.05 -22.43 32.05
C LEU N 51 42.55 -22.32 32.28
N ILE N 52 43.02 -21.14 32.68
CA ILE N 52 44.46 -20.95 32.93
C ILE N 52 44.91 -21.89 34.04
N LYS N 53 44.14 -21.94 35.13
CA LYS N 53 44.53 -22.80 36.24
C LYS N 53 44.63 -24.25 35.80
N LEU N 54 43.65 -24.72 35.04
CA LEU N 54 43.69 -26.11 34.55
C LEU N 54 44.88 -26.35 33.64
N LYS N 55 45.21 -25.38 32.77
CA LYS N 55 46.34 -25.59 31.88
C LYS N 55 47.65 -25.71 32.65
N GLN N 56 47.86 -24.84 33.65
CA GLN N 56 49.06 -24.99 34.48
C GLN N 56 49.07 -26.30 35.25
N GLU N 57 47.91 -26.74 35.75
CA GLU N 57 47.86 -28.03 36.43
C GLU N 57 48.22 -29.16 35.48
N PHE N 58 47.72 -29.10 34.24
CA PHE N 58 48.07 -30.10 33.24
C PHE N 58 49.56 -30.10 32.96
N GLU N 59 50.16 -28.92 32.82
CA GLU N 59 51.60 -28.85 32.58
C GLU N 59 52.37 -29.48 33.73
N THR N 60 51.99 -29.17 34.97
CA THR N 60 52.67 -29.76 36.13
C THR N 60 52.51 -31.27 36.15
N THR N 61 51.30 -31.76 35.87
CA THR N 61 51.07 -33.21 35.90
C THR N 61 51.89 -33.93 34.84
N ILE N 62 51.92 -33.38 33.62
CA ILE N 62 52.68 -34.03 32.56
C ILE N 62 54.18 -33.98 32.88
N ASN N 63 54.65 -32.87 33.46
CA ASN N 63 56.04 -32.80 33.85
C ASN N 63 56.39 -33.86 34.89
N SER N 64 55.52 -34.03 35.89
CA SER N 64 55.77 -35.06 36.90
C SER N 64 55.76 -36.45 36.28
N GLN N 65 54.79 -36.73 35.41
CA GLN N 65 54.71 -38.03 34.78
C GLN N 65 55.96 -38.33 33.97
N HIS N 66 56.45 -37.34 33.22
CA HIS N 66 57.70 -37.51 32.48
C HIS N 66 58.86 -37.74 33.42
N GLU N 67 58.91 -37.00 34.53
CA GLU N 67 60.03 -37.13 35.46
C GLU N 67 60.09 -38.55 36.04
N ILE N 68 58.93 -39.12 36.38
CA ILE N 68 58.92 -40.53 36.76
C ILE N 68 59.49 -41.39 35.64
N SER N 69 59.32 -40.97 34.39
CA SER N 69 59.84 -41.72 33.25
C SER N 69 61.30 -41.35 32.99
N ASP O 1 -47.26 -44.81 -17.32
CA ASP O 1 -47.26 -43.57 -18.08
C ASP O 1 -47.50 -42.41 -17.11
N LEU O 2 -48.45 -42.61 -16.19
CA LEU O 2 -48.78 -41.55 -15.23
C LEU O 2 -47.54 -41.08 -14.48
N LYS O 3 -46.72 -42.02 -14.01
CA LYS O 3 -45.53 -41.64 -13.26
C LYS O 3 -44.55 -40.87 -14.13
N GLY O 4 -44.33 -41.32 -15.37
CA GLY O 4 -43.43 -40.62 -16.25
C GLY O 4 -43.87 -39.20 -16.55
N GLN O 5 -45.15 -39.02 -16.87
CA GLN O 5 -45.64 -37.67 -17.17
C GLN O 5 -45.61 -36.79 -15.92
N LEU O 6 -45.88 -37.35 -14.75
CA LEU O 6 -45.74 -36.58 -13.52
C LEU O 6 -44.31 -36.10 -13.33
N ALA O 7 -43.35 -36.99 -13.61
CA ALA O 7 -41.95 -36.59 -13.51
C ALA O 7 -41.60 -35.49 -14.51
N LYS O 8 -42.12 -35.60 -15.74
CA LYS O 8 -41.86 -34.57 -16.73
C LYS O 8 -42.45 -33.22 -16.30
N LEU O 9 -43.66 -33.24 -15.72
CA LEU O 9 -44.23 -32.02 -15.19
C LEU O 9 -43.37 -31.44 -14.09
N GLU O 10 -42.84 -32.30 -13.21
CA GLU O 10 -41.95 -31.82 -12.15
C GLU O 10 -40.71 -31.15 -12.75
N LEU O 11 -40.13 -31.76 -13.78
CA LEU O 11 -38.96 -31.18 -14.42
C LEU O 11 -39.28 -29.82 -15.03
N HIS O 12 -40.42 -29.71 -15.71
CA HIS O 12 -40.81 -28.44 -16.32
C HIS O 12 -41.01 -27.38 -15.24
N LEU O 13 -41.64 -27.75 -14.12
CA LEU O 13 -41.81 -26.79 -13.03
C LEU O 13 -40.48 -26.33 -12.48
N ASN O 14 -39.53 -27.25 -12.32
CA ASN O 14 -38.21 -26.88 -11.83
C ASN O 14 -37.54 -25.88 -12.77
N LYS O 15 -37.61 -26.15 -14.07
CA LYS O 15 -36.99 -25.23 -15.04
C LYS O 15 -37.66 -23.86 -14.99
N THR O 16 -38.99 -23.83 -14.88
CA THR O 16 -39.68 -22.55 -14.81
C THR O 16 -39.25 -21.76 -13.57
N ASN O 17 -39.15 -22.43 -12.42
CA ASN O 17 -38.70 -21.75 -11.22
C ASN O 17 -37.29 -21.21 -11.39
N GLY O 18 -36.41 -22.01 -12.01
CA GLY O 18 -35.06 -21.54 -12.25
C GLY O 18 -35.01 -20.31 -13.13
N GLN O 19 -35.91 -20.21 -14.10
CA GLN O 19 -35.96 -19.01 -14.93
C GLN O 19 -36.50 -17.82 -14.14
N ILE O 20 -37.54 -18.05 -13.33
CA ILE O 20 -38.11 -16.96 -12.54
C ILE O 20 -37.06 -16.34 -11.63
N THR O 21 -36.24 -17.17 -10.99
CA THR O 21 -35.27 -16.63 -10.05
C THR O 21 -34.31 -15.66 -10.74
N ALA O 22 -33.78 -16.06 -11.90
CA ALA O 22 -32.84 -15.20 -12.62
C ALA O 22 -33.51 -13.92 -13.09
N THR O 23 -34.74 -14.03 -13.60
CA THR O 23 -35.42 -12.82 -14.08
C THR O 23 -35.68 -11.85 -12.93
N GLU O 24 -36.09 -12.38 -11.77
CA GLU O 24 -36.29 -11.52 -10.60
C GLU O 24 -34.99 -10.85 -10.18
N ARG O 25 -33.87 -11.58 -10.23
CA ARG O 25 -32.60 -10.97 -9.87
C ARG O 25 -32.24 -9.83 -10.83
N THR O 26 -32.45 -10.03 -12.13
CA THR O 26 -32.12 -8.98 -13.07
C THR O 26 -32.98 -7.75 -12.86
N ILE O 27 -34.29 -7.96 -12.64
CA ILE O 27 -35.18 -6.82 -12.41
C ILE O 27 -34.81 -6.11 -11.11
N ASN O 28 -34.45 -6.86 -10.08
CA ASN O 28 -34.03 -6.26 -8.82
C ASN O 28 -32.81 -5.38 -9.01
N TYR O 29 -31.84 -5.83 -9.83
CA TYR O 29 -30.71 -4.96 -10.12
C TYR O 29 -31.16 -3.71 -10.87
N LEU O 30 -31.97 -3.88 -11.91
CA LEU O 30 -32.28 -2.75 -12.79
C LEU O 30 -33.12 -1.69 -12.09
N ASN O 31 -33.92 -2.07 -11.09
CA ASN O 31 -34.80 -1.10 -10.45
C ASN O 31 -34.01 0.04 -9.81
N LYS O 32 -32.88 -0.28 -9.16
CA LYS O 32 -32.16 0.72 -8.40
C LYS O 32 -31.65 1.86 -9.29
N LEU O 33 -31.43 1.59 -10.57
CA LEU O 33 -30.94 2.62 -11.48
C LEU O 33 -31.83 3.85 -11.41
N LYS O 34 -31.24 5.01 -11.69
CA LYS O 34 -31.95 6.28 -11.65
C LYS O 34 -31.98 7.01 -12.98
N ASN O 35 -30.97 6.87 -13.82
CA ASN O 35 -30.95 7.44 -15.17
C ASN O 35 -30.49 6.36 -16.14
N PRO O 36 -31.32 5.34 -16.37
CA PRO O 36 -30.88 4.20 -17.16
C PRO O 36 -30.62 4.57 -18.61
N ASP O 37 -29.75 3.77 -19.23
CA ASP O 37 -29.49 3.92 -20.65
C ASP O 37 -30.77 3.63 -21.44
N PRO O 38 -30.97 4.29 -22.59
CA PRO O 38 -32.23 4.07 -23.33
C PRO O 38 -32.53 2.60 -23.59
N LYS O 39 -31.52 1.79 -23.88
CA LYS O 39 -31.75 0.36 -24.09
C LYS O 39 -32.28 -0.30 -22.82
N THR O 40 -31.72 0.06 -21.66
CA THR O 40 -32.16 -0.52 -20.40
C THR O 40 -33.62 -0.19 -20.11
N LYS O 41 -34.08 0.98 -20.54
CA LYS O 41 -35.47 1.35 -20.31
C LYS O 41 -36.42 0.35 -20.95
N THR O 42 -36.11 -0.09 -22.16
CA THR O 42 -36.94 -1.09 -22.83
C THR O 42 -36.71 -2.48 -22.24
N GLN O 43 -35.45 -2.80 -21.89
CA GLN O 43 -35.17 -4.12 -21.37
C GLN O 43 -35.90 -4.36 -20.06
N LEU O 44 -36.05 -3.32 -19.24
CA LEU O 44 -36.77 -3.45 -17.98
C LEU O 44 -38.23 -3.85 -18.23
N ILE O 45 -38.88 -3.21 -19.20
CA ILE O 45 -40.27 -3.56 -19.53
C ILE O 45 -40.34 -4.99 -20.04
N GLU O 46 -39.40 -5.36 -20.91
CA GLU O 46 -39.41 -6.72 -21.45
C GLU O 46 -39.31 -7.75 -20.33
N LEU O 47 -38.40 -7.54 -19.39
CA LEU O 47 -38.25 -8.48 -18.29
C LEU O 47 -39.49 -8.48 -17.39
N THR O 48 -40.09 -7.31 -17.16
CA THR O 48 -41.29 -7.24 -16.34
C THR O 48 -42.41 -8.08 -16.97
N GLU O 49 -42.53 -8.03 -18.29
CA GLU O 49 -43.57 -8.84 -18.94
C GLU O 49 -43.23 -10.33 -18.90
N LYS O 50 -41.96 -10.67 -19.12
CA LYS O 50 -41.56 -12.07 -19.12
C LYS O 50 -41.80 -12.69 -17.74
N LEU O 51 -41.58 -11.91 -16.68
CA LEU O 51 -41.82 -12.44 -15.33
C LEU O 51 -43.28 -12.84 -15.16
N ILE O 52 -44.21 -11.98 -15.60
CA ILE O 52 -45.63 -12.31 -15.48
C ILE O 52 -45.94 -13.57 -16.28
N LYS O 53 -45.43 -13.64 -17.52
CA LYS O 53 -45.71 -14.81 -18.33
C LYS O 53 -45.22 -16.08 -17.66
N LEU O 54 -44.00 -16.05 -17.10
CA LEU O 54 -43.47 -17.23 -16.42
C LEU O 54 -44.30 -17.57 -15.18
N LYS O 55 -44.76 -16.58 -14.44
CA LYS O 55 -45.54 -16.89 -13.24
C LYS O 55 -46.86 -17.55 -13.60
N GLN O 56 -47.55 -17.05 -14.61
CA GLN O 56 -48.78 -17.71 -15.07
C GLN O 56 -48.49 -19.12 -15.58
N GLU O 57 -47.40 -19.31 -16.32
CA GLU O 57 -47.08 -20.65 -16.78
C GLU O 57 -46.81 -21.59 -15.61
N PHE O 58 -46.10 -21.09 -14.58
CA PHE O 58 -45.87 -21.88 -13.38
C PHE O 58 -47.18 -22.25 -12.69
N GLU O 59 -48.10 -21.31 -12.60
CA GLU O 59 -49.40 -21.59 -11.99
C GLU O 59 -50.13 -22.68 -12.76
N THR O 60 -50.13 -22.58 -14.09
CA THR O 60 -50.80 -23.59 -14.90
C THR O 60 -50.15 -24.95 -14.71
N THR O 61 -48.81 -25.00 -14.70
CA THR O 61 -48.13 -26.28 -14.56
C THR O 61 -48.42 -26.92 -13.20
N ILE O 62 -48.39 -26.13 -12.13
CA ILE O 62 -48.66 -26.70 -10.81
C ILE O 62 -50.10 -27.17 -10.73
N ASN O 63 -51.03 -26.42 -11.34
CA ASN O 63 -52.42 -26.85 -11.34
C ASN O 63 -52.59 -28.18 -12.07
N SER O 64 -51.93 -28.33 -13.22
CA SER O 64 -52.02 -29.60 -13.95
C SER O 64 -51.41 -30.74 -13.14
N GLN O 65 -50.26 -30.50 -12.51
CA GLN O 65 -49.62 -31.54 -11.72
C GLN O 65 -50.51 -31.97 -10.56
N HIS O 66 -51.13 -31.00 -9.88
CA HIS O 66 -52.06 -31.35 -8.81
C HIS O 66 -53.26 -32.12 -9.35
N GLU O 67 -53.76 -31.73 -10.52
CA GLU O 67 -54.89 -32.43 -11.12
C GLU O 67 -54.57 -33.89 -11.37
N ILE O 68 -53.37 -34.17 -11.90
CA ILE O 68 -52.97 -35.56 -12.09
C ILE O 68 -52.94 -36.29 -10.76
N SER O 69 -52.68 -35.58 -9.66
CA SER O 69 -52.67 -36.18 -8.34
C SER O 69 -54.08 -36.26 -7.77
N ASP P 1 56.59 4.68 12.26
CA ASP P 1 56.32 6.02 12.78
C ASP P 1 55.96 6.92 11.60
N LEU P 2 56.74 6.82 10.52
CA LEU P 2 56.52 7.66 9.36
C LEU P 2 55.07 7.56 8.88
N LYS P 3 54.54 6.33 8.78
CA LYS P 3 53.18 6.16 8.29
C LYS P 3 52.17 6.78 9.24
N GLY P 4 52.36 6.60 10.55
CA GLY P 4 51.44 7.18 11.51
C GLY P 4 51.42 8.69 11.46
N GLN P 5 52.60 9.32 11.42
CA GLN P 5 52.64 10.77 11.37
C GLN P 5 52.09 11.29 10.05
N LEU P 6 52.32 10.58 8.95
CA LEU P 6 51.70 10.97 7.68
C LEU P 6 50.18 10.93 7.78
N ALA P 7 49.64 9.89 8.43
CA ALA P 7 48.20 9.81 8.61
C ALA P 7 47.68 10.96 9.48
N LYS P 8 48.42 11.31 10.54
CA LYS P 8 48.00 12.42 11.39
C LYS P 8 48.00 13.73 10.61
N LEU P 9 49.02 13.94 9.76
CA LEU P 9 49.04 15.12 8.91
C LEU P 9 47.83 15.14 7.97
N GLU P 10 47.48 13.98 7.41
CA GLU P 10 46.31 13.91 6.54
C GLU P 10 45.04 14.30 7.30
N LEU P 11 44.89 13.80 8.53
CA LEU P 11 43.73 14.14 9.33
C LEU P 11 43.67 15.64 9.62
N HIS P 12 44.82 16.22 9.97
CA HIS P 12 44.85 17.66 10.24
C HIS P 12 44.47 18.46 8.99
N LEU P 13 44.97 18.04 7.82
CA LEU P 13 44.62 18.71 6.58
C LEU P 13 43.12 18.63 6.32
N ASN P 14 42.53 17.44 6.55
CA ASN P 14 41.09 17.30 6.35
C ASN P 14 40.31 18.24 7.27
N LYS P 15 40.71 18.32 8.54
CA LYS P 15 40.02 19.21 9.46
C LYS P 15 40.16 20.66 9.03
N THR P 16 41.34 21.06 8.59
CA THR P 16 41.53 22.43 8.13
C THR P 16 40.64 22.74 6.94
N ASN P 17 40.54 21.83 5.98
CA ASN P 17 39.67 22.05 4.84
C ASN P 17 38.22 22.16 5.27
N GLY P 18 37.81 21.31 6.21
CA GLY P 18 36.45 21.39 6.71
C GLY P 18 36.13 22.72 7.37
N GLN P 19 37.11 23.30 8.06
CA GLN P 19 36.91 24.63 8.64
C GLN P 19 36.84 25.70 7.55
N ILE P 20 37.72 25.61 6.55
CA ILE P 20 37.74 26.60 5.48
C ILE P 20 36.39 26.64 4.78
N THR P 21 35.79 25.48 4.51
CA THR P 21 34.53 25.47 3.79
C THR P 21 33.45 26.26 4.52
N ALA P 22 33.31 26.02 5.82
CA ALA P 22 32.28 26.70 6.60
C ALA P 22 32.56 28.20 6.67
N THR P 23 33.82 28.58 6.88
CA THR P 23 34.12 30.01 6.96
C THR P 23 33.82 30.70 5.63
N GLU P 24 34.16 30.06 4.51
CA GLU P 24 33.86 30.62 3.21
C GLU P 24 32.35 30.76 3.00
N ARG P 25 31.57 29.77 3.45
CA ARG P 25 30.12 29.88 3.32
C ARG P 25 29.58 31.06 4.13
N THR P 26 30.08 31.25 5.35
CA THR P 26 29.59 32.34 6.17
C THR P 26 29.94 33.69 5.54
N ILE P 27 31.17 33.82 5.04
CA ILE P 27 31.57 35.08 4.40
C ILE P 27 30.74 35.33 3.14
N ASN P 28 30.47 34.28 2.37
CA ASN P 28 29.63 34.42 1.20
C ASN P 28 28.24 34.93 1.56
N TYR P 29 27.68 34.43 2.66
CA TYR P 29 26.39 34.97 3.10
C TYR P 29 26.51 36.43 3.51
N LEU P 30 27.53 36.76 4.31
CA LEU P 30 27.61 38.10 4.87
C LEU P 30 27.90 39.16 3.82
N ASN P 31 28.57 38.80 2.73
CA ASN P 31 28.94 39.79 1.73
C ASN P 31 27.71 40.46 1.11
N LYS P 32 26.67 39.69 0.84
CA LYS P 32 25.52 40.22 0.12
C LYS P 32 24.83 41.34 0.88
N LEU P 33 24.96 41.35 2.21
CA LEU P 33 24.29 42.37 3.02
C LEU P 33 24.67 43.76 2.54
N LYS P 34 23.75 44.72 2.76
CA LYS P 34 23.95 46.10 2.35
C LYS P 34 24.01 47.09 3.50
N ASN P 35 23.26 46.85 4.58
CA ASN P 35 23.30 47.68 5.78
C ASN P 35 23.41 46.78 6.99
N PRO P 36 24.57 46.14 7.17
CA PRO P 36 24.68 45.12 8.22
C PRO P 36 24.57 45.72 9.62
N ASP P 37 24.16 44.87 10.55
CA ASP P 37 24.13 45.26 11.95
C ASP P 37 25.55 45.57 12.42
N PRO P 38 25.71 46.50 13.36
CA PRO P 38 27.08 46.86 13.79
C PRO P 38 27.92 45.67 14.20
N LYS P 39 27.31 44.67 14.86
CA LYS P 39 28.07 43.48 15.23
C LYS P 39 28.55 42.72 13.99
N THR P 40 27.70 42.61 12.98
CA THR P 40 28.08 41.90 11.76
C THR P 40 29.25 42.57 11.07
N LYS P 41 29.37 43.89 11.19
CA LYS P 41 30.48 44.60 10.57
C LYS P 41 31.82 44.10 11.11
N THR P 42 31.89 43.89 12.42
CA THR P 42 33.12 43.36 13.02
C THR P 42 33.28 41.87 12.74
N GLN P 43 32.17 41.12 12.78
CA GLN P 43 32.26 39.68 12.54
C GLN P 43 32.78 39.38 11.15
N LEU P 44 32.40 40.20 10.17
CA LEU P 44 32.88 40.00 8.81
C LEU P 44 34.41 40.11 8.75
N ILE P 45 34.96 41.13 9.40
CA ILE P 45 36.42 41.31 9.43
C ILE P 45 37.08 40.12 10.13
N GLU P 46 36.50 39.69 11.25
CA GLU P 46 37.08 38.57 11.99
C GLU P 46 37.13 37.33 11.11
N LEU P 47 36.04 37.03 10.41
CA LEU P 47 36.01 35.86 9.54
C LEU P 47 36.99 36.01 8.37
N THR P 48 37.09 37.22 7.82
CA THR P 48 38.03 37.44 6.72
C THR P 48 39.46 37.15 7.16
N GLU P 49 39.81 37.53 8.39
CA GLU P 49 41.16 37.25 8.88
C GLU P 49 41.35 35.76 9.16
N LYS P 50 40.33 35.13 9.75
CA LYS P 50 40.44 33.71 10.07
C LYS P 50 40.63 32.88 8.81
N LEU P 51 39.95 33.27 7.72
CA LEU P 51 40.12 32.54 6.47
C LEU P 51 41.57 32.57 6.00
N ILE P 52 42.21 33.74 6.06
CA ILE P 52 43.60 33.85 5.63
C ILE P 52 44.49 32.98 6.53
N LYS P 53 44.27 33.04 7.83
CA LYS P 53 45.08 32.23 8.74
C LYS P 53 44.94 30.75 8.42
N LEU P 54 43.71 30.28 8.20
CA LEU P 54 43.49 28.89 7.86
C LEU P 54 44.16 28.52 6.54
N LYS P 55 44.12 29.42 5.56
CA LYS P 55 44.71 29.08 4.27
C LYS P 55 46.23 28.93 4.37
N GLN P 56 46.91 29.84 5.08
CA GLN P 56 48.34 29.65 5.31
C GLN P 56 48.62 28.39 6.12
N GLU P 57 47.79 28.08 7.12
CA GLU P 57 48.02 26.85 7.87
C GLU P 57 47.89 25.62 6.97
N PHE P 58 46.89 25.63 6.08
CA PHE P 58 46.73 24.56 5.12
C PHE P 58 47.95 24.44 4.21
N GLU P 59 48.46 25.57 3.73
CA GLU P 59 49.63 25.55 2.87
C GLU P 59 50.82 24.93 3.60
N THR P 60 51.04 25.34 4.85
CA THR P 60 52.15 24.80 5.62
C THR P 60 51.98 23.30 5.84
N THR P 61 50.77 22.86 6.16
CA THR P 61 50.55 21.44 6.41
C THR P 61 50.78 20.62 5.14
N ILE P 62 50.29 21.09 3.99
CA ILE P 62 50.50 20.33 2.77
C ILE P 62 51.98 20.30 2.40
N ASN P 63 52.69 21.41 2.63
CA ASN P 63 54.12 21.43 2.36
C ASN P 63 54.84 20.42 3.23
N SER P 64 54.51 20.36 4.52
CA SER P 64 55.15 19.38 5.39
C SER P 64 54.84 17.95 4.95
N GLN P 65 53.58 17.70 4.61
CA GLN P 65 53.19 16.35 4.17
C GLN P 65 53.95 15.95 2.92
N HIS P 66 54.08 16.87 1.95
CA HIS P 66 54.86 16.57 0.75
C HIS P 66 56.33 16.34 1.11
N GLU P 67 56.86 17.13 2.04
CA GLU P 67 58.26 16.96 2.43
C GLU P 67 58.50 15.56 3.00
N ILE P 68 57.59 15.07 3.84
CA ILE P 68 57.73 13.72 4.35
C ILE P 68 57.72 12.71 3.20
N SER P 69 57.03 13.04 2.12
CA SER P 69 56.98 12.17 0.95
C SER P 69 58.19 12.40 0.05
N ASP Q 1 -61.47 12.90 3.40
CA ASP Q 1 -61.75 14.09 2.60
C ASP Q 1 -61.52 15.32 3.46
N LEU Q 2 -61.98 15.26 4.71
CA LEU Q 2 -61.84 16.39 5.61
C LEU Q 2 -60.39 16.84 5.71
N LYS Q 3 -59.47 15.89 5.88
CA LYS Q 3 -58.06 16.24 6.01
C LYS Q 3 -57.53 16.89 4.73
N GLY Q 4 -57.90 16.33 3.57
CA GLY Q 4 -57.44 16.90 2.32
C GLY Q 4 -57.94 18.32 2.09
N GLN Q 5 -59.23 18.56 2.34
CA GLN Q 5 -59.76 19.91 2.14
C GLN Q 5 -59.17 20.88 3.16
N LEU Q 6 -58.91 20.43 4.39
CA LEU Q 6 -58.25 21.29 5.35
C LEU Q 6 -56.85 21.66 4.86
N ALA Q 7 -56.13 20.70 4.29
CA ALA Q 7 -54.81 21.00 3.74
C ALA Q 7 -54.91 22.00 2.58
N LYS Q 8 -55.91 21.83 1.71
CA LYS Q 8 -56.07 22.78 0.61
C LYS Q 8 -56.36 24.18 1.13
N LEU Q 9 -57.20 24.28 2.17
CA LEU Q 9 -57.45 25.58 2.79
C LEU Q 9 -56.17 26.18 3.36
N GLU Q 10 -55.34 25.36 3.99
CA GLU Q 10 -54.06 25.86 4.50
C GLU Q 10 -53.19 26.40 3.37
N LEU Q 11 -53.13 25.67 2.26
CA LEU Q 11 -52.34 26.12 1.12
C LEU Q 11 -52.86 27.45 0.57
N HIS Q 12 -54.18 27.57 0.45
CA HIS Q 12 -54.75 28.82 -0.04
C HIS Q 12 -54.43 29.97 0.90
N LEU Q 13 -54.52 29.73 2.21
CA LEU Q 13 -54.17 30.77 3.18
C LEU Q 13 -52.72 31.19 3.04
N ASN Q 14 -51.82 30.21 2.87
CA ASN Q 14 -50.40 30.55 2.71
C ASN Q 14 -50.19 31.41 1.47
N LYS Q 15 -50.83 31.05 0.35
CA LYS Q 15 -50.68 31.84 -0.85
C LYS Q 15 -51.21 33.25 -0.66
N THR Q 16 -52.36 33.38 0.01
CA THR Q 16 -52.93 34.70 0.25
C THR Q 16 -51.97 35.55 1.08
N ASN Q 17 -51.39 34.97 2.13
CA ASN Q 17 -50.43 35.71 2.94
C ASN Q 17 -49.22 36.13 2.12
N GLY Q 18 -48.73 35.23 1.26
CA GLY Q 18 -47.62 35.57 0.41
C GLY Q 18 -47.92 36.73 -0.52
N GLN Q 19 -49.16 36.81 -1.01
CA GLN Q 19 -49.54 37.95 -1.84
C GLN Q 19 -49.63 39.24 -1.02
N ILE Q 20 -50.22 39.15 0.19
CA ILE Q 20 -50.37 40.32 1.04
C ILE Q 20 -49.00 40.92 1.34
N THR Q 21 -48.01 40.08 1.62
CA THR Q 21 -46.70 40.61 1.99
C THR Q 21 -46.12 41.47 0.86
N ALA Q 22 -46.16 40.96 -0.38
CA ALA Q 22 -45.61 41.70 -1.50
C ALA Q 22 -46.39 42.99 -1.75
N THR Q 23 -47.72 42.92 -1.66
CA THR Q 23 -48.49 44.14 -1.90
C THR Q 23 -48.19 45.20 -0.85
N GLU Q 24 -48.08 44.78 0.42
CA GLU Q 24 -47.74 45.72 1.48
C GLU Q 24 -46.38 46.35 1.26
N ARG Q 25 -45.40 45.54 0.81
CA ARG Q 25 -44.09 46.11 0.51
C ARG Q 25 -44.17 47.15 -0.59
N THR Q 26 -44.94 46.87 -1.64
CA THR Q 26 -45.02 47.82 -2.74
C THR Q 26 -45.67 49.12 -2.29
N ILE Q 27 -46.75 49.05 -1.52
CA ILE Q 27 -47.38 50.28 -1.04
C ILE Q 27 -46.45 51.01 -0.08
N ASN Q 28 -45.69 50.28 0.74
CA ASN Q 28 -44.75 50.93 1.65
C ASN Q 28 -43.70 51.72 0.89
N TYR Q 29 -43.19 51.17 -0.22
CA TYR Q 29 -42.30 51.95 -1.06
C TYR Q 29 -43.02 53.15 -1.68
N LEU Q 30 -44.20 52.92 -2.26
CA LEU Q 30 -44.83 53.97 -3.05
C LEU Q 30 -45.27 55.14 -2.20
N ASN Q 31 -45.57 54.92 -0.91
CA ASN Q 31 -46.10 55.99 -0.07
C ASN Q 31 -45.09 57.13 0.07
N LYS Q 32 -43.80 56.80 0.22
CA LYS Q 32 -42.81 57.83 0.52
C LYS Q 32 -42.69 58.87 -0.59
N LEU Q 33 -43.00 58.50 -1.83
CA LEU Q 33 -42.88 59.43 -2.94
C LEU Q 33 -43.64 60.72 -2.63
N LYS Q 34 -43.19 61.83 -3.24
CA LYS Q 34 -43.78 63.14 -3.03
C LYS Q 34 -44.39 63.75 -4.27
N ASN Q 35 -43.83 63.49 -5.45
CA ASN Q 35 -44.40 63.96 -6.72
C ASN Q 35 -44.43 62.79 -7.69
N PRO Q 36 -45.31 61.83 -7.45
CA PRO Q 36 -45.28 60.58 -8.24
C PRO Q 36 -45.65 60.83 -9.69
N ASP Q 37 -45.18 59.92 -10.54
CA ASP Q 37 -45.56 59.94 -11.94
C ASP Q 37 -47.07 59.69 -12.06
N PRO Q 38 -47.72 60.28 -13.06
CA PRO Q 38 -49.18 60.10 -13.16
C PRO Q 38 -49.62 58.64 -13.14
N LYS Q 39 -48.85 57.74 -13.75
CA LYS Q 39 -49.20 56.33 -13.70
C LYS Q 39 -49.13 55.80 -12.27
N THR Q 40 -48.12 56.22 -11.52
CA THR Q 40 -47.97 55.75 -10.15
C THR Q 40 -49.14 56.20 -9.28
N LYS Q 41 -49.74 57.35 -9.57
CA LYS Q 41 -50.87 57.82 -8.79
C LYS Q 41 -52.03 56.84 -8.87
N THR Q 42 -52.29 56.29 -10.06
CA THR Q 42 -53.35 55.30 -10.21
C THR Q 42 -52.93 53.95 -9.66
N GLN Q 43 -51.67 53.57 -9.87
CA GLN Q 43 -51.21 52.27 -9.39
C GLN Q 43 -51.31 52.19 -7.86
N LEU Q 44 -51.06 53.30 -7.17
CA LEU Q 44 -51.17 53.30 -5.71
C LEU Q 44 -52.59 52.99 -5.28
N ILE Q 45 -53.58 53.60 -5.92
CA ILE Q 45 -54.98 53.32 -5.57
C ILE Q 45 -55.31 51.87 -5.87
N GLU Q 46 -54.86 51.36 -7.02
CA GLU Q 46 -55.14 49.98 -7.38
C GLU Q 46 -54.60 49.04 -6.31
N LEU Q 47 -53.35 49.25 -5.88
CA LEU Q 47 -52.76 48.40 -4.86
C LEU Q 47 -53.49 48.54 -3.53
N THR Q 48 -53.89 49.76 -3.18
CA THR Q 48 -54.62 49.97 -1.93
C THR Q 48 -55.92 49.17 -1.91
N GLU Q 49 -56.62 49.13 -3.05
CA GLU Q 49 -57.85 48.34 -3.11
C GLU Q 49 -57.55 46.85 -3.06
N LYS Q 50 -56.53 46.40 -3.80
CA LYS Q 50 -56.20 44.99 -3.82
C LYS Q 50 -55.84 44.49 -2.42
N LEU Q 51 -55.17 45.32 -1.63
CA LEU Q 51 -54.82 44.91 -0.27
C LEU Q 51 -56.07 44.62 0.55
N ILE Q 52 -57.07 45.49 0.47
CA ILE Q 52 -58.31 45.25 1.21
C ILE Q 52 -58.97 43.97 0.74
N LYS Q 53 -59.03 43.78 -0.58
CA LYS Q 53 -59.67 42.56 -1.09
C LYS Q 53 -58.96 41.31 -0.56
N LEU Q 54 -57.63 41.31 -0.59
CA LEU Q 54 -56.88 40.16 -0.09
C LEU Q 54 -57.11 39.96 1.40
N LYS Q 55 -57.16 41.04 2.18
CA LYS Q 55 -57.36 40.87 3.62
C LYS Q 55 -58.72 40.26 3.93
N GLN Q 56 -59.78 40.74 3.26
CA GLN Q 56 -61.09 40.13 3.46
C GLN Q 56 -61.11 38.67 3.01
N GLU Q 57 -60.45 38.35 1.90
CA GLU Q 57 -60.40 36.96 1.46
C GLU Q 57 -59.67 36.10 2.49
N PHE Q 58 -58.58 36.63 3.06
CA PHE Q 58 -57.87 35.91 4.12
C PHE Q 58 -58.77 35.67 5.32
N GLU Q 59 -59.52 36.69 5.73
CA GLU Q 59 -60.43 36.53 6.86
C GLU Q 59 -61.46 35.44 6.59
N THR Q 60 -62.04 35.45 5.39
CA THR Q 60 -63.02 34.43 5.04
C THR Q 60 -62.40 33.04 5.05
N THR Q 61 -61.19 32.91 4.50
CA THR Q 61 -60.55 31.60 4.45
C THR Q 61 -60.24 31.08 5.86
N ILE Q 62 -59.72 31.94 6.73
CA ILE Q 62 -59.41 31.50 8.09
C ILE Q 62 -60.68 31.13 8.83
N ASN Q 63 -61.76 31.90 8.62
CA ASN Q 63 -63.02 31.56 9.26
C ASN Q 63 -63.53 30.20 8.81
N SER Q 64 -63.46 29.92 7.51
CA SER Q 64 -63.88 28.61 7.01
C SER Q 64 -63.02 27.50 7.59
N GLN Q 65 -61.70 27.71 7.62
CA GLN Q 65 -60.80 26.69 8.16
C GLN Q 65 -61.11 26.40 9.62
N HIS Q 66 -61.34 27.46 10.41
CA HIS Q 66 -61.73 27.26 11.81
C HIS Q 66 -63.06 26.53 11.91
N GLU Q 67 -64.01 26.86 11.02
CA GLU Q 67 -65.30 26.20 11.05
C GLU Q 67 -65.16 24.70 10.82
N ILE Q 68 -64.32 24.30 9.86
CA ILE Q 68 -64.09 22.87 9.66
C ILE Q 68 -63.50 22.24 10.91
N SER Q 69 -62.76 23.02 11.71
CA SER Q 69 -62.20 22.51 12.95
C SER Q 69 -63.22 22.56 14.07
N ASP R 1 46.08 57.37 -20.62
CA ASP R 1 46.11 58.74 -20.15
C ASP R 1 45.28 59.60 -21.12
N LEU R 2 45.47 59.36 -22.41
CA LEU R 2 44.75 60.13 -23.42
C LEU R 2 43.24 60.09 -23.18
N LYS R 3 42.70 58.89 -22.92
CA LYS R 3 41.27 58.77 -22.70
C LYS R 3 40.83 59.53 -21.46
N GLY R 4 41.60 59.42 -20.37
CA GLY R 4 41.25 60.12 -19.14
C GLY R 4 41.24 61.63 -19.32
N GLN R 5 42.29 62.17 -19.95
CA GLN R 5 42.34 63.61 -20.15
C GLN R 5 41.24 64.08 -21.11
N LEU R 6 40.92 63.28 -22.12
CA LEU R 6 39.80 63.63 -22.99
C LEU R 6 38.50 63.69 -22.20
N ALA R 7 38.30 62.73 -21.29
CA ALA R 7 37.10 62.76 -20.45
C ALA R 7 37.07 63.99 -19.55
N LYS R 8 38.23 64.37 -18.99
CA LYS R 8 38.29 65.57 -18.15
C LYS R 8 37.95 66.81 -18.96
N LEU R 9 38.47 66.90 -20.19
CA LEU R 9 38.12 68.01 -21.06
C LEU R 9 36.62 68.04 -21.34
N GLU R 10 36.01 66.87 -21.58
CA GLU R 10 34.57 66.83 -21.79
C GLU R 10 33.82 67.34 -20.56
N LEU R 11 34.24 66.94 -19.38
CA LEU R 11 33.59 67.41 -18.15
C LEU R 11 33.72 68.92 -18.02
N HIS R 12 34.91 69.46 -18.28
CA HIS R 12 35.10 70.91 -18.19
C HIS R 12 34.21 71.63 -19.19
N LEU R 13 34.10 71.11 -20.41
CA LEU R 13 33.23 71.72 -21.41
C LEU R 13 31.77 71.71 -20.94
N ASN R 14 31.32 70.59 -20.37
CA ASN R 14 29.95 70.51 -19.88
C ASN R 14 29.70 71.55 -18.80
N LYS R 15 30.65 71.69 -17.85
CA LYS R 15 30.49 72.68 -16.80
C LYS R 15 30.45 74.09 -17.37
N THR R 16 31.30 74.39 -18.35
CA THR R 16 31.30 75.71 -18.96
C THR R 16 29.97 76.00 -19.62
N ASN R 17 29.41 75.03 -20.35
CA ASN R 17 28.12 75.24 -20.98
C ASN R 17 27.03 75.46 -19.93
N GLY R 18 27.07 74.70 -18.84
CA GLY R 18 26.11 74.91 -17.77
C GLY R 18 26.17 76.29 -17.18
N GLN R 19 27.37 76.86 -17.07
CA GLN R 19 27.49 78.23 -16.59
C GLN R 19 26.97 79.24 -17.61
N ILE R 20 27.28 79.01 -18.89
CA ILE R 20 26.83 79.93 -19.94
C ILE R 20 25.31 80.01 -19.95
N THR R 21 24.63 78.88 -19.81
CA THR R 21 23.17 78.89 -19.88
C THR R 21 22.59 79.80 -18.79
N ALA R 22 23.06 79.65 -17.55
CA ALA R 22 22.54 80.45 -16.46
C ALA R 22 22.84 81.92 -16.65
N THR R 23 24.06 82.24 -17.08
CA THR R 23 24.41 83.65 -17.28
C THR R 23 23.54 84.26 -18.37
N GLU R 24 23.31 83.51 -19.46
CA GLU R 24 22.46 84.02 -20.53
C GLU R 24 21.04 84.25 -20.04
N ARG R 25 20.52 83.35 -19.20
CA ARG R 25 19.17 83.55 -18.66
C ARG R 25 19.11 84.81 -17.81
N THR R 26 20.12 85.04 -16.97
CA THR R 26 20.09 86.22 -16.11
C THR R 26 20.15 87.50 -16.95
N ILE R 27 21.01 87.52 -17.97
CA ILE R 27 21.10 88.71 -18.82
C ILE R 27 19.79 88.91 -19.59
N ASN R 28 19.17 87.82 -20.05
CA ASN R 28 17.90 87.93 -20.75
C ASN R 28 16.84 88.55 -19.85
N TYR R 29 16.79 88.17 -18.58
CA TYR R 29 15.86 88.82 -17.67
C TYR R 29 16.21 90.30 -17.49
N LEU R 30 17.50 90.59 -17.31
CA LEU R 30 17.90 91.95 -16.95
C LEU R 30 17.67 92.94 -18.09
N ASN R 31 17.76 92.49 -19.35
CA ASN R 31 17.61 93.42 -20.45
C ASN R 31 16.25 94.12 -20.44
N LYS R 32 15.19 93.38 -20.14
CA LYS R 32 13.83 93.92 -20.27
C LYS R 32 13.61 95.13 -19.38
N LEU R 33 14.29 95.21 -18.25
CA LEU R 33 14.10 96.33 -17.33
C LEU R 33 14.27 97.66 -18.05
N LYS R 34 13.63 98.70 -17.53
CA LYS R 34 13.67 100.03 -18.12
C LYS R 34 14.27 101.08 -17.22
N ASN R 35 14.10 100.98 -15.90
CA ASN R 35 14.70 101.90 -14.94
C ASN R 35 15.35 101.07 -13.83
N PRO R 36 16.43 100.36 -14.15
CA PRO R 36 16.99 99.41 -13.19
C PRO R 36 17.55 100.09 -11.96
N ASP R 37 17.61 99.33 -10.87
CA ASP R 37 18.25 99.80 -9.66
C ASP R 37 19.74 100.06 -9.93
N PRO R 38 20.34 101.05 -9.26
CA PRO R 38 21.76 101.34 -9.54
C PRO R 38 22.66 100.13 -9.45
N LYS R 39 22.40 99.23 -8.50
CA LYS R 39 23.20 98.00 -8.40
C LYS R 39 23.05 97.13 -9.64
N THR R 40 21.81 97.00 -10.14
CA THR R 40 21.58 96.19 -11.33
C THR R 40 22.31 96.74 -12.54
N LYS R 41 22.49 98.06 -12.61
CA LYS R 41 23.21 98.64 -13.74
C LYS R 41 24.63 98.10 -13.82
N THR R 42 25.30 97.97 -12.68
CA THR R 42 26.66 97.41 -12.67
C THR R 42 26.63 95.90 -12.84
N GLN R 43 25.64 95.23 -12.24
CA GLN R 43 25.57 93.78 -12.36
C GLN R 43 25.39 93.36 -13.81
N LEU R 44 24.64 94.14 -14.59
CA LEU R 44 24.43 93.82 -15.99
C LEU R 44 25.76 93.84 -16.75
N ILE R 45 26.58 94.86 -16.52
CA ILE R 45 27.89 94.93 -17.18
C ILE R 45 28.76 93.76 -16.76
N GLU R 46 28.76 93.45 -15.46
CA GLU R 46 29.57 92.33 -14.97
C GLU R 46 29.17 91.04 -15.68
N LEU R 47 27.86 90.78 -15.77
CA LEU R 47 27.41 89.55 -16.42
C LEU R 47 27.75 89.54 -17.91
N THR R 48 27.63 90.69 -18.57
CA THR R 48 27.98 90.75 -19.99
C THR R 48 29.44 90.41 -20.21
N GLU R 49 30.33 90.91 -19.34
CA GLU R 49 31.73 90.57 -19.47
C GLU R 49 31.99 89.10 -19.17
N LYS R 50 31.33 88.57 -18.13
CA LYS R 50 31.54 87.16 -17.77
C LYS R 50 31.09 86.24 -18.91
N LEU R 51 30.01 86.61 -19.61
CA LEU R 51 29.56 85.78 -20.72
C LEU R 51 30.63 85.67 -21.80
N ILE R 52 31.25 86.80 -22.16
CA ILE R 52 32.31 86.77 -23.16
C ILE R 52 33.47 85.90 -22.67
N LYS R 53 33.87 86.08 -21.41
CA LYS R 53 34.99 85.28 -20.91
C LYS R 53 34.68 83.79 -20.99
N LEU R 54 33.46 83.40 -20.60
CA LEU R 54 33.08 81.99 -20.66
C LEU R 54 33.04 81.49 -22.09
N LYS R 55 32.57 82.32 -23.03
CA LYS R 55 32.50 81.85 -24.42
C LYS R 55 33.88 81.62 -25.01
N GLN R 56 34.82 82.54 -24.76
CA GLN R 56 36.20 82.30 -25.21
C GLN R 56 36.82 81.08 -24.52
N GLU R 57 36.53 80.89 -23.23
CA GLU R 57 37.06 79.69 -22.58
C GLU R 57 36.49 78.43 -23.20
N PHE R 58 35.20 78.43 -23.53
CA PHE R 58 34.57 77.30 -24.21
C PHE R 58 35.24 77.04 -25.56
N GLU R 59 35.49 78.10 -26.32
CA GLU R 59 36.13 77.94 -27.63
C GLU R 59 37.50 77.30 -27.47
N THR R 60 38.29 77.79 -26.51
CA THR R 60 39.62 77.23 -26.28
C THR R 60 39.53 75.75 -25.88
N THR R 61 38.59 75.43 -24.99
CA THR R 61 38.46 74.04 -24.54
C THR R 61 38.08 73.12 -25.68
N ILE R 62 37.12 73.53 -26.51
CA ILE R 62 36.70 72.68 -27.63
C ILE R 62 37.85 72.53 -28.62
N ASN R 63 38.61 73.60 -28.85
CA ASN R 63 39.75 73.50 -29.76
C ASN R 63 40.78 72.51 -29.25
N SER R 64 41.08 72.57 -27.95
CA SER R 64 42.03 71.62 -27.37
C SER R 64 41.51 70.19 -27.48
N GLN R 65 40.22 69.98 -27.18
CA GLN R 65 39.64 68.64 -27.25
C GLN R 65 39.73 68.10 -28.66
N HIS R 66 39.42 68.93 -29.66
CA HIS R 66 39.56 68.50 -31.05
C HIS R 66 41.01 68.19 -31.38
N GLU R 67 41.94 69.01 -30.90
CA GLU R 67 43.35 68.81 -31.20
C GLU R 67 43.83 67.47 -30.67
N ILE R 68 43.40 67.10 -29.45
CA ILE R 68 43.69 65.75 -28.96
C ILE R 68 43.13 64.71 -29.91
N SER R 69 42.02 65.02 -30.58
CA SER R 69 41.40 64.10 -31.52
C SER R 69 42.06 64.20 -32.89
N ASP S 1 -63.51 72.55 22.70
CA ASP S 1 -64.10 73.69 22.03
C ASP S 1 -63.46 74.96 22.59
N LEU S 2 -63.31 74.99 23.92
CA LEU S 2 -62.75 76.16 24.59
C LEU S 2 -61.38 76.52 24.00
N LYS S 3 -60.52 75.51 23.82
CA LYS S 3 -59.17 75.78 23.32
C LYS S 3 -59.23 76.32 21.89
N GLY S 4 -60.06 75.71 21.04
CA GLY S 4 -60.17 76.18 19.67
C GLY S 4 -60.68 77.60 19.57
N GLN S 5 -61.73 77.93 20.33
CA GLN S 5 -62.25 79.29 20.29
C GLN S 5 -61.23 80.28 20.84
N LEU S 6 -60.49 79.90 21.89
CA LEU S 6 -59.44 80.78 22.40
C LEU S 6 -58.40 81.04 21.32
N ALA S 7 -58.04 80.00 20.56
CA ALA S 7 -57.10 80.19 19.46
C ALA S 7 -57.67 81.14 18.41
N LYS S 8 -58.97 81.01 18.12
CA LYS S 8 -59.58 81.90 17.13
C LYS S 8 -59.56 83.36 17.61
N LEU S 9 -59.85 83.59 18.88
CA LEU S 9 -59.75 84.94 19.42
C LEU S 9 -58.32 85.46 19.33
N GLU S 10 -57.33 84.62 19.63
CA GLU S 10 -55.95 85.06 19.51
C GLU S 10 -55.63 85.46 18.08
N LEU S 11 -56.09 84.67 17.11
CA LEU S 11 -55.88 84.98 15.70
C LEU S 11 -56.54 86.31 15.32
N HIS S 12 -57.77 86.53 15.77
CA HIS S 12 -58.46 87.78 15.47
C HIS S 12 -57.73 88.96 16.07
N LEU S 13 -57.22 88.80 17.30
CA LEU S 13 -56.46 89.87 17.94
C LEU S 13 -55.20 90.18 17.15
N ASN S 14 -54.51 89.14 16.67
CA ASN S 14 -53.30 89.36 15.88
C ASN S 14 -53.61 90.15 14.62
N LYS S 15 -54.68 89.77 13.90
CA LYS S 15 -55.03 90.52 12.70
C LYS S 15 -55.41 91.96 13.03
N THR S 16 -56.13 92.18 14.13
CA THR S 16 -56.49 93.54 14.50
C THR S 16 -55.24 94.38 14.76
N ASN S 17 -54.27 93.81 15.47
CA ASN S 17 -53.03 94.55 15.72
C ASN S 17 -52.29 94.85 14.42
N GLY S 18 -52.27 93.86 13.50
CA GLY S 18 -51.63 94.09 12.22
C GLY S 18 -52.27 95.22 11.44
N GLN S 19 -53.59 95.35 11.51
CA GLN S 19 -54.27 96.46 10.84
C GLN S 19 -53.95 97.79 11.53
N ILE S 20 -53.95 97.79 12.86
CA ILE S 20 -53.67 99.00 13.61
C ILE S 20 -52.30 99.55 13.25
N THR S 21 -51.30 98.66 13.12
CA THR S 21 -49.95 99.13 12.82
C THR S 21 -49.91 99.90 11.50
N ALA S 22 -50.50 99.33 10.45
CA ALA S 22 -50.48 99.99 9.14
C ALA S 22 -51.26 101.30 9.17
N THR S 23 -52.41 101.32 9.84
CA THR S 23 -53.17 102.57 9.91
C THR S 23 -52.39 103.64 10.64
N GLU S 24 -51.72 103.28 11.74
CA GLU S 24 -50.91 104.25 12.47
C GLU S 24 -49.78 104.77 11.60
N ARG S 25 -49.14 103.90 10.83
CA ARG S 25 -48.07 104.36 9.95
C ARG S 25 -48.59 105.34 8.90
N THR S 26 -49.75 105.04 8.32
CA THR S 26 -50.29 105.93 7.29
C THR S 26 -50.65 107.29 7.88
N ILE S 27 -51.26 107.30 9.06
CA ILE S 27 -51.59 108.57 9.70
C ILE S 27 -50.34 109.34 10.08
N ASN S 28 -49.31 108.63 10.53
CA ASN S 28 -48.05 109.29 10.88
C ASN S 28 -47.44 109.96 9.66
N TYR S 29 -47.48 109.29 8.50
CA TYR S 29 -47.01 109.94 7.28
C TYR S 29 -47.87 111.15 6.93
N LEU S 30 -49.19 111.00 6.99
CA LEU S 30 -50.07 112.05 6.50
C LEU S 30 -50.01 113.29 7.36
N ASN S 31 -49.70 113.15 8.65
CA ASN S 31 -49.74 114.30 9.55
C ASN S 31 -48.73 115.37 9.13
N LYS S 32 -47.53 114.96 8.71
CA LYS S 32 -46.47 115.94 8.44
C LYS S 32 -46.84 116.90 7.31
N LEU S 33 -47.68 116.47 6.38
CA LEU S 33 -48.04 117.33 5.26
C LEU S 33 -48.56 118.68 5.77
N LYS S 34 -48.37 119.71 4.96
CA LYS S 34 -48.77 121.07 5.30
C LYS S 34 -49.83 121.65 4.40
N ASN S 35 -49.84 121.29 3.11
CA ASN S 35 -50.88 121.71 2.17
C ASN S 35 -51.35 120.47 1.41
N PRO S 36 -52.06 119.57 2.10
CA PRO S 36 -52.42 118.31 1.47
C PRO S 36 -53.40 118.48 0.33
N ASP S 37 -53.40 117.49 -0.57
CA ASP S 37 -54.37 117.45 -1.65
C ASP S 37 -55.78 117.33 -1.06
N PRO S 38 -56.79 117.88 -1.73
CA PRO S 38 -58.15 117.80 -1.17
C PRO S 38 -58.59 116.39 -0.83
N LYS S 39 -58.19 115.40 -1.64
CA LYS S 39 -58.54 114.01 -1.34
C LYS S 39 -57.89 113.55 -0.05
N THR S 40 -56.62 113.91 0.16
CA THR S 40 -55.91 113.52 1.37
C THR S 40 -56.57 114.09 2.62
N LYS S 41 -57.19 115.27 2.50
CA LYS S 41 -57.85 115.87 3.66
C LYS S 41 -58.96 114.95 4.17
N THR S 42 -59.73 114.35 3.26
CA THR S 42 -60.78 113.43 3.67
C THR S 42 -60.20 112.08 4.09
N GLN S 43 -59.15 111.61 3.39
CA GLN S 43 -58.55 110.34 3.76
C GLN S 43 -58.02 110.37 5.19
N LEU S 44 -57.48 111.52 5.61
CA LEU S 44 -56.94 111.62 6.96
C LEU S 44 -58.04 111.42 8.00
N ILE S 45 -59.19 112.06 7.81
CA ILE S 45 -60.30 111.89 8.74
C ILE S 45 -60.78 110.44 8.73
N GLU S 46 -60.90 109.85 7.54
CA GLU S 46 -61.34 108.46 7.46
C GLU S 46 -60.41 107.55 8.24
N LEU S 47 -59.10 107.73 8.08
CA LEU S 47 -58.13 106.90 8.78
C LEU S 47 -58.18 107.13 10.28
N THR S 48 -58.34 108.38 10.71
CA THR S 48 -58.43 108.65 12.14
C THR S 48 -59.64 107.97 12.76
N GLU S 49 -60.76 107.93 12.03
CA GLU S 49 -61.94 107.22 12.55
C GLU S 49 -61.72 105.71 12.57
N LYS S 50 -61.12 105.18 11.50
CA LYS S 50 -60.88 103.74 11.43
C LYS S 50 -59.96 103.28 12.56
N LEU S 51 -58.98 104.12 12.91
CA LEU S 51 -58.07 103.76 14.01
C LEU S 51 -58.83 103.61 15.32
N ILE S 52 -59.74 104.55 15.62
CA ILE S 52 -60.52 104.45 16.84
C ILE S 52 -61.38 103.19 16.81
N LYS S 53 -62.05 102.93 15.68
CA LYS S 53 -62.87 101.73 15.60
C LYS S 53 -62.05 100.48 15.86
N LEU S 54 -60.86 100.40 15.25
CA LEU S 54 -60.01 99.24 15.44
C LEU S 54 -59.56 99.10 16.90
N LYS S 55 -59.23 100.22 17.54
CA LYS S 55 -58.77 100.14 18.93
C LYS S 55 -59.88 99.65 19.86
N GLN S 56 -61.10 100.16 19.68
CA GLN S 56 -62.22 99.64 20.47
C GLN S 56 -62.48 98.17 20.18
N GLU S 57 -62.40 97.75 18.93
CA GLU S 57 -62.58 96.34 18.62
C GLU S 57 -61.50 95.49 19.30
N PHE S 58 -60.26 95.97 19.29
CA PHE S 58 -59.18 95.28 19.99
C PHE S 58 -59.47 95.16 21.48
N GLU S 59 -59.94 96.25 22.09
CA GLU S 59 -60.26 96.22 23.52
C GLU S 59 -61.33 95.17 23.81
N THR S 60 -62.38 95.15 22.99
CA THR S 60 -63.45 94.19 23.20
C THR S 60 -62.94 92.76 23.04
N THR S 61 -62.10 92.52 22.03
CA THR S 61 -61.58 91.18 21.81
C THR S 61 -60.72 90.72 22.97
N ILE S 62 -59.83 91.59 23.46
CA ILE S 62 -58.96 91.20 24.57
C ILE S 62 -59.78 90.96 25.82
N ASN S 63 -60.82 91.78 26.03
CA ASN S 63 -61.69 91.57 27.18
C ASN S 63 -62.38 90.21 27.11
N SER S 64 -62.90 89.85 25.93
CA SER S 64 -63.53 88.54 25.79
C SER S 64 -62.54 87.41 26.01
N GLN S 65 -61.33 87.54 25.45
CA GLN S 65 -60.32 86.50 25.62
C GLN S 65 -59.96 86.31 27.09
N HIS S 66 -59.80 87.43 27.82
CA HIS S 66 -59.54 87.33 29.25
C HIS S 66 -60.72 86.70 29.98
N GLU S 67 -61.94 87.04 29.57
CA GLU S 67 -63.13 86.48 30.20
C GLU S 67 -63.16 84.96 30.07
N ILE S 68 -62.84 84.44 28.88
CA ILE S 68 -62.79 83.00 28.72
C ILE S 68 -61.74 82.39 29.64
N SER S 69 -60.69 83.15 29.95
CA SER S 69 -59.64 82.68 30.85
C SER S 69 -60.05 82.86 32.30
N ASP T 1 23.53 108.37 -49.23
CA ASP T 1 23.83 109.78 -49.03
C ASP T 1 22.71 110.60 -49.67
N LEU T 2 22.33 110.21 -50.89
CA LEU T 2 21.27 110.91 -51.61
C LEU T 2 20.01 111.01 -50.77
N LYS T 3 19.56 109.89 -50.20
CA LYS T 3 18.33 109.89 -49.41
C LYS T 3 18.47 110.75 -48.16
N GLY T 4 19.62 110.64 -47.48
CA GLY T 4 19.83 111.44 -46.30
C GLY T 4 19.83 112.93 -46.58
N GLN T 5 20.51 113.36 -47.65
CA GLN T 5 20.53 114.78 -47.98
C GLN T 5 19.16 115.26 -48.41
N LEU T 6 18.40 114.44 -49.12
CA LEU T 6 17.02 114.82 -49.44
C LEU T 6 16.21 115.01 -48.17
N ALA T 7 16.38 114.12 -47.19
CA ALA T 7 15.66 114.27 -45.93
C ALA T 7 16.07 115.56 -45.22
N LYS T 8 17.36 115.88 -45.23
CA LYS T 8 17.81 117.12 -44.59
C LYS T 8 17.22 118.34 -45.29
N LEU T 9 17.17 118.31 -46.63
CA LEU T 9 16.55 119.41 -47.36
C LEU T 9 15.08 119.56 -47.00
N GLU T 10 14.37 118.43 -46.87
CA GLU T 10 12.97 118.47 -46.47
C GLU T 10 12.82 119.10 -45.08
N LEU T 11 13.70 118.72 -44.16
CA LEU T 11 13.65 119.29 -42.80
C LEU T 11 13.89 120.79 -42.83
N HIS T 12 14.87 121.24 -43.61
CA HIS T 12 15.14 122.67 -43.72
C HIS T 12 13.94 123.41 -44.32
N LEU T 13 13.32 122.82 -45.34
CA LEU T 13 12.13 123.43 -45.92
C LEU T 13 11.00 123.55 -44.90
N ASN T 14 10.80 122.50 -44.10
CA ASN T 14 9.76 122.54 -43.07
C ASN T 14 10.03 123.65 -42.07
N LYS T 15 11.29 123.77 -41.61
CA LYS T 15 11.61 124.83 -40.66
C LYS T 15 11.39 126.21 -41.27
N THR T 16 11.79 126.38 -42.54
CA THR T 16 11.57 127.67 -43.19
C THR T 16 10.09 128.01 -43.24
N ASN T 17 9.24 127.05 -43.61
CA ASN T 17 7.81 127.30 -43.66
C ASN T 17 7.27 127.65 -42.27
N GLY T 18 7.75 126.95 -41.25
CA GLY T 18 7.32 127.26 -39.89
C GLY T 18 7.68 128.66 -39.47
N GLN T 19 8.85 129.14 -39.89
CA GLN T 19 9.23 130.52 -39.58
C GLN T 19 8.36 131.52 -40.36
N ILE T 20 8.11 131.24 -41.65
CA ILE T 20 7.31 132.13 -42.47
C ILE T 20 5.92 132.31 -41.86
N THR T 21 5.33 131.22 -41.35
CA THR T 21 3.98 131.32 -40.83
C THR T 21 3.90 132.33 -39.69
N ALA T 22 4.80 132.22 -38.72
CA ALA T 22 4.79 133.13 -37.59
C ALA T 22 5.10 134.56 -38.02
N THR T 23 6.06 134.73 -38.94
CA THR T 23 6.39 136.07 -39.39
C THR T 23 5.18 136.74 -40.06
N GLU T 24 4.50 135.99 -40.93
CA GLU T 24 3.30 136.52 -41.59
C GLU T 24 2.23 136.86 -40.57
N ARG T 25 2.07 136.03 -39.54
CA ARG T 25 1.10 136.35 -38.49
C ARG T 25 1.47 137.66 -37.80
N THR T 26 2.76 137.88 -37.55
CA THR T 26 3.17 139.10 -36.87
C THR T 26 2.89 140.34 -37.71
N ILE T 27 3.22 140.28 -39.01
CA ILE T 27 2.91 141.45 -39.85
C ILE T 27 1.40 141.63 -39.97
N ASN T 28 0.65 140.53 -40.01
CA ASN T 28 -0.80 140.64 -40.11
C ASN T 28 -1.37 141.36 -38.89
N TYR T 29 -0.85 141.08 -37.70
CA TYR T 29 -1.27 141.84 -36.53
C TYR T 29 -0.83 143.29 -36.62
N LEU T 30 0.43 143.52 -37.00
CA LEU T 30 0.98 144.87 -36.92
C LEU T 30 0.34 145.82 -37.93
N ASN T 31 -0.14 145.30 -39.07
CA ASN T 31 -0.66 146.17 -40.11
C ASN T 31 -1.86 146.97 -39.63
N LYS T 32 -2.75 146.34 -38.85
CA LYS T 32 -4.01 146.98 -38.48
C LYS T 32 -3.77 148.25 -37.66
N LEU T 33 -2.67 148.34 -36.93
CA LEU T 33 -2.40 149.51 -36.11
C LEU T 33 -2.49 150.78 -36.95
N LYS T 34 -2.86 151.88 -36.28
CA LYS T 34 -3.01 153.18 -36.93
C LYS T 34 -2.05 154.24 -36.42
N ASN T 35 -1.67 154.20 -35.15
CA ASN T 35 -0.66 155.10 -34.59
C ASN T 35 0.34 154.28 -33.79
N PRO T 36 1.15 153.47 -34.46
CA PRO T 36 2.03 152.54 -33.76
C PRO T 36 3.09 153.26 -32.94
N ASP T 37 3.60 152.54 -31.94
CA ASP T 37 4.72 153.04 -31.15
C ASP T 37 5.94 153.21 -32.07
N PRO T 38 6.82 154.18 -31.78
CA PRO T 38 7.99 154.37 -32.64
C PRO T 38 8.80 153.10 -32.85
N LYS T 39 8.93 152.27 -31.81
CA LYS T 39 9.67 151.01 -31.96
C LYS T 39 8.97 150.08 -32.95
N THR T 40 7.64 150.02 -32.88
CA THR T 40 6.88 149.15 -33.79
C THR T 40 7.07 149.59 -35.25
N LYS T 41 7.26 150.89 -35.48
CA LYS T 41 7.45 151.36 -36.85
C LYS T 41 8.68 150.73 -37.48
N THR T 42 9.78 150.63 -36.73
CA THR T 42 10.98 149.99 -37.26
C THR T 42 10.82 148.48 -37.29
N GLN T 43 10.17 147.91 -36.28
CA GLN T 43 10.00 146.45 -36.24
C GLN T 43 9.19 145.98 -37.45
N LEU T 44 8.20 146.76 -37.88
CA LEU T 44 7.41 146.36 -39.04
C LEU T 44 8.29 146.25 -40.29
N ILE T 45 9.16 147.21 -40.51
CA ILE T 45 10.06 147.16 -41.67
C ILE T 45 10.99 145.95 -41.55
N GLU T 46 11.51 145.71 -40.34
CA GLU T 46 12.39 144.57 -40.14
C GLU T 46 11.71 143.27 -40.52
N LEU T 47 10.48 143.07 -40.04
CA LEU T 47 9.75 141.83 -40.36
C LEU T 47 9.43 141.75 -41.85
N THR T 48 9.07 142.88 -42.47
CA THR T 48 8.78 142.84 -43.90
C THR T 48 10.00 142.40 -44.70
N GLU T 49 11.19 142.87 -44.32
CA GLU T 49 12.39 142.43 -45.00
C GLU T 49 12.69 140.96 -44.73
N LYS T 50 12.53 140.55 -43.46
CA LYS T 50 12.82 139.16 -43.10
C LYS T 50 11.91 138.20 -43.86
N LEU T 51 10.65 138.60 -44.08
CA LEU T 51 9.72 137.74 -44.81
C LEU T 51 10.20 137.51 -46.24
N ILE T 52 10.65 138.57 -46.92
CA ILE T 52 11.16 138.43 -48.28
C ILE T 52 12.37 137.51 -48.28
N LYS T 53 13.28 137.71 -47.33
CA LYS T 53 14.47 136.86 -47.28
C LYS T 53 14.09 135.39 -47.11
N LEU T 54 13.16 135.10 -46.20
CA LEU T 54 12.74 133.72 -45.99
C LEU T 54 12.07 133.15 -47.23
N LYS T 55 11.25 133.95 -47.92
CA LYS T 55 10.60 133.43 -49.11
C LYS T 55 11.62 133.08 -50.19
N GLN T 56 12.62 133.93 -50.39
CA GLN T 56 13.66 133.61 -51.37
C GLN T 56 14.45 132.38 -50.95
N GLU T 57 14.76 132.25 -49.66
CA GLU T 57 15.47 131.06 -49.20
C GLU T 57 14.63 129.80 -49.43
N PHE T 58 13.32 129.90 -49.17
CA PHE T 58 12.42 128.78 -49.43
C PHE T 58 12.42 128.41 -50.91
N GLU T 59 12.38 129.41 -51.79
CA GLU T 59 12.41 129.14 -53.22
C GLU T 59 13.69 128.41 -53.60
N THR T 60 14.83 128.89 -53.09
CA THR T 60 16.11 128.25 -53.41
C THR T 60 16.14 126.81 -52.89
N THR T 61 15.64 126.59 -51.68
CA THR T 61 15.65 125.24 -51.11
C THR T 61 14.78 124.29 -51.93
N ILE T 62 13.58 124.73 -52.31
CA ILE T 62 12.70 123.85 -53.09
C ILE T 62 13.31 123.59 -54.45
N ASN T 63 13.95 124.60 -55.04
CA ASN T 63 14.60 124.39 -56.33
C ASN T 63 15.71 123.35 -56.23
N SER T 64 16.53 123.44 -55.17
CA SER T 64 17.58 122.45 -54.99
C SER T 64 17.00 121.06 -54.78
N GLN T 65 15.95 120.95 -53.97
CA GLN T 65 15.35 119.65 -53.72
C GLN T 65 14.80 119.04 -55.00
N HIS T 66 14.13 119.86 -55.82
CA HIS T 66 13.64 119.37 -57.11
C HIS T 66 14.80 118.96 -58.01
N GLU T 67 15.88 119.74 -58.01
CA GLU T 67 17.03 119.42 -58.84
C GLU T 67 17.61 118.06 -58.47
N ILE T 68 17.72 117.78 -57.17
CA ILE T 68 18.21 116.47 -56.75
C ILE T 68 17.28 115.37 -57.24
N SER T 69 15.99 115.67 -57.39
CA SER T 69 15.02 114.69 -57.86
C SER T 69 15.05 114.61 -59.39
PB ADP U . 18.88 -129.18 -2.18
O1B ADP U . 18.55 -129.17 -3.66
O2B ADP U . 19.92 -130.20 -1.77
O3B ADP U . 19.07 -127.81 -1.58
PA ADP U . 16.92 -131.13 -1.98
O1A ADP U . 15.73 -130.89 -2.87
O2A ADP U . 18.07 -131.98 -2.45
O3A ADP U . 17.53 -129.73 -1.49
O5' ADP U . 16.40 -131.78 -0.60
C5' ADP U . 16.37 -133.18 -0.44
C4' ADP U . 15.70 -133.53 0.90
O4' ADP U . 14.33 -133.16 0.86
C3' ADP U . 15.79 -135.01 1.20
O3' ADP U . 16.74 -135.26 2.23
C2' ADP U . 14.39 -135.41 1.63
O2' ADP U . 14.37 -135.77 3.01
C1' ADP U . 13.50 -134.20 1.37
N9 ADP U . 12.49 -134.55 0.36
C8 ADP U . 12.73 -134.70 -0.96
N7 ADP U . 11.60 -135.02 -1.62
C5 ADP U . 10.60 -135.09 -0.73
C6 ADP U . 9.16 -135.38 -0.77
N6 ADP U . 8.54 -135.68 -1.94
N1 ADP U . 8.47 -135.35 0.38
C2 ADP U . 9.07 -135.06 1.56
N3 ADP U . 10.38 -134.78 1.67
C4 ADP U . 11.19 -134.79 0.58
H5'1 ADP U . 17.38 -133.59 -0.46
H5'2 ADP U . 15.80 -133.64 -1.26
H4' ADP U . 16.22 -132.98 1.70
H3' ADP U . 16.05 -135.55 0.28
HO3' ADP U . 16.89 -136.21 2.31
H2' ADP U . 14.05 -136.25 1.01
HO2' ADP U . 14.88 -136.57 3.15
H1' ADP U . 13.02 -133.90 2.31
H8 ADP U . 13.71 -134.58 -1.41
HN61 ADP U . 9.08 -135.70 -2.80
HN62 ADP U . 7.55 -135.88 -1.96
H2 ADP U . 8.47 -135.05 2.45
MG MG V . 17.88 -127.21 -3.16
PB ADP W . 21.58 -96.47 29.10
O1B ADP W . 22.12 -96.06 30.46
O2B ADP W . 20.88 -97.80 29.10
O3B ADP W . 20.86 -95.38 28.36
PA ADP W . 24.00 -97.78 28.78
O1A ADP W . 25.12 -97.01 29.42
O2A ADP W . 23.25 -98.84 29.56
O3A ADP W . 22.91 -96.74 28.23
O5' ADP W . 24.53 -98.46 27.43
C5' ADP W . 25.00 -99.81 27.45
C4' ADP W . 25.50 -100.19 26.06
O4' ADP W . 26.63 -99.41 25.71
C3' ADP W . 25.91 -101.66 26.00
O3' ADP W . 24.92 -102.43 25.32
C2' ADP W . 27.24 -101.67 25.26
O2' ADP W . 27.10 -102.28 23.98
C1' ADP W . 27.65 -100.22 25.13
N9 ADP W . 28.91 -100.00 25.86
C8 ADP W . 29.01 -99.93 27.21
N7 ADP W . 30.30 -99.73 27.59
C5 ADP W . 31.04 -99.68 26.48
C6 ADP W . 32.48 -99.49 26.17
N6 ADP W . 33.39 -99.32 27.16
N1 ADP W . 32.85 -99.50 24.87
C2 ADP W . 31.96 -99.67 23.88
N3 ADP W . 30.65 -99.85 24.09
C4 ADP W . 30.14 -99.86 25.34
H5'1 ADP W . 24.20 -100.48 27.76
H5'2 ADP W . 25.83 -99.90 28.17
H4' ADP W . 24.69 -100.03 25.33
H3' ADP W . 26.06 -102.03 27.02
HO3' ADP W . 25.13 -103.36 25.40
H2' ADP W . 27.98 -102.20 25.86
HO2' ADP W . 26.91 -103.21 24.09
H1' ADP W . 27.79 -99.97 24.06
H8 ADP W . 28.17 -100.02 27.89
HN61 ADP W . 33.09 -99.31 28.13
HN62 ADP W . 34.36 -99.19 26.94
H2 ADP W . 32.32 -99.67 22.85
MG MG X . 21.99 -94.19 29.47
PB ADP Y . 2.04 -74.51 -5.28
O1B ADP Y . 1.17 -74.62 -6.52
O2B ADP Y . 3.14 -75.52 -5.20
O3B ADP Y . 2.44 -73.09 -4.95
PA ADP Y . 0.23 -76.30 -4.18
O1A ADP Y . -1.19 -76.01 -4.61
O2A ADP Y . 1.09 -77.26 -4.97
O3A ADP Y . 1.04 -74.92 -4.09
O5' ADP Y . 0.21 -76.79 -2.65
C5' ADP Y . 0.27 -78.18 -2.34
C4' ADP Y . 0.25 -78.35 -0.83
O4' ADP Y . -0.98 -77.87 -0.31
C3' ADP Y . 0.39 -79.80 -0.42
O3' ADP Y . 1.70 -80.05 0.09
C2' ADP Y . -0.66 -80.03 0.64
O2' ADP Y . -0.06 -80.24 1.92
C1' ADP Y . -1.53 -78.77 0.65
N9 ADP Y . -2.90 -79.14 0.24
C8 ADP Y . -3.27 -79.44 -1.03
N7 ADP Y . -4.59 -79.72 -1.09
C5 ADP Y . -5.09 -79.62 0.16
C6 ADP Y . -6.41 -79.81 0.79
N6 ADP Y . -7.49 -80.17 0.05
N1 ADP Y . -6.50 -79.60 2.11
C2 ADP Y . -5.43 -79.24 2.85
N3 ADP Y . -4.21 -79.07 2.34
C4 ADP Y . -3.97 -79.24 1.03
H5'1 ADP Y . 1.18 -78.61 -2.75
H5'2 ADP Y . -0.58 -78.70 -2.79
H4' ADP Y . 1.08 -77.78 -0.39
H3' ADP Y . 0.19 -80.44 -1.28
HO3' ADP Y . 1.84 -81.00 0.21
H2' ADP Y . -1.28 -80.89 0.37
HO2' ADP Y . 0.43 -81.06 1.90
H1' ADP Y . -1.53 -78.33 1.65
H8 ADP Y . -2.59 -79.43 -1.88
HN61 ADP Y . -7.39 -80.31 -0.95
HN62 ADP Y . -8.39 -80.28 0.49
H2 ADP Y . -5.58 -79.10 3.92
MG MG Z . 0.65 -72.53 -5.66
PB ADP AA . 19.25 -40.11 18.63
O1B ADP AA . 20.35 -39.61 19.54
O2B ADP AA . 18.62 -41.41 19.09
O3B ADP AA . 18.28 -39.05 18.19
PA ADP AA . 21.25 -41.54 17.37
O1A ADP AA . 22.55 -40.76 17.29
O2A ADP AA . 20.99 -42.48 18.52
O3A ADP AA . 20.02 -40.52 17.29
O5' ADP AA . 21.08 -42.37 16.00
C5' ADP AA . 21.44 -43.75 15.95
C4' ADP AA . 21.23 -44.25 14.53
O4' ADP AA . 22.13 -43.58 13.64
C3' ADP AA . 21.51 -45.74 14.42
O3' ADP AA . 20.28 -46.46 14.31
C2' ADP AA . 22.37 -45.90 13.19
O2' ADP AA . 21.64 -46.58 12.15
C1' ADP AA . 22.76 -44.50 12.75
N9 ADP AA . 24.23 -44.37 12.85
C8 ADP AA . 24.91 -44.24 14.01
N7 ADP AA . 26.23 -44.15 13.78
C5 ADP AA . 26.43 -44.21 12.45
C6 ADP AA . 27.58 -44.18 11.54
N6 ADP AA . 28.84 -44.05 12.02
N1 ADP AA . 27.35 -44.29 10.22
C2 ADP AA . 26.10 -44.42 9.73
N3 ADP AA . 25.01 -44.46 10.50
C4 ADP AA . 25.10 -44.37 11.85
H5'1 ADP AA . 20.82 -44.32 16.64
H5'2 ADP AA . 22.48 -43.87 16.24
H4' ADP AA . 20.20 -44.07 14.22
H3' ADP AA . 22.08 -46.07 15.31
HO3' ADP AA . 20.45 -47.41 14.40
H2' ADP AA . 23.28 -46.47 13.45
HO2' ADP AA . 21.46 -47.48 12.44
H1' ADP AA . 22.42 -44.33 11.71
H8 ADP AA . 24.45 -44.22 14.99
HN61 ADP AA . 29.00 -43.97 13.01
HN62 ADP AA . 29.63 -44.03 11.39
H2 ADP AA . 25.98 -44.49 8.66
MG MG BA . 19.81 -37.63 18.52
PB ADP CA . -13.04 -19.23 -5.33
O1B ADP CA . -14.41 -19.14 -5.96
O2B ADP CA . -12.24 -20.45 -5.73
O3B ADP CA . -12.25 -17.94 -5.37
PA ADP CA . -14.17 -20.76 -3.32
O1A ADP CA . -15.59 -20.36 -3.03
O2A ADP CA . -13.86 -21.87 -4.30
O3A ADP CA . -13.34 -19.47 -3.78
O5' ADP CA . -13.46 -21.14 -1.92
C5' ADP CA . -13.34 -22.49 -1.53
C4' ADP CA . -12.69 -22.56 -0.16
O4' ADP CA . -13.56 -22.03 0.83
C3' ADP CA . -12.38 -24.00 0.22
O3' ADP CA . -10.97 -24.24 0.14
C2' ADP CA . -12.88 -24.17 1.64
O2' ADP CA . -11.80 -24.36 2.54
C1' ADP CA . -13.65 -22.89 1.96
N9 ADP CA . -15.06 -23.25 2.22
C8 ADP CA . -15.95 -23.59 1.26
N7 ADP CA . -17.16 -23.86 1.79
C5 ADP CA . -17.06 -23.71 3.13
C6 ADP CA . -17.97 -23.84 4.29
N6 ADP CA . -19.27 -24.21 4.11
N1 ADP CA . -17.46 -23.59 5.51
C2 ADP CA . -16.19 -23.23 5.69
N3 ADP CA . -15.31 -23.08 4.68
C4 ADP CA . -15.67 -23.30 3.40
H5'1 ADP CA . -12.73 -23.04 -2.26
H5'2 ADP CA . -14.33 -22.96 -1.50
H4' ADP CA . -11.75 -21.99 -0.19
H3' ADP CA . -12.92 -24.68 -0.44
HO3' ADP CA . -10.80 -25.19 0.24
H2' ADP CA . -13.57 -25.02 1.68
HO2' ADP CA . -11.39 -25.21 2.36
H1' ADP CA . -13.20 -22.42 2.85
H8 ADP CA . -15.73 -23.62 0.20
HN61 ADP CA . -19.62 -24.39 3.19
HN62 ADP CA . -19.87 -24.29 4.91
H2 ADP CA . -15.85 -23.04 6.71
MG MG DA . -14.18 -16.83 -5.43
PB ADP EA . 13.95 15.31 5.52
O1B ADP EA . 15.30 15.72 6.03
O2B ADP EA . 13.43 14.01 6.09
O3B ADP EA . 12.94 16.42 5.46
PA ADP EA . 15.29 13.81 3.62
O1A ADP EA . 16.47 14.46 2.92
O2A ADP EA . 15.49 12.99 4.87
O3A ADP EA . 14.22 14.96 3.98
O5' ADP EA . 14.50 12.91 2.56
C5' ADP EA . 14.75 11.52 2.48
C4' ADP EA . 13.93 10.92 1.35
O4' ADP EA . 14.40 11.41 0.10
C3' ADP EA . 14.04 9.40 1.32
O3' ADP EA . 12.83 8.80 1.80
C2' ADP EA . 14.29 9.05 -0.13
O2' ADP EA . 13.17 8.36 -0.69
C1' ADP EA . 14.53 10.35 -0.85
N9 ADP EA . 15.90 10.36 -1.41
C8 ADP EA . 17.02 10.55 -0.70
N7 ADP EA . 18.11 10.50 -1.50
C5 ADP EA . 17.69 10.27 -2.75
C6 ADP EA . 18.33 10.11 -4.07
N6 ADP EA . 19.67 10.18 -4.22
N1 ADP EA . 17.52 9.90 -5.14
C2 ADP EA . 16.18 9.82 -5.01
N3 ADP EA . 15.55 9.96 -3.83
C4 ADP EA . 16.23 10.19 -2.70
H5'1 ADP EA . 14.49 11.04 3.42
H5'2 ADP EA . 15.81 11.34 2.30
H4' ADP EA . 12.87 11.19 1.48
H3' ADP EA . 14.89 9.09 1.93
HO3' ADP EA . 12.97 7.85 1.92
H2' ADP EA . 15.20 8.43 -0.20
HO2' ADP EA . 13.09 7.49 -0.27
H1' ADP EA . 13.79 10.47 -1.65
H8 ADP EA . 17.05 10.72 0.37
HN61 ADP EA . 20.25 10.34 -3.41
HN62 ADP EA . 20.09 10.07 -5.13
H2 ADP EA . 15.60 9.64 -5.90
MG MG FA . 14.56 17.99 4.98
PB ADP GA . -24.69 36.86 -3.30
O1B ADP GA . -26.19 36.81 -3.47
O2B ADP GA . -23.96 35.64 -3.80
O3B ADP GA . -24.07 38.18 -3.67
PA ADP GA . -25.06 35.49 -0.91
O1A ADP GA . -26.23 35.91 -0.07
O2A ADP GA . -25.19 34.38 -1.92
O3A ADP GA . -24.49 36.77 -1.70
O5' ADP GA . -23.83 35.13 0.06
C5' ADP GA . -23.55 33.77 0.39
C4' ADP GA . -22.35 33.72 1.32
O4' ADP GA . -22.65 34.36 2.56
C3' ADP GA . -21.93 32.30 1.62
O3' ADP GA . -20.74 31.96 0.91
C2' ADP GA . -21.72 32.24 3.12
O2' ADP GA . -20.33 32.07 3.44
C1' ADP GA . -22.22 33.56 3.67
N9 ADP GA . -23.39 33.33 4.56
C8 ADP GA . -24.63 33.03 4.13
N7 ADP GA . -25.47 32.87 5.18
C5 ADP GA . -24.76 33.06 6.30
C6 ADP GA . -25.04 33.05 7.75
N6 ADP GA . -26.28 32.77 8.21
N1 ADP GA . -24.02 33.30 8.59
C2 ADP GA . -22.78 33.57 8.15
N3 ADP GA . -22.46 33.60 6.84
C4 ADP GA . -23.38 33.36 5.89
H5'1 ADP GA . -23.35 33.20 -0.51
H5'2 ADP GA . -24.43 33.33 0.89
H4' ADP GA . -21.50 34.23 0.84
H3' ADP GA . -22.75 31.61 1.35
HO3' ADP GA . -20.57 31.01 1.01
H2' ADP GA . -22.32 31.42 3.55
HO2' ADP GA . -20.05 31.19 3.15
H1' ADP GA . -21.42 34.07 4.21
H8 ADP GA . -24.92 32.94 3.10
HN61 ADP GA . -27.04 32.58 7.56
HN62 ADP GA . -26.47 32.76 9.21
H2 ADP GA . -22.00 33.77 8.88
MG MG HA . -25.70 39.23 -2.88
PB ADP IA . 5.20 70.35 -8.62
O1B ADP IA . 6.54 70.93 -8.99
O2B ADP IA . 5.27 69.16 -7.68
O3B ADP IA . 4.16 71.36 -8.26
PA ADP IA . 5.47 68.51 -10.69
O1A ADP IA . 6.19 69.04 -11.90
O2A ADP IA . 6.22 67.77 -9.61
O3A ADP IA . 4.66 69.70 -9.99
O5' ADP IA . 4.27 67.56 -11.18
C5' ADP IA . 4.43 66.15 -11.23
C4' ADP IA . 3.18 65.51 -11.81
O4' ADP IA . 3.02 65.90 -13.17
C3' ADP IA . 3.27 63.99 -11.77
O3' ADP IA . 2.41 63.46 -10.76
C2' ADP IA . 2.86 63.53 -13.16
O2' ADP IA . 1.60 62.83 -13.11
C1' ADP IA . 2.72 64.78 -14.00
N9 ADP IA . 3.70 64.74 -15.12
C8 ADP IA . 5.02 64.93 -14.99
N7 ADP IA . 5.64 64.84 -16.20
C5 ADP IA . 4.71 64.55 -17.11
C6 ADP IA . 4.69 64.31 -18.57
N6 ADP IA . 5.83 64.35 -19.30
N1 ADP IA . 3.50 64.06 -19.14
C2 ADP IA . 2.35 64.02 -18.43
N3 ADP IA . 2.30 64.22 -17.11
C4 ADP IA . 3.42 64.49 -16.40
H5'1 ADP IA . 4.62 65.77 -10.23
H5'2 ADP IA . 5.30 65.90 -11.85
H4' ADP IA . 2.32 65.82 -11.22
H3' ADP IA . 4.30 63.68 -11.58
HO3' ADP IA . 2.56 62.52 -10.66
H2' ADP IA . 3.64 62.88 -13.58
HO2' ADP IA . 1.73 61.98 -12.65
H1' ADP IA . 1.70 64.85 -14.39
H8 ADP IA . 5.52 65.16 -14.06
HN61 ADP IA . 6.71 64.55 -18.84
HN62 ADP IA . 5.80 64.19 -20.30
H2 ADP IA . 1.44 63.80 -18.96
MG MG JA . 5.46 72.57 -9.76
PB ADP KA . -32.66 93.72 -1.29
O1B ADP KA . -34.05 93.81 -0.72
O2B ADP KA . -32.37 92.45 -2.05
O3B ADP KA . -32.18 94.98 -1.96
PA ADP KA . -31.95 92.38 1.04
O1A ADP KA . -32.67 92.89 2.25
O2A ADP KA . -32.49 91.23 0.24
O3A ADP KA . -31.72 93.61 0.01
O5' ADP KA . -30.43 92.03 1.44
C5' ADP KA . -30.06 90.68 1.72
C4' ADP KA . -28.58 90.62 2.05
O4' ADP KA . -28.28 91.42 3.19
C3' ADP KA . -28.12 89.20 2.34
O3' ADP KA . -27.34 88.69 1.25
C2' ADP KA . -27.30 89.29 3.62
O2' ADP KA . -25.93 89.00 3.36
C1' ADP KA . -27.46 90.71 4.12
N9 ADP KA . -28.14 90.70 5.44
C8 ADP KA . -29.46 90.48 5.61
N7 ADP KA . -29.78 90.52 6.94
C5 ADP KA . -28.65 90.78 7.61
C6 ADP KA . -28.29 90.96 9.04
N6 ADP KA . -29.22 90.86 10.01
N1 ADP KA . -26.99 91.21 9.33
C2 ADP KA . -26.06 91.31 8.38
N3 ADP KA . -26.32 91.16 7.06
C4 ADP KA . -27.57 90.90 6.62
H5'1 ADP KA . -30.29 90.04 0.86
H5'2 ADP KA . -30.64 90.31 2.57
H4' ADP KA . -28.01 90.99 1.18
H3' ADP KA . -29.01 88.57 2.52
HO3' ADP KA . -27.20 87.74 1.38
H2' ADP KA . -27.71 88.60 4.36
HO2' ADP KA . -25.85 88.08 3.09
H1' ADP KA . -26.47 91.19 4.19
H8 ADP KA . -30.17 90.28 4.82
HN61 ADP KA . -30.19 90.68 9.77
HN62 ADP KA . -28.96 90.99 10.98
H2 ADP KA . -25.04 91.51 8.67
MG MG LA . -33.34 95.90 -0.58
PB ADP MA . -7.12 124.69 -21.95
O1B ADP MA . -6.00 125.04 -22.88
O2B ADP MA . -6.79 123.58 -20.96
O3B ADP MA . -7.83 125.88 -21.33
PA ADP MA . -7.87 122.72 -23.76
O1A ADP MA . -7.71 123.12 -25.21
O2A ADP MA . -6.78 121.97 -23.04
O3A ADP MA . -8.23 124.02 -22.90
O5' ADP MA . -9.22 121.84 -23.62
C5' ADP MA . -9.17 120.42 -23.65
C4' ADP MA . -10.59 119.87 -23.57
O4' ADP MA . -11.33 120.27 -24.72
C3' ADP MA . -10.60 118.35 -23.52
O3' ADP MA . -10.93 117.89 -22.21
C2' ADP MA . -11.64 117.92 -24.53
O2' ADP MA . -12.76 117.32 -23.88
C1' ADP MA . -12.05 119.17 -25.28
N9 ADP MA . -11.68 119.01 -26.71
C8 ADP MA . -10.43 119.12 -27.20
N7 ADP MA . -10.41 118.92 -28.54
C5 ADP MA . -11.68 118.68 -28.93
C6 ADP MA . -12.36 118.39 -30.20
N6 ADP MA . -11.66 118.31 -31.36
N1 ADP MA . -13.70 118.20 -30.18
C2 ADP MA . -14.40 118.27 -29.03
N3 ADP MA . -13.84 118.53 -27.84
C4 ADP MA . -12.51 118.73 -27.71
H5'1 ADP MA . -8.59 120.06 -22.80
H5'2 ADP MA . -8.69 120.09 -24.57
H4' ADP MA . -11.08 120.26 -22.67
H3' ADP MA . -9.62 117.97 -23.81
HO3' ADP MA . -10.81 116.94 -22.15
H2' ADP MA . -11.18 117.20 -25.23
HO2' ADP MA . -12.50 116.49 -23.49
H1' ADP MA . -13.13 119.32 -25.18
H8 ADP MA . -9.56 119.34 -26.60
HN61 ADP MA . -10.66 118.46 -31.37
HN62 ADP MA . -12.14 118.12 -32.23
H2 ADP MA . -15.46 118.10 -29.09
MG MG NA . -7.46 126.66 -23.25
#